data_2X2J
#
_entry.id   2X2J
#
_cell.length_a   134.314
_cell.length_b   91.707
_cell.length_c   192.899
_cell.angle_alpha   90.00
_cell.angle_beta   99.33
_cell.angle_gamma   90.00
#
_symmetry.space_group_name_H-M   'P 1 21 1'
#
loop_
_entity.id
_entity.type
_entity.pdbx_description
1 polymer 'ALPHA-1,4-GLUCAN LYASE ISOZYME 1'
2 non-polymer 1-DEOXYNOJIRIMYCIN
3 non-polymer GLYCEROL
4 non-polymer 'CHLORIDE ION'
5 water water
#
_entity_poly.entity_id   1
_entity_poly.type   'polypeptide(L)'
_entity_poly.pdbx_seq_one_letter_code
;GSTDNPDGIDYKTYDYVGVWGFSPLSNTNWFAAGSSTPGGITDWTATMNVNFDRIDNPSITVQHPVQVQVTSYNNNSYRV
RFNPDGPIRDVTRGPILKQQLDWIRTQELSEGCDPGMTFTSEGFLTFETKDLSVIIYGNFKTRVTRKSDGKVIMENDEVG
TASSGNKCRGLMFVDRLYGNAIASVNKNFRNDAVKQEGFYGAGEVNCKYQDTYILERTGIAMTNYNYDNLNYNQWDLRPP
HHDGALNPDYYIPMYYAAPWLIVNGCAGTSEQYSYGWFMDNVSQSYMNTGDTTWNSGQEDLAYMGAQYGPFDQHFVYGAG
GGME(CSO)VVTAFSLLQGKEFENQVLNKRSVMPPKYVFGFFQGVFGTSSLLRAHMPAGENNISVEEIVEGYQNNNFPFE
GLAVDVDMQDNLRVFTTKGEFWTANRVGTGGDPNNRSVFEWAHDKGLVCQTNITCFLRNDNEGQDYEVNQTLRERQLYTK
NDSLTGTDFGMTDDGPSDAYIGHLDYGGGVECDALFPDWGRPDVAEWWGNNYKKLFSIGLDFVWQDMTVPAMMPHKIGDD
INVKPDGNWPNADDPSNGQYNWKTYHPQVLVTDMRYENHGREPMVTQRNIHAYTLCESTRKEGIVENADTLTKFRRSYII
SRGGYIGNQHFGGMWVGDNSTTSNYIQMMIANNINMNMSCLPLVGSDIGGFTSYDNENQRTPCTGDLMVRYVQAGCLLPW
FRNHYDRWIESKDHGKDYQELYMYPNEMDTLRKFVEFRYRWQEVLYTAMYQNAAFGKPIIKAASMYNNDSNVRRAQNDHF
LLGGHDGYRILCAPVVWENSTERELYLPVLTQWYKFGPDFDTKPLEGAMNGGDRIYNYPVPQSESPIFVREGAILPTRYT
LNGENKSLNTYTDEDPLVFEVFPLGNNRADGMCYLDDGGVTTNAEDNGKFSVVKVAAEQDGGTETITFTNDCYEYVFGGP
FYVRVRGAQSPSNIHVSSGAGSQDMKVSSATSRAALFNDGENGDFWVDQETDSLWLKLPNVVLPDAVITIT
;
_entity_poly.pdbx_strand_id   A,B,C,D
#
loop_
_chem_comp.id
_chem_comp.type
_chem_comp.name
_chem_comp.formula
CL non-polymer 'CHLORIDE ION' 'Cl -1'
GOL non-polymer GLYCEROL 'C3 H8 O3'
NOJ D-saccharide 1-DEOXYNOJIRIMYCIN 'C6 H13 N O4'
#
# COMPACT_ATOMS: atom_id res chain seq x y z
N THR A 3 -49.61 -12.33 -59.22
CA THR A 3 -49.59 -11.21 -58.22
C THR A 3 -48.22 -10.53 -57.99
N ASP A 4 -47.24 -10.84 -58.83
CA ASP A 4 -45.94 -10.11 -58.87
C ASP A 4 -46.14 -8.61 -59.20
N ASN A 5 -45.38 -7.73 -58.54
CA ASN A 5 -45.41 -6.28 -58.85
C ASN A 5 -46.81 -5.65 -58.69
N PRO A 6 -47.40 -5.73 -57.47
CA PRO A 6 -48.78 -5.25 -57.25
C PRO A 6 -49.04 -3.82 -57.72
N ASP A 7 -48.09 -2.92 -57.48
CA ASP A 7 -48.27 -1.48 -57.71
C ASP A 7 -48.14 -0.97 -59.15
N GLY A 8 -47.96 -1.87 -60.13
CA GLY A 8 -47.86 -1.48 -61.54
C GLY A 8 -46.61 -0.71 -61.95
N ILE A 9 -45.64 -0.61 -61.05
CA ILE A 9 -44.34 0.03 -61.31
C ILE A 9 -43.66 -0.48 -62.61
N ASP A 10 -43.08 0.46 -63.35
CA ASP A 10 -42.12 0.17 -64.41
C ASP A 10 -40.71 0.45 -63.86
N TYR A 11 -39.88 -0.60 -63.74
CA TYR A 11 -38.53 -0.47 -63.19
C TYR A 11 -37.53 -0.02 -64.24
N LYS A 12 -37.00 1.19 -64.08
CA LYS A 12 -36.20 1.83 -65.12
C LYS A 12 -34.72 1.57 -64.95
N THR A 13 -34.28 1.46 -63.71
CA THR A 13 -32.88 1.14 -63.45
C THR A 13 -32.77 -0.13 -62.63
N TYR A 14 -31.79 -0.95 -62.98
CA TYR A 14 -31.39 -2.11 -62.18
C TYR A 14 -29.94 -2.01 -61.72
N ASP A 15 -29.08 -1.44 -62.55
CA ASP A 15 -27.65 -1.38 -62.24
C ASP A 15 -27.29 -0.41 -61.14
N TYR A 16 -26.07 -0.58 -60.64
CA TYR A 16 -25.47 0.31 -59.66
C TYR A 16 -25.25 1.70 -60.29
N VAL A 17 -25.87 2.70 -59.68
CA VAL A 17 -25.72 4.08 -60.11
C VAL A 17 -24.91 4.80 -59.03
N GLY A 18 -23.62 4.98 -59.29
CA GLY A 18 -22.74 5.65 -58.34
C GLY A 18 -23.19 7.06 -58.07
N VAL A 19 -22.55 7.70 -57.08
CA VAL A 19 -22.88 9.08 -56.71
C VAL A 19 -22.77 10.03 -57.89
N TRP A 20 -21.83 9.71 -58.80
CA TRP A 20 -21.55 10.52 -59.97
C TRP A 20 -22.72 10.51 -60.96
N GLY A 21 -23.63 9.56 -60.81
CA GLY A 21 -24.76 9.45 -61.71
C GLY A 21 -26.08 9.76 -61.04
N PHE A 22 -25.99 10.33 -59.83
CA PHE A 22 -27.16 10.70 -59.06
C PHE A 22 -27.17 12.20 -58.83
N SER A 23 -28.06 12.88 -59.54
CA SER A 23 -28.04 14.34 -59.54
C SER A 23 -29.42 14.99 -59.56
N PRO A 24 -30.11 14.95 -58.42
CA PRO A 24 -31.41 15.59 -58.30
C PRO A 24 -31.33 17.10 -58.42
N LEU A 25 -30.23 17.71 -58.00
CA LEU A 25 -30.09 19.16 -58.12
C LEU A 25 -30.02 19.59 -59.58
N SER A 26 -29.94 18.63 -60.51
CA SER A 26 -30.02 18.93 -61.95
C SER A 26 -31.40 19.42 -62.40
N ASN A 27 -32.43 18.79 -61.84
CA ASN A 27 -33.83 19.20 -61.94
C ASN A 27 -34.63 18.62 -63.11
N THR A 28 -33.90 18.09 -64.08
CA THR A 28 -34.44 17.63 -65.34
C THR A 28 -35.22 16.31 -65.18
N ASN A 29 -36.49 16.31 -65.57
CA ASN A 29 -37.38 15.16 -65.38
C ASN A 29 -37.80 14.90 -63.93
N TRP A 30 -37.29 15.74 -63.02
CA TRP A 30 -37.69 15.68 -61.63
C TRP A 30 -38.95 16.51 -61.33
N PHE A 31 -39.84 15.91 -60.54
CA PHE A 31 -40.95 16.60 -59.90
C PHE A 31 -40.51 17.21 -58.56
N ALA A 32 -40.96 18.42 -58.24
CA ALA A 32 -40.86 18.94 -56.88
C ALA A 32 -42.17 19.63 -56.45
N ALA A 33 -42.48 19.57 -55.15
CA ALA A 33 -43.65 20.26 -54.58
C ALA A 33 -43.77 21.75 -55.01
N GLY A 34 -44.86 22.10 -55.67
CA GLY A 34 -45.11 23.48 -56.12
C GLY A 34 -46.23 24.18 -55.36
N SER A 35 -47.24 23.41 -54.94
CA SER A 35 -48.38 23.94 -54.18
C SER A 35 -49.08 22.86 -53.31
N SER A 36 -49.93 23.28 -52.38
CA SER A 36 -50.81 22.33 -51.69
C SER A 36 -52.12 22.96 -51.19
N THR A 37 -53.00 22.08 -50.69
CA THR A 37 -54.16 22.43 -49.91
C THR A 37 -54.20 21.41 -48.79
N PRO A 38 -54.78 21.74 -47.62
CA PRO A 38 -54.84 20.82 -46.48
C PRO A 38 -55.73 19.59 -46.70
N GLY A 39 -55.33 18.48 -46.07
CA GLY A 39 -55.98 17.17 -46.27
C GLY A 39 -56.37 16.50 -44.98
N GLY A 40 -56.55 17.29 -43.92
CA GLY A 40 -56.98 16.78 -42.62
C GLY A 40 -55.86 16.30 -41.70
N ILE A 41 -56.22 16.13 -40.44
CA ILE A 41 -55.32 15.62 -39.43
C ILE A 41 -56.06 14.52 -38.67
N THR A 42 -55.46 13.33 -38.59
CA THR A 42 -56.00 12.31 -37.72
C THR A 42 -54.83 11.88 -36.85
N ASP A 43 -55.11 11.60 -35.58
CA ASP A 43 -54.07 11.41 -34.55
C ASP A 43 -53.04 12.55 -34.69
N TRP A 44 -51.76 12.19 -34.74
CA TRP A 44 -50.68 13.16 -34.96
C TRP A 44 -50.18 13.22 -36.42
N THR A 45 -50.93 12.64 -37.35
CA THR A 45 -50.51 12.61 -38.76
C THR A 45 -51.36 13.61 -39.52
N ALA A 46 -50.74 14.68 -40.00
CA ALA A 46 -51.42 15.60 -40.89
C ALA A 46 -51.30 15.07 -42.32
N THR A 47 -52.22 15.44 -43.18
CA THR A 47 -52.00 15.18 -44.58
C THR A 47 -52.01 16.50 -45.33
N MET A 48 -51.04 16.69 -46.22
CA MET A 48 -51.11 17.80 -47.19
C MET A 48 -51.27 17.26 -48.61
N ASN A 49 -52.28 17.74 -49.32
CA ASN A 49 -52.49 17.31 -50.69
C ASN A 49 -51.64 18.16 -51.62
N VAL A 50 -50.44 17.64 -51.88
CA VAL A 50 -49.37 18.38 -52.53
C VAL A 50 -49.41 18.25 -54.06
N ASN A 51 -49.32 19.38 -54.75
CA ASN A 51 -49.21 19.39 -56.20
C ASN A 51 -47.73 19.42 -56.63
N PHE A 52 -47.31 18.36 -57.30
CA PHE A 52 -45.92 18.25 -57.74
C PHE A 52 -45.78 18.75 -59.17
N ASP A 53 -44.71 19.49 -59.42
CA ASP A 53 -44.48 20.11 -60.72
C ASP A 53 -43.08 19.80 -61.23
N ARG A 54 -42.99 19.46 -62.52
CA ARG A 54 -41.72 19.19 -63.17
C ARG A 54 -40.90 20.48 -63.17
N ILE A 55 -39.74 20.47 -62.50
CA ILE A 55 -38.99 21.73 -62.35
C ILE A 55 -38.68 22.40 -63.69
N ASP A 56 -38.41 21.58 -64.70
CA ASP A 56 -38.02 22.08 -66.01
C ASP A 56 -39.19 22.24 -67.00
N ASN A 57 -40.42 22.13 -66.49
CA ASN A 57 -41.66 22.43 -67.22
C ASN A 57 -42.85 22.27 -66.27
N PRO A 58 -43.14 23.30 -65.45
CA PRO A 58 -44.13 23.23 -64.37
C PRO A 58 -45.61 23.09 -64.79
N SER A 59 -45.91 23.17 -66.08
CA SER A 59 -47.28 22.93 -66.54
C SER A 59 -47.63 21.42 -66.48
N ILE A 60 -46.64 20.60 -66.16
CA ILE A 60 -46.88 19.17 -65.97
C ILE A 60 -46.92 18.96 -64.47
N THR A 61 -48.07 18.48 -63.98
CA THR A 61 -48.31 18.38 -62.53
C THR A 61 -49.06 17.12 -62.13
N VAL A 62 -48.73 16.58 -60.96
CA VAL A 62 -49.47 15.45 -60.41
C VAL A 62 -49.75 15.64 -58.94
N GLN A 63 -50.77 14.97 -58.45
CA GLN A 63 -51.19 15.12 -57.08
C GLN A 63 -50.91 13.85 -56.32
N HIS A 64 -50.25 14.03 -55.18
CA HIS A 64 -49.97 12.97 -54.22
C HIS A 64 -50.13 13.56 -52.83
N PRO A 65 -50.70 12.78 -51.91
CA PRO A 65 -50.80 13.24 -50.53
C PRO A 65 -49.51 13.00 -49.77
N VAL A 66 -49.13 13.94 -48.92
CA VAL A 66 -47.92 13.80 -48.12
C VAL A 66 -48.33 13.85 -46.66
N GLN A 67 -48.00 12.79 -45.93
CA GLN A 67 -48.26 12.68 -44.48
C GLN A 67 -47.15 13.36 -43.71
N VAL A 68 -47.54 14.21 -42.77
CA VAL A 68 -46.60 14.86 -41.84
C VAL A 68 -46.98 14.44 -40.43
N GLN A 69 -46.19 13.55 -39.84
CA GLN A 69 -46.47 12.97 -38.53
C GLN A 69 -45.42 13.31 -37.49
N VAL A 70 -45.87 13.88 -36.38
CA VAL A 70 -45.03 14.05 -35.21
C VAL A 70 -44.85 12.66 -34.61
N THR A 71 -43.60 12.31 -34.31
CA THR A 71 -43.26 10.98 -33.79
C THR A 71 -42.86 11.03 -32.31
N SER A 72 -42.31 12.16 -31.88
CA SER A 72 -42.10 12.37 -30.46
C SER A 72 -42.11 13.84 -30.12
N TYR A 73 -43.07 14.25 -29.29
CA TYR A 73 -43.05 15.58 -28.67
C TYR A 73 -41.83 15.81 -27.75
N ASN A 74 -41.52 14.86 -26.88
CA ASN A 74 -40.44 15.08 -25.91
C ASN A 74 -39.03 14.96 -26.49
N ASN A 75 -38.92 14.30 -27.62
CA ASN A 75 -37.62 14.07 -28.25
C ASN A 75 -37.46 14.78 -29.60
N ASN A 76 -38.46 15.60 -29.95
CA ASN A 76 -38.42 16.55 -31.07
C ASN A 76 -38.13 15.87 -32.39
N SER A 77 -39.09 15.07 -32.83
CA SER A 77 -38.91 14.31 -34.03
C SER A 77 -40.26 14.23 -34.68
N TYR A 78 -40.26 14.37 -36.00
CA TYR A 78 -41.44 14.26 -36.81
C TYR A 78 -40.96 13.60 -38.09
N ARG A 79 -41.88 13.44 -39.03
CA ARG A 79 -41.70 12.53 -40.12
C ARG A 79 -42.51 12.92 -41.37
N VAL A 80 -41.83 13.06 -42.50
CA VAL A 80 -42.51 13.31 -43.77
C VAL A 80 -42.55 11.99 -44.53
N ARG A 81 -43.62 11.74 -45.27
CA ARG A 81 -43.80 10.47 -45.93
C ARG A 81 -44.87 10.56 -47.00
N PHE A 82 -44.49 10.18 -48.23
CA PHE A 82 -45.43 9.95 -49.34
C PHE A 82 -44.98 8.82 -50.27
N ASN A 83 -45.92 8.33 -51.07
CA ASN A 83 -45.62 7.30 -52.03
C ASN A 83 -45.97 7.84 -53.42
N PRO A 84 -44.95 8.00 -54.28
CA PRO A 84 -45.20 8.53 -55.62
C PRO A 84 -45.85 7.52 -56.55
N ASP A 85 -45.85 6.26 -56.16
CA ASP A 85 -46.24 5.16 -57.06
C ASP A 85 -47.54 4.43 -56.71
N GLY A 86 -48.10 4.76 -55.56
CA GLY A 86 -49.27 4.05 -55.07
C GLY A 86 -49.68 4.60 -53.72
N PRO A 87 -50.40 3.80 -52.92
CA PRO A 87 -50.85 4.22 -51.60
C PRO A 87 -49.70 4.23 -50.61
N ILE A 88 -49.78 5.11 -49.62
CA ILE A 88 -48.85 5.09 -48.53
C ILE A 88 -49.11 3.79 -47.74
N ARG A 89 -48.02 3.05 -47.48
CA ARG A 89 -48.09 1.76 -46.81
C ARG A 89 -47.13 1.75 -45.61
N ASP A 90 -47.55 1.14 -44.50
CA ASP A 90 -46.69 0.94 -43.33
C ASP A 90 -45.81 -0.27 -43.62
N VAL A 91 -44.51 -0.13 -43.38
CA VAL A 91 -43.60 -1.28 -43.51
C VAL A 91 -43.96 -2.32 -42.45
N THR A 92 -43.69 -3.60 -42.72
CA THR A 92 -43.94 -4.62 -41.72
C THR A 92 -42.62 -5.19 -41.20
N ARG A 93 -41.53 -4.65 -41.72
CA ARG A 93 -40.22 -5.07 -41.30
C ARG A 93 -39.28 -3.91 -41.48
N GLY A 94 -38.56 -3.55 -40.42
CA GLY A 94 -37.60 -2.48 -40.51
C GLY A 94 -37.41 -1.78 -39.19
N PRO A 95 -36.42 -0.87 -39.15
CA PRO A 95 -36.14 -0.10 -37.94
C PRO A 95 -37.36 0.65 -37.38
N ILE A 96 -38.14 1.31 -38.24
CA ILE A 96 -39.29 2.07 -37.77
C ILE A 96 -40.60 1.34 -37.97
N LEU A 97 -41.17 0.87 -36.87
CA LEU A 97 -42.44 0.16 -36.90
C LEU A 97 -43.58 1.05 -36.42
N LYS A 98 -44.77 0.83 -36.95
CA LYS A 98 -45.94 1.62 -36.54
C LYS A 98 -46.26 1.42 -35.05
N GLN A 99 -46.17 0.17 -34.59
CA GLN A 99 -46.50 -0.18 -33.22
C GLN A 99 -45.65 0.57 -32.18
N GLN A 100 -44.40 0.86 -32.53
CA GLN A 100 -43.51 1.57 -31.64
C GLN A 100 -43.85 3.04 -31.70
N LEU A 101 -44.25 3.51 -32.88
CA LEU A 101 -44.69 4.90 -33.04
C LEU A 101 -45.99 5.14 -32.28
N ASP A 102 -46.87 4.14 -32.33
CA ASP A 102 -48.13 4.17 -31.60
C ASP A 102 -47.87 4.20 -30.09
N TRP A 103 -46.98 3.33 -29.61
CA TRP A 103 -46.64 3.27 -28.20
C TRP A 103 -46.13 4.61 -27.68
N ILE A 104 -45.20 5.21 -28.41
CA ILE A 104 -44.60 6.48 -28.01
C ILE A 104 -45.68 7.54 -27.94
N ARG A 105 -46.47 7.66 -29.00
CA ARG A 105 -47.52 8.67 -29.03
C ARG A 105 -48.50 8.50 -27.87
N THR A 106 -48.92 7.24 -27.62
CA THR A 106 -49.94 6.94 -26.61
C THR A 106 -49.47 7.35 -25.21
N GLN A 107 -48.18 7.16 -24.97
CA GLN A 107 -47.50 7.52 -23.72
C GLN A 107 -47.41 9.03 -23.52
N GLU A 108 -46.82 9.71 -24.50
CA GLU A 108 -46.75 11.17 -24.50
C GLU A 108 -48.13 11.85 -24.43
N LEU A 109 -49.13 11.23 -25.04
CA LEU A 109 -50.53 11.70 -24.95
C LEU A 109 -51.11 11.54 -23.54
N SER A 110 -50.69 10.50 -22.84
CA SER A 110 -51.17 10.27 -21.48
C SER A 110 -50.53 11.27 -20.51
N GLU A 111 -49.46 11.91 -20.99
CA GLU A 111 -48.76 12.94 -20.23
C GLU A 111 -49.18 14.30 -20.72
N GLY A 112 -50.26 14.34 -21.49
CA GLY A 112 -50.81 15.57 -22.03
C GLY A 112 -49.89 16.40 -22.90
N CYS A 113 -48.94 15.72 -23.58
CA CYS A 113 -48.15 16.38 -24.62
C CYS A 113 -49.07 16.74 -25.79
N ASP A 114 -49.02 18.01 -26.21
CA ASP A 114 -49.85 18.46 -27.32
C ASP A 114 -49.01 19.23 -28.32
N PRO A 115 -48.73 18.61 -29.47
CA PRO A 115 -47.99 19.26 -30.56
C PRO A 115 -48.82 20.36 -31.21
N GLY A 116 -50.12 20.34 -30.92
CA GLY A 116 -51.06 21.35 -31.40
C GLY A 116 -51.02 21.51 -32.91
N MET A 117 -50.95 20.37 -33.62
CA MET A 117 -50.92 20.42 -35.08
C MET A 117 -52.21 21.00 -35.57
N THR A 118 -52.06 22.04 -36.37
CA THR A 118 -53.14 22.87 -36.87
C THR A 118 -52.75 23.34 -38.26
N PHE A 119 -53.75 23.58 -39.09
CA PHE A 119 -53.55 24.32 -40.30
C PHE A 119 -53.97 25.74 -40.00
N THR A 120 -53.40 26.71 -40.69
CA THR A 120 -53.81 28.11 -40.52
C THR A 120 -54.89 28.39 -41.55
N SER A 121 -55.36 29.64 -41.65
CA SER A 121 -56.37 29.98 -42.67
C SER A 121 -55.82 29.71 -44.07
N GLU A 122 -54.55 30.09 -44.24
CA GLU A 122 -53.84 30.04 -45.52
C GLU A 122 -53.49 28.64 -46.02
N GLY A 123 -53.65 27.64 -45.16
CA GLY A 123 -53.35 26.25 -45.53
C GLY A 123 -51.99 25.77 -45.06
N PHE A 124 -51.29 26.62 -44.30
CA PHE A 124 -49.99 26.26 -43.76
C PHE A 124 -50.20 25.35 -42.56
N LEU A 125 -49.52 24.21 -42.58
CA LEU A 125 -49.43 23.35 -41.40
C LEU A 125 -48.40 23.89 -40.42
N THR A 126 -48.83 24.09 -39.17
CA THR A 126 -47.96 24.38 -38.05
C THR A 126 -48.18 23.34 -36.97
N PHE A 127 -47.10 23.05 -36.27
CA PHE A 127 -47.12 22.24 -35.08
C PHE A 127 -45.88 22.56 -34.26
N GLU A 128 -45.86 22.00 -33.07
CA GLU A 128 -44.79 22.22 -32.12
C GLU A 128 -44.40 20.88 -31.53
N THR A 129 -43.12 20.70 -31.25
CA THR A 129 -42.70 19.64 -30.36
C THR A 129 -42.33 20.32 -29.04
N LYS A 130 -41.54 19.66 -28.20
CA LYS A 130 -41.17 20.20 -26.89
C LYS A 130 -40.35 21.48 -27.01
N ASP A 131 -39.27 21.44 -27.76
CA ASP A 131 -38.32 22.57 -27.80
C ASP A 131 -38.28 23.23 -29.16
N LEU A 132 -39.16 22.79 -30.05
CA LEU A 132 -39.16 23.28 -31.41
C LEU A 132 -40.57 23.58 -31.97
N SER A 133 -40.63 24.49 -32.94
CA SER A 133 -41.89 24.76 -33.63
C SER A 133 -41.70 24.76 -35.13
N VAL A 134 -42.67 24.19 -35.85
CA VAL A 134 -42.51 23.92 -37.26
C VAL A 134 -43.61 24.57 -38.08
N ILE A 135 -43.22 25.25 -39.15
CA ILE A 135 -44.19 25.74 -40.13
C ILE A 135 -43.85 25.17 -41.50
N ILE A 136 -44.89 24.76 -42.22
CA ILE A 136 -44.74 24.20 -43.55
C ILE A 136 -45.69 24.93 -44.49
N TYR A 137 -45.14 25.70 -45.44
CA TYR A 137 -45.97 26.54 -46.33
C TYR A 137 -46.63 25.77 -47.48
N GLY A 138 -47.23 26.51 -48.41
CA GLY A 138 -47.99 25.96 -49.51
C GLY A 138 -47.22 24.96 -50.35
N ASN A 139 -46.03 25.35 -50.80
CA ASN A 139 -45.20 24.47 -51.63
C ASN A 139 -44.38 23.48 -50.82
N PHE A 140 -44.78 23.32 -49.56
CA PHE A 140 -44.09 22.47 -48.60
C PHE A 140 -42.76 23.06 -48.12
N LYS A 141 -42.52 24.35 -48.39
CA LYS A 141 -41.35 25.01 -47.77
C LYS A 141 -41.41 24.80 -46.26
N THR A 142 -40.31 24.32 -45.68
CA THR A 142 -40.30 23.97 -44.25
C THR A 142 -39.23 24.73 -43.48
N ARG A 143 -39.63 25.26 -42.33
CA ARG A 143 -38.74 26.05 -41.49
C ARG A 143 -38.91 25.59 -40.04
N VAL A 144 -37.88 24.96 -39.47
CA VAL A 144 -37.94 24.42 -38.11
C VAL A 144 -37.19 25.35 -37.17
N THR A 145 -37.87 25.82 -36.12
CA THR A 145 -37.35 26.85 -35.20
C THR A 145 -37.26 26.32 -33.78
N ARG A 146 -36.18 26.69 -33.09
CA ARG A 146 -35.98 26.32 -31.70
C ARG A 146 -36.57 27.40 -30.82
N LYS A 147 -37.51 27.02 -29.96
CA LYS A 147 -38.27 27.99 -29.18
C LYS A 147 -37.44 28.89 -28.27
N SER A 148 -36.36 28.38 -27.70
CA SER A 148 -35.67 29.13 -26.63
C SER A 148 -34.96 30.38 -27.13
N ASP A 149 -34.32 30.29 -28.29
CA ASP A 149 -33.63 31.43 -28.88
C ASP A 149 -34.20 31.89 -30.24
N GLY A 150 -35.28 31.26 -30.69
CA GLY A 150 -35.93 31.63 -31.94
C GLY A 150 -35.04 31.43 -33.16
N LYS A 151 -34.01 30.60 -33.03
CA LYS A 151 -33.08 30.35 -34.12
C LYS A 151 -33.62 29.22 -35.00
N VAL A 152 -33.65 29.47 -36.30
CA VAL A 152 -34.00 28.50 -37.33
C VAL A 152 -32.91 27.44 -37.40
N ILE A 153 -33.24 26.19 -37.11
CA ILE A 153 -32.16 25.22 -37.07
C ILE A 153 -32.09 24.34 -38.32
N MET A 154 -33.18 24.31 -39.08
CA MET A 154 -33.25 23.46 -40.25
C MET A 154 -34.31 24.03 -41.18
N GLU A 155 -33.96 24.15 -42.46
CA GLU A 155 -34.91 24.51 -43.50
C GLU A 155 -34.56 23.78 -44.80
N ASN A 156 -35.60 23.40 -45.56
CA ASN A 156 -35.39 22.71 -46.83
C ASN A 156 -35.12 23.62 -48.04
N ASP A 157 -34.71 23.03 -49.16
CA ASP A 157 -34.38 23.80 -50.36
C ASP A 157 -35.58 24.13 -51.27
N GLU A 158 -35.56 25.34 -51.84
CA GLU A 158 -36.44 25.78 -52.95
C GLU A 158 -35.65 26.15 -54.20
N VAL A 159 -36.03 25.59 -55.34
CA VAL A 159 -35.52 26.01 -56.65
C VAL A 159 -36.50 26.95 -57.39
N GLY A 160 -35.97 28.00 -58.02
CA GLY A 160 -36.80 28.89 -58.84
C GLY A 160 -37.17 28.30 -60.19
N THR A 161 -38.26 28.81 -60.77
CA THR A 161 -38.57 28.57 -62.18
C THR A 161 -38.62 29.92 -62.90
N ALA A 162 -38.76 29.90 -64.21
CA ALA A 162 -38.84 31.14 -64.99
C ALA A 162 -39.99 32.05 -64.51
N SER A 163 -41.18 31.48 -64.32
CA SER A 163 -42.37 32.27 -63.96
C SER A 163 -43.47 31.51 -63.21
N SER A 164 -43.15 30.30 -62.78
CA SER A 164 -44.13 29.43 -62.17
C SER A 164 -43.97 29.32 -60.66
N GLY A 165 -43.19 30.21 -60.07
CA GLY A 165 -43.07 30.27 -58.63
C GLY A 165 -41.99 29.34 -58.11
N ASN A 166 -41.85 29.26 -56.79
CA ASN A 166 -40.79 28.44 -56.20
C ASN A 166 -41.20 27.00 -55.93
N LYS A 167 -40.34 26.07 -56.33
CA LYS A 167 -40.60 24.65 -56.18
C LYS A 167 -39.75 24.09 -55.04
N CYS A 168 -40.36 23.32 -54.15
CA CYS A 168 -39.63 22.82 -52.97
C CYS A 168 -38.97 21.49 -53.23
N ARG A 169 -37.64 21.52 -53.29
CA ARG A 169 -36.89 20.31 -53.51
C ARG A 169 -36.80 19.46 -52.25
N GLY A 170 -37.36 19.99 -51.15
CA GLY A 170 -37.66 19.22 -49.94
C GLY A 170 -38.38 17.91 -50.23
N LEU A 171 -39.15 17.90 -51.32
CA LEU A 171 -39.84 16.71 -51.81
C LEU A 171 -39.57 16.60 -53.31
N MET A 172 -38.99 15.49 -53.76
CA MET A 172 -38.71 15.27 -55.17
C MET A 172 -38.88 13.81 -55.53
N PHE A 173 -39.40 13.55 -56.72
CA PHE A 173 -39.31 12.23 -57.32
C PHE A 173 -39.13 12.42 -58.81
N VAL A 174 -38.50 11.44 -59.47
CA VAL A 174 -38.35 11.45 -60.90
C VAL A 174 -39.68 11.10 -61.58
N ASP A 175 -40.02 11.84 -62.63
CA ASP A 175 -41.17 11.51 -63.45
C ASP A 175 -41.11 10.02 -63.76
N ARG A 176 -42.18 9.31 -63.46
CA ARG A 176 -42.25 7.86 -63.68
C ARG A 176 -42.35 7.43 -65.16
N LEU A 177 -42.38 8.39 -66.09
CA LEU A 177 -42.16 8.08 -67.50
C LEU A 177 -40.68 7.85 -67.75
N TYR A 178 -39.83 8.40 -66.86
CA TYR A 178 -38.39 8.39 -67.07
C TYR A 178 -37.56 7.64 -66.01
N GLY A 179 -38.08 7.50 -64.79
CA GLY A 179 -37.33 6.83 -63.72
C GLY A 179 -38.13 6.56 -62.46
N ASN A 180 -37.44 6.26 -61.36
CA ASN A 180 -38.08 5.83 -60.11
C ASN A 180 -37.51 6.50 -58.87
N ALA A 181 -36.46 7.30 -59.06
CA ALA A 181 -35.74 7.90 -57.93
C ALA A 181 -36.58 8.86 -57.10
N ILE A 182 -36.26 8.95 -55.82
CA ILE A 182 -36.76 10.01 -54.93
C ILE A 182 -35.59 10.87 -54.43
N ALA A 183 -35.88 12.05 -53.86
CA ALA A 183 -34.85 12.88 -53.21
C ALA A 183 -35.42 13.92 -52.24
N SER A 184 -34.58 14.43 -51.34
CA SER A 184 -34.97 15.50 -50.42
C SER A 184 -33.81 16.44 -50.14
N VAL A 185 -34.02 17.74 -50.35
CA VAL A 185 -32.92 18.70 -50.29
C VAL A 185 -33.13 19.73 -49.18
N ASN A 186 -32.08 19.96 -48.40
CA ASN A 186 -32.03 20.99 -47.36
C ASN A 186 -30.98 22.03 -47.69
N LYS A 187 -31.13 23.23 -47.11
CA LYS A 187 -30.06 24.22 -47.10
C LYS A 187 -29.00 23.65 -46.19
N ASN A 188 -27.75 23.95 -46.52
CA ASN A 188 -26.59 23.37 -45.88
C ASN A 188 -25.69 24.51 -45.49
N PHE A 189 -25.51 24.68 -44.19
CA PHE A 189 -24.82 25.86 -43.69
C PHE A 189 -23.36 25.57 -43.33
N ARG A 190 -22.78 24.58 -44.00
CA ARG A 190 -21.37 24.23 -43.85
C ARG A 190 -20.39 25.41 -43.99
N ASN A 191 -20.66 26.34 -44.91
CA ASN A 191 -19.78 27.50 -45.12
C ASN A 191 -20.20 28.77 -44.39
N ASP A 192 -21.32 28.74 -43.68
CA ASP A 192 -21.67 29.84 -42.78
C ASP A 192 -20.56 30.04 -41.73
N ALA A 193 -20.06 31.27 -41.67
CA ALA A 193 -18.98 31.65 -40.77
C ALA A 193 -19.23 31.29 -39.30
N VAL A 194 -20.50 31.31 -38.90
CA VAL A 194 -20.86 31.13 -37.49
C VAL A 194 -21.39 29.73 -37.20
N LYS A 195 -22.17 29.17 -38.12
CA LYS A 195 -22.74 27.84 -37.92
C LYS A 195 -21.73 26.74 -38.18
N GLN A 196 -20.83 26.95 -39.15
CA GLN A 196 -19.84 25.95 -39.57
C GLN A 196 -20.44 24.53 -39.50
N GLU A 197 -21.57 24.31 -40.18
CA GLU A 197 -22.27 23.03 -40.07
C GLU A 197 -21.40 21.83 -40.44
N GLY A 198 -21.53 20.74 -39.69
CA GLY A 198 -20.79 19.51 -39.94
C GLY A 198 -21.74 18.35 -39.96
N PHE A 199 -21.51 17.41 -40.89
CA PHE A 199 -22.40 16.22 -41.09
C PHE A 199 -21.71 14.95 -40.64
N TYR A 200 -22.37 14.19 -39.77
CA TYR A 200 -21.75 13.05 -39.10
C TYR A 200 -22.63 11.80 -39.28
N GLY A 201 -22.05 10.62 -39.06
CA GLY A 201 -22.84 9.38 -39.07
C GLY A 201 -22.51 8.48 -40.23
N ALA A 202 -23.52 8.21 -41.07
CA ALA A 202 -23.40 7.46 -42.33
C ALA A 202 -22.63 6.14 -42.27
N GLY A 203 -22.77 5.45 -41.13
CA GLY A 203 -22.30 4.06 -40.96
C GLY A 203 -20.83 3.75 -41.18
N GLU A 204 -20.56 2.95 -42.20
CA GLU A 204 -19.23 2.40 -42.41
C GLU A 204 -18.38 3.20 -43.42
N VAL A 205 -18.91 4.32 -43.90
CA VAL A 205 -18.25 5.06 -44.96
C VAL A 205 -16.85 5.55 -44.47
N ASN A 206 -15.88 5.46 -45.39
CA ASN A 206 -14.53 5.94 -45.14
C ASN A 206 -14.31 7.22 -45.92
N CYS A 207 -13.52 8.13 -45.37
CA CYS A 207 -13.20 9.35 -46.09
C CYS A 207 -11.79 9.79 -45.79
N LYS A 208 -11.04 9.99 -46.87
CA LYS A 208 -9.66 10.40 -46.79
C LYS A 208 -9.56 11.90 -46.88
N TYR A 209 -8.68 12.46 -46.06
CA TYR A 209 -8.26 13.85 -46.21
C TYR A 209 -6.77 13.92 -46.12
N GLN A 210 -6.17 14.54 -47.13
CA GLN A 210 -4.74 14.45 -47.39
C GLN A 210 -4.25 13.00 -47.29
N ASP A 211 -3.48 12.67 -46.26
CA ASP A 211 -3.04 11.28 -46.10
C ASP A 211 -3.74 10.47 -44.99
N THR A 212 -4.93 10.92 -44.59
CA THR A 212 -5.53 10.48 -43.33
C THR A 212 -7.02 10.25 -43.42
N TYR A 213 -7.50 9.25 -42.68
CA TYR A 213 -8.90 8.95 -42.65
C TYR A 213 -9.56 9.66 -41.49
N ILE A 214 -10.62 10.39 -41.80
CA ILE A 214 -11.23 11.33 -40.86
C ILE A 214 -12.62 10.86 -40.42
N LEU A 215 -13.13 11.50 -39.37
CA LEU A 215 -14.46 11.20 -38.87
C LEU A 215 -15.57 11.90 -39.65
N GLU A 216 -15.43 13.23 -39.81
CA GLU A 216 -16.52 14.06 -40.33
C GLU A 216 -16.97 13.66 -41.74
N ARG A 217 -18.20 13.99 -42.10
CA ARG A 217 -18.73 13.62 -43.41
C ARG A 217 -19.32 14.83 -44.16
N THR A 218 -18.57 15.93 -44.14
CA THR A 218 -19.01 17.20 -44.72
C THR A 218 -18.44 17.34 -46.12
N GLY A 219 -19.21 17.93 -47.02
CA GLY A 219 -18.75 18.25 -48.36
C GLY A 219 -18.51 17.09 -49.31
N ILE A 220 -19.24 15.99 -49.13
CA ILE A 220 -18.96 14.75 -49.86
C ILE A 220 -20.22 13.99 -50.28
N ALA A 221 -20.08 13.23 -51.37
CA ALA A 221 -21.19 12.52 -51.99
C ALA A 221 -21.09 11.03 -51.70
N MET A 222 -22.03 10.50 -50.92
CA MET A 222 -22.01 9.10 -50.46
C MET A 222 -23.22 8.32 -50.95
N THR A 223 -23.12 6.98 -50.94
CA THR A 223 -24.24 6.09 -51.25
C THR A 223 -24.26 4.91 -50.26
N ASN A 224 -25.45 4.41 -49.94
CA ASN A 224 -25.56 3.06 -49.35
C ASN A 224 -26.00 2.12 -50.43
N TYR A 225 -25.22 1.05 -50.58
CA TYR A 225 -25.41 0.02 -51.58
C TYR A 225 -24.56 -1.14 -51.05
N ASN A 226 -25.09 -1.85 -50.06
CA ASN A 226 -24.37 -2.96 -49.43
C ASN A 226 -23.59 -3.81 -50.45
N TYR A 227 -22.28 -3.90 -50.25
CA TYR A 227 -21.40 -4.56 -51.22
C TYR A 227 -20.44 -5.53 -50.58
N ASP A 228 -19.98 -6.52 -51.36
CA ASP A 228 -18.92 -7.43 -50.93
C ASP A 228 -17.60 -6.70 -51.15
N ASN A 229 -17.36 -5.67 -50.35
CA ASN A 229 -16.33 -4.70 -50.67
C ASN A 229 -15.05 -5.00 -49.93
N LEU A 230 -14.32 -6.02 -50.38
CA LEU A 230 -13.01 -6.38 -49.80
C LEU A 230 -11.96 -5.25 -49.85
N ASN A 231 -11.36 -4.96 -48.70
CA ASN A 231 -10.43 -3.81 -48.54
C ASN A 231 -11.08 -2.44 -48.66
N TYR A 232 -12.40 -2.42 -48.84
CA TYR A 232 -13.21 -1.20 -48.89
C TYR A 232 -12.96 -0.39 -50.16
N ASN A 233 -12.33 -1.02 -51.15
CA ASN A 233 -11.93 -0.33 -52.37
C ASN A 233 -12.00 -1.21 -53.62
N GLN A 234 -13.09 -1.97 -53.77
CA GLN A 234 -13.19 -2.92 -54.88
C GLN A 234 -13.12 -2.23 -56.23
N TRP A 235 -12.41 -2.84 -57.18
CA TRP A 235 -12.13 -2.22 -58.46
C TRP A 235 -13.38 -1.84 -59.26
N ASP A 236 -14.40 -2.70 -59.25
CA ASP A 236 -15.66 -2.38 -59.93
C ASP A 236 -16.40 -1.18 -59.31
N LEU A 237 -16.02 -0.79 -58.09
CA LEU A 237 -16.61 0.36 -57.43
C LEU A 237 -15.94 1.67 -57.79
N ARG A 238 -15.08 1.65 -58.80
CA ARG A 238 -14.37 2.86 -59.24
C ARG A 238 -15.25 3.81 -60.04
N PRO A 239 -14.98 5.12 -59.93
CA PRO A 239 -15.61 6.16 -60.77
C PRO A 239 -15.38 5.93 -62.26
N PRO A 240 -16.23 6.52 -63.12
CA PRO A 240 -15.96 6.42 -64.54
C PRO A 240 -14.55 6.90 -64.90
N HIS A 241 -13.86 6.11 -65.72
CA HIS A 241 -12.52 6.40 -66.24
C HIS A 241 -11.49 6.65 -65.16
N HIS A 242 -11.62 5.98 -64.02
CA HIS A 242 -10.64 6.13 -62.95
C HIS A 242 -9.35 5.44 -63.37
N ASP A 243 -8.23 6.13 -63.18
CA ASP A 243 -6.93 5.61 -63.58
C ASP A 243 -6.06 5.34 -62.38
N GLY A 244 -5.47 4.14 -62.33
CA GLY A 244 -4.57 3.74 -61.24
C GLY A 244 -5.31 3.32 -59.98
N ALA A 245 -4.56 3.13 -58.90
CA ALA A 245 -5.11 2.63 -57.64
C ALA A 245 -6.37 3.37 -57.21
N LEU A 246 -7.38 2.60 -56.84
CA LEU A 246 -8.54 3.13 -56.15
C LEU A 246 -8.31 2.98 -54.63
N ASN A 247 -8.34 4.10 -53.92
CA ASN A 247 -8.23 4.10 -52.47
C ASN A 247 -9.61 4.04 -51.83
N PRO A 248 -9.73 3.43 -50.63
CA PRO A 248 -11.03 3.51 -49.96
C PRO A 248 -11.38 4.98 -49.73
N ASP A 249 -12.62 5.35 -50.05
CA ASP A 249 -13.05 6.73 -49.93
C ASP A 249 -14.56 6.89 -49.95
N TYR A 250 -14.98 8.14 -49.74
CA TYR A 250 -16.36 8.48 -49.42
C TYR A 250 -17.41 8.09 -50.44
N TYR A 251 -16.98 7.93 -51.68
CA TYR A 251 -17.89 7.69 -52.78
C TYR A 251 -17.97 6.20 -53.09
N ILE A 252 -17.51 5.38 -52.13
CA ILE A 252 -17.54 3.92 -52.23
C ILE A 252 -18.46 3.35 -51.14
N PRO A 253 -19.43 2.52 -51.55
CA PRO A 253 -20.33 1.94 -50.57
C PRO A 253 -19.61 0.94 -49.69
N MET A 254 -20.22 0.61 -48.56
CA MET A 254 -19.64 -0.35 -47.64
C MET A 254 -20.63 -1.50 -47.38
N TYR A 255 -20.52 -2.15 -46.22
CA TYR A 255 -21.27 -3.40 -45.98
C TYR A 255 -22.62 -3.18 -45.32
N TYR A 256 -22.74 -2.02 -44.67
CA TYR A 256 -23.92 -1.62 -43.90
C TYR A 256 -24.60 -0.39 -44.49
N ALA A 257 -25.91 -0.34 -44.38
CA ALA A 257 -26.68 0.71 -45.02
C ALA A 257 -27.17 1.75 -44.02
N ALA A 258 -26.56 2.91 -44.01
CA ALA A 258 -26.96 3.90 -43.05
C ALA A 258 -27.34 5.19 -43.75
N PRO A 259 -28.60 5.30 -44.21
CA PRO A 259 -29.12 6.53 -44.77
C PRO A 259 -29.41 7.50 -43.61
N TRP A 260 -28.37 7.87 -42.89
CA TRP A 260 -28.51 8.58 -41.64
C TRP A 260 -27.37 9.54 -41.46
N LEU A 261 -27.70 10.80 -41.20
CA LEU A 261 -26.70 11.83 -40.94
C LEU A 261 -27.11 12.61 -39.73
N ILE A 262 -26.14 12.95 -38.89
CA ILE A 262 -26.41 13.89 -37.81
C ILE A 262 -25.74 15.22 -38.10
N VAL A 263 -26.54 16.27 -38.20
CA VAL A 263 -26.07 17.62 -38.46
C VAL A 263 -25.72 18.28 -37.15
N ASN A 264 -24.57 18.97 -37.14
CA ASN A 264 -24.10 19.73 -35.98
C ASN A 264 -23.58 21.12 -36.37
N GLY A 265 -24.17 22.18 -35.81
CA GLY A 265 -23.78 23.57 -36.07
C GLY A 265 -23.51 24.44 -34.85
N CYS A 266 -22.78 25.53 -35.02
CA CYS A 266 -22.46 26.38 -33.89
C CYS A 266 -21.79 25.55 -32.76
N ALA A 267 -20.98 24.57 -33.14
CA ALA A 267 -20.47 23.58 -32.18
C ALA A 267 -19.59 24.19 -31.10
N GLY A 268 -19.75 23.72 -29.87
CA GLY A 268 -18.92 24.17 -28.73
C GLY A 268 -19.31 25.52 -28.15
N THR A 269 -20.49 26.00 -28.51
CA THR A 269 -21.03 27.25 -27.99
C THR A 269 -22.39 27.02 -27.34
N SER A 270 -22.79 27.99 -26.53
CA SER A 270 -24.12 28.03 -25.91
C SER A 270 -25.35 27.89 -26.85
N GLU A 271 -25.17 28.10 -28.16
CA GLU A 271 -26.29 27.99 -29.10
C GLU A 271 -26.19 26.78 -30.03
N GLN A 272 -25.36 25.80 -29.66
CA GLN A 272 -25.19 24.57 -30.44
C GLN A 272 -26.53 23.90 -30.78
N TYR A 273 -26.66 23.45 -32.03
CA TYR A 273 -27.81 22.65 -32.42
C TYR A 273 -27.36 21.39 -33.13
N SER A 274 -28.24 20.40 -33.09
CA SER A 274 -27.98 19.06 -33.58
C SER A 274 -29.31 18.44 -33.98
N TYR A 275 -29.36 17.92 -35.21
CA TYR A 275 -30.46 17.08 -35.67
C TYR A 275 -30.07 15.88 -36.50
N GLY A 276 -30.73 14.76 -36.24
CA GLY A 276 -30.54 13.56 -37.04
C GLY A 276 -31.42 13.54 -38.28
N TRP A 277 -30.96 12.89 -39.34
CA TRP A 277 -31.71 12.86 -40.58
C TRP A 277 -31.70 11.43 -41.17
N PHE A 278 -32.90 10.85 -41.24
CA PHE A 278 -33.05 9.45 -41.61
C PHE A 278 -34.03 9.32 -42.74
N MET A 279 -33.50 8.97 -43.91
CA MET A 279 -34.39 8.55 -44.96
C MET A 279 -34.41 7.04 -44.88
N ASP A 280 -35.62 6.50 -44.73
CA ASP A 280 -35.90 5.09 -44.48
C ASP A 280 -36.23 4.41 -45.80
N ASN A 281 -35.20 3.96 -46.49
CA ASN A 281 -35.34 3.38 -47.81
C ASN A 281 -34.30 2.27 -47.92
N VAL A 282 -34.72 1.13 -48.46
CA VAL A 282 -33.81 0.00 -48.63
C VAL A 282 -33.52 -0.36 -50.11
N SER A 283 -33.75 0.59 -51.02
CA SER A 283 -33.10 0.57 -52.32
C SER A 283 -31.79 1.35 -52.20
N GLN A 284 -31.06 1.47 -53.30
CA GLN A 284 -29.82 2.25 -53.24
C GLN A 284 -30.14 3.68 -52.84
N SER A 285 -29.42 4.16 -51.83
CA SER A 285 -29.70 5.47 -51.25
C SER A 285 -28.45 6.34 -51.23
N TYR A 286 -28.65 7.65 -51.20
CA TYR A 286 -27.56 8.60 -51.31
C TYR A 286 -27.70 9.64 -50.24
N MET A 287 -26.54 10.20 -49.89
CA MET A 287 -26.43 11.31 -48.96
C MET A 287 -25.33 12.21 -49.50
N ASN A 288 -25.70 13.37 -50.01
CA ASN A 288 -24.73 14.34 -50.50
C ASN A 288 -24.70 15.52 -49.55
N THR A 289 -23.52 15.80 -48.98
CA THR A 289 -23.42 16.84 -47.94
C THR A 289 -22.68 18.09 -48.40
N GLY A 290 -22.91 18.44 -49.67
CA GLY A 290 -22.42 19.68 -50.26
C GLY A 290 -21.28 19.40 -51.22
N ASP A 291 -21.40 18.32 -51.98
CA ASP A 291 -20.31 17.92 -52.88
C ASP A 291 -20.49 18.36 -54.33
N THR A 292 -19.58 19.22 -54.81
CA THR A 292 -19.57 19.67 -56.22
C THR A 292 -18.86 18.71 -57.19
N THR A 293 -18.32 17.59 -56.72
CA THR A 293 -17.62 16.65 -57.61
C THR A 293 -18.66 15.93 -58.45
N TRP A 294 -18.38 15.83 -59.76
CA TRP A 294 -19.29 15.30 -60.78
C TRP A 294 -20.60 16.07 -60.81
N ASN A 295 -20.57 17.29 -60.26
CA ASN A 295 -21.77 18.12 -60.14
C ASN A 295 -22.93 17.32 -59.50
N SER A 296 -22.58 16.50 -58.51
CA SER A 296 -23.54 15.67 -57.80
C SER A 296 -24.27 16.50 -56.75
N GLY A 297 -23.66 17.60 -56.33
CA GLY A 297 -24.23 18.49 -55.33
C GLY A 297 -23.72 19.91 -55.38
N GLN A 298 -24.20 20.73 -54.46
CA GLN A 298 -23.76 22.11 -54.45
C GLN A 298 -23.32 22.38 -53.06
N GLU A 299 -22.33 23.24 -52.91
CA GLU A 299 -21.74 23.51 -51.62
C GLU A 299 -22.79 23.81 -50.56
N ASP A 300 -23.80 24.58 -50.95
CA ASP A 300 -24.75 25.16 -50.02
C ASP A 300 -26.05 24.37 -49.85
N LEU A 301 -26.14 23.21 -50.49
CA LEU A 301 -27.27 22.30 -50.30
C LEU A 301 -26.79 20.96 -49.79
N ALA A 302 -27.67 20.22 -49.14
CA ALA A 302 -27.39 18.86 -48.71
C ALA A 302 -28.64 18.07 -48.99
N TYR A 303 -28.47 16.84 -49.48
CA TYR A 303 -29.63 16.03 -49.76
C TYR A 303 -29.55 14.56 -49.39
N MET A 304 -30.70 13.90 -49.47
CA MET A 304 -30.75 12.46 -49.46
C MET A 304 -31.65 12.03 -50.60
N GLY A 305 -31.40 10.84 -51.13
CA GLY A 305 -32.24 10.31 -52.20
C GLY A 305 -32.06 8.83 -52.35
N ALA A 306 -32.86 8.24 -53.24
CA ALA A 306 -32.84 6.82 -53.45
C ALA A 306 -33.31 6.46 -54.88
N GLN A 307 -33.01 5.24 -55.31
CA GLN A 307 -33.30 4.80 -56.66
C GLN A 307 -34.77 4.44 -56.77
N TYR A 308 -35.32 3.93 -55.67
CA TYR A 308 -36.73 3.59 -55.62
C TYR A 308 -37.47 4.26 -54.49
N GLY A 309 -38.80 4.29 -54.65
CA GLY A 309 -39.71 4.69 -53.59
C GLY A 309 -39.89 3.56 -52.57
N PRO A 310 -40.66 3.83 -51.50
CA PRO A 310 -41.35 5.09 -51.22
C PRO A 310 -40.48 6.14 -50.50
N PHE A 311 -41.07 7.31 -50.23
CA PHE A 311 -40.37 8.45 -49.63
C PHE A 311 -40.90 8.56 -48.22
N ASP A 312 -40.00 8.51 -47.25
CA ASP A 312 -40.38 8.40 -45.87
C ASP A 312 -39.15 8.71 -45.07
N GLN A 313 -39.21 9.80 -44.30
CA GLN A 313 -38.01 10.46 -43.81
C GLN A 313 -38.23 11.01 -42.40
N HIS A 314 -37.29 10.73 -41.49
CA HIS A 314 -37.43 11.17 -40.11
C HIS A 314 -36.46 12.32 -39.83
N PHE A 315 -36.91 13.30 -39.05
CA PHE A 315 -36.02 14.38 -38.58
C PHE A 315 -36.03 14.31 -37.07
N VAL A 316 -34.83 14.14 -36.47
CA VAL A 316 -34.71 13.78 -35.06
C VAL A 316 -33.74 14.68 -34.33
N TYR A 317 -34.27 15.53 -33.45
CA TYR A 317 -33.49 16.61 -32.83
C TYR A 317 -32.98 16.33 -31.43
N GLY A 318 -33.56 15.31 -30.80
CA GLY A 318 -33.17 14.88 -29.46
C GLY A 318 -33.88 15.68 -28.40
N ALA A 319 -33.92 15.12 -27.19
CA ALA A 319 -34.65 15.74 -26.08
C ALA A 319 -33.96 16.99 -25.54
N GLY A 320 -32.64 17.05 -25.68
CA GLY A 320 -31.87 18.13 -25.12
C GLY A 320 -30.52 18.20 -25.79
N GLY A 321 -29.61 18.94 -25.16
CA GLY A 321 -28.32 19.28 -25.76
C GLY A 321 -27.45 18.16 -26.28
N GLY A 322 -26.96 18.32 -27.50
CA GLY A 322 -25.80 17.56 -27.94
C GLY A 322 -26.04 16.42 -28.90
N MET A 323 -25.05 16.17 -29.74
CA MET A 323 -25.11 15.09 -30.71
C MET A 323 -25.57 13.74 -30.19
N GLU A 324 -25.09 13.33 -29.02
CA GLU A 324 -25.48 12.06 -28.41
C GLU A 324 -26.98 11.91 -28.24
N CSO A 325 -27.62 13.03 -27.93
CA CSO A 325 -29.05 13.04 -27.67
CB CSO A 325 -29.47 14.36 -27.00
SG CSO A 325 -29.04 14.33 -25.24
C CSO A 325 -29.84 12.76 -28.92
O CSO A 325 -30.96 12.26 -28.85
OD CSO A 325 -28.51 12.72 -24.63
N VAL A 326 -29.25 13.07 -30.07
CA VAL A 326 -29.83 12.72 -31.36
C VAL A 326 -29.88 11.19 -31.55
N VAL A 327 -28.79 10.53 -31.16
CA VAL A 327 -28.63 9.08 -31.23
C VAL A 327 -29.62 8.30 -30.36
N THR A 328 -29.87 8.77 -29.14
CA THR A 328 -30.79 8.09 -28.22
C THR A 328 -32.25 8.27 -28.62
N ALA A 329 -32.60 9.44 -29.14
CA ALA A 329 -33.95 9.70 -29.62
C ALA A 329 -34.25 8.82 -30.83
N PHE A 330 -33.26 8.70 -31.72
CA PHE A 330 -33.30 7.81 -32.89
C PHE A 330 -33.53 6.36 -32.46
N SER A 331 -32.78 5.90 -31.45
CA SER A 331 -32.95 4.55 -30.93
C SER A 331 -34.34 4.32 -30.35
N LEU A 332 -35.06 5.39 -30.01
CA LEU A 332 -36.37 5.25 -29.37
C LEU A 332 -37.48 5.00 -30.40
N LEU A 333 -37.35 5.66 -31.55
CA LEU A 333 -38.20 5.43 -32.70
C LEU A 333 -38.03 3.99 -33.22
N GLN A 334 -36.91 3.40 -32.83
CA GLN A 334 -36.51 2.05 -33.22
C GLN A 334 -36.64 1.11 -32.03
N GLY A 335 -37.16 1.62 -30.92
CA GLY A 335 -37.19 0.87 -29.67
C GLY A 335 -38.21 -0.25 -29.63
N LYS A 336 -38.11 -1.09 -28.60
CA LYS A 336 -39.04 -2.23 -28.47
C LYS A 336 -39.92 -2.09 -27.22
N GLU A 337 -39.94 -0.89 -26.65
CA GLU A 337 -40.87 -0.54 -25.59
C GLU A 337 -42.33 -1.06 -25.74
N PHE A 338 -42.84 -1.13 -26.98
CA PHE A 338 -44.21 -1.59 -27.23
C PHE A 338 -44.33 -3.10 -27.00
N GLU A 339 -43.19 -3.79 -26.98
CA GLU A 339 -43.14 -5.22 -26.70
C GLU A 339 -42.99 -5.48 -25.21
N ASN A 340 -42.89 -4.40 -24.44
CA ASN A 340 -42.71 -4.48 -23.00
C ASN A 340 -41.37 -5.06 -22.58
N GLN A 341 -40.32 -4.83 -23.39
CA GLN A 341 -38.97 -5.29 -23.06
C GLN A 341 -38.46 -4.68 -21.75
N VAL A 342 -38.28 -5.55 -20.77
CA VAL A 342 -37.76 -5.17 -19.47
C VAL A 342 -36.26 -4.76 -19.54
N LEU A 343 -35.54 -5.28 -20.54
CA LEU A 343 -34.10 -4.97 -20.72
C LEU A 343 -33.72 -4.52 -22.13
N ASN A 344 -34.15 -5.28 -23.14
CA ASN A 344 -33.77 -5.02 -24.54
C ASN A 344 -34.63 -3.98 -25.26
N LYS A 345 -34.59 -2.74 -24.79
CA LYS A 345 -35.40 -1.66 -25.36
C LYS A 345 -34.83 -1.11 -26.67
N ARG A 346 -33.53 -0.89 -26.69
CA ARG A 346 -32.89 -0.09 -27.73
C ARG A 346 -31.92 -0.90 -28.59
N SER A 347 -31.76 -2.16 -28.21
CA SER A 347 -30.79 -3.10 -28.77
C SER A 347 -30.89 -4.39 -27.95
N VAL A 348 -30.26 -5.48 -28.41
CA VAL A 348 -30.22 -6.72 -27.63
C VAL A 348 -28.88 -6.89 -26.93
N MET A 349 -28.92 -7.16 -25.62
CA MET A 349 -27.70 -7.37 -24.82
C MET A 349 -27.01 -8.65 -25.26
N PRO A 350 -25.69 -8.57 -25.47
CA PRO A 350 -24.95 -9.80 -25.74
C PRO A 350 -24.71 -10.58 -24.45
N PRO A 351 -24.24 -11.84 -24.55
CA PRO A 351 -23.62 -12.46 -23.39
C PRO A 351 -22.34 -11.71 -23.17
N LYS A 352 -21.92 -11.60 -21.91
CA LYS A 352 -20.68 -10.89 -21.49
C LYS A 352 -19.45 -11.28 -22.32
N TYR A 353 -19.40 -12.57 -22.65
CA TYR A 353 -18.28 -13.16 -23.34
C TYR A 353 -17.97 -12.49 -24.68
N VAL A 354 -18.97 -11.80 -25.21
CA VAL A 354 -18.80 -11.08 -26.45
C VAL A 354 -17.78 -9.95 -26.28
N PHE A 355 -17.58 -9.49 -25.05
CA PHE A 355 -16.56 -8.46 -24.79
C PHE A 355 -15.19 -9.03 -24.46
N GLY A 356 -14.95 -10.29 -24.83
CA GLY A 356 -13.66 -10.92 -24.62
C GLY A 356 -12.88 -10.93 -25.92
N PHE A 357 -11.63 -11.37 -25.82
CA PHE A 357 -10.75 -11.35 -26.97
C PHE A 357 -10.88 -12.66 -27.77
N PHE A 358 -11.25 -12.55 -29.05
CA PHE A 358 -11.34 -13.71 -29.95
C PHE A 358 -10.22 -13.76 -31.00
N GLN A 359 -9.85 -14.97 -31.38
CA GLN A 359 -9.01 -15.18 -32.54
C GLN A 359 -9.86 -15.95 -33.52
N GLY A 360 -9.93 -15.44 -34.75
CA GLY A 360 -10.49 -16.18 -35.87
C GLY A 360 -9.38 -16.41 -36.86
N VAL A 361 -9.53 -17.43 -37.70
CA VAL A 361 -8.57 -17.74 -38.76
C VAL A 361 -9.33 -18.32 -39.94
N PHE A 362 -9.11 -17.79 -41.14
CA PHE A 362 -9.60 -18.48 -42.33
C PHE A 362 -8.44 -19.33 -42.83
N GLY A 363 -8.54 -20.64 -42.62
CA GLY A 363 -7.51 -21.58 -43.02
C GLY A 363 -7.00 -22.49 -41.93
N THR A 364 -7.88 -22.94 -41.05
CA THR A 364 -7.59 -24.06 -40.15
C THR A 364 -8.03 -25.34 -40.88
N SER A 365 -7.45 -26.49 -40.53
CA SER A 365 -7.76 -27.73 -41.24
C SER A 365 -8.14 -28.87 -40.30
N SER A 366 -8.08 -28.60 -38.98
CA SER A 366 -8.63 -29.50 -37.97
C SER A 366 -8.73 -28.92 -36.57
N LEU A 367 -9.48 -29.62 -35.73
CA LEU A 367 -9.52 -29.30 -34.31
C LEU A 367 -8.19 -29.59 -33.61
N LEU A 368 -7.79 -30.86 -33.60
CA LEU A 368 -6.61 -31.30 -32.88
C LEU A 368 -5.44 -31.50 -33.82
N ARG A 369 -4.22 -31.46 -33.30
CA ARG A 369 -3.05 -31.67 -34.17
C ARG A 369 -3.02 -33.11 -34.73
N ALA A 370 -3.33 -34.09 -33.89
CA ALA A 370 -3.20 -35.47 -34.30
C ALA A 370 -4.05 -35.76 -35.53
N HIS A 371 -5.00 -34.87 -35.84
CA HIS A 371 -5.81 -35.06 -37.04
C HIS A 371 -5.62 -33.98 -38.11
N MET A 372 -4.58 -33.15 -37.95
CA MET A 372 -4.29 -32.13 -38.93
C MET A 372 -3.65 -32.73 -40.19
N PRO A 373 -4.35 -32.64 -41.33
CA PRO A 373 -3.74 -33.12 -42.57
C PRO A 373 -2.47 -32.33 -42.90
N ALA A 374 -1.56 -32.99 -43.61
CA ALA A 374 -0.32 -32.35 -44.04
C ALA A 374 -0.56 -31.39 -45.21
N GLY A 375 -0.03 -30.17 -45.09
CA GLY A 375 -0.15 -29.15 -46.13
C GLY A 375 0.70 -27.97 -45.68
N GLU A 376 1.44 -27.37 -46.62
CA GLU A 376 2.33 -26.28 -46.25
C GLU A 376 1.52 -25.27 -45.42
N ASN A 377 2.04 -24.95 -44.22
CA ASN A 377 1.48 -23.92 -43.33
C ASN A 377 0.11 -24.20 -42.68
N ASN A 378 -0.40 -25.42 -42.85
CA ASN A 378 -1.61 -25.85 -42.15
C ASN A 378 -1.49 -25.64 -40.65
N ILE A 379 -2.61 -25.28 -40.01
CA ILE A 379 -2.68 -25.07 -38.56
C ILE A 379 -3.97 -25.67 -37.96
N SER A 380 -3.85 -26.20 -36.75
CA SER A 380 -4.97 -26.82 -36.06
C SER A 380 -5.57 -25.81 -35.09
N VAL A 381 -6.85 -26.00 -34.73
CA VAL A 381 -7.51 -25.11 -33.76
C VAL A 381 -6.78 -25.16 -32.44
N GLU A 382 -6.38 -26.39 -32.07
CA GLU A 382 -5.66 -26.72 -30.85
C GLU A 382 -4.38 -25.90 -30.64
N GLU A 383 -3.62 -25.67 -31.72
CA GLU A 383 -2.34 -24.97 -31.69
C GLU A 383 -2.51 -23.50 -31.30
N ILE A 384 -3.58 -22.91 -31.84
CA ILE A 384 -3.99 -21.54 -31.54
C ILE A 384 -4.37 -21.45 -30.08
N VAL A 385 -5.26 -22.33 -29.63
CA VAL A 385 -5.63 -22.38 -28.22
C VAL A 385 -4.38 -22.44 -27.32
N GLU A 386 -3.46 -23.34 -27.64
CA GLU A 386 -2.23 -23.50 -26.90
C GLU A 386 -1.42 -22.21 -26.85
N GLY A 387 -1.18 -21.61 -28.00
CA GLY A 387 -0.33 -20.40 -28.09
C GLY A 387 -0.81 -19.26 -27.22
N TYR A 388 -2.12 -19.02 -27.26
CA TYR A 388 -2.76 -18.06 -26.38
C TYR A 388 -2.75 -18.50 -24.92
N GLN A 389 -3.24 -19.71 -24.66
CA GLN A 389 -3.30 -20.22 -23.29
C GLN A 389 -1.95 -20.34 -22.58
N ASN A 390 -0.97 -21.00 -23.21
CA ASN A 390 0.37 -21.21 -22.65
C ASN A 390 1.15 -19.93 -22.37
N ASN A 391 0.84 -18.87 -23.11
CA ASN A 391 1.47 -17.59 -22.85
C ASN A 391 0.61 -16.69 -21.97
N ASN A 392 -0.42 -17.29 -21.36
CA ASN A 392 -1.26 -16.61 -20.42
C ASN A 392 -1.86 -15.33 -21.02
N PHE A 393 -2.44 -15.46 -22.21
CA PHE A 393 -3.28 -14.42 -22.75
C PHE A 393 -4.69 -14.50 -22.19
N PRO A 394 -5.30 -13.36 -21.88
CA PRO A 394 -6.73 -13.47 -21.59
C PRO A 394 -7.38 -13.78 -22.92
N PHE A 395 -7.99 -14.95 -23.05
CA PHE A 395 -8.42 -15.40 -24.35
C PHE A 395 -9.79 -16.05 -24.28
N GLU A 396 -10.73 -15.51 -25.05
CA GLU A 396 -12.15 -15.90 -24.89
C GLU A 396 -12.57 -17.13 -25.69
N GLY A 397 -12.01 -17.25 -26.90
CA GLY A 397 -12.29 -18.35 -27.79
C GLY A 397 -12.14 -17.99 -29.25
N LEU A 398 -12.77 -18.79 -30.10
CA LEU A 398 -12.43 -18.84 -31.51
C LEU A 398 -13.58 -18.43 -32.43
N ALA A 399 -13.24 -17.99 -33.63
CA ALA A 399 -14.22 -17.89 -34.70
C ALA A 399 -13.83 -18.92 -35.73
N VAL A 400 -14.48 -20.07 -35.67
CA VAL A 400 -14.19 -21.14 -36.61
C VAL A 400 -14.87 -20.84 -37.94
N ASP A 401 -14.07 -20.83 -39.01
CA ASP A 401 -14.58 -20.50 -40.32
C ASP A 401 -15.23 -21.70 -41.07
N VAL A 402 -15.55 -21.46 -42.34
CA VAL A 402 -16.17 -22.46 -43.22
C VAL A 402 -15.26 -23.68 -43.39
N ASP A 403 -14.03 -23.55 -42.90
CA ASP A 403 -13.05 -24.63 -42.87
C ASP A 403 -13.66 -25.83 -42.17
N MET A 404 -14.46 -25.54 -41.14
CA MET A 404 -15.06 -26.57 -40.30
C MET A 404 -16.09 -27.40 -41.06
N GLN A 405 -16.79 -26.76 -42.00
CA GLN A 405 -17.90 -27.39 -42.69
C GLN A 405 -17.44 -28.56 -43.54
N ASP A 406 -18.41 -29.37 -43.96
CA ASP A 406 -18.17 -30.45 -44.90
C ASP A 406 -18.28 -29.85 -46.29
N ASN A 407 -17.13 -29.51 -46.88
CA ASN A 407 -17.09 -29.05 -48.26
C ASN A 407 -18.10 -27.92 -48.50
N LEU A 408 -18.06 -26.92 -47.62
CA LEU A 408 -18.85 -25.69 -47.71
C LEU A 408 -20.37 -25.88 -47.54
N ARG A 409 -20.75 -26.96 -46.85
CA ARG A 409 -22.17 -27.19 -46.53
C ARG A 409 -22.52 -26.57 -45.17
N VAL A 410 -23.13 -25.39 -45.21
CA VAL A 410 -23.42 -24.61 -44.02
C VAL A 410 -24.31 -25.43 -43.04
N PHE A 411 -23.98 -25.37 -41.75
CA PHE A 411 -24.68 -26.11 -40.67
C PHE A 411 -24.13 -27.52 -40.42
N THR A 412 -23.06 -27.88 -41.11
CA THR A 412 -22.44 -29.18 -40.97
C THR A 412 -21.01 -28.99 -40.54
N THR A 413 -20.43 -30.07 -40.02
CA THR A 413 -19.00 -30.13 -39.70
C THR A 413 -18.42 -31.35 -40.41
N LYS A 414 -17.09 -31.36 -40.56
CA LYS A 414 -16.39 -32.56 -41.02
C LYS A 414 -15.53 -33.15 -39.91
N GLY A 415 -15.21 -34.45 -40.07
CA GLY A 415 -14.55 -35.29 -39.07
C GLY A 415 -13.31 -34.73 -38.41
N GLU A 416 -12.48 -34.04 -39.18
CA GLU A 416 -11.25 -33.42 -38.68
C GLU A 416 -11.46 -32.40 -37.56
N PHE A 417 -12.66 -31.81 -37.50
CA PHE A 417 -12.96 -30.80 -36.48
C PHE A 417 -13.62 -31.37 -35.21
N TRP A 418 -13.50 -32.69 -35.08
CA TRP A 418 -13.87 -33.46 -33.89
C TRP A 418 -12.60 -34.13 -33.34
N THR A 419 -12.63 -34.49 -32.05
CA THR A 419 -11.50 -35.16 -31.41
C THR A 419 -11.23 -36.59 -31.94
N ALA A 420 -12.27 -37.38 -32.13
CA ALA A 420 -12.07 -38.75 -32.62
C ALA A 420 -12.12 -38.87 -34.17
N ASN A 421 -12.03 -37.74 -34.86
CA ASN A 421 -11.90 -37.69 -36.33
C ASN A 421 -13.14 -38.18 -37.10
N ARG A 422 -14.30 -38.09 -36.44
CA ARG A 422 -15.58 -38.36 -37.11
C ARG A 422 -16.69 -37.49 -36.52
N VAL A 423 -17.67 -37.17 -37.36
CA VAL A 423 -18.79 -36.31 -36.97
C VAL A 423 -19.76 -37.06 -36.07
N GLY A 424 -20.01 -36.49 -34.89
CA GLY A 424 -20.96 -37.07 -33.93
C GLY A 424 -22.20 -36.19 -33.84
N THR A 425 -23.22 -36.67 -33.14
CA THR A 425 -24.47 -35.91 -32.99
C THR A 425 -24.47 -35.10 -31.71
N GLY A 426 -23.37 -35.20 -30.93
CA GLY A 426 -23.15 -34.33 -29.78
C GLY A 426 -23.17 -34.94 -28.39
N GLY A 427 -22.38 -34.36 -27.49
CA GLY A 427 -22.36 -34.77 -26.08
C GLY A 427 -21.77 -36.13 -25.76
N ASP A 428 -20.96 -36.68 -26.68
CA ASP A 428 -20.22 -37.92 -26.42
C ASP A 428 -18.83 -37.59 -25.83
N PRO A 429 -18.59 -37.94 -24.55
CA PRO A 429 -17.33 -37.50 -23.96
C PRO A 429 -16.09 -38.15 -24.61
N ASN A 430 -16.30 -39.07 -25.54
CA ASN A 430 -15.19 -39.73 -26.25
C ASN A 430 -14.93 -39.22 -27.67
N ASN A 431 -15.81 -38.34 -28.13
CA ASN A 431 -15.66 -37.70 -29.43
C ASN A 431 -16.29 -36.31 -29.40
N ARG A 432 -15.51 -35.33 -28.97
CA ARG A 432 -16.05 -33.97 -28.77
C ARG A 432 -15.93 -33.16 -30.03
N SER A 433 -16.97 -32.39 -30.34
CA SER A 433 -16.93 -31.41 -31.43
C SER A 433 -15.93 -30.31 -31.10
N VAL A 434 -15.57 -29.49 -32.09
CA VAL A 434 -14.68 -28.35 -31.84
C VAL A 434 -15.20 -27.52 -30.67
N PHE A 435 -16.49 -27.22 -30.72
CA PHE A 435 -17.10 -26.33 -29.77
C PHE A 435 -17.12 -26.93 -28.37
N GLU A 436 -17.39 -28.24 -28.30
CA GLU A 436 -17.37 -28.94 -27.02
C GLU A 436 -15.98 -28.96 -26.43
N TRP A 437 -15.00 -29.37 -27.23
CA TRP A 437 -13.61 -29.37 -26.83
C TRP A 437 -13.24 -27.97 -26.36
N ALA A 438 -13.63 -26.94 -27.14
CA ALA A 438 -13.43 -25.53 -26.78
C ALA A 438 -14.04 -25.13 -25.44
N HIS A 439 -15.19 -25.73 -25.10
CA HIS A 439 -15.82 -25.50 -23.78
C HIS A 439 -14.88 -25.93 -22.64
N ASP A 440 -14.29 -27.12 -22.78
CA ASP A 440 -13.41 -27.68 -21.76
C ASP A 440 -12.11 -26.89 -21.57
N LYS A 441 -11.75 -26.04 -22.54
CA LYS A 441 -10.63 -25.11 -22.39
C LYS A 441 -11.11 -23.81 -21.77
N GLY A 442 -12.42 -23.73 -21.54
CA GLY A 442 -13.03 -22.53 -20.96
C GLY A 442 -13.25 -21.47 -22.02
N LEU A 443 -13.46 -21.90 -23.26
CA LEU A 443 -13.63 -20.97 -24.36
C LEU A 443 -15.06 -20.99 -24.86
N VAL A 444 -15.43 -19.97 -25.63
CA VAL A 444 -16.70 -19.98 -26.37
C VAL A 444 -16.39 -19.72 -27.84
N CYS A 445 -17.30 -20.15 -28.71
CA CYS A 445 -17.06 -20.06 -30.16
C CYS A 445 -18.20 -19.45 -31.01
N GLN A 446 -17.80 -18.65 -32.00
CA GLN A 446 -18.67 -18.43 -33.16
C GLN A 446 -18.26 -19.35 -34.29
N THR A 447 -19.20 -19.67 -35.16
CA THR A 447 -18.82 -20.22 -36.45
C THR A 447 -19.41 -19.35 -37.55
N ASN A 448 -18.81 -19.39 -38.72
CA ASN A 448 -19.26 -18.67 -39.90
C ASN A 448 -20.56 -19.27 -40.46
N ILE A 449 -21.63 -18.48 -40.54
CA ILE A 449 -22.87 -18.88 -41.24
C ILE A 449 -23.30 -17.89 -42.32
N THR A 450 -23.35 -18.37 -43.55
CA THR A 450 -23.93 -17.64 -44.66
C THR A 450 -25.21 -18.32 -45.04
N CYS A 451 -26.02 -17.64 -45.84
CA CYS A 451 -27.28 -18.16 -46.33
C CYS A 451 -27.11 -18.75 -47.73
N PHE A 452 -25.88 -19.14 -48.03
CA PHE A 452 -25.52 -19.85 -49.25
C PHE A 452 -25.69 -21.34 -49.01
N LEU A 453 -26.74 -21.95 -49.58
CA LEU A 453 -27.00 -23.39 -49.38
C LEU A 453 -26.46 -24.22 -50.54
N ARG A 454 -25.26 -24.76 -50.39
CA ARG A 454 -24.55 -25.39 -51.51
C ARG A 454 -25.48 -26.25 -52.36
N ASN A 455 -25.36 -26.11 -53.68
CA ASN A 455 -26.27 -26.74 -54.60
C ASN A 455 -25.66 -27.85 -55.46
N ASP A 456 -24.36 -27.73 -55.74
CA ASP A 456 -23.65 -28.77 -56.49
C ASP A 456 -23.15 -29.80 -55.51
N ASN A 457 -23.92 -30.87 -55.35
CA ASN A 457 -23.68 -31.80 -54.26
C ASN A 457 -23.12 -33.17 -54.68
N GLU A 458 -23.01 -33.36 -56.00
CA GLU A 458 -22.34 -34.53 -56.59
C GLU A 458 -22.81 -35.82 -55.95
N GLY A 459 -24.13 -35.96 -55.81
CA GLY A 459 -24.71 -37.12 -55.14
C GLY A 459 -24.76 -37.00 -53.62
N GLN A 460 -23.65 -36.57 -53.01
CA GLN A 460 -23.52 -36.47 -51.55
C GLN A 460 -24.72 -35.74 -50.97
N ASP A 461 -25.30 -36.29 -49.90
CA ASP A 461 -26.57 -35.80 -49.40
C ASP A 461 -26.40 -34.58 -48.49
N TYR A 462 -27.23 -33.57 -48.72
CA TYR A 462 -27.21 -32.36 -47.90
C TYR A 462 -28.64 -31.97 -47.56
N GLU A 463 -29.07 -32.36 -46.37
CA GLU A 463 -30.45 -32.23 -45.91
C GLU A 463 -30.98 -30.78 -45.92
N VAL A 464 -30.09 -29.79 -45.80
CA VAL A 464 -30.50 -28.38 -45.77
C VAL A 464 -30.91 -27.86 -47.16
N ASN A 465 -30.03 -27.97 -48.15
CA ASN A 465 -30.38 -27.64 -49.54
C ASN A 465 -31.54 -28.48 -50.06
N GLN A 466 -31.59 -29.74 -49.63
CA GLN A 466 -32.64 -30.64 -50.07
C GLN A 466 -34.02 -30.12 -49.65
N THR A 467 -34.21 -29.92 -48.36
CA THR A 467 -35.53 -29.48 -47.86
C THR A 467 -35.98 -28.14 -48.42
N LEU A 468 -35.03 -27.23 -48.64
CA LEU A 468 -35.29 -25.94 -49.29
C LEU A 468 -35.94 -26.13 -50.64
N ARG A 469 -35.35 -27.01 -51.46
CA ARG A 469 -35.91 -27.39 -52.75
C ARG A 469 -37.32 -27.95 -52.59
N GLU A 470 -37.48 -28.86 -51.64
CA GLU A 470 -38.69 -29.64 -51.45
C GLU A 470 -39.89 -28.80 -50.99
N ARG A 471 -39.63 -27.85 -50.10
CA ARG A 471 -40.66 -26.96 -49.57
C ARG A 471 -40.77 -25.63 -50.34
N GLN A 472 -40.09 -25.56 -51.48
CA GLN A 472 -40.06 -24.38 -52.37
C GLN A 472 -39.79 -23.06 -51.63
N LEU A 473 -38.71 -23.05 -50.85
CA LEU A 473 -38.37 -21.90 -50.01
C LEU A 473 -37.18 -21.10 -50.56
N TYR A 474 -36.74 -21.48 -51.75
CA TYR A 474 -35.65 -20.79 -52.44
C TYR A 474 -36.15 -19.62 -53.30
N THR A 475 -35.22 -18.75 -53.63
CA THR A 475 -35.48 -17.62 -54.51
C THR A 475 -35.60 -18.20 -55.90
N LYS A 476 -36.72 -17.91 -56.57
CA LYS A 476 -36.95 -18.39 -57.94
C LYS A 476 -36.18 -17.55 -58.98
N ASN A 477 -36.02 -18.10 -60.18
CA ASN A 477 -35.30 -17.42 -61.27
C ASN A 477 -36.20 -16.59 -62.21
N ASP A 478 -37.21 -15.94 -61.63
CA ASP A 478 -38.14 -15.13 -62.41
C ASP A 478 -37.68 -13.68 -62.44
N SER A 479 -38.09 -12.97 -63.50
CA SER A 479 -37.82 -11.55 -63.67
C SER A 479 -38.83 -10.95 -64.62
N LEU A 480 -38.94 -9.62 -64.58
CA LEU A 480 -39.84 -8.86 -65.46
C LEU A 480 -39.15 -8.45 -66.77
N THR A 481 -37.95 -8.99 -66.99
CA THR A 481 -37.11 -8.60 -68.12
C THR A 481 -36.80 -9.79 -69.01
N GLY A 482 -37.10 -10.99 -68.50
CA GLY A 482 -36.73 -12.25 -69.14
C GLY A 482 -35.22 -12.52 -69.09
N THR A 483 -34.55 -11.97 -68.08
CA THR A 483 -33.10 -12.09 -67.89
C THR A 483 -32.76 -13.53 -67.49
N ASP A 484 -31.82 -14.13 -68.19
CA ASP A 484 -31.47 -15.53 -67.92
C ASP A 484 -30.29 -15.60 -66.97
N PHE A 485 -30.59 -16.02 -65.74
CA PHE A 485 -29.62 -16.02 -64.64
C PHE A 485 -28.62 -17.16 -64.69
N GLY A 486 -28.81 -18.09 -65.63
CA GLY A 486 -27.94 -19.25 -65.78
C GLY A 486 -28.53 -20.48 -65.13
N MET A 487 -28.10 -21.65 -65.58
CA MET A 487 -28.66 -22.91 -65.09
C MET A 487 -27.54 -23.93 -64.93
N THR A 488 -27.78 -24.95 -64.11
CA THR A 488 -26.87 -26.08 -63.98
C THR A 488 -27.62 -27.40 -64.13
N ASP A 489 -26.85 -28.48 -64.06
CA ASP A 489 -27.39 -29.83 -64.10
C ASP A 489 -28.02 -30.26 -62.76
N ASP A 490 -27.79 -29.48 -61.71
CA ASP A 490 -28.35 -29.79 -60.38
C ASP A 490 -29.75 -29.20 -60.22
N GLY A 491 -29.98 -28.04 -60.82
CA GLY A 491 -31.25 -27.35 -60.71
C GLY A 491 -31.52 -26.87 -59.30
N PRO A 492 -32.81 -26.66 -58.94
CA PRO A 492 -34.00 -26.87 -59.75
C PRO A 492 -34.15 -25.90 -60.93
N SER A 493 -35.04 -26.28 -61.85
CA SER A 493 -35.31 -25.55 -63.07
C SER A 493 -35.69 -24.07 -62.85
N ASP A 494 -36.41 -23.78 -61.77
CA ASP A 494 -36.91 -22.43 -61.53
C ASP A 494 -36.23 -21.71 -60.36
N ALA A 495 -35.04 -22.19 -60.00
CA ALA A 495 -34.31 -21.67 -58.87
C ALA A 495 -33.27 -20.68 -59.35
N TYR A 496 -33.05 -19.64 -58.55
CA TYR A 496 -31.91 -18.77 -58.76
C TYR A 496 -30.69 -19.52 -58.28
N ILE A 497 -29.74 -19.76 -59.18
CA ILE A 497 -28.51 -20.44 -58.82
C ILE A 497 -27.33 -19.47 -58.90
N GLY A 498 -26.80 -19.09 -57.74
CA GLY A 498 -25.62 -18.26 -57.67
C GLY A 498 -24.38 -19.09 -57.43
N HIS A 499 -23.23 -18.42 -57.38
CA HIS A 499 -21.97 -19.11 -57.13
C HIS A 499 -21.22 -18.43 -56.00
N LEU A 500 -20.72 -19.25 -55.08
CA LEU A 500 -19.89 -18.81 -53.98
C LEU A 500 -18.44 -19.07 -54.36
N ASP A 501 -17.58 -18.08 -54.19
CA ASP A 501 -16.16 -18.20 -54.50
C ASP A 501 -15.33 -17.52 -53.43
N TYR A 502 -14.45 -18.31 -52.77
CA TYR A 502 -13.57 -17.87 -51.66
C TYR A 502 -12.10 -17.67 -52.06
N GLY A 503 -11.80 -17.80 -53.35
CA GLY A 503 -10.43 -17.68 -53.87
C GLY A 503 -9.68 -18.99 -53.84
N GLY A 504 -8.68 -19.11 -54.71
CA GLY A 504 -7.84 -20.31 -54.81
C GLY A 504 -8.59 -21.62 -55.09
N GLY A 505 -9.67 -21.53 -55.87
CA GLY A 505 -10.45 -22.71 -56.26
C GLY A 505 -11.40 -23.25 -55.19
N VAL A 506 -11.49 -22.55 -54.06
CA VAL A 506 -12.48 -22.90 -53.04
C VAL A 506 -13.82 -22.21 -53.36
N GLU A 507 -14.76 -23.00 -53.88
CA GLU A 507 -16.00 -22.50 -54.46
C GLU A 507 -17.08 -23.60 -54.61
N CYS A 508 -18.32 -23.14 -54.78
CA CYS A 508 -19.46 -24.02 -54.95
C CYS A 508 -20.61 -23.19 -55.51
N ASP A 509 -21.61 -23.90 -56.06
CA ASP A 509 -22.89 -23.32 -56.42
C ASP A 509 -23.79 -23.26 -55.18
N ALA A 510 -24.67 -22.27 -55.13
CA ALA A 510 -25.56 -22.06 -54.00
C ALA A 510 -27.00 -21.88 -54.41
N LEU A 511 -27.90 -22.22 -53.49
CA LEU A 511 -29.29 -21.75 -53.50
C LEU A 511 -29.43 -20.78 -52.34
N PHE A 512 -30.50 -19.98 -52.34
CA PHE A 512 -30.64 -18.94 -51.32
C PHE A 512 -32.06 -18.87 -50.76
N PRO A 513 -32.24 -18.44 -49.49
CA PRO A 513 -33.57 -18.37 -48.87
C PRO A 513 -34.34 -17.15 -49.37
N ASP A 514 -35.55 -17.38 -49.91
CA ASP A 514 -36.47 -16.31 -50.36
C ASP A 514 -37.12 -15.66 -49.14
N TRP A 515 -36.33 -14.91 -48.35
CA TRP A 515 -36.77 -14.44 -47.02
C TRP A 515 -38.21 -13.98 -46.89
N GLY A 516 -38.66 -13.15 -47.83
CA GLY A 516 -40.00 -12.60 -47.79
C GLY A 516 -41.17 -13.57 -47.70
N ARG A 517 -40.91 -14.87 -47.88
CA ARG A 517 -41.99 -15.88 -47.82
C ARG A 517 -42.32 -16.22 -46.38
N PRO A 518 -43.58 -16.63 -46.11
CA PRO A 518 -43.82 -17.27 -44.82
C PRO A 518 -42.94 -18.53 -44.74
N ASP A 519 -42.65 -18.97 -43.53
CA ASP A 519 -42.01 -20.27 -43.35
C ASP A 519 -40.50 -20.26 -43.54
N VAL A 520 -39.99 -19.35 -44.36
CA VAL A 520 -38.55 -19.27 -44.63
C VAL A 520 -37.75 -18.99 -43.34
N ALA A 521 -38.20 -18.01 -42.56
CA ALA A 521 -37.54 -17.66 -41.30
C ALA A 521 -37.52 -18.83 -40.31
N GLU A 522 -38.67 -19.52 -40.18
CA GLU A 522 -38.76 -20.65 -39.26
C GLU A 522 -37.78 -21.71 -39.69
N TRP A 523 -37.86 -22.10 -40.97
CA TRP A 523 -36.92 -23.04 -41.60
C TRP A 523 -35.47 -22.62 -41.38
N TRP A 524 -35.13 -21.39 -41.77
CA TRP A 524 -33.77 -20.91 -41.55
C TRP A 524 -33.32 -21.19 -40.13
N GLY A 525 -34.11 -20.70 -39.18
CA GLY A 525 -33.76 -20.74 -37.77
C GLY A 525 -33.61 -22.12 -37.15
N ASN A 526 -34.38 -23.07 -37.67
CA ASN A 526 -34.34 -24.44 -37.18
C ASN A 526 -33.14 -25.23 -37.65
N ASN A 527 -32.38 -24.65 -38.57
CA ASN A 527 -31.15 -25.29 -39.00
C ASN A 527 -30.08 -25.11 -37.94
N TYR A 528 -30.14 -23.99 -37.21
CA TYR A 528 -29.14 -23.71 -36.18
C TYR A 528 -29.15 -24.75 -35.07
N LYS A 529 -30.25 -25.51 -34.97
CA LYS A 529 -30.32 -26.65 -34.05
C LYS A 529 -29.17 -27.60 -34.25
N LYS A 530 -28.79 -27.81 -35.52
CA LYS A 530 -27.73 -28.74 -35.90
C LYS A 530 -26.33 -28.35 -35.40
N LEU A 531 -26.15 -27.07 -35.03
CA LEU A 531 -24.89 -26.56 -34.49
C LEU A 531 -24.94 -26.21 -33.00
N PHE A 532 -26.15 -25.98 -32.50
CA PHE A 532 -26.31 -25.64 -31.09
C PHE A 532 -26.14 -26.89 -30.22
N SER A 533 -26.61 -28.02 -30.74
CA SER A 533 -26.58 -29.28 -30.00
C SER A 533 -25.21 -29.97 -30.02
N ILE A 534 -24.25 -29.38 -30.72
CA ILE A 534 -22.85 -29.81 -30.66
C ILE A 534 -21.92 -28.76 -30.00
N GLY A 535 -22.51 -27.67 -29.50
CA GLY A 535 -21.82 -26.73 -28.63
C GLY A 535 -21.64 -25.30 -29.10
N LEU A 536 -22.12 -25.00 -30.31
CA LEU A 536 -21.95 -23.65 -30.87
C LEU A 536 -22.54 -22.59 -29.93
N ASP A 537 -21.74 -21.56 -29.61
CA ASP A 537 -22.15 -20.52 -28.68
C ASP A 537 -22.85 -19.36 -29.37
N PHE A 538 -22.19 -18.70 -30.30
CA PHE A 538 -22.82 -17.59 -31.01
C PHE A 538 -22.59 -17.58 -32.52
N VAL A 539 -23.03 -16.52 -33.19
CA VAL A 539 -23.14 -16.57 -34.65
C VAL A 539 -22.36 -15.50 -35.38
N TRP A 540 -21.68 -15.93 -36.42
CA TRP A 540 -20.81 -15.09 -37.20
C TRP A 540 -21.37 -15.03 -38.58
N GLN A 541 -22.29 -14.09 -38.80
CA GLN A 541 -23.04 -14.00 -40.07
C GLN A 541 -22.24 -13.28 -41.15
N ASP A 542 -22.14 -13.88 -42.32
CA ASP A 542 -21.18 -13.42 -43.32
C ASP A 542 -21.75 -13.53 -44.75
N MET A 543 -21.04 -12.95 -45.72
CA MET A 543 -21.44 -12.95 -47.14
C MET A 543 -22.94 -12.65 -47.25
N THR A 544 -23.34 -11.55 -46.61
CA THR A 544 -24.74 -11.27 -46.26
C THR A 544 -25.59 -10.62 -47.36
N VAL A 545 -24.93 -9.96 -48.32
CA VAL A 545 -25.61 -9.24 -49.42
C VAL A 545 -26.74 -10.02 -50.16
N PRO A 546 -26.53 -11.29 -50.52
CA PRO A 546 -25.42 -12.24 -50.38
C PRO A 546 -24.22 -11.86 -51.26
N ALA A 547 -23.02 -11.92 -50.69
CA ALA A 547 -21.78 -11.70 -51.42
C ALA A 547 -21.51 -12.80 -52.47
N MET A 548 -22.26 -12.75 -53.57
CA MET A 548 -22.13 -13.75 -54.66
C MET A 548 -20.94 -13.45 -55.57
N MET A 549 -20.38 -14.48 -56.21
CA MET A 549 -19.25 -14.26 -57.11
C MET A 549 -19.68 -13.34 -58.27
N PRO A 550 -18.87 -12.29 -58.58
CA PRO A 550 -19.14 -11.46 -59.76
C PRO A 550 -19.52 -12.31 -60.97
N HIS A 551 -20.60 -11.95 -61.63
CA HIS A 551 -21.12 -12.73 -62.76
C HIS A 551 -21.78 -11.84 -63.82
N LYS A 552 -21.52 -12.18 -65.09
CA LYS A 552 -22.14 -11.52 -66.21
C LYS A 552 -23.12 -12.49 -66.87
N ILE A 553 -24.36 -12.04 -67.04
CA ILE A 553 -25.39 -12.81 -67.74
C ILE A 553 -24.89 -13.35 -69.07
N GLY A 554 -24.94 -14.67 -69.20
CA GLY A 554 -24.55 -15.33 -70.45
C GLY A 554 -23.26 -16.13 -70.34
N ASP A 555 -22.65 -16.08 -69.16
CA ASP A 555 -21.49 -16.91 -68.81
C ASP A 555 -21.92 -18.04 -67.85
N ASP A 556 -21.21 -19.16 -67.85
CA ASP A 556 -21.52 -20.25 -66.91
C ASP A 556 -21.51 -19.74 -65.47
N ILE A 557 -22.35 -20.34 -64.63
CA ILE A 557 -22.45 -19.99 -63.20
C ILE A 557 -21.08 -19.88 -62.53
N ASN A 558 -20.13 -20.74 -62.93
CA ASN A 558 -18.80 -20.77 -62.31
C ASN A 558 -17.79 -19.78 -62.92
N VAL A 559 -18.23 -19.04 -63.95
CA VAL A 559 -17.34 -18.11 -64.64
C VAL A 559 -17.64 -16.67 -64.26
N LYS A 560 -16.61 -15.97 -63.80
CA LYS A 560 -16.74 -14.55 -63.47
C LYS A 560 -16.23 -13.67 -64.61
N PRO A 561 -16.65 -12.39 -64.67
CA PRO A 561 -16.14 -11.50 -65.72
C PRO A 561 -14.67 -11.08 -65.54
N ASP A 562 -14.07 -10.57 -66.61
CA ASP A 562 -12.80 -9.87 -66.51
C ASP A 562 -12.82 -8.84 -65.37
N GLY A 563 -11.77 -8.82 -64.55
CA GLY A 563 -11.65 -7.87 -63.45
C GLY A 563 -12.13 -6.48 -63.82
N ASN A 564 -11.70 -6.02 -64.99
CA ASN A 564 -12.01 -4.67 -65.50
C ASN A 564 -13.47 -4.40 -65.90
N TRP A 565 -14.25 -5.45 -66.06
CA TRP A 565 -15.65 -5.30 -66.47
C TRP A 565 -16.56 -5.36 -65.26
N PRO A 566 -17.59 -4.52 -65.22
CA PRO A 566 -17.95 -3.45 -66.14
C PRO A 566 -17.18 -2.16 -65.87
N ASN A 567 -17.18 -1.27 -66.86
CA ASN A 567 -16.59 0.06 -66.76
C ASN A 567 -17.43 1.09 -67.52
N ALA A 568 -17.01 2.35 -67.52
CA ALA A 568 -17.76 3.41 -68.18
C ALA A 568 -17.83 3.32 -69.72
N ASP A 569 -16.83 2.67 -70.34
CA ASP A 569 -16.80 2.50 -71.81
C ASP A 569 -17.56 1.27 -72.24
N ASP A 570 -17.70 0.35 -71.29
CA ASP A 570 -18.20 -0.97 -71.53
C ASP A 570 -19.10 -1.26 -70.34
N PRO A 571 -20.26 -0.56 -70.26
CA PRO A 571 -21.08 -0.60 -69.04
C PRO A 571 -21.72 -1.94 -68.79
N SER A 572 -22.33 -2.10 -67.63
CA SER A 572 -23.09 -3.30 -67.30
C SER A 572 -24.27 -3.52 -68.25
N ASN A 573 -25.04 -2.45 -68.52
CA ASN A 573 -26.28 -2.55 -69.30
C ASN A 573 -27.14 -3.74 -68.91
N GLY A 574 -27.33 -3.91 -67.60
CA GLY A 574 -28.22 -4.94 -67.04
C GLY A 574 -27.69 -6.37 -67.13
N GLN A 575 -26.37 -6.53 -67.11
CA GLN A 575 -25.74 -7.86 -67.24
C GLN A 575 -24.92 -8.26 -66.02
N TYR A 576 -24.39 -7.27 -65.30
CA TYR A 576 -23.61 -7.48 -64.09
C TYR A 576 -24.48 -7.72 -62.86
N ASN A 577 -24.03 -8.62 -62.00
CA ASN A 577 -24.75 -8.97 -60.77
C ASN A 577 -24.32 -8.15 -59.57
N TRP A 578 -23.43 -7.19 -59.81
CA TRP A 578 -22.81 -6.37 -58.74
C TRP A 578 -22.53 -7.17 -57.48
N LYS A 579 -22.09 -8.41 -57.68
CA LYS A 579 -21.56 -9.28 -56.62
C LYS A 579 -22.61 -9.72 -55.58
N THR A 580 -23.82 -9.93 -56.09
CA THR A 580 -24.95 -10.44 -55.31
C THR A 580 -25.92 -11.00 -56.33
N TYR A 581 -27.19 -11.10 -55.96
CA TYR A 581 -28.27 -11.32 -56.90
C TYR A 581 -28.18 -10.37 -58.10
N HIS A 582 -28.37 -10.92 -59.30
CA HIS A 582 -28.61 -10.09 -60.47
C HIS A 582 -29.86 -9.24 -60.20
N PRO A 583 -29.72 -7.90 -60.24
CA PRO A 583 -30.67 -6.96 -59.63
C PRO A 583 -32.12 -7.16 -60.06
N GLN A 584 -32.33 -7.85 -61.18
CA GLN A 584 -33.66 -8.07 -61.74
C GLN A 584 -34.46 -9.22 -61.13
N VAL A 585 -33.82 -10.10 -60.36
CA VAL A 585 -34.52 -11.27 -59.80
C VAL A 585 -35.72 -10.87 -58.93
N LEU A 586 -36.86 -11.51 -59.18
CA LEU A 586 -38.06 -11.28 -58.37
C LEU A 586 -37.98 -11.96 -57.01
N VAL A 587 -37.57 -11.21 -55.98
CA VAL A 587 -37.59 -11.69 -54.61
C VAL A 587 -38.92 -11.33 -53.95
N THR A 588 -39.43 -12.20 -53.08
CA THR A 588 -40.68 -11.96 -52.35
C THR A 588 -40.50 -10.79 -51.36
N ASP A 589 -41.44 -9.84 -51.37
CA ASP A 589 -41.24 -8.56 -50.67
C ASP A 589 -40.81 -8.80 -49.25
N MET A 590 -39.72 -8.15 -48.87
CA MET A 590 -39.17 -8.21 -47.53
C MET A 590 -39.63 -7.03 -46.66
N ARG A 591 -40.06 -5.94 -47.30
CA ARG A 591 -40.43 -4.71 -46.61
C ARG A 591 -41.89 -4.75 -46.15
N TYR A 592 -42.71 -5.41 -46.97
CA TYR A 592 -44.16 -5.54 -46.76
C TYR A 592 -44.54 -7.01 -46.85
N GLU A 593 -44.98 -7.59 -45.74
CA GLU A 593 -45.42 -8.98 -45.75
C GLU A 593 -46.68 -9.14 -46.60
N ASN A 594 -46.80 -10.30 -47.25
CA ASN A 594 -48.02 -10.63 -48.02
C ASN A 594 -48.42 -9.50 -48.97
N HIS A 595 -47.44 -9.00 -49.71
CA HIS A 595 -47.61 -7.87 -50.59
C HIS A 595 -47.18 -8.21 -52.02
N GLY A 596 -46.38 -9.27 -52.17
CA GLY A 596 -46.05 -9.82 -53.50
C GLY A 596 -44.57 -10.00 -53.70
N ARG A 597 -44.16 -10.00 -54.96
CA ARG A 597 -42.75 -10.03 -55.34
C ARG A 597 -42.30 -8.73 -56.04
N GLU A 598 -41.03 -8.38 -55.87
CA GLU A 598 -40.44 -7.14 -56.40
C GLU A 598 -39.01 -7.46 -56.83
N PRO A 599 -38.48 -6.78 -57.87
CA PRO A 599 -37.08 -7.02 -58.22
C PRO A 599 -36.14 -6.53 -57.12
N MET A 600 -35.05 -7.28 -56.90
CA MET A 600 -34.17 -7.04 -55.76
C MET A 600 -33.62 -5.63 -55.68
N VAL A 601 -33.62 -4.92 -56.81
CA VAL A 601 -33.10 -3.56 -56.88
C VAL A 601 -33.80 -2.66 -55.86
N THR A 602 -35.07 -2.99 -55.63
CA THR A 602 -35.93 -2.23 -54.73
C THR A 602 -35.51 -2.33 -53.27
N GLN A 603 -34.92 -3.44 -52.88
CA GLN A 603 -34.70 -3.67 -51.46
C GLN A 603 -33.38 -4.33 -51.13
N ARG A 604 -32.38 -4.06 -51.96
CA ARG A 604 -31.05 -4.63 -51.78
C ARG A 604 -30.55 -4.47 -50.34
N ASN A 605 -30.69 -3.27 -49.79
CA ASN A 605 -30.11 -2.91 -48.47
C ASN A 605 -30.79 -3.49 -47.22
N ILE A 606 -31.73 -4.40 -47.42
CA ILE A 606 -32.48 -5.07 -46.33
C ILE A 606 -32.30 -6.61 -46.28
N HIS A 607 -31.59 -7.18 -47.24
CA HIS A 607 -31.34 -8.62 -47.24
C HIS A 607 -30.59 -9.07 -45.99
N ALA A 608 -29.47 -8.44 -45.68
CA ALA A 608 -28.70 -8.80 -44.50
C ALA A 608 -29.45 -8.58 -43.15
N TYR A 609 -30.22 -7.49 -43.06
CA TYR A 609 -31.09 -7.19 -41.92
C TYR A 609 -32.01 -8.35 -41.67
N THR A 610 -32.79 -8.70 -42.69
CA THR A 610 -33.73 -9.80 -42.62
C THR A 610 -33.02 -11.08 -42.19
N LEU A 611 -31.85 -11.34 -42.79
CA LEU A 611 -31.04 -12.54 -42.52
C LEU A 611 -30.61 -12.59 -41.06
N CYS A 612 -30.09 -11.46 -40.55
CA CYS A 612 -29.81 -11.33 -39.12
C CYS A 612 -31.06 -11.48 -38.26
N GLU A 613 -32.13 -10.78 -38.64
CA GLU A 613 -33.44 -10.90 -37.98
C GLU A 613 -33.89 -12.35 -37.75
N SER A 614 -33.76 -13.19 -38.77
CA SER A 614 -34.29 -14.54 -38.73
C SER A 614 -33.43 -15.45 -37.87
N THR A 615 -32.11 -15.23 -37.91
CA THR A 615 -31.21 -15.97 -37.07
C THR A 615 -31.46 -15.64 -35.60
N ARG A 616 -31.71 -14.35 -35.30
CA ARG A 616 -31.97 -13.93 -33.90
C ARG A 616 -33.27 -14.47 -33.28
N LYS A 617 -34.33 -14.62 -34.11
CA LYS A 617 -35.67 -14.86 -33.61
C LYS A 617 -36.09 -16.32 -33.82
N GLU A 618 -35.79 -16.86 -34.99
CA GLU A 618 -36.05 -18.25 -35.22
C GLU A 618 -34.88 -19.15 -34.84
N GLY A 619 -33.66 -18.64 -34.99
CA GLY A 619 -32.49 -19.37 -34.53
C GLY A 619 -32.27 -19.25 -33.02
N ILE A 620 -31.66 -18.14 -32.61
CA ILE A 620 -31.19 -17.96 -31.24
C ILE A 620 -32.29 -17.96 -30.15
N VAL A 621 -33.46 -17.40 -30.44
CA VAL A 621 -34.48 -17.23 -29.41
C VAL A 621 -35.38 -18.45 -29.31
N GLU A 622 -35.90 -18.94 -30.43
CA GLU A 622 -36.81 -20.10 -30.47
C GLU A 622 -36.19 -21.43 -30.06
N ASN A 623 -34.95 -21.66 -30.46
CA ASN A 623 -34.15 -22.77 -29.98
C ASN A 623 -33.17 -22.37 -28.86
N ALA A 624 -33.53 -21.42 -28.01
CA ALA A 624 -32.64 -21.07 -26.89
C ALA A 624 -32.33 -22.29 -26.04
N ASP A 625 -33.25 -23.27 -26.11
CA ASP A 625 -33.14 -24.51 -25.32
C ASP A 625 -32.05 -25.43 -25.80
N THR A 626 -31.69 -25.34 -27.08
CA THR A 626 -30.72 -26.26 -27.65
C THR A 626 -29.29 -25.77 -27.44
N LEU A 627 -29.12 -24.48 -27.15
CA LEU A 627 -27.82 -23.98 -26.76
C LEU A 627 -27.38 -24.76 -25.52
N THR A 628 -26.06 -24.82 -25.30
CA THR A 628 -25.51 -25.68 -24.27
C THR A 628 -25.14 -24.95 -22.98
N LYS A 629 -23.96 -24.36 -22.95
CA LYS A 629 -23.39 -23.78 -21.73
C LYS A 629 -24.04 -22.42 -21.38
N PHE A 630 -24.40 -21.66 -22.41
CA PHE A 630 -24.99 -20.33 -22.25
C PHE A 630 -26.23 -20.21 -23.09
N ARG A 631 -27.34 -19.87 -22.44
CA ARG A 631 -28.65 -19.81 -23.12
C ARG A 631 -28.79 -18.56 -24.01
N ARG A 632 -28.26 -17.42 -23.54
CA ARG A 632 -28.26 -16.19 -24.34
C ARG A 632 -27.17 -16.31 -25.39
N SER A 633 -27.40 -15.70 -26.54
CA SER A 633 -26.41 -15.76 -27.61
C SER A 633 -26.33 -14.41 -28.30
N TYR A 634 -25.60 -14.35 -29.41
CA TYR A 634 -25.42 -13.10 -30.14
C TYR A 634 -25.15 -13.39 -31.61
N ILE A 635 -25.08 -12.32 -32.40
CA ILE A 635 -24.77 -12.40 -33.82
C ILE A 635 -23.75 -11.31 -34.10
N ILE A 636 -22.63 -11.71 -34.71
CA ILE A 636 -21.73 -10.73 -35.31
C ILE A 636 -21.94 -10.81 -36.83
N SER A 637 -22.48 -9.74 -37.38
CA SER A 637 -22.88 -9.72 -38.79
C SER A 637 -21.98 -8.80 -39.63
N ARG A 638 -21.82 -9.12 -40.93
CA ARG A 638 -20.95 -8.33 -41.82
C ARG A 638 -21.70 -7.17 -42.50
N GLY A 639 -23.00 -7.35 -42.70
CA GLY A 639 -23.86 -6.31 -43.24
C GLY A 639 -25.27 -6.27 -42.65
N GLY A 640 -25.95 -5.15 -42.85
CA GLY A 640 -27.31 -4.95 -42.34
C GLY A 640 -27.79 -3.54 -42.63
N TYR A 641 -28.90 -3.18 -42.02
CA TYR A 641 -29.52 -1.86 -42.17
C TYR A 641 -29.54 -1.20 -40.80
N ILE A 642 -29.82 0.09 -40.75
CA ILE A 642 -30.30 0.72 -39.53
C ILE A 642 -31.32 -0.22 -38.89
N GLY A 643 -31.20 -0.37 -37.57
CA GLY A 643 -32.07 -1.23 -36.78
C GLY A 643 -31.44 -2.57 -36.46
N ASN A 644 -30.34 -2.89 -37.13
CA ASN A 644 -29.74 -4.24 -37.01
C ASN A 644 -29.32 -4.59 -35.58
N GLN A 645 -29.30 -3.58 -34.68
CA GLN A 645 -28.85 -3.73 -33.29
C GLN A 645 -29.77 -4.52 -32.35
N HIS A 646 -31.00 -4.77 -32.81
CA HIS A 646 -31.89 -5.70 -32.13
C HIS A 646 -31.61 -7.18 -32.54
N PHE A 647 -30.57 -7.41 -33.31
CA PHE A 647 -30.20 -8.77 -33.70
C PHE A 647 -28.84 -9.07 -33.15
N GLY A 648 -27.96 -8.07 -33.26
CA GLY A 648 -26.67 -8.13 -32.59
C GLY A 648 -25.76 -7.05 -33.10
N GLY A 649 -24.51 -7.42 -33.30
CA GLY A 649 -23.47 -6.45 -33.64
C GLY A 649 -22.86 -6.70 -35.00
N MET A 650 -21.75 -6.00 -35.25
CA MET A 650 -21.09 -5.95 -36.55
C MET A 650 -19.57 -6.00 -36.44
N TRP A 651 -18.94 -6.64 -37.41
CA TRP A 651 -17.54 -6.33 -37.71
C TRP A 651 -17.50 -5.76 -39.13
N VAL A 652 -16.51 -4.92 -39.40
CA VAL A 652 -16.49 -4.11 -40.62
C VAL A 652 -15.78 -4.86 -41.74
N GLY A 653 -16.30 -6.05 -42.05
CA GLY A 653 -15.86 -6.85 -43.16
C GLY A 653 -14.36 -6.97 -43.28
N ASP A 654 -13.89 -6.99 -44.52
CA ASP A 654 -12.49 -7.30 -44.85
C ASP A 654 -11.59 -6.08 -44.91
N ASN A 655 -11.00 -5.71 -43.78
CA ASN A 655 -10.00 -4.64 -43.81
C ASN A 655 -8.64 -5.22 -44.19
N SER A 656 -7.63 -4.37 -44.31
CA SER A 656 -6.30 -4.85 -44.58
C SER A 656 -5.39 -4.41 -43.45
N THR A 657 -4.09 -4.61 -43.63
CA THR A 657 -3.13 -4.50 -42.53
C THR A 657 -2.21 -3.31 -42.77
N THR A 658 -2.75 -2.10 -42.66
CA THR A 658 -1.98 -0.86 -42.78
C THR A 658 -2.45 0.14 -41.75
N SER A 659 -1.66 1.21 -41.53
CA SER A 659 -2.02 2.32 -40.63
C SER A 659 -3.39 2.92 -41.00
N ASN A 660 -3.61 3.14 -42.28
CA ASN A 660 -4.88 3.68 -42.76
C ASN A 660 -6.05 2.92 -42.22
N TYR A 661 -5.93 1.60 -42.18
CA TYR A 661 -7.02 0.73 -41.72
C TYR A 661 -7.25 0.78 -40.21
N ILE A 662 -6.23 1.16 -39.45
CA ILE A 662 -6.36 1.46 -38.00
C ILE A 662 -7.16 2.76 -37.80
N GLN A 663 -6.73 3.77 -38.54
CA GLN A 663 -7.47 5.01 -38.69
C GLN A 663 -8.95 4.77 -38.98
N MET A 664 -9.23 3.99 -40.03
CA MET A 664 -10.61 3.74 -40.45
C MET A 664 -11.39 2.99 -39.38
N MET A 665 -10.71 2.09 -38.66
CA MET A 665 -11.38 1.21 -37.70
C MET A 665 -12.00 2.01 -36.58
N ILE A 666 -11.21 2.95 -36.06
CA ILE A 666 -11.64 3.89 -35.04
C ILE A 666 -12.77 4.77 -35.58
N ALA A 667 -12.67 5.19 -36.83
CA ALA A 667 -13.66 6.09 -37.41
C ALA A 667 -14.97 5.34 -37.68
N ASN A 668 -14.87 4.15 -38.23
CA ASN A 668 -16.05 3.30 -38.38
C ASN A 668 -16.70 3.03 -37.03
N ASN A 669 -15.89 2.82 -36.00
CA ASN A 669 -16.49 2.52 -34.73
C ASN A 669 -17.29 3.69 -34.19
N ILE A 670 -16.71 4.87 -34.30
CA ILE A 670 -17.37 6.06 -33.80
C ILE A 670 -18.67 6.26 -34.59
N ASN A 671 -18.59 6.19 -35.92
CA ASN A 671 -19.73 6.48 -36.80
C ASN A 671 -20.82 5.43 -36.74
N MET A 672 -20.42 4.18 -36.58
CA MET A 672 -21.36 3.10 -36.43
C MET A 672 -22.19 3.21 -35.15
N ASN A 673 -21.54 3.52 -34.03
CA ASN A 673 -22.21 3.79 -32.75
C ASN A 673 -23.33 4.82 -32.86
N MET A 674 -22.98 5.97 -33.45
CA MET A 674 -23.94 7.05 -33.63
C MET A 674 -25.02 6.75 -34.69
N SER A 675 -24.90 5.60 -35.36
CA SER A 675 -25.94 5.12 -36.30
C SER A 675 -26.76 4.03 -35.62
N CYS A 676 -26.67 4.03 -34.29
CA CYS A 676 -27.37 3.08 -33.45
C CYS A 676 -26.90 1.64 -33.57
N LEU A 677 -25.63 1.43 -33.88
CA LEU A 677 -25.02 0.10 -33.91
C LEU A 677 -23.74 0.15 -33.03
N PRO A 678 -23.90 -0.13 -31.73
CA PRO A 678 -22.84 0.08 -30.76
C PRO A 678 -21.79 -0.99 -30.77
N LEU A 679 -22.22 -2.26 -30.81
CA LEU A 679 -21.30 -3.39 -30.67
C LEU A 679 -20.67 -3.79 -32.01
N VAL A 680 -19.65 -3.02 -32.36
CA VAL A 680 -19.01 -3.10 -33.67
C VAL A 680 -17.51 -3.09 -33.48
N GLY A 681 -16.77 -3.49 -34.51
CA GLY A 681 -15.33 -3.36 -34.48
C GLY A 681 -14.72 -3.87 -35.77
N SER A 682 -13.41 -3.72 -35.89
CA SER A 682 -12.70 -4.21 -37.06
C SER A 682 -11.76 -5.35 -36.70
N ASP A 683 -11.43 -6.21 -37.66
CA ASP A 683 -10.44 -7.27 -37.42
C ASP A 683 -9.08 -6.72 -36.96
N ILE A 684 -8.59 -7.14 -35.81
CA ILE A 684 -7.33 -6.60 -35.28
C ILE A 684 -6.14 -7.19 -36.02
N GLY A 685 -5.33 -6.30 -36.60
CA GLY A 685 -4.22 -6.72 -37.46
C GLY A 685 -4.59 -6.65 -38.92
N GLY A 686 -5.88 -6.58 -39.22
CA GLY A 686 -6.39 -6.47 -40.59
C GLY A 686 -6.53 -7.85 -41.16
N PHE A 687 -7.63 -8.09 -41.88
CA PHE A 687 -7.94 -9.41 -42.45
C PHE A 687 -7.02 -9.79 -43.59
N THR A 688 -7.08 -9.05 -44.69
CA THR A 688 -6.36 -9.42 -45.94
C THR A 688 -4.85 -9.14 -45.88
N SER A 689 -4.12 -9.72 -46.83
CA SER A 689 -2.69 -9.41 -47.08
C SER A 689 -2.46 -7.94 -47.42
N TYR A 690 -1.24 -7.47 -47.18
CA TYR A 690 -0.90 -6.05 -47.41
C TYR A 690 0.41 -5.83 -48.19
N ASP A 691 1.30 -6.82 -48.16
CA ASP A 691 2.62 -6.67 -48.77
C ASP A 691 2.54 -7.08 -50.24
N ASN A 692 2.76 -6.09 -51.10
CA ASN A 692 2.62 -6.27 -52.54
C ASN A 692 3.71 -7.14 -53.21
N GLU A 693 4.86 -7.30 -52.55
CA GLU A 693 5.98 -8.11 -53.09
C GLU A 693 5.86 -9.58 -52.68
N ASN A 694 5.08 -9.85 -51.64
CA ASN A 694 4.87 -11.17 -51.10
C ASN A 694 3.69 -11.10 -50.14
N GLN A 695 2.59 -11.70 -50.54
CA GLN A 695 1.34 -11.60 -49.79
C GLN A 695 1.37 -12.29 -48.40
N ARG A 696 2.28 -13.25 -48.21
CA ARG A 696 2.30 -14.04 -46.99
C ARG A 696 2.98 -13.34 -45.80
N THR A 697 3.66 -12.23 -46.07
CA THR A 697 4.27 -11.43 -45.00
C THR A 697 3.23 -11.01 -43.95
N PRO A 698 3.41 -11.44 -42.69
CA PRO A 698 2.44 -11.12 -41.66
C PRO A 698 2.53 -9.67 -41.18
N CYS A 699 1.48 -9.22 -40.50
CA CYS A 699 1.48 -7.90 -39.85
C CYS A 699 2.77 -7.72 -39.08
N THR A 700 3.34 -6.52 -39.12
CA THR A 700 4.53 -6.26 -38.33
C THR A 700 4.12 -6.18 -36.86
N GLY A 701 5.09 -6.38 -35.97
CA GLY A 701 4.86 -6.25 -34.54
C GLY A 701 4.44 -4.85 -34.08
N ASP A 702 4.95 -3.80 -34.73
CA ASP A 702 4.58 -2.44 -34.32
C ASP A 702 3.20 -2.05 -34.81
N LEU A 703 2.81 -2.52 -36.00
CA LEU A 703 1.44 -2.30 -36.47
C LEU A 703 0.43 -3.10 -35.64
N MET A 704 0.80 -4.30 -35.21
CA MET A 704 -0.10 -5.14 -34.40
C MET A 704 -0.31 -4.55 -33.00
N VAL A 705 0.78 -4.09 -32.38
CA VAL A 705 0.68 -3.31 -31.13
C VAL A 705 -0.33 -2.16 -31.26
N ARG A 706 -0.14 -1.31 -32.26
CA ARG A 706 -1.04 -0.18 -32.44
C ARG A 706 -2.46 -0.62 -32.85
N TYR A 707 -2.55 -1.72 -33.58
CA TYR A 707 -3.83 -2.25 -33.92
C TYR A 707 -4.51 -2.69 -32.64
N VAL A 708 -3.74 -3.35 -31.76
CA VAL A 708 -4.33 -3.89 -30.52
C VAL A 708 -4.77 -2.75 -29.60
N GLN A 709 -3.89 -1.76 -29.45
CA GLN A 709 -4.11 -0.62 -28.55
C GLN A 709 -5.29 0.28 -28.95
N ALA A 710 -5.49 0.47 -30.26
CA ALA A 710 -6.62 1.23 -30.76
C ALA A 710 -7.91 0.45 -30.52
N GLY A 711 -7.88 -0.86 -30.71
CA GLY A 711 -9.09 -1.66 -30.58
C GLY A 711 -9.41 -2.21 -29.21
N CYS A 712 -8.49 -2.12 -28.26
CA CYS A 712 -8.61 -2.83 -26.98
C CYS A 712 -9.75 -2.40 -26.07
N LEU A 713 -10.37 -1.25 -26.33
CA LEU A 713 -11.54 -0.82 -25.56
C LEU A 713 -12.76 -0.60 -26.46
N LEU A 714 -12.62 -0.86 -27.76
CA LEU A 714 -13.75 -0.85 -28.70
C LEU A 714 -14.62 -2.10 -28.48
N PRO A 715 -15.90 -2.04 -28.84
CA PRO A 715 -16.82 -3.06 -28.30
C PRO A 715 -16.55 -4.49 -28.78
N TRP A 716 -16.21 -4.68 -30.06
CA TRP A 716 -15.92 -6.02 -30.59
C TRP A 716 -14.41 -6.20 -30.92
N PHE A 717 -13.77 -7.16 -30.26
CA PHE A 717 -12.30 -7.30 -30.25
C PHE A 717 -11.84 -8.70 -30.71
N ARG A 718 -11.64 -8.82 -32.01
CA ARG A 718 -11.33 -10.11 -32.61
C ARG A 718 -10.18 -9.91 -33.56
N ASN A 719 -9.08 -10.62 -33.31
CA ASN A 719 -8.01 -10.74 -34.27
C ASN A 719 -8.46 -11.82 -35.23
N HIS A 720 -8.66 -11.43 -36.47
CA HIS A 720 -9.01 -12.36 -37.52
C HIS A 720 -8.20 -12.03 -38.77
N TYR A 721 -7.94 -13.04 -39.59
CA TYR A 721 -7.14 -12.87 -40.79
C TYR A 721 -7.30 -14.01 -41.79
N ASP A 722 -7.00 -13.68 -43.05
CA ASP A 722 -6.90 -14.66 -44.11
C ASP A 722 -5.54 -15.35 -44.03
N ARG A 723 -5.52 -16.63 -43.66
CA ARG A 723 -4.27 -17.38 -43.50
C ARG A 723 -3.91 -18.17 -44.77
N TRP A 724 -2.71 -17.95 -45.29
CA TRP A 724 -2.22 -18.71 -46.43
C TRP A 724 -1.98 -20.15 -46.00
N ILE A 725 -2.70 -21.08 -46.64
CA ILE A 725 -2.43 -22.49 -46.51
C ILE A 725 -2.37 -23.10 -47.90
N GLU A 726 -1.87 -24.33 -48.00
CA GLU A 726 -1.66 -24.93 -49.31
C GLU A 726 -2.96 -25.09 -50.10
N SER A 727 -4.05 -25.33 -49.40
CA SER A 727 -5.35 -25.67 -50.00
C SER A 727 -6.22 -24.44 -50.30
N LYS A 728 -5.79 -23.30 -49.78
CA LYS A 728 -6.41 -22.01 -50.02
C LYS A 728 -5.24 -21.01 -50.04
N ASP A 729 -4.62 -20.84 -51.22
CA ASP A 729 -3.34 -20.14 -51.34
C ASP A 729 -3.42 -18.60 -51.47
N HIS A 730 -4.19 -18.00 -50.56
CA HIS A 730 -4.10 -16.57 -50.35
C HIS A 730 -4.17 -16.30 -48.86
N GLY A 731 -3.45 -15.26 -48.44
CA GLY A 731 -3.42 -14.87 -47.04
C GLY A 731 -2.02 -14.67 -46.52
N LYS A 732 -1.92 -14.44 -45.21
CA LYS A 732 -0.66 -14.22 -44.51
C LYS A 732 -0.28 -15.46 -43.68
N ASP A 733 0.98 -15.56 -43.28
CA ASP A 733 1.49 -16.75 -42.58
C ASP A 733 0.84 -16.97 -41.20
N TYR A 734 0.60 -15.89 -40.48
CA TYR A 734 0.05 -15.92 -39.11
C TYR A 734 -0.37 -14.51 -38.65
N GLN A 735 -0.93 -14.37 -37.46
CA GLN A 735 -1.34 -13.04 -36.99
C GLN A 735 -1.74 -13.10 -35.53
N GLU A 736 -1.64 -14.29 -34.97
CA GLU A 736 -2.02 -14.54 -33.61
C GLU A 736 -1.04 -13.78 -32.71
N LEU A 737 -1.51 -13.30 -31.57
CA LEU A 737 -0.75 -12.37 -30.73
C LEU A 737 0.51 -12.98 -30.15
N TYR A 738 0.44 -14.28 -29.86
CA TYR A 738 1.54 -15.01 -29.23
C TYR A 738 2.71 -15.23 -30.18
N MET A 739 2.43 -15.08 -31.47
CA MET A 739 3.44 -15.19 -32.51
C MET A 739 4.30 -13.92 -32.62
N TYR A 740 4.15 -12.99 -31.68
CA TYR A 740 4.93 -11.76 -31.69
C TYR A 740 5.76 -11.69 -30.41
N PRO A 741 6.92 -12.39 -30.40
CA PRO A 741 7.72 -12.56 -29.18
C PRO A 741 8.24 -11.26 -28.61
N ASN A 742 8.61 -10.30 -29.45
CA ASN A 742 9.18 -9.04 -28.97
C ASN A 742 8.13 -8.15 -28.35
N GLU A 743 6.90 -8.31 -28.79
CA GLU A 743 5.83 -7.42 -28.40
C GLU A 743 4.81 -8.15 -27.52
N MET A 744 5.07 -9.44 -27.27
CA MET A 744 4.17 -10.30 -26.48
C MET A 744 3.72 -9.71 -25.15
N ASP A 745 4.66 -9.21 -24.35
CA ASP A 745 4.34 -8.60 -23.06
C ASP A 745 3.36 -7.40 -23.18
N THR A 746 3.58 -6.52 -24.15
CA THR A 746 2.70 -5.39 -24.37
C THR A 746 1.37 -5.86 -24.94
N LEU A 747 1.47 -6.78 -25.89
CA LEU A 747 0.29 -7.33 -26.50
C LEU A 747 -0.60 -7.83 -25.40
N ARG A 748 -0.09 -8.71 -24.53
CA ARG A 748 -0.88 -9.34 -23.46
C ARG A 748 -1.43 -8.37 -22.39
N LYS A 749 -0.62 -7.38 -21.99
CA LYS A 749 -1.02 -6.43 -20.94
C LYS A 749 -2.18 -5.51 -21.35
N PHE A 750 -2.22 -5.13 -22.63
CA PHE A 750 -3.39 -4.42 -23.16
C PHE A 750 -4.64 -5.29 -23.25
N VAL A 751 -4.48 -6.60 -23.40
CA VAL A 751 -5.64 -7.51 -23.34
C VAL A 751 -6.09 -7.72 -21.90
N GLU A 752 -5.15 -7.94 -20.97
CA GLU A 752 -5.48 -7.88 -19.53
C GLU A 752 -6.28 -6.62 -19.13
N PHE A 753 -5.73 -5.47 -19.50
CA PHE A 753 -6.31 -4.15 -19.22
C PHE A 753 -7.78 -4.05 -19.64
N ARG A 754 -8.09 -4.57 -20.82
CA ARG A 754 -9.45 -4.64 -21.31
C ARG A 754 -10.30 -5.51 -20.37
N TYR A 755 -9.72 -6.62 -19.93
CA TYR A 755 -10.43 -7.63 -19.13
C TYR A 755 -10.76 -7.13 -17.73
N ARG A 756 -9.86 -6.33 -17.17
CA ARG A 756 -10.12 -5.62 -15.93
C ARG A 756 -11.27 -4.63 -16.04
N TRP A 757 -11.49 -4.10 -17.24
CA TRP A 757 -12.51 -3.07 -17.48
C TRP A 757 -13.70 -3.65 -18.24
N GLN A 758 -13.93 -4.94 -18.07
CA GLN A 758 -14.99 -5.66 -18.77
C GLN A 758 -16.38 -5.19 -18.31
N GLU A 759 -16.47 -4.77 -17.05
CA GLU A 759 -17.71 -4.22 -16.53
C GLU A 759 -17.97 -2.82 -17.06
N VAL A 760 -16.91 -2.06 -17.32
CA VAL A 760 -17.06 -0.77 -17.98
C VAL A 760 -17.69 -0.94 -19.38
N LEU A 761 -17.24 -1.96 -20.11
CA LEU A 761 -17.85 -2.30 -21.41
C LEU A 761 -19.30 -2.76 -21.26
N TYR A 762 -19.51 -3.74 -20.40
CA TYR A 762 -20.81 -4.33 -20.16
C TYR A 762 -21.88 -3.34 -19.66
N THR A 763 -21.50 -2.46 -18.73
CA THR A 763 -22.40 -1.42 -18.24
C THR A 763 -22.75 -0.47 -19.39
N ALA A 764 -21.72 -0.02 -20.10
CA ALA A 764 -21.91 0.79 -21.28
C ALA A 764 -22.90 0.12 -22.21
N MET A 765 -22.84 -1.18 -22.35
CA MET A 765 -23.76 -1.87 -23.22
C MET A 765 -25.16 -1.89 -22.63
N TYR A 766 -25.29 -2.21 -21.34
CA TYR A 766 -26.58 -2.02 -20.68
C TYR A 766 -27.17 -0.63 -20.96
N GLN A 767 -26.41 0.42 -20.69
CA GLN A 767 -26.86 1.80 -20.90
C GLN A 767 -27.31 1.96 -22.33
N ASN A 768 -26.72 1.18 -23.24
CA ASN A 768 -27.18 1.22 -24.62
C ASN A 768 -28.49 0.48 -24.78
N ALA A 769 -28.65 -0.65 -24.10
CA ALA A 769 -29.86 -1.44 -24.28
C ALA A 769 -31.04 -0.78 -23.61
N ALA A 770 -30.79 -0.15 -22.47
CA ALA A 770 -31.86 0.52 -21.76
C ALA A 770 -32.15 1.93 -22.28
N PHE A 771 -31.10 2.65 -22.66
CA PHE A 771 -31.25 4.09 -22.92
C PHE A 771 -30.74 4.54 -24.27
N GLY A 772 -30.17 3.61 -25.04
CA GLY A 772 -29.69 3.89 -26.39
C GLY A 772 -28.44 4.76 -26.51
N LYS A 773 -27.76 5.02 -25.39
CA LYS A 773 -26.48 5.72 -25.43
C LYS A 773 -25.42 4.94 -26.24
N PRO A 774 -24.65 5.63 -27.11
CA PRO A 774 -23.58 4.93 -27.80
C PRO A 774 -22.45 4.63 -26.85
N ILE A 775 -21.84 3.47 -26.99
CA ILE A 775 -20.75 3.13 -26.12
C ILE A 775 -19.61 4.10 -26.43
N ILE A 776 -19.30 4.21 -27.72
CA ILE A 776 -18.19 5.06 -28.13
C ILE A 776 -18.77 6.42 -28.51
N LYS A 777 -18.19 7.46 -27.94
CA LYS A 777 -18.66 8.81 -28.21
C LYS A 777 -17.65 9.54 -29.09
N ALA A 778 -18.14 10.26 -30.09
CA ALA A 778 -17.28 11.15 -30.88
C ALA A 778 -16.82 12.28 -29.99
N ALA A 779 -15.63 12.81 -30.26
CA ALA A 779 -15.17 13.93 -29.48
C ALA A 779 -16.21 15.05 -29.47
N SER A 780 -16.90 15.24 -30.59
CA SER A 780 -17.91 16.32 -30.72
C SER A 780 -19.18 16.08 -29.90
N MET A 781 -19.31 14.91 -29.29
CA MET A 781 -20.42 14.68 -28.36
C MET A 781 -20.18 15.37 -27.03
N TYR A 782 -18.91 15.59 -26.69
CA TYR A 782 -18.55 16.39 -25.50
C TYR A 782 -18.90 17.84 -25.78
N ASN A 783 -19.84 18.38 -25.01
CA ASN A 783 -20.38 19.73 -25.24
C ASN A 783 -19.52 20.82 -24.62
N ASN A 784 -19.76 22.04 -25.07
CA ASN A 784 -19.07 23.24 -24.58
C ASN A 784 -17.56 23.25 -24.76
N ASP A 785 -17.10 22.49 -25.74
CA ASP A 785 -15.71 22.44 -26.14
C ASP A 785 -15.62 22.75 -27.65
N SER A 786 -14.94 23.84 -27.99
CA SER A 786 -14.81 24.24 -29.39
C SER A 786 -13.58 23.66 -30.08
N ASN A 787 -12.93 22.68 -29.45
CA ASN A 787 -11.71 22.06 -30.00
C ASN A 787 -11.80 20.56 -30.24
N VAL A 788 -12.82 19.93 -29.67
CA VAL A 788 -13.00 18.51 -29.87
C VAL A 788 -13.23 18.17 -31.34
N ARG A 789 -13.70 19.14 -32.11
CA ARG A 789 -13.97 18.92 -33.53
C ARG A 789 -12.71 18.63 -34.34
N ARG A 790 -11.68 19.42 -34.10
CA ARG A 790 -10.38 19.23 -34.75
C ARG A 790 -9.70 17.95 -34.29
N ALA A 791 -10.10 17.48 -33.10
CA ALA A 791 -9.53 16.28 -32.49
C ALA A 791 -10.32 14.98 -32.75
N GLN A 792 -11.44 15.09 -33.46
CA GLN A 792 -12.43 14.00 -33.58
C GLN A 792 -12.08 12.78 -34.46
N ASN A 793 -10.94 12.82 -35.16
CA ASN A 793 -10.56 11.70 -36.01
C ASN A 793 -10.03 10.53 -35.19
N ASP A 794 -9.32 10.85 -34.12
CA ASP A 794 -8.64 9.82 -33.38
C ASP A 794 -8.85 9.88 -31.86
N HIS A 795 -9.46 10.97 -31.37
CA HIS A 795 -9.96 11.03 -29.99
C HIS A 795 -11.41 10.53 -29.89
N PHE A 796 -11.70 9.70 -28.87
CA PHE A 796 -13.04 9.19 -28.57
C PHE A 796 -13.17 8.87 -27.09
N LEU A 797 -14.40 8.93 -26.57
CA LEU A 797 -14.66 8.65 -25.14
C LEU A 797 -15.61 7.48 -24.92
N LEU A 798 -15.60 6.97 -23.69
CA LEU A 798 -16.55 5.95 -23.20
C LEU A 798 -16.51 5.89 -21.69
N GLY A 799 -17.44 5.12 -21.13
CA GLY A 799 -17.35 4.59 -19.77
C GLY A 799 -17.80 5.45 -18.61
N GLY A 800 -18.01 4.81 -17.48
CA GLY A 800 -18.45 5.49 -16.27
C GLY A 800 -19.94 5.70 -16.30
N HIS A 801 -20.41 6.47 -15.33
CA HIS A 801 -21.84 6.63 -15.12
C HIS A 801 -22.45 7.43 -16.26
N ASP A 802 -21.74 8.45 -16.75
CA ASP A 802 -22.23 9.29 -17.84
C ASP A 802 -21.77 8.80 -19.21
N GLY A 803 -20.68 8.04 -19.23
CA GLY A 803 -20.15 7.49 -20.49
C GLY A 803 -19.11 8.40 -21.14
N TYR A 804 -18.50 9.26 -20.35
CA TYR A 804 -17.48 10.17 -20.82
C TYR A 804 -16.38 10.23 -19.76
N ARG A 805 -16.06 9.07 -19.23
CA ARG A 805 -15.06 8.99 -18.17
C ARG A 805 -13.69 8.57 -18.70
N ILE A 806 -13.68 7.89 -19.83
CA ILE A 806 -12.43 7.38 -20.40
C ILE A 806 -12.20 8.09 -21.72
N LEU A 807 -10.97 8.57 -21.91
CA LEU A 807 -10.57 9.28 -23.13
C LEU A 807 -9.46 8.50 -23.81
N CYS A 808 -9.74 8.08 -25.04
CA CYS A 808 -8.74 7.39 -25.87
C CYS A 808 -8.31 8.23 -27.06
N ALA A 809 -7.07 8.05 -27.46
CA ALA A 809 -6.45 8.84 -28.52
C ALA A 809 -5.30 7.99 -29.03
N PRO A 810 -5.62 6.82 -29.61
CA PRO A 810 -4.58 5.87 -30.00
C PRO A 810 -3.64 6.42 -31.07
N VAL A 811 -2.38 6.00 -31.04
CA VAL A 811 -1.47 6.30 -32.15
C VAL A 811 -1.98 5.52 -33.38
N VAL A 812 -2.14 6.23 -34.51
CA VAL A 812 -2.75 5.65 -35.70
C VAL A 812 -1.78 5.44 -36.89
N TRP A 813 -0.47 5.60 -36.62
CA TRP A 813 0.63 5.36 -37.58
C TRP A 813 1.69 4.39 -37.05
N GLU A 814 2.25 3.58 -37.95
CA GLU A 814 3.33 2.65 -37.60
C GLU A 814 4.62 3.42 -37.39
N ASN A 815 5.51 2.86 -36.58
CA ASN A 815 6.82 3.47 -36.28
C ASN A 815 6.71 4.89 -35.77
N SER A 816 5.70 5.13 -34.95
CA SER A 816 5.44 6.46 -34.41
C SER A 816 5.35 6.40 -32.90
N THR A 817 6.02 7.34 -32.22
CA THR A 817 6.02 7.37 -30.75
C THR A 817 5.61 8.72 -30.16
N GLU A 818 4.92 9.52 -30.96
CA GLU A 818 4.35 10.80 -30.53
C GLU A 818 2.98 10.90 -31.15
N ARG A 819 2.13 11.74 -30.56
CA ARG A 819 0.85 12.10 -31.18
C ARG A 819 0.39 13.42 -30.60
N GLU A 820 -0.31 14.22 -31.39
CA GLU A 820 -0.89 15.46 -30.90
C GLU A 820 -2.10 15.11 -30.03
N LEU A 821 -2.04 15.52 -28.76
CA LEU A 821 -3.10 15.18 -27.81
C LEU A 821 -3.93 16.40 -27.39
N TYR A 822 -5.25 16.23 -27.43
CA TYR A 822 -6.17 17.24 -26.91
C TYR A 822 -7.08 16.69 -25.81
N LEU A 823 -6.96 17.26 -24.62
CA LEU A 823 -7.82 16.92 -23.48
C LEU A 823 -9.05 17.84 -23.46
N PRO A 824 -10.26 17.25 -23.49
CA PRO A 824 -11.51 18.04 -23.39
C PRO A 824 -11.56 18.98 -22.17
N VAL A 825 -12.05 20.21 -22.38
CA VAL A 825 -11.99 21.33 -21.41
C VAL A 825 -13.02 21.26 -20.26
N LEU A 826 -12.75 22.00 -19.18
CA LEU A 826 -13.60 22.06 -17.97
C LEU A 826 -13.75 20.69 -17.29
N THR A 827 -12.61 20.07 -17.02
CA THR A 827 -12.51 18.80 -16.32
C THR A 827 -11.05 18.36 -16.32
N GLN A 828 -10.74 17.36 -15.50
CA GLN A 828 -9.36 16.92 -15.32
C GLN A 828 -9.22 15.50 -15.76
N TRP A 829 -8.03 15.16 -16.28
CA TRP A 829 -7.75 13.79 -16.71
C TRP A 829 -6.51 13.20 -16.02
N TYR A 830 -6.51 11.88 -15.92
CA TYR A 830 -5.39 11.12 -15.35
C TYR A 830 -4.95 10.06 -16.34
N LYS A 831 -3.67 10.14 -16.71
CA LYS A 831 -3.04 9.15 -17.54
C LYS A 831 -3.28 7.83 -16.88
N PHE A 832 -3.67 6.87 -17.69
CA PHE A 832 -3.96 5.57 -17.23
C PHE A 832 -3.51 4.59 -18.30
N GLY A 833 -3.87 3.32 -18.14
CA GLY A 833 -3.41 2.27 -19.03
C GLY A 833 -3.12 0.99 -18.27
N PRO A 834 -2.54 -0.02 -18.95
CA PRO A 834 -2.29 -1.32 -18.33
C PRO A 834 -1.20 -1.30 -17.23
N ASP A 835 -0.36 -0.27 -17.25
CA ASP A 835 0.65 -0.11 -16.23
C ASP A 835 0.06 0.35 -14.90
N PHE A 836 -0.98 1.16 -14.99
CA PHE A 836 -1.43 1.93 -13.83
C PHE A 836 -2.22 1.14 -12.79
N ASP A 837 -2.66 -0.09 -13.12
CA ASP A 837 -3.24 -0.94 -12.10
C ASP A 837 -2.28 -1.23 -10.94
N THR A 838 -0.98 -1.15 -11.23
CA THR A 838 0.06 -1.59 -10.32
C THR A 838 1.05 -0.48 -9.94
N LYS A 839 0.66 0.78 -10.11
CA LYS A 839 1.45 1.91 -9.63
C LYS A 839 0.53 3.13 -9.36
N PRO A 840 1.04 4.16 -8.61
CA PRO A 840 0.19 5.33 -8.38
C PRO A 840 -0.05 6.16 -9.64
N LEU A 841 -1.13 6.93 -9.63
CA LEU A 841 -1.43 7.88 -10.68
C LEU A 841 -0.41 9.01 -10.68
N GLU A 842 -0.15 9.55 -11.86
CA GLU A 842 0.61 10.79 -12.01
C GLU A 842 -0.32 11.98 -11.77
N GLY A 843 0.24 13.16 -11.52
CA GLY A 843 -0.53 14.40 -11.39
C GLY A 843 -1.66 14.58 -12.41
N ALA A 844 -2.59 15.47 -12.08
CA ALA A 844 -3.76 15.73 -12.93
C ALA A 844 -3.35 16.49 -14.17
N MET A 845 -3.99 16.17 -15.29
CA MET A 845 -3.80 16.89 -16.54
C MET A 845 -4.99 17.80 -16.81
N ASN A 846 -4.70 19.09 -17.03
CA ASN A 846 -5.70 20.15 -17.23
C ASN A 846 -6.45 19.98 -18.54
N GLY A 847 -7.77 19.87 -18.46
CA GLY A 847 -8.61 19.72 -19.66
C GLY A 847 -8.55 21.01 -20.45
N GLY A 848 -8.54 20.89 -21.78
CA GLY A 848 -8.39 22.06 -22.63
C GLY A 848 -6.97 22.22 -23.13
N ASP A 849 -6.12 21.29 -22.75
CA ASP A 849 -4.72 21.28 -23.18
C ASP A 849 -4.53 20.66 -24.57
N ARG A 850 -3.73 21.34 -25.39
CA ARG A 850 -3.23 20.80 -26.64
C ARG A 850 -1.75 20.57 -26.47
N ILE A 851 -1.34 19.31 -26.59
CA ILE A 851 0.06 18.95 -26.50
C ILE A 851 0.48 18.32 -27.85
N TYR A 852 1.35 19.05 -28.55
CA TYR A 852 1.99 18.54 -29.76
C TYR A 852 3.14 17.62 -29.37
N ASN A 853 3.26 16.50 -30.08
CA ASN A 853 4.33 15.54 -29.80
C ASN A 853 4.24 14.97 -28.38
N TYR A 854 3.02 14.69 -27.93
CA TYR A 854 2.82 14.01 -26.65
C TYR A 854 3.49 12.65 -26.77
N PRO A 855 4.39 12.31 -25.82
CA PRO A 855 5.13 11.07 -26.00
C PRO A 855 4.28 9.82 -25.77
N VAL A 856 4.35 8.90 -26.74
CA VAL A 856 3.69 7.60 -26.64
C VAL A 856 4.67 6.53 -27.12
N PRO A 857 5.57 6.06 -26.23
CA PRO A 857 6.40 4.93 -26.65
C PRO A 857 5.54 3.71 -27.00
N GLN A 858 6.11 2.74 -27.72
CA GLN A 858 5.38 1.58 -28.25
C GLN A 858 4.57 0.78 -27.20
N SER A 859 5.11 0.66 -26.00
CA SER A 859 4.47 -0.04 -24.90
C SER A 859 3.26 0.68 -24.29
N GLU A 860 2.85 1.79 -24.92
CA GLU A 860 1.87 2.71 -24.36
C GLU A 860 0.86 3.15 -25.40
N SER A 861 -0.36 3.40 -24.96
CA SER A 861 -1.35 4.07 -25.77
C SER A 861 -1.96 5.22 -24.96
N PRO A 862 -2.52 6.25 -25.64
CA PRO A 862 -3.03 7.33 -24.78
C PRO A 862 -4.46 7.07 -24.33
N ILE A 863 -4.59 6.88 -23.02
CA ILE A 863 -5.85 6.56 -22.37
C ILE A 863 -5.90 7.29 -21.00
N PHE A 864 -6.95 8.06 -20.80
CA PHE A 864 -7.10 8.90 -19.63
C PHE A 864 -8.42 8.62 -18.94
N VAL A 865 -8.39 8.56 -17.61
CA VAL A 865 -9.62 8.51 -16.83
C VAL A 865 -9.87 9.86 -16.18
N ARG A 866 -11.09 10.36 -16.38
CA ARG A 866 -11.56 11.65 -15.88
C ARG A 866 -11.68 11.68 -14.35
N GLU A 867 -11.61 12.87 -13.76
CA GLU A 867 -11.91 13.02 -12.34
C GLU A 867 -13.38 12.68 -12.09
N GLY A 868 -13.66 12.17 -10.89
CA GLY A 868 -15.03 11.87 -10.49
C GLY A 868 -15.56 10.57 -11.08
N ALA A 869 -14.65 9.78 -11.64
CA ALA A 869 -14.99 8.47 -12.15
C ALA A 869 -14.81 7.40 -11.08
N ILE A 870 -15.81 6.52 -10.96
CA ILE A 870 -15.70 5.30 -10.19
C ILE A 870 -16.00 4.14 -11.12
N LEU A 871 -15.00 3.28 -11.31
CA LEU A 871 -15.06 2.29 -12.35
C LEU A 871 -15.10 0.88 -11.82
N PRO A 872 -16.18 0.15 -12.18
CA PRO A 872 -16.26 -1.25 -11.85
C PRO A 872 -15.13 -1.99 -12.59
N THR A 873 -14.36 -2.78 -11.85
CA THR A 873 -13.09 -3.37 -12.31
C THR A 873 -13.07 -4.81 -11.79
N ARG A 874 -12.61 -5.76 -12.60
CA ARG A 874 -12.62 -7.19 -12.21
C ARG A 874 -11.24 -7.79 -12.24
N TYR A 875 -10.89 -8.50 -11.18
CA TYR A 875 -9.67 -9.32 -11.13
C TYR A 875 -10.03 -10.79 -10.96
N THR A 876 -9.12 -11.66 -11.39
CA THR A 876 -9.24 -13.08 -11.09
C THR A 876 -8.73 -13.30 -9.68
N LEU A 877 -9.45 -14.14 -8.94
CA LEU A 877 -9.03 -14.56 -7.61
C LEU A 877 -7.60 -15.10 -7.62
N ASN A 878 -7.31 -15.99 -8.56
CA ASN A 878 -6.04 -16.71 -8.54
C ASN A 878 -4.86 -15.96 -9.17
N GLY A 879 -5.16 -14.86 -9.87
CA GLY A 879 -4.14 -14.03 -10.49
C GLY A 879 -3.82 -14.35 -11.94
N GLU A 880 -4.32 -15.47 -12.44
CA GLU A 880 -4.04 -15.93 -13.81
C GLU A 880 -5.04 -15.36 -14.80
N ASN A 881 -4.63 -15.15 -16.06
CA ASN A 881 -5.60 -14.68 -17.06
C ASN A 881 -6.53 -15.81 -17.51
N LYS A 882 -7.83 -15.59 -17.40
CA LYS A 882 -8.83 -16.57 -17.86
C LYS A 882 -9.85 -15.88 -18.78
N SER A 883 -10.67 -16.67 -19.45
CA SER A 883 -11.73 -16.11 -20.27
C SER A 883 -12.77 -15.45 -19.37
N LEU A 884 -13.40 -14.37 -19.86
CA LEU A 884 -14.56 -13.79 -19.18
C LEU A 884 -15.67 -14.82 -18.90
N ASN A 885 -15.83 -15.81 -19.79
CA ASN A 885 -16.99 -16.69 -19.62
C ASN A 885 -16.80 -17.71 -18.51
N THR A 886 -15.60 -17.80 -17.95
CA THR A 886 -15.36 -18.71 -16.80
C THR A 886 -15.23 -17.99 -15.45
N TYR A 887 -15.34 -16.66 -15.46
CA TYR A 887 -15.47 -15.86 -14.24
C TYR A 887 -16.71 -16.22 -13.41
N THR A 888 -16.54 -16.28 -12.09
CA THR A 888 -17.68 -16.38 -11.18
C THR A 888 -17.69 -15.13 -10.31
N ASP A 889 -18.73 -14.99 -9.50
CA ASP A 889 -18.77 -13.87 -8.57
C ASP A 889 -17.63 -13.86 -7.52
N GLU A 890 -16.86 -14.96 -7.43
CA GLU A 890 -15.77 -15.09 -6.45
C GLU A 890 -14.53 -14.32 -6.88
N ASP A 891 -14.38 -14.16 -8.21
CA ASP A 891 -13.37 -13.32 -8.86
C ASP A 891 -13.80 -11.88 -8.69
N PRO A 892 -13.05 -11.11 -7.88
CA PRO A 892 -13.42 -9.83 -7.29
C PRO A 892 -14.03 -8.76 -8.21
N LEU A 893 -15.00 -8.03 -7.66
CA LEU A 893 -15.47 -6.75 -8.22
C LEU A 893 -14.86 -5.64 -7.39
N VAL A 894 -14.34 -4.63 -8.08
CA VAL A 894 -13.66 -3.51 -7.40
C VAL A 894 -14.12 -2.17 -7.96
N PHE A 895 -14.58 -1.30 -7.05
CA PHE A 895 -15.06 0.00 -7.45
C PHE A 895 -13.93 1.00 -7.27
N GLU A 896 -13.24 1.26 -8.37
CA GLU A 896 -12.07 2.10 -8.34
C GLU A 896 -12.47 3.58 -8.31
N VAL A 897 -12.29 4.22 -7.17
CA VAL A 897 -12.61 5.62 -7.01
C VAL A 897 -11.39 6.45 -7.43
N PHE A 898 -11.55 7.22 -8.48
CA PHE A 898 -10.49 8.05 -8.98
C PHE A 898 -10.56 9.41 -8.31
N PRO A 899 -9.54 10.26 -8.50
CA PRO A 899 -9.61 11.48 -7.71
C PRO A 899 -10.94 12.19 -7.95
N LEU A 900 -11.39 12.89 -6.92
CA LEU A 900 -12.68 13.55 -6.95
C LEU A 900 -12.67 14.76 -7.88
N GLY A 901 -13.81 14.96 -8.52
CA GLY A 901 -14.09 16.16 -9.31
C GLY A 901 -15.17 16.96 -8.62
N ASN A 902 -14.82 18.18 -8.21
CA ASN A 902 -15.73 19.00 -7.44
C ASN A 902 -16.12 18.27 -6.15
N ASN A 903 -15.12 17.62 -5.54
CA ASN A 903 -15.35 16.80 -4.35
C ASN A 903 -16.41 15.71 -4.55
N ARG A 904 -16.66 15.34 -5.80
CA ARG A 904 -17.55 14.24 -6.10
C ARG A 904 -16.98 13.27 -7.13
N ALA A 905 -17.40 12.02 -6.99
CA ALA A 905 -17.13 10.96 -7.94
C ALA A 905 -18.41 10.18 -8.10
N ASP A 906 -18.56 9.43 -9.20
CA ASP A 906 -19.83 8.70 -9.50
C ASP A 906 -19.61 7.41 -10.28
N GLY A 907 -20.48 6.42 -10.06
CA GLY A 907 -20.31 5.10 -10.68
C GLY A 907 -21.58 4.29 -10.91
N MET A 908 -21.50 3.40 -11.88
CA MET A 908 -22.65 2.59 -12.29
C MET A 908 -22.15 1.21 -12.71
N CYS A 909 -22.75 0.17 -12.16
CA CYS A 909 -22.48 -1.19 -12.62
C CYS A 909 -23.75 -1.98 -12.83
N TYR A 910 -23.92 -2.48 -14.05
CA TYR A 910 -24.95 -3.45 -14.38
C TYR A 910 -24.41 -4.83 -14.00
N LEU A 911 -25.21 -5.62 -13.28
CA LEU A 911 -24.82 -6.99 -12.93
C LEU A 911 -25.89 -7.97 -13.37
N ASP A 912 -25.47 -9.09 -13.97
CA ASP A 912 -26.33 -10.26 -14.29
C ASP A 912 -25.46 -11.53 -14.38
N ASP A 913 -26.07 -12.70 -14.62
CA ASP A 913 -25.31 -13.95 -14.66
C ASP A 913 -24.34 -14.06 -15.87
N GLY A 914 -24.41 -13.10 -16.79
CA GLY A 914 -23.53 -13.06 -17.97
C GLY A 914 -24.15 -13.71 -19.20
N GLY A 915 -25.35 -14.22 -19.07
CA GLY A 915 -26.03 -14.83 -20.23
C GLY A 915 -25.97 -16.34 -20.21
N VAL A 916 -25.67 -16.91 -19.05
CA VAL A 916 -25.78 -18.34 -18.78
C VAL A 916 -27.23 -18.75 -19.03
N THR A 917 -28.14 -17.91 -18.54
CA THR A 917 -29.57 -18.02 -18.76
C THR A 917 -30.05 -16.76 -19.48
N THR A 918 -31.33 -16.72 -19.85
CA THR A 918 -31.93 -15.50 -20.45
C THR A 918 -32.96 -14.81 -19.54
N ASN A 919 -32.71 -14.81 -18.24
CA ASN A 919 -33.68 -14.30 -17.27
C ASN A 919 -33.51 -12.82 -16.90
N ALA A 920 -32.40 -12.23 -17.33
CA ALA A 920 -32.23 -10.79 -17.24
C ALA A 920 -33.08 -10.07 -18.31
N GLU A 921 -33.07 -10.56 -19.54
CA GLU A 921 -33.87 -9.93 -20.59
C GLU A 921 -35.29 -10.45 -20.61
N ASP A 922 -35.49 -11.63 -20.05
CA ASP A 922 -36.81 -12.26 -20.08
C ASP A 922 -37.64 -11.94 -18.85
N ASN A 923 -36.99 -11.88 -17.70
CA ASN A 923 -37.71 -11.81 -16.43
C ASN A 923 -37.21 -10.68 -15.52
N GLY A 924 -36.36 -9.83 -16.09
CA GLY A 924 -35.85 -8.66 -15.38
C GLY A 924 -34.89 -9.00 -14.26
N LYS A 925 -34.31 -10.20 -14.35
CA LYS A 925 -33.42 -10.69 -13.32
C LYS A 925 -32.02 -10.13 -13.53
N PHE A 926 -31.80 -8.91 -13.05
CA PHE A 926 -30.52 -8.23 -13.15
C PHE A 926 -30.42 -7.08 -12.13
N SER A 927 -29.21 -6.58 -11.92
CA SER A 927 -29.01 -5.52 -10.94
C SER A 927 -28.34 -4.31 -11.54
N VAL A 928 -28.81 -3.11 -11.16
CA VAL A 928 -28.06 -1.90 -11.45
C VAL A 928 -27.63 -1.38 -10.11
N VAL A 929 -26.32 -1.35 -9.89
CA VAL A 929 -25.75 -0.73 -8.70
C VAL A 929 -25.17 0.61 -9.10
N LYS A 930 -25.49 1.63 -8.33
CA LYS A 930 -24.85 2.91 -8.47
C LYS A 930 -24.00 3.20 -7.23
N VAL A 931 -23.00 4.06 -7.39
CA VAL A 931 -22.14 4.46 -6.29
C VAL A 931 -21.80 5.95 -6.41
N ALA A 932 -21.46 6.57 -5.28
CA ALA A 932 -21.08 7.98 -5.19
C ALA A 932 -20.03 8.14 -4.11
N ALA A 933 -19.15 9.11 -4.29
CA ALA A 933 -18.16 9.45 -3.28
C ALA A 933 -18.21 10.96 -3.15
N GLU A 934 -18.18 11.46 -1.92
CA GLU A 934 -18.11 12.90 -1.69
C GLU A 934 -17.13 13.18 -0.59
N GLN A 935 -16.41 14.28 -0.74
CA GLN A 935 -15.53 14.79 0.30
C GLN A 935 -16.21 16.02 0.87
N ASP A 936 -16.06 16.20 2.17
CA ASP A 936 -16.64 17.31 2.90
C ASP A 936 -15.79 17.48 4.17
N GLY A 937 -14.83 18.39 4.11
CA GLY A 937 -13.85 18.53 5.18
C GLY A 937 -13.16 17.18 5.38
N GLY A 938 -13.06 16.73 6.63
CA GLY A 938 -12.31 15.51 6.96
C GLY A 938 -12.99 14.17 6.69
N THR A 939 -14.19 14.20 6.12
CA THR A 939 -14.98 12.99 5.93
C THR A 939 -15.23 12.75 4.45
N GLU A 940 -15.05 11.51 4.01
CA GLU A 940 -15.43 11.11 2.65
C GLU A 940 -16.54 10.07 2.77
N THR A 941 -17.62 10.22 2.00
CA THR A 941 -18.75 9.28 2.09
C THR A 941 -18.97 8.50 0.80
N ILE A 942 -18.91 7.18 0.89
CA ILE A 942 -19.07 6.36 -0.29
C ILE A 942 -20.40 5.62 -0.23
N THR A 943 -21.32 5.95 -1.14
CA THR A 943 -22.67 5.46 -1.03
C THR A 943 -23.05 4.48 -2.14
N PHE A 944 -23.47 3.29 -1.74
CA PHE A 944 -24.03 2.32 -2.67
C PHE A 944 -25.54 2.32 -2.66
N THR A 945 -26.12 2.42 -3.84
CA THR A 945 -27.55 2.40 -4.00
C THR A 945 -27.85 1.43 -5.13
N ASN A 946 -29.10 0.99 -5.26
CA ASN A 946 -29.50 0.19 -6.41
C ASN A 946 -30.76 0.73 -7.10
N ASP A 947 -30.74 0.84 -8.43
CA ASP A 947 -31.98 1.13 -9.17
C ASP A 947 -32.85 -0.10 -9.09
N CYS A 948 -32.21 -1.26 -9.10
CA CYS A 948 -32.87 -2.53 -8.77
C CYS A 948 -31.81 -3.56 -8.46
N TYR A 949 -32.15 -4.53 -7.61
CA TYR A 949 -31.19 -5.56 -7.29
C TYR A 949 -31.82 -6.94 -7.37
N GLU A 950 -31.90 -7.46 -8.59
CA GLU A 950 -32.63 -8.70 -8.86
C GLU A 950 -31.67 -9.83 -9.21
N TYR A 951 -30.43 -9.47 -9.56
CA TYR A 951 -29.34 -10.43 -9.63
C TYR A 951 -28.45 -10.24 -8.41
N VAL A 952 -28.12 -11.35 -7.75
CA VAL A 952 -27.43 -11.34 -6.46
C VAL A 952 -25.92 -11.56 -6.62
N PHE A 953 -25.12 -10.51 -6.53
CA PHE A 953 -23.69 -10.69 -6.61
C PHE A 953 -23.15 -11.51 -5.41
N GLY A 954 -22.82 -12.78 -5.68
CA GLY A 954 -22.49 -13.75 -4.61
C GLY A 954 -21.10 -13.75 -3.96
N GLY A 955 -20.26 -12.77 -4.32
CA GLY A 955 -18.91 -12.68 -3.80
C GLY A 955 -18.59 -11.31 -3.27
N PRO A 956 -17.55 -11.20 -2.43
CA PRO A 956 -17.17 -9.94 -1.78
C PRO A 956 -16.69 -8.91 -2.78
N PHE A 957 -17.02 -7.65 -2.55
CA PHE A 957 -16.62 -6.57 -3.47
C PHE A 957 -15.73 -5.55 -2.77
N TYR A 958 -15.09 -4.70 -3.57
CA TYR A 958 -14.08 -3.82 -3.04
C TYR A 958 -14.36 -2.38 -3.43
N VAL A 959 -13.87 -1.44 -2.62
CA VAL A 959 -13.75 -0.04 -3.00
C VAL A 959 -12.26 0.27 -3.00
N ARG A 960 -11.77 0.78 -4.12
CA ARG A 960 -10.38 1.20 -4.19
C ARG A 960 -10.39 2.70 -4.21
N VAL A 961 -9.93 3.33 -3.13
CA VAL A 961 -9.87 4.77 -3.15
C VAL A 961 -8.45 5.16 -3.53
N ARG A 962 -8.32 5.86 -4.66
CA ARG A 962 -7.03 6.35 -5.11
C ARG A 962 -6.72 7.68 -4.43
N GLY A 963 -5.51 7.82 -3.93
CA GLY A 963 -5.10 9.08 -3.33
C GLY A 963 -5.41 9.16 -1.85
N ALA A 964 -6.06 8.13 -1.32
CA ALA A 964 -6.21 7.98 0.12
C ALA A 964 -5.18 6.99 0.66
N GLN A 965 -4.83 7.13 1.93
CA GLN A 965 -3.96 6.15 2.56
C GLN A 965 -4.62 5.62 3.82
N SER A 966 -4.02 5.87 4.99
CA SER A 966 -4.52 5.26 6.22
C SER A 966 -5.60 6.10 6.89
N PRO A 967 -6.84 5.57 6.97
CA PRO A 967 -7.92 6.29 7.64
C PRO A 967 -7.77 6.21 9.16
N SER A 968 -8.55 7.00 9.88
CA SER A 968 -8.60 6.94 11.34
C SER A 968 -9.74 6.01 11.77
N ASN A 969 -10.71 5.89 10.88
CA ASN A 969 -11.84 4.99 11.04
C ASN A 969 -12.63 4.92 9.74
N ILE A 970 -13.10 3.72 9.37
CA ILE A 970 -14.09 3.57 8.30
C ILE A 970 -15.32 2.91 8.87
N HIS A 971 -16.49 3.52 8.64
CA HIS A 971 -17.74 2.99 9.15
C HIS A 971 -18.59 2.55 7.98
N VAL A 972 -19.17 1.36 8.07
CA VAL A 972 -20.09 0.90 7.04
C VAL A 972 -21.49 0.76 7.62
N SER A 973 -22.48 1.29 6.90
CA SER A 973 -23.89 1.15 7.25
C SER A 973 -24.62 0.41 6.13
N SER A 974 -25.49 -0.52 6.48
CA SER A 974 -26.25 -1.29 5.49
C SER A 974 -27.48 -1.96 6.09
N GLY A 975 -28.48 -2.22 5.24
CA GLY A 975 -29.78 -2.73 5.66
C GLY A 975 -29.73 -3.83 6.69
N ALA A 976 -28.99 -4.89 6.37
CA ALA A 976 -28.66 -5.96 7.32
C ALA A 976 -27.13 -6.00 7.66
N GLY A 977 -26.63 -4.86 8.19
CA GLY A 977 -25.25 -4.69 8.68
C GLY A 977 -24.98 -3.25 9.15
N SER A 978 -24.28 -3.10 10.27
CA SER A 978 -23.70 -1.79 10.67
C SER A 978 -22.45 -1.92 11.56
N GLN A 979 -21.30 -2.02 10.91
CA GLN A 979 -20.04 -2.40 11.52
C GLN A 979 -18.97 -1.35 11.16
N ASP A 980 -18.00 -1.19 12.07
CA ASP A 980 -16.77 -0.46 11.77
C ASP A 980 -15.73 -1.41 11.15
N MET A 981 -15.00 -0.92 10.15
CA MET A 981 -13.99 -1.72 9.48
C MET A 981 -12.73 -1.77 10.33
N LYS A 982 -12.01 -2.90 10.25
CA LYS A 982 -10.72 -3.05 10.93
C LYS A 982 -9.64 -3.30 9.88
N VAL A 983 -8.44 -2.81 10.15
CA VAL A 983 -7.29 -3.00 9.24
C VAL A 983 -7.03 -4.50 8.98
N SER A 984 -6.79 -4.86 7.72
CA SER A 984 -6.57 -6.27 7.42
C SER A 984 -5.14 -6.65 7.71
N SER A 985 -4.97 -7.85 8.24
CA SER A 985 -3.65 -8.45 8.43
C SER A 985 -3.10 -9.02 7.09
N ALA A 986 -3.78 -8.73 5.98
CA ALA A 986 -3.23 -9.00 4.66
C ALA A 986 -2.41 -7.78 4.25
N THR A 987 -1.32 -8.04 3.54
CA THR A 987 -0.39 -6.99 3.15
C THR A 987 -0.09 -7.05 1.66
N SER A 988 -0.97 -7.68 0.89
CA SER A 988 -0.88 -7.67 -0.57
C SER A 988 -2.25 -7.87 -1.21
N ARG A 989 -2.47 -7.29 -2.39
CA ARG A 989 -3.76 -7.41 -3.03
C ARG A 989 -4.19 -8.87 -3.18
N ALA A 990 -3.23 -9.75 -3.44
CA ALA A 990 -3.48 -11.18 -3.61
C ALA A 990 -3.88 -11.87 -2.29
N ALA A 991 -3.30 -11.41 -1.18
CA ALA A 991 -3.66 -11.88 0.15
C ALA A 991 -5.02 -11.31 0.58
N LEU A 992 -5.27 -10.05 0.27
CA LEU A 992 -6.55 -9.45 0.59
C LEU A 992 -7.71 -10.17 -0.14
N PHE A 993 -7.50 -10.49 -1.41
CA PHE A 993 -8.49 -11.20 -2.19
C PHE A 993 -8.80 -12.58 -1.60
N ASN A 994 -7.76 -13.37 -1.35
CA ASN A 994 -7.94 -14.77 -1.00
C ASN A 994 -8.11 -15.05 0.50
N ASP A 995 -7.36 -14.33 1.33
CA ASP A 995 -7.34 -14.55 2.78
C ASP A 995 -7.96 -13.42 3.59
N GLY A 996 -8.23 -12.29 2.95
CA GLY A 996 -8.82 -11.14 3.63
C GLY A 996 -10.25 -11.40 4.10
N GLU A 997 -10.59 -10.86 5.25
CA GLU A 997 -11.95 -10.96 5.83
C GLU A 997 -12.95 -9.90 5.31
N ASN A 998 -14.17 -10.33 4.97
CA ASN A 998 -15.29 -9.40 4.82
C ASN A 998 -15.23 -8.38 5.95
N GLY A 999 -14.83 -7.15 5.65
CA GLY A 999 -14.77 -6.08 6.68
C GLY A 999 -13.37 -5.59 7.01
N ASP A 1000 -12.41 -5.99 6.16
CA ASP A 1000 -11.00 -5.63 6.28
C ASP A 1000 -10.70 -4.44 5.37
N PHE A 1001 -9.74 -3.61 5.77
CA PHE A 1001 -9.16 -2.66 4.82
C PHE A 1001 -7.62 -2.78 4.75
N TRP A 1002 -7.05 -2.30 3.65
CA TRP A 1002 -5.60 -2.42 3.45
C TRP A 1002 -5.01 -1.16 2.81
N VAL A 1003 -4.06 -0.55 3.51
CA VAL A 1003 -3.37 0.62 2.98
C VAL A 1003 -2.28 0.21 1.97
N ASP A 1004 -2.62 0.33 0.67
CA ASP A 1004 -1.71 0.01 -0.44
C ASP A 1004 -0.77 1.18 -0.75
N GLN A 1005 0.45 1.12 -0.22
CA GLN A 1005 1.43 2.19 -0.41
C GLN A 1005 2.00 2.18 -1.82
N GLU A 1006 2.13 0.99 -2.38
CA GLU A 1006 2.66 0.77 -3.73
C GLU A 1006 1.86 1.51 -4.81
N THR A 1007 0.53 1.47 -4.74
CA THR A 1007 -0.30 2.18 -5.73
C THR A 1007 -1.04 3.39 -5.16
N ASP A 1008 -0.70 3.76 -3.92
CA ASP A 1008 -1.30 4.90 -3.21
C ASP A 1008 -2.84 4.81 -3.25
N SER A 1009 -3.34 3.67 -2.77
CA SER A 1009 -4.76 3.38 -2.74
C SER A 1009 -5.13 2.74 -1.42
N LEU A 1010 -6.36 2.97 -0.99
CA LEU A 1010 -6.97 2.27 0.13
C LEU A 1010 -8.05 1.32 -0.39
N TRP A 1011 -7.98 0.07 0.04
CA TRP A 1011 -8.88 -0.98 -0.41
C TRP A 1011 -9.82 -1.45 0.69
N LEU A 1012 -11.11 -1.42 0.43
CA LEU A 1012 -12.09 -1.91 1.36
C LEU A 1012 -12.63 -3.22 0.85
N LYS A 1013 -12.55 -4.26 1.67
CA LYS A 1013 -13.21 -5.53 1.37
C LYS A 1013 -14.52 -5.53 2.13
N LEU A 1014 -15.62 -5.72 1.40
CA LEU A 1014 -16.97 -5.70 1.97
C LEU A 1014 -17.77 -6.96 1.55
N PRO A 1015 -18.73 -7.41 2.37
CA PRO A 1015 -19.53 -8.59 2.02
C PRO A 1015 -20.48 -8.33 0.87
N ASN A 1016 -20.90 -9.40 0.20
CA ASN A 1016 -21.80 -9.32 -0.98
C ASN A 1016 -23.18 -8.69 -0.76
N VAL A 1017 -23.66 -8.71 0.50
CA VAL A 1017 -25.01 -8.27 0.88
C VAL A 1017 -25.09 -6.76 1.17
N VAL A 1018 -23.94 -6.10 1.32
CA VAL A 1018 -23.91 -4.66 1.50
C VAL A 1018 -23.87 -3.90 0.16
N LEU A 1019 -23.73 -4.62 -0.95
CA LEU A 1019 -23.59 -4.03 -2.28
C LEU A 1019 -24.80 -3.21 -2.80
N PRO A 1020 -26.05 -3.69 -2.57
CA PRO A 1020 -27.20 -2.94 -3.07
C PRO A 1020 -27.55 -1.66 -2.30
N ASP A 1021 -26.97 -1.49 -1.11
CA ASP A 1021 -27.25 -0.35 -0.25
C ASP A 1021 -26.18 -0.22 0.82
N ALA A 1022 -25.41 0.86 0.80
CA ALA A 1022 -24.41 1.09 1.86
C ALA A 1022 -24.02 2.55 2.00
N VAL A 1023 -23.68 2.94 3.23
CA VAL A 1023 -23.07 4.26 3.48
C VAL A 1023 -21.72 4.07 4.16
N ILE A 1024 -20.66 4.27 3.40
CA ILE A 1024 -19.29 4.08 3.88
C ILE A 1024 -18.70 5.45 4.18
N THR A 1025 -18.37 5.69 5.43
CA THR A 1025 -17.80 7.00 5.79
C THR A 1025 -16.37 6.88 6.31
N ILE A 1026 -15.47 7.57 5.62
CA ILE A 1026 -14.03 7.52 5.87
C ILE A 1026 -13.58 8.80 6.60
N THR A 1027 -13.07 8.58 7.81
CA THR A 1027 -12.69 9.66 8.71
C THR A 1027 -11.18 9.60 8.94
N THR B 3 38.60 -42.28 15.40
CA THR B 3 37.64 -42.99 16.31
C THR B 3 36.69 -43.91 15.52
N ASP B 4 37.09 -44.24 14.29
CA ASP B 4 36.36 -45.17 13.41
C ASP B 4 36.43 -46.59 13.96
N ASN B 5 35.54 -47.45 13.46
CA ASN B 5 35.48 -48.84 13.94
C ASN B 5 35.58 -48.94 15.46
N PRO B 6 34.62 -48.33 16.19
CA PRO B 6 34.76 -48.21 17.65
C PRO B 6 34.68 -49.57 18.33
N ASP B 7 33.88 -50.45 17.73
CA ASP B 7 33.65 -51.83 18.14
C ASP B 7 34.86 -52.75 18.00
N GLY B 8 35.75 -52.45 17.06
CA GLY B 8 37.03 -53.16 16.93
C GLY B 8 37.06 -54.33 15.96
N ILE B 9 36.15 -54.33 14.98
CA ILE B 9 35.96 -55.45 14.06
C ILE B 9 37.09 -55.58 13.04
N ASP B 10 37.46 -56.83 12.75
CA ASP B 10 38.32 -57.13 11.61
C ASP B 10 37.42 -57.52 10.41
N TYR B 11 37.37 -56.66 9.41
CA TYR B 11 36.52 -56.86 8.21
C TYR B 11 37.10 -57.87 7.21
N LYS B 12 36.47 -59.04 7.17
CA LYS B 12 36.98 -60.18 6.44
C LYS B 12 36.28 -60.35 5.09
N THR B 13 35.28 -59.52 4.83
CA THR B 13 34.61 -59.58 3.53
C THR B 13 34.06 -58.23 3.07
N TYR B 14 34.32 -57.90 1.81
CA TYR B 14 33.77 -56.70 1.22
C TYR B 14 32.90 -56.96 -0.01
N ASP B 15 33.22 -58.00 -0.77
CA ASP B 15 32.52 -58.29 -2.02
C ASP B 15 31.16 -58.95 -1.81
N TYR B 16 30.29 -58.76 -2.80
CA TYR B 16 29.09 -59.56 -2.92
C TYR B 16 29.43 -61.04 -2.86
N VAL B 17 28.77 -61.75 -1.94
CA VAL B 17 28.91 -63.18 -1.78
C VAL B 17 27.54 -63.74 -2.13
N GLY B 18 27.41 -64.29 -3.33
CA GLY B 18 26.13 -64.83 -3.76
C GLY B 18 25.73 -66.05 -2.94
N VAL B 19 24.49 -66.51 -3.10
CA VAL B 19 23.95 -67.64 -2.36
C VAL B 19 24.84 -68.88 -2.40
N TRP B 20 25.56 -69.04 -3.51
CA TRP B 20 26.49 -70.16 -3.75
C TRP B 20 27.74 -70.13 -2.87
N GLY B 21 28.05 -68.98 -2.28
CA GLY B 21 29.21 -68.85 -1.39
C GLY B 21 28.80 -68.70 0.06
N PHE B 22 27.52 -68.95 0.32
CA PHE B 22 27.00 -68.86 1.68
C PHE B 22 26.49 -70.21 2.19
N SER B 23 27.25 -70.81 3.08
CA SER B 23 26.90 -72.14 3.58
C SER B 23 27.14 -72.33 5.07
N PRO B 24 26.15 -71.95 5.90
CA PRO B 24 26.28 -72.22 7.33
C PRO B 24 26.13 -73.71 7.66
N LEU B 25 25.44 -74.48 6.83
CA LEU B 25 25.24 -75.91 7.11
C LEU B 25 26.51 -76.72 6.88
N SER B 26 27.49 -76.09 6.24
CA SER B 26 28.81 -76.67 6.07
C SER B 26 29.54 -76.83 7.40
N ASN B 27 29.22 -75.94 8.34
CA ASN B 27 29.52 -76.14 9.76
C ASN B 27 30.89 -75.67 10.22
N THR B 28 31.91 -75.97 9.43
CA THR B 28 33.29 -75.75 9.87
C THR B 28 33.60 -74.25 9.98
N ASN B 29 34.24 -73.89 11.09
CA ASN B 29 34.58 -72.51 11.45
C ASN B 29 33.41 -71.70 12.03
N TRP B 30 32.26 -72.36 12.13
CA TRP B 30 31.08 -71.75 12.74
C TRP B 30 30.96 -72.12 14.20
N PHE B 31 30.67 -71.11 15.01
CA PHE B 31 30.23 -71.31 16.37
C PHE B 31 28.73 -71.59 16.36
N ALA B 32 28.28 -72.40 17.31
CA ALA B 32 26.86 -72.64 17.53
C ALA B 32 26.68 -72.89 19.02
N ALA B 33 25.47 -72.62 19.52
CA ALA B 33 25.21 -72.74 20.97
C ALA B 33 25.22 -74.20 21.42
N GLY B 34 25.71 -74.42 22.64
CA GLY B 34 25.87 -75.78 23.18
C GLY B 34 25.48 -75.95 24.64
N SER B 35 25.43 -74.83 25.37
CA SER B 35 25.15 -74.82 26.80
C SER B 35 24.98 -73.38 27.27
N SER B 36 24.36 -73.19 28.44
CA SER B 36 24.14 -71.86 28.98
C SER B 36 23.92 -71.87 30.49
N THR B 37 23.95 -70.68 31.09
CA THR B 37 23.47 -70.47 32.45
C THR B 37 22.58 -69.22 32.43
N PRO B 38 21.52 -69.22 33.27
CA PRO B 38 20.62 -68.07 33.33
C PRO B 38 21.30 -66.77 33.78
N GLY B 39 20.81 -65.65 33.23
CA GLY B 39 21.43 -64.36 33.42
C GLY B 39 20.47 -63.27 33.79
N GLY B 40 19.29 -63.64 34.30
CA GLY B 40 18.34 -62.68 34.86
C GLY B 40 17.33 -62.14 33.87
N ILE B 41 16.10 -61.99 34.35
CA ILE B 41 14.98 -61.48 33.57
C ILE B 41 14.58 -60.15 34.15
N THR B 42 14.84 -59.06 33.42
CA THR B 42 14.32 -57.74 33.80
C THR B 42 13.39 -57.23 32.69
N ASP B 43 12.26 -56.63 33.09
CA ASP B 43 11.14 -56.29 32.18
C ASP B 43 10.58 -57.57 31.52
N TRP B 44 10.61 -57.66 30.19
CA TRP B 44 10.22 -58.88 29.44
C TRP B 44 11.38 -59.48 28.65
N THR B 45 12.59 -59.18 29.12
CA THR B 45 13.83 -59.61 28.46
C THR B 45 14.64 -60.51 29.40
N ALA B 46 14.68 -61.79 29.07
CA ALA B 46 15.53 -62.75 29.76
C ALA B 46 16.86 -62.79 29.03
N THR B 47 17.93 -63.03 29.77
CA THR B 47 19.27 -63.14 29.21
C THR B 47 19.80 -64.53 29.49
N MET B 48 20.43 -65.14 28.49
CA MET B 48 21.13 -66.40 28.70
C MET B 48 22.60 -66.21 28.36
N ASN B 49 23.46 -66.70 29.25
CA ASN B 49 24.90 -66.65 29.02
C ASN B 49 25.32 -67.86 28.20
N VAL B 50 25.20 -67.74 26.89
CA VAL B 50 25.33 -68.87 25.99
C VAL B 50 26.79 -69.17 25.63
N ASN B 51 27.22 -70.39 25.95
CA ASN B 51 28.49 -70.93 25.48
C ASN B 51 28.36 -71.37 24.05
N PHE B 52 29.00 -70.62 23.15
CA PHE B 52 29.06 -71.02 21.74
C PHE B 52 30.30 -71.87 21.51
N ASP B 53 30.10 -73.01 20.87
CA ASP B 53 31.17 -73.98 20.65
C ASP B 53 31.41 -74.11 19.16
N ARG B 54 32.67 -74.23 18.76
CA ARG B 54 33.01 -74.46 17.36
C ARG B 54 32.56 -75.85 16.95
N ILE B 55 31.68 -75.93 15.96
CA ILE B 55 31.07 -77.21 15.55
C ILE B 55 32.08 -78.27 15.08
N ASP B 56 33.16 -77.79 14.47
CA ASP B 56 34.18 -78.64 13.86
C ASP B 56 35.26 -78.94 14.88
N ASN B 57 35.25 -78.21 16.00
CA ASN B 57 36.20 -78.38 17.11
C ASN B 57 35.65 -77.74 18.41
N PRO B 58 34.77 -78.48 19.12
CA PRO B 58 34.00 -77.95 20.24
C PRO B 58 34.80 -77.53 21.48
N SER B 59 36.08 -77.88 21.56
CA SER B 59 36.92 -77.45 22.69
C SER B 59 37.26 -75.95 22.58
N ILE B 60 37.12 -75.40 21.37
CA ILE B 60 37.16 -73.96 21.15
C ILE B 60 35.78 -73.39 21.52
N THR B 61 35.74 -72.62 22.61
CA THR B 61 34.48 -72.10 23.14
C THR B 61 34.55 -70.62 23.50
N VAL B 62 33.51 -69.89 23.12
CA VAL B 62 33.30 -68.51 23.61
C VAL B 62 31.90 -68.37 24.16
N GLN B 63 31.72 -67.39 25.05
CA GLN B 63 30.44 -67.13 25.66
C GLN B 63 29.95 -65.70 25.38
N HIS B 64 28.72 -65.60 24.90
CA HIS B 64 28.10 -64.31 24.66
C HIS B 64 26.68 -64.31 25.21
N PRO B 65 26.28 -63.20 25.86
CA PRO B 65 24.91 -63.03 26.35
C PRO B 65 23.94 -62.99 25.20
N VAL B 66 22.84 -63.74 25.32
CA VAL B 66 21.76 -63.69 24.34
C VAL B 66 20.50 -63.20 25.04
N GLN B 67 19.77 -62.27 24.40
CA GLN B 67 18.50 -61.79 24.92
C GLN B 67 17.33 -62.43 24.17
N VAL B 68 16.33 -62.88 24.94
CA VAL B 68 15.11 -63.52 24.44
C VAL B 68 13.94 -62.75 24.99
N GLN B 69 13.34 -61.92 24.14
CA GLN B 69 12.41 -60.89 24.60
C GLN B 69 11.05 -61.11 24.01
N VAL B 70 10.04 -61.11 24.87
CA VAL B 70 8.65 -61.08 24.40
C VAL B 70 8.36 -59.65 23.91
N THR B 71 7.93 -59.53 22.65
CA THR B 71 7.68 -58.20 22.06
C THR B 71 6.20 -57.87 22.12
N SER B 72 5.36 -58.89 22.06
CA SER B 72 3.92 -58.76 22.24
C SER B 72 3.27 -60.06 22.72
N TYR B 73 2.57 -60.00 23.85
CA TYR B 73 1.87 -61.16 24.39
C TYR B 73 0.60 -61.45 23.59
N ASN B 74 -0.14 -60.40 23.29
CA ASN B 74 -1.41 -60.51 22.61
C ASN B 74 -1.22 -60.90 21.16
N ASN B 75 -0.14 -60.44 20.54
CA ASN B 75 0.16 -60.80 19.16
C ASN B 75 1.20 -61.89 18.99
N ASN B 76 1.45 -62.65 20.07
CA ASN B 76 2.23 -63.88 20.00
C ASN B 76 3.58 -63.71 19.28
N SER B 77 4.40 -62.78 19.75
CA SER B 77 5.71 -62.53 19.13
C SER B 77 6.86 -62.31 20.12
N TYR B 78 8.00 -62.95 19.85
CA TYR B 78 9.22 -62.74 20.63
C TYR B 78 10.46 -62.36 19.80
N ARG B 79 11.57 -62.09 20.50
CA ARG B 79 12.79 -61.61 19.88
C ARG B 79 13.99 -62.36 20.46
N VAL B 80 14.97 -62.67 19.61
CA VAL B 80 16.22 -63.31 20.02
C VAL B 80 17.37 -62.48 19.49
N ARG B 81 18.31 -62.15 20.36
CA ARG B 81 19.21 -61.06 20.07
C ARG B 81 20.51 -61.22 20.83
N PHE B 82 21.62 -61.19 20.10
CA PHE B 82 22.94 -61.11 20.72
C PHE B 82 23.92 -60.39 19.81
N ASN B 83 25.13 -60.14 20.31
CA ASN B 83 26.16 -59.47 19.53
C ASN B 83 27.50 -60.19 19.71
N PRO B 84 27.93 -60.97 18.69
CA PRO B 84 29.21 -61.68 18.81
C PRO B 84 30.47 -60.80 18.76
N ASP B 85 30.29 -59.50 18.53
CA ASP B 85 31.42 -58.64 18.25
C ASP B 85 31.63 -57.53 19.29
N GLY B 86 30.67 -57.41 20.21
CA GLY B 86 30.73 -56.44 21.29
C GLY B 86 29.43 -56.44 22.08
N PRO B 87 29.24 -55.46 22.98
CA PRO B 87 28.00 -55.36 23.73
C PRO B 87 26.83 -55.07 22.83
N ILE B 88 25.67 -55.60 23.22
CA ILE B 88 24.44 -55.40 22.48
C ILE B 88 24.02 -53.94 22.52
N ARG B 89 23.72 -53.36 21.34
CA ARG B 89 23.14 -52.01 21.24
C ARG B 89 21.75 -52.04 20.60
N ASP B 90 20.90 -51.10 21.02
CA ASP B 90 19.60 -50.86 20.39
C ASP B 90 19.84 -49.97 19.16
N VAL B 91 19.26 -50.33 18.02
CA VAL B 91 19.35 -49.48 16.81
C VAL B 91 18.63 -48.13 16.99
N THR B 92 19.34 -47.02 16.73
CA THR B 92 18.67 -45.72 16.74
C THR B 92 17.77 -45.52 15.50
N ARG B 93 18.20 -46.06 14.35
CA ARG B 93 17.39 -46.02 13.13
C ARG B 93 17.11 -47.41 12.63
N GLY B 94 15.83 -47.69 12.37
CA GLY B 94 15.40 -48.99 11.82
C GLY B 94 13.89 -49.19 11.87
N PRO B 95 13.38 -50.28 11.25
CA PRO B 95 11.96 -50.61 11.37
C PRO B 95 11.55 -50.94 12.82
N ILE B 96 12.35 -51.73 13.53
CA ILE B 96 12.01 -52.11 14.90
C ILE B 96 12.81 -51.27 15.91
N LEU B 97 12.11 -50.39 16.62
CA LEU B 97 12.75 -49.43 17.59
C LEU B 97 12.31 -49.69 19.02
N LYS B 98 13.22 -49.45 19.97
CA LYS B 98 12.96 -49.71 21.39
C LYS B 98 11.70 -49.01 21.90
N GLN B 99 11.56 -47.73 21.58
CA GLN B 99 10.42 -46.95 22.01
C GLN B 99 9.08 -47.55 21.57
N GLN B 100 9.00 -48.18 20.39
CA GLN B 100 7.76 -48.89 20.02
C GLN B 100 7.53 -50.17 20.84
N LEU B 101 8.62 -50.91 21.09
CA LEU B 101 8.59 -52.10 21.91
C LEU B 101 8.18 -51.83 23.37
N ASP B 102 8.69 -50.74 23.93
CA ASP B 102 8.31 -50.28 25.26
C ASP B 102 6.82 -49.96 25.33
N TRP B 103 6.35 -49.20 24.35
CA TRP B 103 4.93 -48.86 24.27
C TRP B 103 4.03 -50.09 24.23
N ILE B 104 4.40 -51.12 23.45
CA ILE B 104 3.58 -52.35 23.36
C ILE B 104 3.50 -53.08 24.71
N ARG B 105 4.67 -53.21 25.33
CA ARG B 105 4.79 -53.85 26.62
C ARG B 105 4.08 -53.02 27.71
N THR B 106 4.27 -51.70 27.70
CA THR B 106 3.55 -50.79 28.58
C THR B 106 2.04 -50.90 28.38
N GLN B 107 1.58 -50.99 27.15
CA GLN B 107 0.16 -51.29 26.90
C GLN B 107 -0.20 -52.62 27.55
N GLU B 108 0.34 -53.70 27.01
CA GLU B 108 -0.04 -55.04 27.41
C GLU B 108 0.08 -55.30 28.91
N LEU B 109 1.04 -54.64 29.57
CA LEU B 109 1.18 -54.75 31.03
C LEU B 109 -0.05 -54.20 31.74
N SER B 110 -0.59 -53.07 31.27
CA SER B 110 -1.76 -52.47 31.90
C SER B 110 -3.07 -53.22 31.63
N GLU B 111 -3.03 -54.20 30.73
CA GLU B 111 -4.17 -55.10 30.49
C GLU B 111 -3.95 -56.40 31.27
N GLY B 112 -2.87 -56.43 32.05
CA GLY B 112 -2.49 -57.61 32.81
C GLY B 112 -2.04 -58.83 32.00
N CYS B 113 -1.35 -58.59 30.89
CA CYS B 113 -0.77 -59.69 30.14
C CYS B 113 0.46 -60.19 30.90
N ASP B 114 0.55 -61.51 31.10
CA ASP B 114 1.63 -62.16 31.86
C ASP B 114 2.26 -63.31 31.08
N PRO B 115 3.40 -63.05 30.41
CA PRO B 115 4.11 -64.11 29.70
C PRO B 115 4.70 -65.14 30.65
N GLY B 116 4.97 -64.72 31.87
CA GLY B 116 5.38 -65.62 32.93
C GLY B 116 6.78 -66.16 32.73
N MET B 117 7.68 -65.32 32.23
CA MET B 117 9.06 -65.72 31.96
C MET B 117 9.72 -66.24 33.24
N THR B 118 10.32 -67.41 33.11
CA THR B 118 10.94 -68.10 34.23
C THR B 118 12.00 -69.09 33.76
N PHE B 119 13.01 -69.29 34.59
CA PHE B 119 14.01 -70.33 34.35
C PHE B 119 13.72 -71.53 35.26
N THR B 120 13.46 -72.69 34.65
CA THR B 120 13.23 -73.94 35.39
C THR B 120 14.54 -74.39 36.01
N SER B 121 14.46 -75.31 36.98
CA SER B 121 15.64 -75.71 37.76
C SER B 121 16.83 -76.11 36.90
N GLU B 122 16.55 -76.81 35.80
CA GLU B 122 17.59 -77.24 34.85
C GLU B 122 18.26 -76.07 34.12
N GLY B 123 17.59 -74.92 34.10
CA GLY B 123 18.15 -73.71 33.49
C GLY B 123 17.52 -73.38 32.15
N PHE B 124 16.50 -74.16 31.78
CA PHE B 124 15.68 -73.87 30.61
C PHE B 124 14.92 -72.55 30.84
N LEU B 125 14.60 -71.86 29.76
CA LEU B 125 13.77 -70.68 29.82
C LEU B 125 12.38 -71.02 29.28
N THR B 126 11.36 -70.70 30.08
CA THR B 126 9.99 -70.85 29.65
C THR B 126 9.22 -69.54 29.76
N PHE B 127 8.42 -69.31 28.73
CA PHE B 127 7.45 -68.23 28.69
C PHE B 127 6.23 -68.63 27.87
N GLU B 128 5.18 -67.81 27.96
CA GLU B 128 3.93 -68.03 27.25
C GLU B 128 3.50 -66.76 26.53
N THR B 129 2.65 -66.91 25.53
CA THR B 129 1.90 -65.76 25.01
C THR B 129 0.43 -66.15 25.05
N LYS B 130 -0.46 -65.29 24.56
CA LYS B 130 -1.91 -65.52 24.52
C LYS B 130 -2.31 -66.90 23.96
N ASP B 131 -1.60 -67.35 22.94
CA ASP B 131 -1.95 -68.57 22.24
C ASP B 131 -0.76 -69.57 22.10
N LEU B 132 0.39 -69.20 22.65
CA LEU B 132 1.60 -70.04 22.57
C LEU B 132 2.32 -70.22 23.90
N SER B 133 3.09 -71.31 23.98
CA SER B 133 4.12 -71.45 25.00
C SER B 133 5.39 -71.92 24.30
N VAL B 134 6.51 -71.41 24.77
CA VAL B 134 7.80 -71.63 24.17
C VAL B 134 8.69 -72.18 25.24
N ILE B 135 9.54 -73.13 24.85
CA ILE B 135 10.60 -73.64 25.73
C ILE B 135 11.96 -73.59 25.02
N ILE B 136 12.91 -72.87 25.63
CA ILE B 136 14.31 -72.81 25.17
C ILE B 136 15.17 -73.64 26.13
N TYR B 137 15.90 -74.62 25.61
CA TYR B 137 16.71 -75.52 26.45
C TYR B 137 18.10 -74.95 26.73
N GLY B 138 18.97 -75.74 27.37
CA GLY B 138 20.31 -75.31 27.73
C GLY B 138 21.17 -74.80 26.58
N ASN B 139 21.15 -75.54 25.46
CA ASN B 139 21.94 -75.19 24.26
C ASN B 139 21.16 -74.28 23.30
N PHE B 140 20.03 -73.78 23.78
CA PHE B 140 19.15 -72.85 23.05
C PHE B 140 18.20 -73.52 22.06
N LYS B 141 18.03 -74.83 22.18
CA LYS B 141 17.00 -75.52 21.40
C LYS B 141 15.66 -74.89 21.77
N THR B 142 14.89 -74.47 20.77
CA THR B 142 13.63 -73.81 21.01
C THR B 142 12.49 -74.61 20.40
N ARG B 143 11.44 -74.83 21.19
CA ARG B 143 10.17 -75.33 20.69
C ARG B 143 9.02 -74.35 21.01
N VAL B 144 8.21 -74.07 19.99
CA VAL B 144 7.05 -73.20 20.13
C VAL B 144 5.82 -74.06 19.95
N THR B 145 4.98 -74.11 20.99
CA THR B 145 3.78 -74.92 20.99
C THR B 145 2.55 -74.05 21.05
N ARG B 146 1.62 -74.32 20.15
CA ARG B 146 0.32 -73.69 20.18
C ARG B 146 -0.50 -74.37 21.29
N LYS B 147 -1.10 -73.55 22.14
CA LYS B 147 -1.84 -74.05 23.31
C LYS B 147 -3.11 -74.80 22.94
N SER B 148 -3.86 -74.28 21.97
CA SER B 148 -5.13 -74.86 21.51
C SER B 148 -5.07 -76.37 21.35
N ASP B 149 -4.18 -76.84 20.49
CA ASP B 149 -4.10 -78.27 20.15
C ASP B 149 -2.78 -78.96 20.57
N GLY B 150 -1.88 -78.17 21.15
CA GLY B 150 -0.57 -78.66 21.53
C GLY B 150 0.30 -79.00 20.34
N LYS B 151 0.12 -78.28 19.23
CA LYS B 151 0.94 -78.52 18.03
C LYS B 151 2.21 -77.70 18.10
N VAL B 152 3.34 -78.38 17.95
CA VAL B 152 4.63 -77.73 17.84
C VAL B 152 4.63 -77.04 16.48
N ILE B 153 4.58 -75.72 16.48
CA ILE B 153 4.51 -75.01 15.21
C ILE B 153 5.89 -74.62 14.69
N MET B 154 6.89 -74.50 15.56
CA MET B 154 8.27 -74.20 15.12
C MET B 154 9.30 -74.76 16.07
N GLU B 155 10.46 -75.14 15.53
CA GLU B 155 11.62 -75.53 16.33
C GLU B 155 12.89 -75.35 15.52
N ASN B 156 13.95 -74.91 16.19
CA ASN B 156 15.22 -74.70 15.52
C ASN B 156 16.02 -76.01 15.32
N ASP B 157 17.22 -75.88 14.78
CA ASP B 157 17.98 -77.05 14.37
C ASP B 157 19.12 -77.40 15.30
N GLU B 158 19.34 -78.70 15.43
CA GLU B 158 20.52 -79.26 16.10
C GLU B 158 21.33 -80.17 15.17
N VAL B 159 22.65 -79.97 15.18
CA VAL B 159 23.61 -80.87 14.52
C VAL B 159 24.44 -81.59 15.59
N GLY B 160 24.62 -82.90 15.43
CA GLY B 160 25.36 -83.71 16.39
C GLY B 160 26.86 -83.59 16.26
N THR B 161 27.58 -83.99 17.30
CA THR B 161 29.05 -84.01 17.26
C THR B 161 29.58 -85.35 17.74
N ALA B 162 30.83 -85.63 17.37
CA ALA B 162 31.47 -86.88 17.70
C ALA B 162 31.27 -87.22 19.17
N SER B 163 31.76 -86.35 20.06
CA SER B 163 31.61 -86.54 21.50
C SER B 163 31.60 -85.23 22.29
N SER B 164 30.69 -84.32 21.92
CA SER B 164 30.50 -83.07 22.65
C SER B 164 29.05 -82.64 22.64
N GLY B 165 28.18 -83.58 22.24
CA GLY B 165 26.75 -83.40 22.26
C GLY B 165 26.24 -82.53 21.15
N ASN B 166 24.98 -82.10 21.27
CA ASN B 166 24.31 -81.34 20.23
C ASN B 166 24.62 -79.87 20.26
N LYS B 167 24.67 -79.26 19.09
CA LYS B 167 24.87 -77.80 19.00
C LYS B 167 23.72 -77.21 18.18
N CYS B 168 23.06 -76.20 18.76
CA CYS B 168 21.90 -75.57 18.14
C CYS B 168 22.29 -74.58 17.06
N ARG B 169 21.95 -74.89 15.81
CA ARG B 169 22.26 -74.02 14.69
C ARG B 169 21.24 -72.86 14.60
N GLY B 170 20.41 -72.73 15.64
CA GLY B 170 19.51 -71.59 15.81
C GLY B 170 20.26 -70.31 16.18
N LEU B 171 21.49 -70.45 16.65
CA LEU B 171 22.36 -69.30 16.94
C LEU B 171 23.80 -69.54 16.46
N MET B 172 24.12 -69.09 15.24
CA MET B 172 25.43 -69.37 14.64
C MET B 172 26.12 -68.10 14.22
N PHE B 173 27.42 -68.02 14.51
CA PHE B 173 28.28 -67.01 13.90
C PHE B 173 29.64 -67.60 13.50
N VAL B 174 30.25 -67.06 12.45
CA VAL B 174 31.57 -67.52 12.03
C VAL B 174 32.56 -67.07 13.09
N ASP B 175 33.52 -67.93 13.41
CA ASP B 175 34.63 -67.54 14.27
C ASP B 175 35.20 -66.23 13.72
N ARG B 176 35.43 -65.27 14.62
CA ARG B 176 35.95 -63.96 14.22
C ARG B 176 37.44 -64.00 13.85
N LEU B 177 37.99 -65.20 13.71
CA LEU B 177 39.32 -65.37 13.12
C LEU B 177 39.21 -65.60 11.62
N TYR B 178 38.02 -65.94 11.13
CA TYR B 178 37.83 -66.33 9.73
C TYR B 178 36.80 -65.49 8.98
N GLY B 179 35.78 -65.02 9.69
CA GLY B 179 34.75 -64.20 9.08
C GLY B 179 33.88 -63.44 10.07
N ASN B 180 32.77 -62.91 9.56
CA ASN B 180 31.86 -62.12 10.36
C ASN B 180 30.41 -62.52 10.23
N ALA B 181 30.09 -63.44 9.32
CA ALA B 181 28.71 -63.80 9.07
C ALA B 181 27.98 -64.36 10.29
N ILE B 182 26.65 -64.26 10.28
CA ILE B 182 25.79 -64.83 11.32
C ILE B 182 24.71 -65.65 10.64
N ALA B 183 24.11 -66.61 11.35
CA ALA B 183 23.07 -67.46 10.78
C ALA B 183 22.20 -68.13 11.84
N SER B 184 21.02 -68.56 11.42
CA SER B 184 20.08 -69.22 12.32
C SER B 184 19.29 -70.23 11.52
N VAL B 185 19.18 -71.45 12.04
CA VAL B 185 18.61 -72.55 11.26
C VAL B 185 17.38 -73.19 11.93
N ASN B 186 16.26 -73.20 11.21
CA ASN B 186 15.02 -73.84 11.69
C ASN B 186 14.76 -75.18 11.02
N LYS B 187 14.15 -76.11 11.74
CA LYS B 187 13.67 -77.32 11.09
C LYS B 187 12.60 -76.93 10.06
N ASN B 188 12.74 -77.41 8.83
CA ASN B 188 11.85 -77.01 7.74
C ASN B 188 10.98 -78.18 7.24
N PHE B 189 9.68 -78.03 7.44
CA PHE B 189 8.71 -79.12 7.19
C PHE B 189 8.05 -79.07 5.80
N ARG B 190 8.67 -78.35 4.85
CA ARG B 190 8.14 -78.25 3.48
C ARG B 190 7.76 -79.62 2.95
N ASN B 191 8.60 -80.61 3.26
CA ASN B 191 8.48 -81.94 2.70
C ASN B 191 7.52 -82.86 3.44
N ASP B 192 7.17 -82.48 4.67
CA ASP B 192 6.17 -83.21 5.45
C ASP B 192 4.85 -83.25 4.68
N ALA B 193 4.27 -84.46 4.62
CA ALA B 193 3.05 -84.74 3.86
C ALA B 193 1.82 -84.04 4.42
N VAL B 194 1.82 -83.86 5.75
CA VAL B 194 0.71 -83.24 6.45
C VAL B 194 0.90 -81.74 6.43
N LYS B 195 2.04 -81.27 6.94
CA LYS B 195 2.33 -79.84 7.06
C LYS B 195 2.49 -79.10 5.71
N GLN B 196 3.40 -79.58 4.86
CA GLN B 196 3.64 -79.02 3.51
C GLN B 196 3.99 -77.54 3.56
N GLU B 197 4.87 -77.19 4.50
CA GLU B 197 5.18 -75.80 4.78
C GLU B 197 5.47 -75.00 3.52
N GLY B 198 4.83 -73.85 3.44
CA GLY B 198 5.08 -72.93 2.37
C GLY B 198 5.85 -71.79 2.98
N PHE B 199 6.66 -71.15 2.14
CA PHE B 199 7.48 -70.06 2.57
C PHE B 199 7.12 -68.87 1.68
N TYR B 200 6.62 -67.80 2.30
CA TYR B 200 6.20 -66.64 1.56
C TYR B 200 6.95 -65.38 2.06
N GLY B 201 7.02 -64.37 1.21
CA GLY B 201 7.51 -63.07 1.60
C GLY B 201 8.67 -62.64 0.73
N ALA B 202 9.81 -62.39 1.38
CA ALA B 202 11.07 -61.97 0.76
C ALA B 202 10.93 -60.84 -0.29
N GLY B 203 10.00 -59.91 -0.04
CA GLY B 203 9.79 -58.71 -0.86
C GLY B 203 9.72 -58.90 -2.36
N GLU B 204 10.74 -58.42 -3.05
CA GLU B 204 10.70 -58.32 -4.51
C GLU B 204 11.30 -59.47 -5.30
N VAL B 205 11.87 -60.44 -4.62
CA VAL B 205 12.54 -61.54 -5.28
C VAL B 205 11.58 -62.22 -6.28
N ASN B 206 12.10 -62.55 -7.45
CA ASN B 206 11.37 -63.22 -8.51
C ASN B 206 11.75 -64.69 -8.54
N CYS B 207 10.82 -65.55 -8.95
CA CYS B 207 11.09 -66.97 -9.00
C CYS B 207 10.35 -67.71 -10.10
N LYS B 208 11.15 -68.33 -10.96
CA LYS B 208 10.65 -68.97 -12.15
C LYS B 208 10.44 -70.45 -11.83
N TYR B 209 9.34 -71.00 -12.32
CA TYR B 209 9.11 -72.43 -12.25
C TYR B 209 8.44 -72.80 -13.57
N GLN B 210 8.98 -73.80 -14.26
CA GLN B 210 8.71 -74.02 -15.69
C GLN B 210 8.79 -72.72 -16.50
N ASP B 211 7.63 -72.31 -17.04
CA ASP B 211 7.54 -71.15 -17.93
C ASP B 211 7.00 -69.89 -17.24
N THR B 212 6.71 -70.03 -15.95
CA THR B 212 5.94 -69.06 -15.20
C THR B 212 6.70 -68.50 -13.99
N TYR B 213 6.47 -67.23 -13.71
CA TYR B 213 6.90 -66.66 -12.43
C TYR B 213 5.79 -66.84 -11.38
N ILE B 214 6.20 -67.30 -10.20
CA ILE B 214 5.30 -67.73 -9.12
C ILE B 214 5.32 -66.87 -7.86
N LEU B 215 4.28 -67.04 -7.04
CA LEU B 215 4.18 -66.32 -5.77
C LEU B 215 5.12 -66.85 -4.67
N GLU B 216 5.14 -68.17 -4.50
CA GLU B 216 5.78 -68.79 -3.32
C GLU B 216 7.29 -68.95 -3.43
N ARG B 217 7.96 -68.77 -2.29
CA ARG B 217 9.41 -68.84 -2.14
C ARG B 217 9.85 -70.02 -1.24
N THR B 218 9.49 -71.22 -1.67
CA THR B 218 9.80 -72.42 -0.91
C THR B 218 10.88 -73.26 -1.59
N GLY B 219 11.82 -73.73 -0.78
CA GLY B 219 12.88 -74.60 -1.26
C GLY B 219 13.90 -73.88 -2.11
N ILE B 220 14.21 -72.62 -1.76
CA ILE B 220 15.09 -71.74 -2.54
C ILE B 220 16.06 -70.85 -1.73
N ALA B 221 17.14 -70.48 -2.39
CA ALA B 221 18.19 -69.70 -1.77
C ALA B 221 18.16 -68.25 -2.22
N MET B 222 17.79 -67.35 -1.33
CA MET B 222 17.66 -65.94 -1.65
C MET B 222 18.63 -65.07 -0.86
N THR B 223 18.91 -63.88 -1.37
CA THR B 223 19.76 -62.91 -0.68
C THR B 223 19.11 -61.51 -0.76
N ASN B 224 19.41 -60.68 0.23
CA ASN B 224 19.01 -59.28 0.20
C ASN B 224 20.28 -58.48 0.03
N TYR B 225 20.37 -57.80 -1.11
CA TYR B 225 21.57 -57.10 -1.54
C TYR B 225 21.06 -56.13 -2.59
N ASN B 226 20.43 -55.07 -2.09
CA ASN B 226 19.95 -53.93 -2.88
C ASN B 226 20.90 -53.51 -4.00
N TYR B 227 20.43 -53.63 -5.25
CA TYR B 227 21.27 -53.55 -6.44
C TYR B 227 20.59 -52.77 -7.59
N ASP B 228 21.39 -52.23 -8.51
CA ASP B 228 20.92 -51.50 -9.70
C ASP B 228 20.63 -52.53 -10.76
N ASN B 229 19.49 -53.19 -10.61
CA ASN B 229 19.25 -54.45 -11.24
C ASN B 229 18.22 -54.38 -12.36
N LEU B 230 18.51 -53.55 -13.36
CA LEU B 230 17.65 -53.38 -14.54
C LEU B 230 17.24 -54.74 -15.16
N ASN B 231 15.95 -54.90 -15.42
CA ASN B 231 15.37 -56.16 -15.91
C ASN B 231 15.38 -57.29 -14.88
N TYR B 232 15.92 -56.98 -13.70
CA TYR B 232 15.91 -57.93 -12.58
C TYR B 232 17.01 -58.98 -12.71
N ASN B 233 17.76 -58.96 -13.80
CA ASN B 233 18.73 -60.01 -14.12
C ASN B 233 20.12 -59.49 -14.54
N GLN B 234 20.66 -58.50 -13.85
CA GLN B 234 21.97 -57.92 -14.19
C GLN B 234 23.06 -58.98 -14.27
N TRP B 235 23.76 -59.01 -15.41
CA TRP B 235 24.74 -60.03 -15.76
C TRP B 235 25.85 -60.30 -14.73
N ASP B 236 26.31 -59.26 -14.03
CA ASP B 236 27.28 -59.40 -12.96
C ASP B 236 26.73 -60.13 -11.72
N LEU B 237 25.45 -60.48 -11.75
CA LEU B 237 24.83 -61.19 -10.65
C LEU B 237 24.62 -62.66 -11.01
N ARG B 238 25.24 -63.12 -12.10
CA ARG B 238 25.06 -64.49 -12.57
C ARG B 238 25.79 -65.50 -11.68
N PRO B 239 25.20 -66.70 -11.51
CA PRO B 239 25.88 -67.81 -10.83
C PRO B 239 27.16 -68.19 -11.55
N PRO B 240 28.22 -68.57 -10.79
CA PRO B 240 29.52 -68.89 -11.37
C PRO B 240 29.42 -69.79 -12.59
N HIS B 241 30.16 -69.40 -13.63
CA HIS B 241 30.22 -70.10 -14.91
C HIS B 241 28.84 -70.30 -15.58
N HIS B 242 27.91 -69.37 -15.34
CA HIS B 242 26.60 -69.43 -16.01
C HIS B 242 26.73 -69.22 -17.53
N ASP B 243 26.11 -70.14 -18.27
CA ASP B 243 26.12 -70.08 -19.72
C ASP B 243 24.80 -69.48 -20.19
N GLY B 244 24.86 -68.68 -21.26
CA GLY B 244 23.64 -68.24 -21.93
C GLY B 244 22.92 -67.15 -21.18
N ALA B 245 21.66 -66.93 -21.55
CA ALA B 245 20.84 -65.88 -20.94
C ALA B 245 20.66 -66.10 -19.43
N LEU B 246 20.73 -65.02 -18.67
CA LEU B 246 20.40 -65.06 -17.25
C LEU B 246 18.98 -64.52 -17.09
N ASN B 247 18.08 -65.41 -16.71
CA ASN B 247 16.70 -65.04 -16.48
C ASN B 247 16.52 -64.57 -15.04
N PRO B 248 15.53 -63.68 -14.79
CA PRO B 248 15.16 -63.29 -13.42
C PRO B 248 14.78 -64.51 -12.61
N ASP B 249 15.40 -64.64 -11.43
CA ASP B 249 15.26 -65.87 -10.64
C ASP B 249 15.63 -65.70 -9.19
N TYR B 250 15.26 -66.72 -8.40
CA TYR B 250 15.25 -66.58 -6.94
C TYR B 250 16.58 -66.14 -6.29
N TYR B 251 17.67 -66.38 -6.99
CA TYR B 251 19.01 -66.22 -6.44
C TYR B 251 19.62 -64.91 -6.87
N ILE B 252 18.78 -64.02 -7.40
CA ILE B 252 19.23 -62.69 -7.77
C ILE B 252 18.61 -61.66 -6.84
N PRO B 253 19.45 -60.82 -6.22
CA PRO B 253 18.94 -59.81 -5.30
C PRO B 253 18.17 -58.71 -6.03
N MET B 254 17.47 -57.86 -5.29
CA MET B 254 16.66 -56.82 -5.90
C MET B 254 16.95 -55.44 -5.32
N TYR B 255 15.92 -54.60 -5.39
CA TYR B 255 16.06 -53.21 -5.01
C TYR B 255 15.70 -52.96 -3.56
N TYR B 256 15.09 -53.94 -2.91
CA TYR B 256 14.47 -53.81 -1.57
C TYR B 256 15.02 -54.86 -0.61
N ALA B 257 15.50 -54.44 0.57
CA ALA B 257 15.96 -55.43 1.57
C ALA B 257 14.82 -55.97 2.45
N ALA B 258 14.31 -57.17 2.11
CA ALA B 258 13.24 -57.84 2.87
C ALA B 258 13.66 -59.23 3.39
N PRO B 259 14.51 -59.26 4.45
CA PRO B 259 14.82 -60.50 5.18
C PRO B 259 13.65 -60.90 6.08
N TRP B 260 12.58 -61.39 5.45
CA TRP B 260 11.30 -61.59 6.07
C TRP B 260 10.63 -62.75 5.37
N LEU B 261 10.09 -63.68 6.15
CA LEU B 261 9.40 -64.82 5.62
C LEU B 261 8.17 -65.15 6.48
N ILE B 262 7.08 -65.52 5.83
CA ILE B 262 5.93 -66.05 6.55
C ILE B 262 5.83 -67.50 6.11
N VAL B 263 5.69 -68.38 7.10
CA VAL B 263 5.61 -69.81 6.90
C VAL B 263 4.16 -70.31 7.08
N ASN B 264 3.60 -70.91 6.04
CA ASN B 264 2.22 -71.40 6.11
C ASN B 264 2.20 -72.92 6.10
N GLY B 265 1.76 -73.50 7.20
CA GLY B 265 1.71 -74.95 7.31
C GLY B 265 0.31 -75.44 7.57
N CYS B 266 0.05 -76.67 7.18
CA CYS B 266 -1.28 -77.26 7.32
C CYS B 266 -2.32 -76.28 6.79
N ALA B 267 -2.02 -75.69 5.64
CA ALA B 267 -2.88 -74.73 4.97
C ALA B 267 -4.23 -75.34 4.65
N GLY B 268 -5.29 -74.55 4.87
CA GLY B 268 -6.64 -74.90 4.46
C GLY B 268 -7.46 -75.74 5.42
N THR B 269 -6.83 -76.19 6.51
CA THR B 269 -7.47 -77.04 7.51
C THR B 269 -7.59 -76.23 8.80
N SER B 270 -8.40 -76.74 9.73
CA SER B 270 -8.64 -76.10 11.02
C SER B 270 -7.38 -75.93 11.89
N GLU B 271 -6.35 -76.74 11.63
CA GLU B 271 -5.06 -76.56 12.32
C GLU B 271 -4.00 -75.87 11.46
N GLN B 272 -4.44 -74.92 10.64
CA GLN B 272 -3.52 -74.08 9.88
C GLN B 272 -2.68 -73.23 10.85
N TYR B 273 -1.38 -73.11 10.60
CA TYR B 273 -0.54 -72.26 11.41
C TYR B 273 0.36 -71.44 10.53
N SER B 274 0.60 -70.20 10.95
CA SER B 274 1.43 -69.28 10.22
C SER B 274 2.29 -68.50 11.18
N TYR B 275 3.59 -68.43 10.89
CA TYR B 275 4.45 -67.52 11.63
C TYR B 275 5.43 -66.71 10.77
N GLY B 276 5.67 -65.48 11.17
CA GLY B 276 6.66 -64.64 10.52
C GLY B 276 8.02 -64.82 11.16
N TRP B 277 9.07 -64.60 10.34
CA TRP B 277 10.46 -64.72 10.73
C TRP B 277 11.21 -63.60 10.06
N PHE B 278 11.78 -62.73 10.89
CA PHE B 278 12.41 -61.50 10.46
C PHE B 278 13.77 -61.33 11.13
N MET B 279 14.84 -61.47 10.35
CA MET B 279 16.15 -61.18 10.90
C MET B 279 16.45 -59.71 10.62
N ASP B 280 16.42 -58.92 11.68
CA ASP B 280 16.70 -57.50 11.52
C ASP B 280 18.19 -57.31 11.25
N ASN B 281 18.53 -57.11 9.98
CA ASN B 281 19.93 -56.97 9.55
C ASN B 281 20.05 -56.29 8.19
N VAL B 282 20.89 -55.25 8.17
CA VAL B 282 21.06 -54.34 7.04
C VAL B 282 22.36 -54.60 6.26
N SER B 283 23.17 -55.56 6.72
CA SER B 283 24.23 -56.09 5.88
C SER B 283 23.60 -57.14 4.93
N GLN B 284 24.43 -57.77 4.10
CA GLN B 284 23.90 -58.70 3.12
C GLN B 284 23.30 -59.91 3.82
N SER B 285 21.98 -60.07 3.73
CA SER B 285 21.30 -61.14 4.42
C SER B 285 20.95 -62.22 3.41
N TYR B 286 20.59 -63.39 3.95
CA TYR B 286 20.19 -64.56 3.17
C TYR B 286 19.02 -65.23 3.81
N MET B 287 18.24 -65.91 2.97
CA MET B 287 17.09 -66.67 3.42
C MET B 287 17.02 -67.90 2.54
N ASN B 288 17.34 -69.05 3.14
CA ASN B 288 17.34 -70.31 2.42
C ASN B 288 16.22 -71.17 2.95
N THR B 289 15.24 -71.41 2.09
CA THR B 289 14.06 -72.14 2.49
C THR B 289 14.14 -73.60 2.08
N GLY B 290 15.35 -74.15 2.07
CA GLY B 290 15.53 -75.57 1.75
C GLY B 290 16.10 -75.89 0.38
N ASP B 291 17.08 -75.11 -0.07
CA ASP B 291 17.69 -75.29 -1.39
C ASP B 291 19.00 -76.07 -1.31
N THR B 292 19.08 -77.18 -2.05
CA THR B 292 20.33 -77.96 -2.15
C THR B 292 21.28 -77.42 -3.22
N THR B 293 20.85 -76.44 -4.00
CA THR B 293 21.65 -75.94 -5.10
C THR B 293 22.92 -75.29 -4.55
N TRP B 294 24.05 -75.61 -5.19
CA TRP B 294 25.40 -75.17 -4.76
C TRP B 294 25.72 -75.55 -3.32
N ASN B 295 25.08 -76.60 -2.82
CA ASN B 295 25.08 -76.93 -1.39
C ASN B 295 24.84 -75.72 -0.46
N SER B 296 23.87 -74.90 -0.85
CA SER B 296 23.48 -73.70 -0.06
C SER B 296 22.78 -74.08 1.23
N GLY B 297 21.85 -75.02 1.13
CA GLY B 297 21.16 -75.56 2.27
C GLY B 297 20.71 -77.00 2.05
N GLN B 298 19.75 -77.41 2.85
CA GLN B 298 19.24 -78.78 2.83
C GLN B 298 17.72 -78.71 2.79
N GLU B 299 17.13 -79.69 2.12
CA GLU B 299 15.68 -79.67 1.91
C GLU B 299 14.85 -79.48 3.18
N ASP B 300 15.26 -80.13 4.28
CA ASP B 300 14.51 -80.11 5.54
C ASP B 300 15.01 -79.07 6.56
N LEU B 301 15.81 -78.11 6.09
CA LEU B 301 16.29 -77.01 6.94
C LEU B 301 15.95 -75.66 6.32
N ALA B 302 15.52 -74.72 7.14
CA ALA B 302 15.34 -73.34 6.72
C ALA B 302 16.32 -72.46 7.50
N TYR B 303 17.00 -71.56 6.81
CA TYR B 303 17.88 -70.63 7.51
C TYR B 303 17.77 -69.18 7.03
N MET B 304 18.28 -68.30 7.88
CA MET B 304 18.48 -66.91 7.57
C MET B 304 19.86 -66.58 8.13
N GLY B 305 20.58 -65.70 7.45
CA GLY B 305 21.89 -65.26 7.92
C GLY B 305 22.38 -64.01 7.19
N ALA B 306 23.51 -63.48 7.63
CA ALA B 306 24.00 -62.22 7.08
C ALA B 306 25.51 -62.17 7.09
N GLN B 307 26.09 -61.46 6.15
CA GLN B 307 27.55 -61.24 6.11
C GLN B 307 28.13 -60.58 7.37
N TYR B 308 27.30 -59.84 8.12
CA TYR B 308 27.76 -59.12 9.32
C TYR B 308 26.80 -59.06 10.50
N GLY B 309 27.37 -58.84 11.68
CA GLY B 309 26.60 -58.72 12.91
C GLY B 309 25.77 -57.44 12.88
N PRO B 310 24.82 -57.30 13.80
CA PRO B 310 24.54 -58.23 14.88
C PRO B 310 23.36 -59.19 14.65
N PHE B 311 23.14 -60.05 15.65
CA PHE B 311 22.02 -60.99 15.66
C PHE B 311 20.82 -60.32 16.33
N ASP B 312 19.71 -60.31 15.61
CA ASP B 312 18.49 -59.69 16.12
C ASP B 312 17.37 -60.23 15.28
N GLN B 313 16.58 -61.09 15.89
CA GLN B 313 15.66 -61.93 15.17
C GLN B 313 14.27 -61.76 15.73
N HIS B 314 13.27 -61.72 14.85
CA HIS B 314 11.89 -61.60 15.28
C HIS B 314 11.07 -62.73 14.73
N PHE B 315 10.38 -63.40 15.64
CA PHE B 315 9.51 -64.49 15.31
C PHE B 315 8.11 -64.03 15.65
N VAL B 316 7.30 -63.80 14.61
CA VAL B 316 5.99 -63.17 14.75
C VAL B 316 4.87 -64.13 14.33
N TYR B 317 4.16 -64.66 15.33
CA TYR B 317 3.04 -65.57 15.08
C TYR B 317 1.70 -64.85 14.93
N GLY B 318 1.52 -63.75 15.65
CA GLY B 318 0.35 -62.89 15.43
C GLY B 318 -0.89 -63.34 16.20
N ALA B 319 -1.75 -62.36 16.46
CA ALA B 319 -2.94 -62.55 17.30
C ALA B 319 -4.05 -63.41 16.69
N GLY B 320 -4.32 -63.24 15.41
CA GLY B 320 -5.46 -63.91 14.81
C GLY B 320 -5.13 -65.28 14.26
N GLY B 321 -5.86 -65.68 13.23
CA GLY B 321 -5.58 -66.92 12.49
C GLY B 321 -5.38 -66.57 11.03
N GLY B 322 -4.22 -66.95 10.48
CA GLY B 322 -3.97 -66.74 9.05
C GLY B 322 -2.72 -65.96 8.75
N MET B 323 -2.29 -65.99 7.49
CA MET B 323 -1.08 -65.28 7.07
C MET B 323 -1.24 -63.78 7.24
N GLU B 324 -2.42 -63.25 6.94
CA GLU B 324 -2.67 -61.80 7.04
C GLU B 324 -2.45 -61.28 8.44
N CSO B 325 -2.79 -62.10 9.44
CA CSO B 325 -2.59 -61.74 10.84
CB CSO B 325 -3.43 -62.65 11.74
SG CSO B 325 -5.21 -62.31 11.49
C CSO B 325 -1.12 -61.69 11.26
O CSO B 325 -0.77 -61.00 12.22
OD CSO B 325 -5.49 -60.63 10.86
N VAL B 326 -0.26 -62.38 10.51
CA VAL B 326 1.18 -62.25 10.69
C VAL B 326 1.66 -60.87 10.20
N VAL B 327 1.08 -60.42 9.09
CA VAL B 327 1.47 -59.16 8.47
C VAL B 327 1.17 -57.99 9.41
N THR B 328 0.00 -58.02 10.03
CA THR B 328 -0.37 -56.90 10.89
C THR B 328 0.45 -56.89 12.19
N ALA B 329 0.76 -58.07 12.72
CA ALA B 329 1.50 -58.12 13.99
C ALA B 329 2.93 -57.55 13.88
N PHE B 330 3.55 -57.83 12.73
CA PHE B 330 4.84 -57.32 12.35
C PHE B 330 4.77 -55.80 12.11
N SER B 331 3.69 -55.35 11.49
CA SER B 331 3.42 -53.92 11.30
C SER B 331 3.32 -53.13 12.61
N LEU B 332 2.74 -53.72 13.65
CA LEU B 332 2.66 -53.07 14.96
C LEU B 332 4.02 -53.01 15.67
N LEU B 333 4.81 -54.08 15.56
CA LEU B 333 6.19 -54.02 16.06
C LEU B 333 6.98 -52.89 15.39
N GLN B 334 6.49 -52.42 14.24
CA GLN B 334 7.13 -51.32 13.48
C GLN B 334 6.36 -50.02 13.60
N GLY B 335 5.33 -49.99 14.44
CA GLY B 335 4.35 -48.91 14.46
C GLY B 335 4.82 -47.60 15.10
N LYS B 336 4.04 -46.54 14.90
CA LYS B 336 4.38 -45.26 15.49
C LYS B 336 3.36 -44.85 16.55
N GLU B 337 2.64 -45.84 17.10
CA GLU B 337 1.79 -45.63 18.26
C GLU B 337 2.51 -44.90 19.40
N PHE B 338 3.80 -45.19 19.58
CA PHE B 338 4.59 -44.51 20.60
C PHE B 338 4.71 -42.99 20.38
N GLU B 339 4.52 -42.56 19.15
CA GLU B 339 4.53 -41.12 18.82
C GLU B 339 3.15 -40.49 18.97
N ASN B 340 2.16 -41.34 19.27
CA ASN B 340 0.77 -40.93 19.40
C ASN B 340 0.19 -40.51 18.05
N GLN B 341 0.65 -41.17 17.00
CA GLN B 341 0.09 -40.93 15.67
C GLN B 341 -1.40 -41.15 15.70
N VAL B 342 -2.14 -40.12 15.32
CA VAL B 342 -3.57 -40.25 15.29
C VAL B 342 -3.94 -41.12 14.10
N LEU B 343 -3.20 -41.02 13.00
CA LEU B 343 -3.58 -41.71 11.78
C LEU B 343 -2.54 -42.71 11.26
N ASN B 344 -1.29 -42.28 11.19
CA ASN B 344 -0.22 -43.03 10.56
C ASN B 344 0.49 -43.99 11.50
N LYS B 345 -0.30 -44.84 12.14
CA LYS B 345 0.18 -45.83 13.07
C LYS B 345 1.15 -46.83 12.43
N ARG B 346 0.73 -47.49 11.36
CA ARG B 346 1.50 -48.60 10.77
C ARG B 346 2.15 -48.27 9.42
N SER B 347 2.03 -47.01 8.99
CA SER B 347 2.53 -46.50 7.70
C SER B 347 1.93 -45.11 7.50
N VAL B 348 2.52 -44.30 6.61
CA VAL B 348 1.96 -42.98 6.29
C VAL B 348 1.04 -42.99 5.10
N MET B 349 -0.05 -42.25 5.26
CA MET B 349 -1.12 -42.14 4.27
C MET B 349 -0.74 -41.28 3.09
N PRO B 350 -0.95 -41.77 1.85
CA PRO B 350 -0.72 -40.90 0.71
C PRO B 350 -1.80 -39.82 0.67
N PRO B 351 -1.57 -38.75 -0.10
CA PRO B 351 -2.74 -38.00 -0.54
C PRO B 351 -3.52 -38.87 -1.54
N LYS B 352 -4.80 -38.57 -1.73
CA LYS B 352 -5.66 -39.28 -2.67
C LYS B 352 -5.03 -39.48 -4.05
N TYR B 353 -4.33 -38.47 -4.56
CA TYR B 353 -3.84 -38.49 -5.95
C TYR B 353 -2.88 -39.64 -6.32
N VAL B 354 -2.18 -40.16 -5.33
CA VAL B 354 -1.27 -41.27 -5.53
C VAL B 354 -2.00 -42.51 -6.10
N PHE B 355 -3.31 -42.57 -5.93
CA PHE B 355 -4.05 -43.65 -6.53
C PHE B 355 -4.58 -43.34 -7.95
N GLY B 356 -4.11 -42.22 -8.53
CA GLY B 356 -4.52 -41.84 -9.89
C GLY B 356 -3.54 -42.34 -10.94
N PHE B 357 -3.94 -42.34 -12.21
CA PHE B 357 -3.08 -42.91 -13.27
C PHE B 357 -2.03 -41.92 -13.79
N PHE B 358 -0.76 -42.26 -13.58
CA PHE B 358 0.37 -41.42 -13.97
C PHE B 358 1.08 -41.93 -15.23
N GLN B 359 1.64 -40.98 -15.99
CA GLN B 359 2.55 -41.27 -17.08
C GLN B 359 3.97 -40.73 -16.79
N GLY B 360 4.95 -41.61 -16.93
CA GLY B 360 6.32 -41.22 -16.80
C GLY B 360 7.02 -41.47 -18.10
N VAL B 361 8.03 -40.67 -18.40
CA VAL B 361 8.82 -40.85 -19.57
C VAL B 361 10.25 -40.45 -19.25
N PHE B 362 11.16 -41.39 -19.46
CA PHE B 362 12.55 -41.03 -19.55
C PHE B 362 12.82 -40.66 -21.01
N GLY B 363 13.06 -39.38 -21.23
CA GLY B 363 13.32 -38.86 -22.59
C GLY B 363 12.37 -37.81 -23.14
N THR B 364 11.96 -36.85 -22.29
CA THR B 364 11.30 -35.63 -22.76
C THR B 364 12.33 -34.51 -22.86
N SER B 365 12.06 -33.49 -23.65
CA SER B 365 13.07 -32.48 -23.91
C SER B 365 12.61 -31.08 -23.54
N SER B 366 11.29 -30.92 -23.41
CA SER B 366 10.70 -29.65 -23.02
C SER B 366 9.30 -29.80 -22.45
N LEU B 367 8.85 -28.74 -21.76
CA LEU B 367 7.47 -28.63 -21.34
C LEU B 367 6.54 -28.50 -22.55
N LEU B 368 6.70 -27.40 -23.28
CA LEU B 368 5.81 -27.05 -24.40
C LEU B 368 6.37 -27.48 -25.75
N ARG B 369 5.47 -27.87 -26.65
CA ARG B 369 5.80 -28.14 -28.04
C ARG B 369 6.62 -27.01 -28.66
N ALA B 370 6.25 -25.77 -28.31
CA ALA B 370 6.85 -24.56 -28.87
C ALA B 370 8.32 -24.33 -28.46
N HIS B 371 8.79 -25.03 -27.44
CA HIS B 371 10.20 -24.93 -27.04
C HIS B 371 10.93 -26.25 -27.01
N MET B 372 10.41 -27.22 -27.75
CA MET B 372 11.10 -28.49 -27.89
C MET B 372 12.27 -28.33 -28.86
N PRO B 373 13.48 -28.78 -28.46
CA PRO B 373 14.56 -28.81 -29.43
C PRO B 373 14.28 -29.92 -30.44
N ALA B 374 14.75 -29.73 -31.67
CA ALA B 374 14.59 -30.73 -32.72
C ALA B 374 15.43 -31.96 -32.41
N GLY B 375 14.98 -33.11 -32.88
CA GLY B 375 15.65 -34.38 -32.64
C GLY B 375 14.71 -35.52 -32.92
N GLU B 376 15.26 -36.59 -33.49
CA GLU B 376 14.46 -37.74 -33.90
C GLU B 376 13.65 -38.29 -32.73
N ASN B 377 12.33 -38.38 -32.96
CA ASN B 377 11.35 -38.89 -31.99
C ASN B 377 11.23 -38.11 -30.67
N ASN B 378 11.86 -36.94 -30.58
CA ASN B 378 11.72 -36.06 -29.42
C ASN B 378 10.27 -35.76 -29.11
N ILE B 379 9.97 -35.61 -27.82
CA ILE B 379 8.62 -35.31 -27.33
C ILE B 379 8.65 -34.29 -26.19
N SER B 380 7.58 -33.50 -26.10
CA SER B 380 7.39 -32.53 -25.03
C SER B 380 6.39 -33.05 -24.00
N VAL B 381 6.41 -32.49 -22.80
CA VAL B 381 5.38 -32.82 -21.83
C VAL B 381 4.00 -32.51 -22.40
N GLU B 382 3.85 -31.30 -22.93
CA GLU B 382 2.60 -30.89 -23.56
C GLU B 382 1.96 -32.02 -24.37
N GLU B 383 2.72 -32.67 -25.26
CA GLU B 383 2.15 -33.68 -26.16
C GLU B 383 1.55 -34.85 -25.38
N ILE B 384 2.26 -35.30 -24.35
CA ILE B 384 1.78 -36.38 -23.48
C ILE B 384 0.43 -35.99 -22.86
N VAL B 385 0.39 -34.82 -22.23
CA VAL B 385 -0.84 -34.33 -21.60
C VAL B 385 -1.99 -34.22 -22.60
N GLU B 386 -1.69 -33.76 -23.81
CA GLU B 386 -2.70 -33.57 -24.85
C GLU B 386 -3.35 -34.88 -25.29
N GLY B 387 -2.53 -35.90 -25.48
CA GLY B 387 -3.00 -37.19 -25.96
C GLY B 387 -3.94 -37.85 -24.98
N TYR B 388 -3.63 -37.71 -23.69
CA TYR B 388 -4.45 -38.29 -22.64
C TYR B 388 -5.71 -37.49 -22.44
N GLN B 389 -5.58 -36.16 -22.41
CA GLN B 389 -6.77 -35.34 -22.20
C GLN B 389 -7.71 -35.35 -23.41
N ASN B 390 -7.18 -35.06 -24.61
CA ASN B 390 -7.99 -35.08 -25.83
C ASN B 390 -8.74 -36.41 -26.00
N ASN B 391 -8.17 -37.50 -25.52
CA ASN B 391 -8.81 -38.79 -25.67
C ASN B 391 -9.54 -39.24 -24.40
N ASN B 392 -9.90 -38.25 -23.60
CA ASN B 392 -10.69 -38.42 -22.40
C ASN B 392 -10.26 -39.65 -21.60
N PHE B 393 -8.99 -39.66 -21.21
CA PHE B 393 -8.48 -40.65 -20.29
C PHE B 393 -8.57 -40.01 -18.94
N PRO B 394 -8.80 -40.83 -17.90
CA PRO B 394 -8.57 -40.32 -16.56
C PRO B 394 -7.07 -40.23 -16.36
N PHE B 395 -6.56 -39.06 -16.00
CA PHE B 395 -5.14 -38.84 -15.98
C PHE B 395 -4.71 -37.96 -14.81
N GLU B 396 -3.85 -38.49 -13.96
CA GLU B 396 -3.51 -37.82 -12.73
C GLU B 396 -2.42 -36.80 -12.93
N GLY B 397 -1.47 -37.16 -13.78
CA GLY B 397 -0.31 -36.34 -13.99
C GLY B 397 0.91 -37.12 -14.43
N LEU B 398 2.07 -36.58 -14.09
CA LEU B 398 3.31 -36.94 -14.76
C LEU B 398 4.40 -37.36 -13.81
N ALA B 399 5.26 -38.24 -14.31
CA ALA B 399 6.54 -38.50 -13.69
C ALA B 399 7.61 -37.81 -14.55
N VAL B 400 8.12 -36.70 -14.03
CA VAL B 400 9.00 -35.83 -14.78
C VAL B 400 10.42 -36.22 -14.41
N ASP B 401 11.11 -36.81 -15.38
CA ASP B 401 12.41 -37.42 -15.16
C ASP B 401 13.53 -36.38 -15.12
N VAL B 402 14.76 -36.85 -14.91
CA VAL B 402 15.95 -35.99 -14.86
C VAL B 402 16.13 -35.13 -16.11
N ASP B 403 15.34 -35.41 -17.14
CA ASP B 403 15.29 -34.59 -18.34
C ASP B 403 15.12 -33.09 -18.02
N MET B 404 14.30 -32.79 -17.01
CA MET B 404 13.97 -31.40 -16.68
C MET B 404 15.10 -30.66 -15.98
N GLN B 405 16.02 -31.40 -15.37
CA GLN B 405 17.11 -30.80 -14.63
C GLN B 405 18.05 -30.03 -15.55
N ASP B 406 18.80 -29.12 -14.96
CA ASP B 406 19.86 -28.49 -15.68
C ASP B 406 21.08 -29.41 -15.59
N ASN B 407 21.50 -29.93 -16.73
CA ASN B 407 22.60 -30.90 -16.81
C ASN B 407 22.75 -31.81 -15.56
N LEU B 408 21.70 -32.60 -15.28
CA LEU B 408 21.76 -33.67 -14.29
C LEU B 408 21.99 -33.26 -12.82
N ARG B 409 22.06 -31.94 -12.58
CA ARG B 409 22.11 -31.38 -11.24
C ARG B 409 20.75 -31.54 -10.59
N VAL B 410 20.72 -32.23 -9.45
CA VAL B 410 19.45 -32.50 -8.81
C VAL B 410 18.94 -31.25 -8.06
N PHE B 411 17.62 -31.08 -8.04
CA PHE B 411 16.94 -29.90 -7.50
C PHE B 411 16.89 -28.68 -8.44
N THR B 412 17.64 -28.71 -9.55
CA THR B 412 17.54 -27.64 -10.55
C THR B 412 16.50 -27.93 -11.63
N THR B 413 16.14 -26.88 -12.38
CA THR B 413 15.38 -27.00 -13.62
C THR B 413 16.16 -26.32 -14.74
N LYS B 414 15.89 -26.70 -16.00
CA LYS B 414 16.35 -25.87 -17.11
C LYS B 414 15.18 -25.18 -17.85
N GLY B 415 15.50 -24.12 -18.59
CA GLY B 415 14.51 -23.21 -19.19
C GLY B 415 13.44 -23.83 -20.06
N GLU B 416 13.82 -24.82 -20.88
CA GLU B 416 12.88 -25.56 -21.71
C GLU B 416 11.74 -26.16 -20.92
N PHE B 417 11.90 -26.24 -19.60
CA PHE B 417 10.85 -26.81 -18.76
C PHE B 417 10.03 -25.74 -18.04
N TRP B 418 10.01 -24.57 -18.68
CA TRP B 418 9.16 -23.45 -18.28
C TRP B 418 8.44 -22.93 -19.53
N THR B 419 7.27 -22.33 -19.34
CA THR B 419 6.43 -21.88 -20.45
C THR B 419 7.08 -20.78 -21.29
N ALA B 420 7.75 -19.84 -20.62
CA ALA B 420 8.42 -18.76 -21.34
C ALA B 420 9.89 -19.07 -21.66
N ASN B 421 10.24 -20.36 -21.63
CA ASN B 421 11.60 -20.84 -21.99
C ASN B 421 12.73 -20.24 -21.15
N ARG B 422 12.45 -19.96 -19.88
CA ARG B 422 13.50 -19.55 -18.94
C ARG B 422 13.09 -19.88 -17.49
N VAL B 423 14.09 -20.14 -16.65
CA VAL B 423 13.85 -20.51 -15.27
C VAL B 423 13.48 -19.28 -14.43
N GLY B 424 12.36 -19.36 -13.73
CA GLY B 424 11.92 -18.32 -12.78
C GLY B 424 11.91 -18.89 -11.36
N THR B 425 11.44 -18.13 -10.39
CA THR B 425 11.35 -18.68 -9.03
C THR B 425 9.95 -19.11 -8.65
N GLY B 426 9.02 -19.10 -9.60
CA GLY B 426 7.68 -19.65 -9.35
C GLY B 426 6.68 -18.57 -9.00
N GLY B 427 5.39 -18.86 -9.18
CA GLY B 427 4.35 -17.87 -8.93
C GLY B 427 4.29 -16.67 -9.87
N ASP B 428 4.97 -16.77 -11.02
CA ASP B 428 4.75 -15.81 -12.11
C ASP B 428 3.72 -16.37 -13.12
N PRO B 429 2.55 -15.70 -13.23
CA PRO B 429 1.51 -16.21 -14.13
C PRO B 429 1.96 -16.17 -15.59
N ASN B 430 2.99 -15.38 -15.86
CA ASN B 430 3.51 -15.25 -17.22
C ASN B 430 4.71 -16.16 -17.53
N ASN B 431 5.04 -17.07 -16.62
CA ASN B 431 6.13 -18.01 -16.83
C ASN B 431 6.04 -19.20 -15.87
N ARG B 432 5.24 -20.19 -16.26
CA ARG B 432 4.99 -21.36 -15.42
C ARG B 432 6.01 -22.49 -15.63
N SER B 433 6.44 -23.07 -14.51
CA SER B 433 7.25 -24.28 -14.53
C SER B 433 6.34 -25.42 -14.93
N VAL B 434 6.93 -26.55 -15.32
CA VAL B 434 6.17 -27.75 -15.68
C VAL B 434 5.10 -28.13 -14.65
N PHE B 435 5.35 -27.80 -13.38
CA PHE B 435 4.46 -28.16 -12.28
C PHE B 435 3.30 -27.21 -12.17
N GLU B 436 3.59 -25.91 -12.21
CA GLU B 436 2.57 -24.90 -12.18
C GLU B 436 1.67 -25.03 -13.40
N TRP B 437 2.28 -25.19 -14.57
CA TRP B 437 1.55 -25.50 -15.79
C TRP B 437 0.70 -26.75 -15.60
N ALA B 438 1.31 -27.81 -15.06
CA ALA B 438 0.58 -29.06 -14.84
C ALA B 438 -0.64 -28.83 -13.95
N HIS B 439 -0.48 -28.00 -12.91
CA HIS B 439 -1.59 -27.70 -12.02
C HIS B 439 -2.76 -27.13 -12.80
N ASP B 440 -2.46 -26.16 -13.67
CA ASP B 440 -3.46 -25.56 -14.55
C ASP B 440 -4.14 -26.56 -15.47
N LYS B 441 -3.48 -27.69 -15.74
CA LYS B 441 -4.12 -28.80 -16.50
C LYS B 441 -4.85 -29.84 -15.62
N GLY B 442 -5.01 -29.53 -14.32
CA GLY B 442 -5.66 -30.43 -13.37
C GLY B 442 -4.84 -31.68 -13.13
N LEU B 443 -3.53 -31.49 -12.99
CA LEU B 443 -2.59 -32.57 -12.82
C LEU B 443 -1.73 -32.29 -11.63
N VAL B 444 -0.94 -33.28 -11.24
CA VAL B 444 0.09 -33.13 -10.22
C VAL B 444 1.23 -33.99 -10.67
N CYS B 445 2.43 -33.69 -10.19
CA CYS B 445 3.60 -34.40 -10.65
C CYS B 445 4.43 -34.98 -9.53
N GLN B 446 5.21 -35.99 -9.88
CA GLN B 446 6.37 -36.38 -9.11
C GLN B 446 7.54 -36.12 -10.05
N THR B 447 8.70 -35.78 -9.50
CA THR B 447 9.92 -35.65 -10.30
C THR B 447 11.10 -36.40 -9.68
N ASN B 448 11.96 -36.89 -10.55
CA ASN B 448 13.04 -37.79 -10.17
C ASN B 448 14.08 -37.12 -9.28
N ILE B 449 14.35 -37.74 -8.14
CA ILE B 449 15.31 -37.20 -7.16
C ILE B 449 16.22 -38.29 -6.64
N THR B 450 17.52 -38.11 -6.87
CA THR B 450 18.56 -39.00 -6.35
C THR B 450 19.50 -38.21 -5.45
N CYS B 451 20.32 -38.91 -4.67
CA CYS B 451 21.32 -38.24 -3.84
C CYS B 451 22.66 -38.14 -4.57
N PHE B 452 22.61 -38.05 -5.89
CA PHE B 452 23.78 -37.80 -6.69
C PHE B 452 23.85 -36.30 -6.86
N LEU B 453 24.79 -35.66 -6.18
CA LEU B 453 25.00 -34.23 -6.29
C LEU B 453 26.15 -33.94 -7.26
N ARG B 454 25.82 -33.57 -8.50
CA ARG B 454 26.80 -33.42 -9.61
C ARG B 454 28.03 -32.64 -9.21
N ASN B 455 29.20 -33.13 -9.63
CA ASN B 455 30.47 -32.68 -9.13
C ASN B 455 31.45 -32.10 -10.15
N ASP B 456 31.37 -32.56 -11.41
CA ASP B 456 32.09 -31.96 -12.53
C ASP B 456 31.18 -30.89 -13.15
N ASN B 457 31.38 -29.65 -12.71
CA ASN B 457 30.42 -28.59 -13.01
C ASN B 457 30.87 -27.60 -14.07
N GLU B 458 32.11 -27.81 -14.54
CA GLU B 458 32.71 -27.06 -15.64
C GLU B 458 32.57 -25.56 -15.46
N GLY B 459 32.80 -25.10 -14.23
CA GLY B 459 32.78 -23.68 -13.91
C GLY B 459 31.42 -23.02 -13.70
N GLN B 460 30.34 -23.79 -13.87
CA GLN B 460 28.99 -23.28 -13.59
C GLN B 460 28.69 -23.50 -12.11
N ASP B 461 27.92 -22.59 -11.51
CA ASP B 461 27.61 -22.68 -10.09
C ASP B 461 26.46 -23.65 -9.82
N TYR B 462 26.73 -24.59 -8.93
CA TYR B 462 25.72 -25.52 -8.45
C TYR B 462 25.74 -25.50 -6.94
N GLU B 463 24.92 -24.61 -6.39
CA GLU B 463 24.90 -24.34 -4.97
C GLU B 463 24.74 -25.60 -4.12
N VAL B 464 23.94 -26.57 -4.59
CA VAL B 464 23.61 -27.76 -3.79
C VAL B 464 24.85 -28.61 -3.53
N ASN B 465 25.72 -28.71 -4.54
CA ASN B 465 26.99 -29.42 -4.39
C ASN B 465 28.00 -28.56 -3.62
N GLN B 466 27.83 -27.24 -3.67
CA GLN B 466 28.72 -26.29 -3.00
C GLN B 466 28.44 -26.23 -1.50
N THR B 467 27.22 -26.61 -1.10
CA THR B 467 26.90 -26.61 0.32
C THR B 467 27.16 -27.98 0.95
N LEU B 468 27.05 -29.05 0.17
CA LEU B 468 27.55 -30.36 0.61
C LEU B 468 29.02 -30.20 0.99
N ARG B 469 29.76 -29.46 0.16
CA ARG B 469 31.19 -29.30 0.30
C ARG B 469 31.60 -28.37 1.45
N GLU B 470 31.03 -27.16 1.48
CA GLU B 470 31.35 -26.19 2.52
C GLU B 470 31.11 -26.71 3.94
N ARG B 471 29.99 -27.39 4.14
CA ARG B 471 29.66 -27.90 5.48
C ARG B 471 30.22 -29.31 5.79
N GLN B 472 31.05 -29.84 4.89
CA GLN B 472 31.73 -31.13 5.04
C GLN B 472 30.75 -32.31 5.21
N LEU B 473 29.63 -32.25 4.51
CA LEU B 473 28.55 -33.23 4.69
C LEU B 473 28.63 -34.43 3.76
N TYR B 474 29.71 -34.52 3.00
CA TYR B 474 29.82 -35.58 2.00
C TYR B 474 30.49 -36.85 2.52
N THR B 475 30.05 -37.99 1.98
CA THR B 475 30.77 -39.24 2.16
C THR B 475 32.24 -38.98 1.76
N LYS B 476 33.17 -39.31 2.67
CA LYS B 476 34.61 -39.10 2.42
C LYS B 476 35.26 -40.22 1.58
N ASN B 477 36.55 -40.12 1.33
CA ASN B 477 37.28 -41.18 0.58
C ASN B 477 38.10 -42.11 1.51
N ASP B 478 37.71 -42.14 2.79
CA ASP B 478 38.41 -42.93 3.81
C ASP B 478 38.05 -44.43 3.79
N SER B 479 39.02 -45.25 4.16
CA SER B 479 38.89 -46.71 4.22
C SER B 479 39.90 -47.29 5.20
N LEU B 480 39.56 -48.44 5.78
CA LEU B 480 40.45 -49.18 6.66
C LEU B 480 41.39 -50.05 5.85
N THR B 481 41.17 -50.04 4.54
CA THR B 481 41.86 -50.96 3.61
C THR B 481 42.92 -50.24 2.80
N GLY B 482 43.02 -48.92 2.98
CA GLY B 482 43.96 -48.10 2.22
C GLY B 482 43.60 -48.02 0.75
N THR B 483 42.35 -48.39 0.43
CA THR B 483 41.88 -48.46 -0.95
C THR B 483 41.64 -47.07 -1.56
N ASP B 484 42.10 -46.89 -2.80
CA ASP B 484 41.99 -45.63 -3.57
C ASP B 484 40.76 -45.67 -4.49
N PHE B 485 39.74 -44.89 -4.12
CA PHE B 485 38.43 -44.94 -4.77
C PHE B 485 38.33 -44.12 -6.05
N GLY B 486 39.34 -43.31 -6.31
CA GLY B 486 39.31 -42.40 -7.43
C GLY B 486 39.41 -40.97 -6.94
N MET B 487 39.68 -40.06 -7.87
CA MET B 487 39.77 -38.62 -7.61
C MET B 487 39.69 -37.86 -8.94
N THR B 488 39.17 -36.63 -8.91
CA THR B 488 39.20 -35.74 -10.07
C THR B 488 39.79 -34.36 -9.74
N ASP B 489 40.03 -33.56 -10.76
CA ASP B 489 40.53 -32.18 -10.59
C ASP B 489 39.52 -31.28 -9.87
N ASP B 490 38.26 -31.73 -9.84
CA ASP B 490 37.14 -31.04 -9.17
C ASP B 490 37.19 -31.20 -7.66
N GLY B 491 37.56 -32.40 -7.20
CA GLY B 491 37.61 -32.71 -5.79
C GLY B 491 36.25 -32.83 -5.10
N PRO B 492 36.21 -32.54 -3.79
CA PRO B 492 37.36 -32.15 -2.96
C PRO B 492 38.33 -33.31 -2.78
N SER B 493 39.52 -33.02 -2.24
CA SER B 493 40.59 -34.02 -2.15
C SER B 493 40.27 -35.20 -1.21
N ASP B 494 39.39 -34.99 -0.24
CA ASP B 494 39.08 -36.01 0.76
C ASP B 494 37.67 -36.60 0.64
N ALA B 495 37.07 -36.48 -0.54
CA ALA B 495 35.69 -36.95 -0.77
C ALA B 495 35.61 -38.21 -1.63
N TYR B 496 34.50 -38.95 -1.47
CA TYR B 496 34.16 -40.06 -2.35
C TYR B 496 33.51 -39.51 -3.59
N ILE B 497 34.13 -39.76 -4.74
CA ILE B 497 33.64 -39.26 -6.01
C ILE B 497 33.24 -40.45 -6.87
N GLY B 498 31.93 -40.65 -6.97
CA GLY B 498 31.38 -41.72 -7.80
C GLY B 498 30.92 -41.22 -9.15
N HIS B 499 30.38 -42.13 -9.96
CA HIS B 499 29.93 -41.74 -11.28
C HIS B 499 28.51 -42.22 -11.60
N LEU B 500 27.71 -41.29 -12.13
CA LEU B 500 26.31 -41.54 -12.50
C LEU B 500 26.20 -41.74 -14.01
N ASP B 501 25.60 -42.86 -14.46
CA ASP B 501 25.55 -43.17 -15.89
C ASP B 501 24.18 -43.64 -16.38
N TYR B 502 23.50 -42.75 -17.12
CA TYR B 502 22.17 -43.05 -17.65
C TYR B 502 22.21 -43.69 -19.03
N GLY B 503 23.41 -44.00 -19.51
CA GLY B 503 23.61 -44.58 -20.83
C GLY B 503 23.39 -43.58 -21.95
N GLY B 504 23.95 -43.89 -23.13
CA GLY B 504 23.80 -43.03 -24.31
C GLY B 504 24.58 -41.73 -24.21
N GLY B 505 25.57 -41.70 -23.33
CA GLY B 505 26.39 -40.50 -23.10
C GLY B 505 25.89 -39.58 -22.00
N VAL B 506 24.67 -39.82 -21.53
CA VAL B 506 24.11 -38.98 -20.47
C VAL B 506 24.68 -39.44 -19.13
N GLU B 507 25.65 -38.69 -18.61
CA GLU B 507 26.40 -39.11 -17.42
C GLU B 507 27.14 -37.97 -16.73
N CYS B 508 27.54 -38.19 -15.47
CA CYS B 508 28.32 -37.21 -14.69
C CYS B 508 28.99 -37.80 -13.44
N ASP B 509 29.93 -37.03 -12.88
CA ASP B 509 30.49 -37.31 -11.55
C ASP B 509 29.55 -36.71 -10.52
N ALA B 510 29.62 -37.22 -9.29
CA ALA B 510 28.73 -36.81 -8.20
C ALA B 510 29.41 -37.00 -6.86
N LEU B 511 29.05 -36.18 -5.88
CA LEU B 511 29.37 -36.47 -4.50
C LEU B 511 28.13 -37.09 -3.88
N PHE B 512 28.27 -37.58 -2.66
CA PHE B 512 27.14 -38.20 -1.96
C PHE B 512 27.04 -37.69 -0.52
N PRO B 513 25.82 -37.65 0.05
CA PRO B 513 25.70 -37.18 1.41
C PRO B 513 25.94 -38.30 2.42
N ASP B 514 26.59 -37.98 3.53
CA ASP B 514 26.95 -39.00 4.51
C ASP B 514 25.87 -39.12 5.58
N TRP B 515 24.74 -39.75 5.22
CA TRP B 515 23.51 -39.76 6.04
C TRP B 515 23.67 -39.82 7.57
N GLY B 516 24.53 -40.71 8.05
CA GLY B 516 24.73 -40.90 9.50
C GLY B 516 25.39 -39.73 10.22
N ARG B 517 25.93 -38.77 9.47
CA ARG B 517 26.53 -37.57 10.06
C ARG B 517 25.40 -36.62 10.51
N PRO B 518 25.52 -36.00 11.70
CA PRO B 518 24.42 -35.12 12.07
C PRO B 518 24.41 -33.90 11.15
N ASP B 519 23.21 -33.40 10.84
CA ASP B 519 23.03 -32.23 9.96
C ASP B 519 22.71 -32.59 8.51
N VAL B 520 23.07 -33.80 8.08
CA VAL B 520 22.95 -34.15 6.66
C VAL B 520 21.49 -34.20 6.23
N ALA B 521 20.69 -35.01 6.91
CA ALA B 521 19.25 -35.09 6.61
C ALA B 521 18.66 -33.68 6.59
N GLU B 522 19.10 -32.84 7.51
CA GLU B 522 18.62 -31.45 7.61
C GLU B 522 18.89 -30.67 6.34
N TRP B 523 20.12 -30.76 5.86
CA TRP B 523 20.53 -30.08 4.65
C TRP B 523 19.76 -30.65 3.46
N TRP B 524 19.57 -31.96 3.46
CA TRP B 524 18.99 -32.65 2.32
C TRP B 524 17.54 -32.25 2.08
N GLY B 525 16.68 -32.50 3.07
CA GLY B 525 15.25 -32.23 2.93
C GLY B 525 15.02 -30.76 2.63
N ASN B 526 15.90 -29.92 3.18
CA ASN B 526 15.85 -28.50 2.95
C ASN B 526 16.02 -28.13 1.47
N ASN B 527 16.69 -29.00 0.72
CA ASN B 527 16.89 -28.78 -0.71
C ASN B 527 15.58 -28.82 -1.49
N TYR B 528 14.59 -29.52 -0.92
CA TYR B 528 13.26 -29.68 -1.52
C TYR B 528 12.42 -28.39 -1.61
N LYS B 529 12.84 -27.34 -0.93
CA LYS B 529 12.17 -26.05 -1.11
C LYS B 529 12.27 -25.62 -2.58
N LYS B 530 13.48 -25.68 -3.12
CA LYS B 530 13.79 -25.33 -4.53
C LYS B 530 12.79 -25.89 -5.55
N LEU B 531 12.22 -27.06 -5.26
CA LEU B 531 11.23 -27.69 -6.12
C LEU B 531 9.80 -27.45 -5.63
N PHE B 532 9.60 -27.56 -4.31
CA PHE B 532 8.28 -27.31 -3.73
C PHE B 532 7.78 -25.91 -4.05
N SER B 533 8.67 -24.92 -3.97
CA SER B 533 8.28 -23.53 -4.21
C SER B 533 8.01 -23.23 -5.69
N ILE B 534 8.20 -24.23 -6.55
CA ILE B 534 7.84 -24.09 -7.94
C ILE B 534 6.76 -25.08 -8.37
N GLY B 535 6.12 -25.72 -7.38
CA GLY B 535 4.89 -26.46 -7.63
C GLY B 535 4.97 -27.96 -7.56
N LEU B 536 6.18 -28.48 -7.30
CA LEU B 536 6.35 -29.91 -7.19
C LEU B 536 5.45 -30.50 -6.11
N ASP B 537 4.69 -31.52 -6.50
CA ASP B 537 3.72 -32.14 -5.62
C ASP B 537 4.29 -33.26 -4.74
N PHE B 538 4.95 -34.25 -5.36
CA PHE B 538 5.63 -35.34 -4.64
C PHE B 538 6.91 -35.89 -5.27
N VAL B 539 7.49 -36.88 -4.60
CA VAL B 539 8.87 -37.30 -4.86
C VAL B 539 9.02 -38.70 -5.43
N TRP B 540 9.80 -38.80 -6.50
CA TRP B 540 10.10 -40.04 -7.20
C TRP B 540 11.56 -40.35 -6.96
N GLN B 541 11.82 -41.20 -5.96
CA GLN B 541 13.15 -41.42 -5.44
C GLN B 541 13.92 -42.52 -6.18
N ASP B 542 14.98 -42.15 -6.89
CA ASP B 542 15.70 -43.03 -7.83
C ASP B 542 17.16 -43.36 -7.44
N MET B 543 17.72 -44.40 -8.07
CA MET B 543 19.12 -44.80 -7.90
C MET B 543 19.52 -44.74 -6.43
N THR B 544 18.79 -45.46 -5.60
CA THR B 544 18.84 -45.25 -4.15
C THR B 544 19.99 -45.95 -3.41
N VAL B 545 20.44 -47.06 -3.99
CA VAL B 545 21.53 -47.89 -3.45
C VAL B 545 22.69 -47.14 -2.70
N PRO B 546 23.28 -46.09 -3.31
CA PRO B 546 23.13 -45.36 -4.58
C PRO B 546 23.58 -46.18 -5.76
N ALA B 547 22.90 -46.01 -6.90
CA ALA B 547 23.20 -46.78 -8.10
C ALA B 547 24.29 -46.11 -8.96
N MET B 548 25.54 -46.41 -8.64
CA MET B 548 26.67 -45.79 -9.30
C MET B 548 27.15 -46.68 -10.42
N MET B 549 27.66 -46.09 -11.49
CA MET B 549 28.25 -46.84 -12.60
C MET B 549 29.24 -47.91 -12.10
N PRO B 550 29.22 -49.12 -12.69
CA PRO B 550 30.25 -50.14 -12.38
C PRO B 550 31.65 -49.53 -12.43
N HIS B 551 32.54 -49.95 -11.53
CA HIS B 551 33.90 -49.36 -11.44
C HIS B 551 34.85 -50.27 -10.69
N LYS B 552 36.06 -50.39 -11.21
CA LYS B 552 37.11 -51.20 -10.62
C LYS B 552 38.17 -50.24 -10.11
N ILE B 553 38.73 -50.51 -8.92
CA ILE B 553 39.84 -49.69 -8.40
C ILE B 553 40.97 -49.59 -9.42
N GLY B 554 41.48 -48.37 -9.61
CA GLY B 554 42.59 -48.13 -10.53
C GLY B 554 42.15 -47.47 -11.80
N ASP B 555 41.04 -47.96 -12.37
CA ASP B 555 40.36 -47.32 -13.50
C ASP B 555 39.95 -45.88 -13.16
N ASP B 556 40.13 -44.95 -14.11
CA ASP B 556 39.61 -43.60 -13.93
C ASP B 556 38.11 -43.65 -13.59
N ILE B 557 37.62 -42.58 -12.97
CA ILE B 557 36.27 -42.58 -12.38
C ILE B 557 35.11 -42.73 -13.39
N ASN B 558 35.32 -42.23 -14.59
CA ASN B 558 34.30 -42.32 -15.64
C ASN B 558 34.49 -43.55 -16.52
N VAL B 559 35.33 -44.48 -16.05
CA VAL B 559 35.62 -45.72 -16.75
C VAL B 559 34.94 -46.89 -16.03
N LYS B 560 34.10 -47.62 -16.76
CA LYS B 560 33.47 -48.85 -16.25
C LYS B 560 34.21 -50.08 -16.77
N PRO B 561 34.29 -51.14 -15.96
CA PRO B 561 35.01 -52.33 -16.42
C PRO B 561 34.23 -53.06 -17.53
N ASP B 562 34.85 -54.10 -18.10
CA ASP B 562 34.18 -54.99 -19.05
C ASP B 562 32.89 -55.49 -18.41
N GLY B 563 31.82 -55.54 -19.20
CA GLY B 563 30.51 -56.03 -18.73
C GLY B 563 30.57 -57.43 -18.14
N ASN B 564 31.47 -58.24 -18.69
CA ASN B 564 31.75 -59.58 -18.21
C ASN B 564 32.49 -59.63 -16.89
N TRP B 565 33.20 -58.56 -16.56
CA TRP B 565 33.98 -58.51 -15.33
C TRP B 565 33.16 -57.86 -14.22
N PRO B 566 33.25 -58.40 -12.99
CA PRO B 566 34.04 -59.55 -12.54
C PRO B 566 33.31 -60.87 -12.75
N ASN B 567 34.03 -61.97 -12.67
CA ASN B 567 33.44 -63.30 -12.73
C ASN B 567 34.23 -64.30 -11.89
N ALA B 568 33.77 -65.55 -11.85
CA ALA B 568 34.41 -66.61 -11.06
C ALA B 568 35.91 -66.76 -11.34
N ASP B 569 36.26 -66.77 -12.63
CA ASP B 569 37.64 -67.01 -13.08
C ASP B 569 38.53 -65.76 -13.07
N ASP B 570 37.90 -64.60 -12.87
CA ASP B 570 38.60 -63.33 -12.72
C ASP B 570 37.84 -62.51 -11.67
N PRO B 571 37.94 -62.93 -10.38
CA PRO B 571 37.01 -62.38 -9.40
C PRO B 571 37.35 -60.96 -9.00
N SER B 572 36.43 -60.34 -8.27
CA SER B 572 36.58 -58.96 -7.82
C SER B 572 37.85 -58.74 -7.00
N ASN B 573 38.13 -59.67 -6.08
CA ASN B 573 39.22 -59.52 -5.10
C ASN B 573 39.29 -58.13 -4.44
N GLY B 574 38.12 -57.62 -4.07
CA GLY B 574 38.00 -56.35 -3.38
C GLY B 574 38.17 -55.11 -4.24
N GLN B 575 37.99 -55.26 -5.56
CA GLN B 575 38.21 -54.13 -6.48
C GLN B 575 36.96 -53.54 -7.14
N TYR B 576 35.95 -54.40 -7.39
CA TYR B 576 34.66 -54.01 -7.99
C TYR B 576 33.77 -53.29 -7.00
N ASN B 577 33.00 -52.33 -7.50
CA ASN B 577 32.12 -51.53 -6.63
C ASN B 577 30.73 -52.11 -6.41
N TRP B 578 30.34 -53.06 -7.26
CA TRP B 578 29.02 -53.66 -7.22
C TRP B 578 27.95 -52.58 -7.42
N LYS B 579 28.12 -51.86 -8.53
CA LYS B 579 27.24 -50.75 -8.96
C LYS B 579 26.71 -49.86 -7.83
N THR B 580 27.64 -49.49 -6.96
CA THR B 580 27.38 -48.60 -5.84
C THR B 580 28.69 -48.16 -5.19
N TYR B 581 28.61 -47.73 -3.93
CA TYR B 581 29.81 -47.42 -3.17
C TYR B 581 30.67 -48.66 -3.16
N HIS B 582 31.98 -48.47 -3.35
CA HIS B 582 32.92 -49.53 -3.10
C HIS B 582 32.75 -49.88 -1.62
N PRO B 583 32.39 -51.15 -1.35
CA PRO B 583 32.00 -51.55 0.03
C PRO B 583 33.05 -51.20 1.10
N GLN B 584 34.29 -51.00 0.69
CA GLN B 584 35.35 -50.71 1.67
C GLN B 584 35.11 -49.39 2.40
N VAL B 585 34.34 -48.49 1.79
CA VAL B 585 34.27 -47.08 2.23
C VAL B 585 33.63 -46.85 3.61
N LEU B 586 34.26 -45.97 4.38
CA LEU B 586 33.83 -45.66 5.73
C LEU B 586 32.71 -44.61 5.78
N VAL B 587 31.48 -45.10 6.00
CA VAL B 587 30.28 -44.27 6.09
C VAL B 587 29.88 -44.07 7.54
N THR B 588 29.36 -42.90 7.86
CA THR B 588 29.01 -42.63 9.25
C THR B 588 27.84 -43.56 9.61
N ASP B 589 28.04 -44.34 10.65
CA ASP B 589 27.05 -45.32 11.09
C ASP B 589 25.61 -44.81 11.16
N MET B 590 24.81 -45.34 10.24
CA MET B 590 23.39 -45.02 10.09
C MET B 590 22.51 -45.92 10.98
N ARG B 591 23.11 -46.91 11.64
CA ARG B 591 22.38 -47.79 12.54
C ARG B 591 22.33 -47.20 13.93
N TYR B 592 23.47 -46.61 14.36
CA TYR B 592 23.65 -46.09 15.70
C TYR B 592 24.24 -44.67 15.71
N GLU B 593 23.44 -43.68 16.07
CA GLU B 593 23.88 -42.29 16.04
C GLU B 593 25.11 -42.00 16.89
N ASN B 594 25.98 -41.14 16.35
CA ASN B 594 27.24 -40.72 16.99
C ASN B 594 28.13 -41.88 17.46
N HIS B 595 28.01 -42.99 16.75
CA HIS B 595 28.73 -44.22 17.05
C HIS B 595 30.06 -44.29 16.29
N GLY B 596 30.29 -43.30 15.42
CA GLY B 596 31.46 -43.29 14.57
C GLY B 596 31.13 -43.79 13.16
N ARG B 597 32.11 -44.42 12.53
CA ARG B 597 32.06 -44.76 11.11
C ARG B 597 32.42 -46.21 10.91
N GLU B 598 31.69 -46.86 10.02
CA GLU B 598 31.87 -48.27 9.68
C GLU B 598 31.96 -48.43 8.16
N PRO B 599 32.69 -49.46 7.69
CA PRO B 599 32.59 -49.84 6.27
C PRO B 599 31.12 -50.02 5.81
N MET B 600 30.81 -49.51 4.61
CA MET B 600 29.46 -49.59 4.03
C MET B 600 28.93 -51.01 3.80
N VAL B 601 29.81 -52.00 3.77
CA VAL B 601 29.40 -53.42 3.63
C VAL B 601 28.49 -53.89 4.80
N THR B 602 28.62 -53.24 5.95
CA THR B 602 27.84 -53.61 7.14
C THR B 602 26.36 -53.18 7.14
N GLN B 603 26.02 -52.25 6.24
CA GLN B 603 24.70 -51.61 6.25
C GLN B 603 24.24 -51.18 4.87
N ARG B 604 24.78 -51.83 3.85
CA ARG B 604 24.43 -51.51 2.47
C ARG B 604 22.94 -51.41 2.31
N ASN B 605 22.21 -52.22 3.06
CA ASN B 605 20.76 -52.30 2.90
C ASN B 605 19.88 -51.33 3.69
N ILE B 606 20.52 -50.34 4.32
CA ILE B 606 19.80 -49.26 5.00
C ILE B 606 19.98 -47.89 4.30
N HIS B 607 20.65 -47.87 3.16
CA HIS B 607 20.98 -46.59 2.52
C HIS B 607 19.73 -45.88 2.04
N ALA B 608 18.97 -46.54 1.17
CA ALA B 608 17.75 -45.98 0.60
C ALA B 608 16.72 -45.66 1.68
N TYR B 609 16.67 -46.48 2.72
CA TYR B 609 15.75 -46.29 3.83
C TYR B 609 16.10 -44.96 4.50
N THR B 610 17.38 -44.74 4.75
CA THR B 610 17.81 -43.48 5.37
C THR B 610 17.60 -42.29 4.41
N LEU B 611 17.75 -42.54 3.10
CA LEU B 611 17.47 -41.51 2.10
C LEU B 611 16.01 -41.07 2.16
N CYS B 612 15.11 -42.05 2.00
CA CYS B 612 13.67 -41.81 2.01
C CYS B 612 13.25 -41.17 3.31
N GLU B 613 13.70 -41.76 4.41
CA GLU B 613 13.47 -41.21 5.74
C GLU B 613 13.72 -39.71 5.78
N SER B 614 14.83 -39.26 5.20
CA SER B 614 15.23 -37.87 5.26
C SER B 614 14.31 -36.98 4.44
N THR B 615 14.06 -37.40 3.21
CA THR B 615 13.10 -36.79 2.30
C THR B 615 11.71 -36.64 2.94
N ARG B 616 11.26 -37.66 3.68
CA ARG B 616 9.98 -37.60 4.38
C ARG B 616 9.99 -36.66 5.59
N LYS B 617 10.97 -36.81 6.48
CA LYS B 617 11.01 -36.01 7.71
C LYS B 617 11.45 -34.57 7.45
N GLU B 618 12.64 -34.40 6.91
CA GLU B 618 13.17 -33.06 6.66
C GLU B 618 12.68 -32.51 5.30
N GLY B 619 12.22 -33.40 4.42
CA GLY B 619 11.75 -33.00 3.10
C GLY B 619 10.33 -32.50 3.14
N ILE B 620 9.40 -33.46 3.24
CA ILE B 620 7.96 -33.24 3.19
C ILE B 620 7.32 -32.61 4.45
N VAL B 621 7.58 -33.22 5.61
CA VAL B 621 6.95 -32.80 6.87
C VAL B 621 7.52 -31.45 7.34
N GLU B 622 8.85 -31.32 7.41
CA GLU B 622 9.48 -30.06 7.90
C GLU B 622 9.26 -28.86 6.96
N ASN B 623 8.93 -29.14 5.70
CA ASN B 623 8.73 -28.06 4.71
C ASN B 623 7.39 -28.16 3.98
N ALA B 624 6.39 -28.67 4.69
CA ALA B 624 5.02 -28.71 4.19
C ALA B 624 4.55 -27.29 3.80
N ASP B 625 5.02 -26.28 4.53
CA ASP B 625 4.64 -24.91 4.25
C ASP B 625 4.94 -24.49 2.83
N THR B 626 6.15 -24.79 2.35
CA THR B 626 6.57 -24.42 1.01
C THR B 626 5.84 -25.20 -0.10
N LEU B 627 5.17 -26.29 0.23
CA LEU B 627 4.29 -26.94 -0.74
C LEU B 627 3.16 -26.01 -1.17
N THR B 628 2.74 -26.15 -2.42
CA THR B 628 1.74 -25.24 -2.97
C THR B 628 0.36 -25.90 -2.87
N LYS B 629 -0.04 -26.61 -3.91
CA LYS B 629 -1.40 -27.10 -4.02
C LYS B 629 -1.76 -28.02 -2.87
N PHE B 630 -1.10 -29.18 -2.76
CA PHE B 630 -1.43 -30.19 -1.72
C PHE B 630 -0.38 -30.26 -0.62
N ARG B 631 -0.81 -30.08 0.62
CA ARG B 631 0.12 -29.90 1.76
C ARG B 631 0.72 -31.23 2.20
N ARG B 632 0.05 -32.30 1.81
CA ARG B 632 0.53 -33.63 2.05
C ARG B 632 1.18 -34.17 0.77
N SER B 633 2.38 -34.73 0.95
CA SER B 633 3.18 -35.28 -0.15
C SER B 633 3.37 -36.78 0.01
N TYR B 634 4.29 -37.36 -0.75
CA TYR B 634 4.49 -38.82 -0.77
C TYR B 634 5.76 -39.23 -1.53
N ILE B 635 6.27 -40.42 -1.21
CA ILE B 635 7.48 -40.92 -1.86
C ILE B 635 7.14 -42.21 -2.53
N ILE B 636 7.53 -42.29 -3.80
CA ILE B 636 7.60 -43.54 -4.54
C ILE B 636 9.09 -43.76 -4.78
N SER B 637 9.65 -44.65 -3.96
CA SER B 637 11.07 -44.91 -3.91
C SER B 637 11.42 -46.19 -4.66
N ARG B 638 12.68 -46.30 -5.09
CA ARG B 638 13.15 -47.49 -5.80
C ARG B 638 13.82 -48.45 -4.86
N GLY B 639 14.42 -47.92 -3.80
CA GLY B 639 15.09 -48.74 -2.80
C GLY B 639 14.37 -48.62 -1.49
N GLY B 640 14.62 -49.58 -0.60
CA GLY B 640 14.12 -49.51 0.77
C GLY B 640 14.61 -50.65 1.61
N TYR B 641 14.11 -50.72 2.85
CA TYR B 641 14.28 -51.86 3.73
C TYR B 641 12.92 -51.98 4.45
N ILE B 642 12.59 -53.16 4.96
CA ILE B 642 11.50 -53.29 5.93
C ILE B 642 11.40 -52.00 6.81
N GLY B 643 10.22 -51.40 6.88
CA GLY B 643 10.01 -50.14 7.62
C GLY B 643 9.74 -48.93 6.73
N ASN B 644 10.05 -49.11 5.45
CA ASN B 644 9.96 -48.10 4.40
C ASN B 644 8.58 -47.50 4.12
N GLN B 645 7.53 -48.27 4.41
CA GLN B 645 6.13 -47.83 4.30
C GLN B 645 5.82 -46.61 5.15
N HIS B 646 6.68 -46.29 6.10
CA HIS B 646 6.48 -45.12 6.90
C HIS B 646 6.90 -43.86 6.16
N PHE B 647 7.57 -44.06 5.04
CA PHE B 647 8.06 -42.96 4.24
C PHE B 647 7.27 -42.90 2.96
N GLY B 648 6.82 -44.06 2.51
CA GLY B 648 5.85 -44.13 1.44
C GLY B 648 5.87 -45.43 0.71
N GLY B 649 5.89 -45.32 -0.62
CA GLY B 649 5.69 -46.44 -1.49
C GLY B 649 6.94 -46.79 -2.25
N MET B 650 6.79 -47.71 -3.20
CA MET B 650 7.88 -48.16 -4.04
C MET B 650 7.33 -48.41 -5.43
N TRP B 651 8.21 -48.41 -6.43
CA TRP B 651 7.86 -49.08 -7.69
C TRP B 651 8.99 -50.05 -7.96
N VAL B 652 8.70 -51.21 -8.55
CA VAL B 652 9.72 -52.26 -8.61
C VAL B 652 10.74 -52.00 -9.73
N GLY B 653 11.43 -50.85 -9.63
CA GLY B 653 12.55 -50.52 -10.51
C GLY B 653 12.33 -50.80 -11.98
N ASP B 654 13.40 -51.19 -12.68
CA ASP B 654 13.35 -51.28 -14.14
C ASP B 654 12.91 -52.65 -14.66
N ASN B 655 11.61 -52.80 -14.88
CA ASN B 655 11.11 -54.00 -15.54
C ASN B 655 11.12 -53.88 -17.07
N SER B 656 10.63 -54.92 -17.75
CA SER B 656 10.62 -54.96 -19.20
C SER B 656 9.28 -55.40 -19.73
N THR B 657 9.16 -55.45 -21.06
CA THR B 657 7.86 -55.52 -21.72
C THR B 657 7.61 -56.95 -22.19
N THR B 658 7.33 -57.85 -21.24
CA THR B 658 6.99 -59.25 -21.53
C THR B 658 5.95 -59.84 -20.57
N SER B 659 5.27 -60.91 -21.02
CA SER B 659 4.37 -61.68 -20.15
C SER B 659 5.00 -61.97 -18.79
N ASN B 660 6.19 -62.55 -18.78
CA ASN B 660 6.96 -62.81 -17.55
C ASN B 660 7.06 -61.63 -16.60
N TYR B 661 6.90 -60.42 -17.14
CA TYR B 661 6.95 -59.22 -16.34
C TYR B 661 5.57 -58.76 -15.87
N ILE B 662 4.53 -59.31 -16.45
CA ILE B 662 3.22 -59.06 -15.91
C ILE B 662 3.05 -59.89 -14.65
N GLN B 663 3.38 -61.18 -14.76
CA GLN B 663 3.48 -62.16 -13.66
C GLN B 663 4.36 -61.73 -12.49
N MET B 664 5.54 -61.22 -12.82
CA MET B 664 6.50 -60.76 -11.82
C MET B 664 6.09 -59.46 -11.11
N MET B 665 5.19 -58.70 -11.75
CA MET B 665 4.64 -57.46 -11.16
C MET B 665 3.60 -57.80 -10.07
N ILE B 666 2.77 -58.80 -10.40
CA ILE B 666 1.73 -59.28 -9.51
C ILE B 666 2.35 -59.96 -8.30
N ALA B 667 3.19 -60.95 -8.55
CA ALA B 667 3.94 -61.63 -7.49
C ALA B 667 4.57 -60.60 -6.56
N ASN B 668 5.35 -59.68 -7.12
CA ASN B 668 6.01 -58.59 -6.38
C ASN B 668 5.04 -57.82 -5.53
N ASN B 669 3.87 -57.55 -6.11
CA ASN B 669 2.89 -56.72 -5.46
C ASN B 669 2.32 -57.47 -4.27
N ILE B 670 1.94 -58.72 -4.47
CA ILE B 670 1.50 -59.56 -3.35
C ILE B 670 2.61 -59.72 -2.26
N ASN B 671 3.83 -60.06 -2.69
CA ASN B 671 4.92 -60.34 -1.76
C ASN B 671 5.37 -59.12 -1.00
N MET B 672 5.39 -57.99 -1.69
CA MET B 672 5.84 -56.75 -1.06
C MET B 672 4.76 -56.24 -0.10
N ASN B 673 3.50 -56.47 -0.47
CA ASN B 673 2.39 -56.22 0.46
C ASN B 673 2.57 -56.90 1.81
N MET B 674 2.96 -58.18 1.80
CA MET B 674 3.05 -58.98 3.05
C MET B 674 4.38 -58.78 3.76
N SER B 675 5.23 -57.98 3.11
CA SER B 675 6.46 -57.52 3.69
C SER B 675 6.24 -56.15 4.31
N CYS B 676 4.98 -55.73 4.45
CA CYS B 676 4.64 -54.45 5.07
C CYS B 676 5.04 -53.26 4.23
N LEU B 677 5.02 -53.46 2.91
CA LEU B 677 5.05 -52.35 1.96
C LEU B 677 3.81 -52.48 1.06
N PRO B 678 2.76 -51.68 1.36
CA PRO B 678 1.51 -51.82 0.61
C PRO B 678 1.50 -51.03 -0.72
N LEU B 679 2.02 -49.81 -0.72
CA LEU B 679 1.90 -48.98 -1.92
C LEU B 679 3.03 -49.19 -2.93
N VAL B 680 2.78 -50.15 -3.82
CA VAL B 680 3.76 -50.70 -4.72
C VAL B 680 3.09 -51.01 -6.05
N GLY B 681 3.91 -51.10 -7.10
CA GLY B 681 3.46 -51.30 -8.48
C GLY B 681 4.66 -51.33 -9.42
N SER B 682 4.42 -51.75 -10.65
CA SER B 682 5.51 -51.86 -11.61
C SER B 682 5.15 -51.11 -12.86
N ASP B 683 6.09 -50.33 -13.36
CA ASP B 683 5.89 -49.58 -14.60
C ASP B 683 4.92 -50.32 -15.54
N ILE B 684 3.76 -49.71 -15.76
CA ILE B 684 2.72 -50.33 -16.60
C ILE B 684 3.19 -50.33 -18.05
N GLY B 685 3.22 -51.52 -18.65
CA GLY B 685 3.77 -51.72 -19.98
C GLY B 685 5.24 -52.09 -19.95
N GLY B 686 5.88 -51.96 -18.79
CA GLY B 686 7.30 -52.30 -18.64
C GLY B 686 8.22 -51.21 -19.11
N PHE B 687 9.32 -51.01 -18.40
CA PHE B 687 10.18 -49.84 -18.62
C PHE B 687 11.13 -49.98 -19.82
N THR B 688 11.95 -51.04 -19.84
CA THR B 688 12.98 -51.22 -20.86
C THR B 688 12.46 -51.76 -22.18
N SER B 689 13.30 -51.65 -23.21
CA SER B 689 13.13 -52.30 -24.50
C SER B 689 13.05 -53.82 -24.35
N TYR B 690 12.24 -54.45 -25.20
CA TYR B 690 12.09 -55.90 -25.14
C TYR B 690 12.56 -56.63 -26.40
N ASP B 691 12.35 -56.00 -27.57
CA ASP B 691 12.62 -56.59 -28.88
C ASP B 691 14.12 -56.63 -29.19
N ASN B 692 14.69 -57.82 -29.25
CA ASN B 692 16.14 -57.99 -29.48
C ASN B 692 16.59 -57.48 -30.86
N GLU B 693 15.71 -57.66 -31.87
CA GLU B 693 15.91 -57.22 -33.26
C GLU B 693 15.96 -55.69 -33.45
N ASN B 694 15.22 -54.97 -32.62
CA ASN B 694 15.12 -53.53 -32.71
C ASN B 694 14.49 -52.98 -31.44
N GLN B 695 15.36 -52.51 -30.54
CA GLN B 695 14.97 -52.04 -29.21
C GLN B 695 13.80 -51.05 -29.22
N ARG B 696 13.68 -50.31 -30.32
CA ARG B 696 12.69 -49.25 -30.44
C ARG B 696 11.25 -49.73 -30.61
N THR B 697 11.06 -51.00 -30.95
CA THR B 697 9.71 -51.54 -31.08
C THR B 697 8.96 -51.36 -29.76
N PRO B 698 7.77 -50.73 -29.80
CA PRO B 698 6.99 -50.53 -28.59
C PRO B 698 6.27 -51.79 -28.14
N CYS B 699 5.78 -51.78 -26.90
CA CYS B 699 4.84 -52.75 -26.38
C CYS B 699 3.73 -52.96 -27.41
N THR B 700 3.26 -54.19 -27.56
CA THR B 700 2.18 -54.47 -28.49
C THR B 700 0.85 -54.07 -27.83
N GLY B 701 -0.22 -54.06 -28.63
CA GLY B 701 -1.54 -53.68 -28.13
C GLY B 701 -2.03 -54.59 -27.04
N ASP B 702 -1.94 -55.89 -27.26
CA ASP B 702 -2.42 -56.88 -26.31
C ASP B 702 -1.63 -56.86 -24.99
N LEU B 703 -0.30 -56.83 -25.08
CA LEU B 703 0.52 -56.80 -23.88
C LEU B 703 0.32 -55.52 -23.04
N MET B 704 0.04 -54.39 -23.69
CA MET B 704 -0.35 -53.17 -22.98
C MET B 704 -1.70 -53.36 -22.27
N VAL B 705 -2.67 -53.89 -23.02
CA VAL B 705 -3.99 -54.19 -22.46
C VAL B 705 -3.88 -55.07 -21.23
N ARG B 706 -3.24 -56.23 -21.39
CA ARG B 706 -3.09 -57.18 -20.28
C ARG B 706 -2.30 -56.57 -19.13
N TYR B 707 -1.36 -55.70 -19.45
CA TYR B 707 -0.56 -55.05 -18.43
C TYR B 707 -1.45 -54.09 -17.65
N VAL B 708 -2.34 -53.40 -18.37
CA VAL B 708 -3.17 -52.35 -17.78
C VAL B 708 -4.21 -52.97 -16.85
N GLN B 709 -4.82 -54.05 -17.33
CA GLN B 709 -5.78 -54.83 -16.56
C GLN B 709 -5.16 -55.36 -15.26
N ALA B 710 -4.03 -56.03 -15.37
CA ALA B 710 -3.31 -56.56 -14.22
C ALA B 710 -2.94 -55.53 -13.16
N GLY B 711 -2.65 -54.30 -13.60
CA GLY B 711 -2.23 -53.26 -12.68
C GLY B 711 -3.26 -52.22 -12.28
N CYS B 712 -4.49 -52.38 -12.77
CA CYS B 712 -5.49 -51.31 -12.63
C CYS B 712 -6.13 -51.23 -11.25
N LEU B 713 -5.79 -52.18 -10.37
CA LEU B 713 -6.20 -52.14 -8.97
C LEU B 713 -5.04 -52.45 -8.05
N LEU B 714 -3.83 -52.47 -8.58
CA LEU B 714 -2.66 -52.56 -7.73
C LEU B 714 -2.38 -51.15 -7.14
N PRO B 715 -1.83 -51.08 -5.91
CA PRO B 715 -1.82 -49.76 -5.28
C PRO B 715 -1.21 -48.62 -6.11
N TRP B 716 -0.10 -48.87 -6.78
CA TRP B 716 0.62 -47.83 -7.56
C TRP B 716 0.61 -48.15 -9.04
N PHE B 717 0.02 -47.24 -9.82
CA PHE B 717 -0.42 -47.54 -11.17
C PHE B 717 0.13 -46.45 -12.05
N ARG B 718 1.28 -46.73 -12.66
CA ARG B 718 1.95 -45.79 -13.52
C ARG B 718 2.48 -46.45 -14.79
N ASN B 719 2.22 -45.83 -15.94
CA ASN B 719 2.82 -46.27 -17.20
C ASN B 719 4.03 -45.41 -17.40
N HIS B 720 5.21 -46.03 -17.32
CA HIS B 720 6.44 -45.28 -17.44
C HIS B 720 7.44 -46.09 -18.23
N TYR B 721 8.27 -45.42 -19.03
CA TYR B 721 9.18 -46.12 -19.94
C TYR B 721 10.42 -45.36 -20.33
N ASP B 722 11.37 -46.14 -20.85
CA ASP B 722 12.59 -45.64 -21.46
C ASP B 722 12.24 -45.27 -22.91
N ARG B 723 12.31 -43.99 -23.23
CA ARG B 723 11.96 -43.53 -24.58
C ARG B 723 13.19 -43.28 -25.42
N TRP B 724 13.27 -43.95 -26.58
CA TRP B 724 14.36 -43.67 -27.51
C TRP B 724 14.21 -42.27 -28.06
N ILE B 725 15.26 -41.47 -27.89
CA ILE B 725 15.40 -40.17 -28.54
C ILE B 725 16.84 -39.96 -29.03
N GLU B 726 17.06 -39.01 -29.92
CA GLU B 726 18.40 -38.78 -30.50
C GLU B 726 19.48 -38.53 -29.45
N SER B 727 19.17 -37.72 -28.44
CA SER B 727 20.17 -37.32 -27.44
C SER B 727 20.40 -38.38 -26.35
N LYS B 728 19.69 -39.50 -26.47
CA LYS B 728 19.80 -40.63 -25.56
C LYS B 728 19.29 -41.85 -26.30
N ASP B 729 20.19 -42.46 -27.08
CA ASP B 729 19.83 -43.46 -28.08
C ASP B 729 19.59 -44.88 -27.52
N HIS B 730 18.76 -44.98 -26.48
CA HIS B 730 18.26 -46.27 -26.02
C HIS B 730 16.80 -46.18 -25.57
N GLY B 731 16.00 -47.20 -25.91
CA GLY B 731 14.61 -47.27 -25.45
C GLY B 731 13.55 -47.57 -26.49
N LYS B 732 12.30 -47.32 -26.13
CA LYS B 732 11.16 -47.58 -27.01
C LYS B 732 10.63 -46.29 -27.70
N ASP B 733 9.90 -46.48 -28.80
CA ASP B 733 9.44 -45.35 -29.60
C ASP B 733 8.35 -44.55 -28.89
N TYR B 734 7.52 -45.26 -28.13
CA TYR B 734 6.38 -44.71 -27.41
C TYR B 734 5.78 -45.81 -26.55
N GLN B 735 4.85 -45.45 -25.66
CA GLN B 735 4.21 -46.41 -24.75
C GLN B 735 2.86 -45.93 -24.22
N GLU B 736 2.61 -44.63 -24.35
CA GLU B 736 1.41 -43.98 -23.84
C GLU B 736 0.15 -44.72 -24.22
N LEU B 737 -0.81 -44.78 -23.30
CA LEU B 737 -2.05 -45.50 -23.52
C LEU B 737 -2.82 -44.98 -24.71
N TYR B 738 -2.75 -43.66 -24.91
CA TYR B 738 -3.47 -42.98 -25.97
C TYR B 738 -2.79 -43.16 -27.32
N MET B 739 -1.72 -43.95 -27.35
CA MET B 739 -1.03 -44.24 -28.60
C MET B 739 -1.48 -45.59 -29.20
N TYR B 740 -2.48 -46.22 -28.59
CA TYR B 740 -2.94 -47.54 -29.05
C TYR B 740 -4.38 -47.48 -29.58
N PRO B 741 -4.56 -46.90 -30.78
CA PRO B 741 -5.91 -46.53 -31.23
C PRO B 741 -6.90 -47.71 -31.31
N ASN B 742 -6.43 -48.91 -31.66
CA ASN B 742 -7.29 -50.10 -31.74
C ASN B 742 -7.67 -50.63 -30.36
N GLU B 743 -6.83 -50.30 -29.37
CA GLU B 743 -7.01 -50.79 -28.01
C GLU B 743 -7.49 -49.66 -27.12
N MET B 744 -7.78 -48.49 -27.71
CA MET B 744 -8.02 -47.31 -26.90
C MET B 744 -9.18 -47.44 -25.94
N ASP B 745 -10.31 -47.96 -26.43
CA ASP B 745 -11.53 -48.06 -25.63
C ASP B 745 -11.32 -48.90 -24.37
N THR B 746 -10.76 -50.09 -24.57
CA THR B 746 -10.45 -51.01 -23.47
C THR B 746 -9.51 -50.35 -22.45
N LEU B 747 -8.40 -49.80 -22.95
CA LEU B 747 -7.42 -49.16 -22.09
C LEU B 747 -8.08 -48.08 -21.24
N ARG B 748 -8.85 -47.21 -21.88
CA ARG B 748 -9.55 -46.16 -21.16
C ARG B 748 -10.47 -46.67 -20.06
N LYS B 749 -11.39 -47.59 -20.41
CA LYS B 749 -12.39 -48.03 -19.44
C LYS B 749 -11.74 -48.69 -18.22
N PHE B 750 -10.68 -49.45 -18.45
CA PHE B 750 -9.94 -50.00 -17.32
C PHE B 750 -9.31 -48.92 -16.42
N VAL B 751 -9.07 -47.72 -16.94
CA VAL B 751 -8.69 -46.63 -16.04
C VAL B 751 -9.90 -45.97 -15.33
N GLU B 752 -11.07 -46.01 -15.95
CA GLU B 752 -12.25 -45.39 -15.35
C GLU B 752 -12.70 -46.21 -14.14
N PHE B 753 -12.95 -47.50 -14.38
CA PHE B 753 -13.07 -48.56 -13.34
C PHE B 753 -12.21 -48.28 -12.12
N ARG B 754 -10.89 -48.18 -12.31
CA ARG B 754 -9.99 -47.85 -11.22
C ARG B 754 -10.48 -46.60 -10.48
N TYR B 755 -10.67 -45.51 -11.22
CA TYR B 755 -11.18 -44.25 -10.70
C TYR B 755 -12.53 -44.34 -9.95
N ARG B 756 -13.52 -45.04 -10.50
CA ARG B 756 -14.75 -45.41 -9.76
C ARG B 756 -14.51 -46.06 -8.37
N TRP B 757 -13.51 -46.95 -8.30
CA TRP B 757 -13.08 -47.61 -7.07
C TRP B 757 -11.91 -46.92 -6.36
N GLN B 758 -11.74 -45.62 -6.59
CA GLN B 758 -10.67 -44.83 -5.94
C GLN B 758 -10.76 -44.80 -4.40
N GLU B 759 -11.97 -44.98 -3.88
CA GLU B 759 -12.18 -44.95 -2.44
C GLU B 759 -11.90 -46.32 -1.87
N VAL B 760 -12.27 -47.38 -2.60
CA VAL B 760 -11.81 -48.72 -2.25
C VAL B 760 -10.28 -48.73 -1.93
N LEU B 761 -9.45 -48.16 -2.82
CA LEU B 761 -8.01 -48.10 -2.59
C LEU B 761 -7.64 -47.19 -1.42
N TYR B 762 -8.24 -46.01 -1.39
CA TYR B 762 -8.04 -45.09 -0.30
C TYR B 762 -8.45 -45.69 1.05
N THR B 763 -9.61 -46.32 1.13
CA THR B 763 -10.07 -46.93 2.37
C THR B 763 -9.15 -48.10 2.75
N ALA B 764 -8.81 -48.94 1.79
CA ALA B 764 -7.83 -49.99 2.00
C ALA B 764 -6.55 -49.42 2.56
N MET B 765 -6.04 -48.35 1.94
CA MET B 765 -4.80 -47.76 2.37
C MET B 765 -4.91 -47.23 3.81
N TYR B 766 -6.07 -46.69 4.18
CA TYR B 766 -6.37 -46.32 5.58
C TYR B 766 -6.27 -47.54 6.50
N GLN B 767 -7.01 -48.59 6.13
CA GLN B 767 -6.97 -49.85 6.85
C GLN B 767 -5.53 -50.27 7.12
N ASN B 768 -4.59 -49.81 6.29
CA ASN B 768 -3.23 -50.25 6.43
C ASN B 768 -2.46 -49.37 7.38
N ALA B 769 -2.67 -48.05 7.25
CA ALA B 769 -2.01 -47.08 8.13
C ALA B 769 -2.58 -47.19 9.54
N ALA B 770 -3.81 -47.71 9.63
CA ALA B 770 -4.51 -47.81 10.89
C ALA B 770 -4.17 -49.11 11.58
N PHE B 771 -4.45 -50.22 10.88
CA PHE B 771 -4.40 -51.57 11.46
C PHE B 771 -3.30 -52.49 10.89
N GLY B 772 -2.61 -52.01 9.85
CA GLY B 772 -1.56 -52.79 9.23
C GLY B 772 -1.95 -53.67 8.05
N LYS B 773 -3.25 -53.87 7.84
CA LYS B 773 -3.74 -54.80 6.84
C LYS B 773 -3.16 -54.58 5.44
N PRO B 774 -2.45 -55.59 4.90
CA PRO B 774 -2.07 -55.50 3.49
C PRO B 774 -3.27 -55.17 2.59
N ILE B 775 -3.06 -54.23 1.68
CA ILE B 775 -4.05 -53.89 0.64
C ILE B 775 -4.28 -55.11 -0.26
N ILE B 776 -3.21 -55.57 -0.91
CA ILE B 776 -3.23 -56.74 -1.77
C ILE B 776 -3.02 -58.01 -0.95
N LYS B 777 -3.97 -58.93 -0.98
CA LYS B 777 -3.88 -60.21 -0.22
C LYS B 777 -3.47 -61.37 -1.14
N ALA B 778 -2.63 -62.28 -0.63
CA ALA B 778 -2.30 -63.48 -1.38
C ALA B 778 -3.48 -64.43 -1.33
N ALA B 779 -3.75 -65.13 -2.42
CA ALA B 779 -4.88 -66.04 -2.39
C ALA B 779 -4.81 -66.92 -1.12
N SER B 780 -3.59 -67.21 -0.66
CA SER B 780 -3.36 -68.13 0.47
C SER B 780 -3.80 -67.53 1.80
N MET B 781 -3.97 -66.21 1.83
CA MET B 781 -4.51 -65.48 2.97
C MET B 781 -6.01 -65.70 3.19
N TYR B 782 -6.70 -66.33 2.24
CA TYR B 782 -8.09 -66.72 2.41
C TYR B 782 -8.03 -68.08 3.10
N ASN B 783 -8.71 -68.22 4.24
CA ASN B 783 -8.61 -69.43 5.09
C ASN B 783 -9.69 -70.43 4.79
N ASN B 784 -9.46 -71.64 5.29
CA ASN B 784 -10.40 -72.76 5.17
C ASN B 784 -10.66 -73.18 3.74
N ASP B 785 -9.68 -72.89 2.89
CA ASP B 785 -9.69 -73.27 1.49
C ASP B 785 -8.35 -73.93 1.14
N SER B 786 -8.45 -75.11 0.53
CA SER B 786 -7.28 -75.88 0.15
C SER B 786 -7.00 -75.87 -1.38
N ASN B 787 -7.42 -74.79 -2.05
CA ASN B 787 -7.14 -74.62 -3.47
C ASN B 787 -6.48 -73.27 -3.76
N VAL B 788 -6.76 -72.26 -2.94
CA VAL B 788 -6.14 -70.94 -3.10
C VAL B 788 -4.61 -71.04 -3.25
N ARG B 789 -4.01 -72.09 -2.68
CA ARG B 789 -2.56 -72.32 -2.78
C ARG B 789 -2.12 -72.61 -4.23
N ARG B 790 -2.79 -73.55 -4.90
CA ARG B 790 -2.57 -73.78 -6.32
C ARG B 790 -2.81 -72.53 -7.18
N ALA B 791 -3.67 -71.62 -6.68
CA ALA B 791 -4.09 -70.43 -7.41
C ALA B 791 -3.33 -69.14 -7.07
N GLN B 792 -2.46 -69.20 -6.06
CA GLN B 792 -1.82 -68.00 -5.50
C GLN B 792 -0.90 -67.19 -6.42
N ASN B 793 -0.58 -67.73 -7.59
CA ASN B 793 0.30 -67.00 -8.51
C ASN B 793 -0.36 -65.77 -9.11
N ASP B 794 -1.51 -65.96 -9.72
CA ASP B 794 -2.18 -64.90 -10.47
C ASP B 794 -3.56 -64.45 -9.92
N HIS B 795 -4.10 -65.20 -8.96
CA HIS B 795 -5.32 -64.79 -8.26
C HIS B 795 -4.95 -63.97 -7.04
N PHE B 796 -5.64 -62.85 -6.80
CA PHE B 796 -5.47 -62.08 -5.56
C PHE B 796 -6.74 -61.38 -5.17
N LEU B 797 -6.77 -60.92 -3.92
CA LEU B 797 -7.96 -60.32 -3.35
C LEU B 797 -7.63 -58.98 -2.78
N LEU B 798 -8.65 -58.12 -2.69
CA LEU B 798 -8.52 -56.79 -2.08
C LEU B 798 -9.89 -56.17 -1.79
N GLY B 799 -9.88 -55.10 -1.00
CA GLY B 799 -11.02 -54.18 -0.86
C GLY B 799 -12.21 -54.61 -0.02
N GLY B 800 -12.88 -53.61 0.55
CA GLY B 800 -14.12 -53.84 1.29
C GLY B 800 -13.85 -53.66 2.76
N HIS B 801 -14.82 -54.01 3.59
CA HIS B 801 -14.69 -53.87 5.05
C HIS B 801 -13.61 -54.82 5.58
N ASP B 802 -13.59 -56.05 5.05
CA ASP B 802 -12.63 -57.10 5.46
C ASP B 802 -11.40 -57.20 4.54
N GLY B 803 -11.44 -56.52 3.41
CA GLY B 803 -10.32 -56.51 2.47
C GLY B 803 -10.27 -57.73 1.58
N TYR B 804 -11.37 -58.48 1.55
CA TYR B 804 -11.48 -59.69 0.74
C TYR B 804 -12.77 -59.70 -0.03
N ARG B 805 -13.21 -58.51 -0.45
CA ARG B 805 -14.44 -58.40 -1.24
C ARG B 805 -14.21 -58.45 -2.75
N ILE B 806 -12.98 -58.23 -3.19
CA ILE B 806 -12.70 -58.26 -4.64
C ILE B 806 -11.62 -59.29 -4.95
N LEU B 807 -11.88 -60.07 -6.00
CA LEU B 807 -11.01 -61.13 -6.47
C LEU B 807 -10.55 -60.79 -7.90
N CYS B 808 -9.24 -60.74 -8.09
CA CYS B 808 -8.66 -60.49 -9.41
C CYS B 808 -7.85 -61.71 -9.86
N ALA B 809 -8.07 -62.16 -11.10
CA ALA B 809 -7.26 -63.21 -11.69
C ALA B 809 -6.87 -62.85 -13.14
N PRO B 810 -6.03 -61.82 -13.31
CA PRO B 810 -5.61 -61.31 -14.61
C PRO B 810 -5.03 -62.38 -15.51
N VAL B 811 -5.44 -62.36 -16.78
CA VAL B 811 -4.75 -63.11 -17.81
C VAL B 811 -3.33 -62.53 -17.85
N VAL B 812 -2.33 -63.40 -17.72
CA VAL B 812 -0.93 -62.98 -17.65
C VAL B 812 -0.09 -63.51 -18.83
N TRP B 813 -0.72 -63.67 -19.99
CA TRP B 813 -0.04 -64.13 -21.18
C TRP B 813 -0.46 -63.34 -22.43
N GLU B 814 0.51 -62.91 -23.22
CA GLU B 814 0.21 -62.21 -24.47
C GLU B 814 -0.60 -63.12 -25.37
N ASN B 815 -1.60 -62.58 -26.06
CA ASN B 815 -2.40 -63.37 -27.05
C ASN B 815 -3.17 -64.54 -26.48
N SER B 816 -3.55 -64.42 -25.21
CA SER B 816 -4.33 -65.41 -24.48
C SER B 816 -5.76 -64.87 -24.35
N THR B 817 -6.76 -65.72 -24.59
CA THR B 817 -8.16 -65.27 -24.48
C THR B 817 -8.96 -66.17 -23.53
N GLU B 818 -8.25 -66.86 -22.64
CA GLU B 818 -8.84 -67.69 -21.59
C GLU B 818 -7.80 -68.08 -20.54
N ARG B 819 -8.26 -68.50 -19.36
CA ARG B 819 -7.36 -68.92 -18.29
C ARG B 819 -8.12 -69.76 -17.28
N GLU B 820 -7.39 -70.58 -16.53
CA GLU B 820 -7.97 -71.34 -15.43
C GLU B 820 -8.22 -70.43 -14.24
N LEU B 821 -9.45 -70.44 -13.74
CA LEU B 821 -9.87 -69.56 -12.65
C LEU B 821 -10.31 -70.37 -11.43
N TYR B 822 -9.84 -69.96 -10.26
CA TYR B 822 -10.40 -70.52 -9.03
C TYR B 822 -11.03 -69.46 -8.11
N LEU B 823 -12.33 -69.66 -7.86
CA LEU B 823 -13.12 -68.89 -6.90
C LEU B 823 -13.07 -69.52 -5.49
N PRO B 824 -12.58 -68.76 -4.49
CA PRO B 824 -12.58 -69.12 -3.06
C PRO B 824 -13.92 -69.59 -2.47
N VAL B 825 -13.85 -70.66 -1.67
CA VAL B 825 -15.03 -71.41 -1.19
C VAL B 825 -15.78 -70.72 -0.03
N LEU B 826 -17.01 -71.19 0.22
CA LEU B 826 -17.88 -70.71 1.31
C LEU B 826 -18.25 -69.21 1.25
N THR B 827 -18.33 -68.68 0.03
CA THR B 827 -18.85 -67.35 -0.30
C THR B 827 -19.27 -67.40 -1.78
N GLN B 828 -20.03 -66.40 -2.24
CA GLN B 828 -20.45 -66.33 -3.66
C GLN B 828 -19.83 -65.14 -4.37
N TRP B 829 -19.58 -65.31 -5.67
CA TRP B 829 -18.91 -64.28 -6.47
C TRP B 829 -19.76 -63.81 -7.65
N TYR B 830 -19.59 -62.52 -7.96
CA TYR B 830 -20.23 -61.86 -9.10
C TYR B 830 -19.20 -61.34 -10.09
N LYS B 831 -19.31 -61.74 -11.35
CA LYS B 831 -18.44 -61.21 -12.41
C LYS B 831 -18.57 -59.68 -12.49
N PHE B 832 -17.46 -58.96 -12.30
CA PHE B 832 -17.47 -57.48 -12.38
C PHE B 832 -16.41 -56.91 -13.36
N GLY B 833 -16.17 -55.61 -13.31
CA GLY B 833 -15.26 -54.98 -14.24
C GLY B 833 -15.90 -53.72 -14.76
N PRO B 834 -15.24 -53.03 -15.72
CA PRO B 834 -15.68 -51.71 -16.26
C PRO B 834 -17.10 -51.68 -16.87
N ASP B 835 -17.50 -52.76 -17.54
CA ASP B 835 -18.80 -52.82 -18.22
C ASP B 835 -20.00 -52.92 -17.29
N PHE B 836 -19.77 -53.42 -16.08
CA PHE B 836 -20.88 -53.81 -15.20
C PHE B 836 -21.47 -52.64 -14.42
N ASP B 837 -20.80 -51.49 -14.42
CA ASP B 837 -21.33 -50.29 -13.78
C ASP B 837 -22.61 -49.79 -14.47
N THR B 838 -22.78 -50.13 -15.74
CA THR B 838 -23.93 -49.68 -16.53
C THR B 838 -24.76 -50.83 -17.15
N LYS B 839 -24.70 -52.01 -16.52
CA LYS B 839 -25.57 -53.14 -16.87
C LYS B 839 -25.87 -54.01 -15.63
N PRO B 840 -26.94 -54.83 -15.65
CA PRO B 840 -27.23 -55.62 -14.44
C PRO B 840 -26.16 -56.69 -14.21
N LEU B 841 -25.86 -56.98 -12.95
CA LEU B 841 -24.90 -58.04 -12.62
C LEU B 841 -25.43 -59.37 -13.15
N GLU B 842 -24.52 -60.30 -13.40
CA GLU B 842 -24.90 -61.65 -13.86
C GLU B 842 -25.13 -62.54 -12.63
N GLY B 843 -25.70 -63.72 -12.86
CA GLY B 843 -26.00 -64.67 -11.78
C GLY B 843 -24.81 -65.06 -10.93
N ALA B 844 -25.05 -65.27 -9.63
CA ALA B 844 -24.01 -65.69 -8.68
C ALA B 844 -23.25 -66.94 -9.14
N MET B 845 -21.94 -66.87 -8.96
CA MET B 845 -21.02 -67.96 -9.22
C MET B 845 -20.61 -68.59 -7.89
N ASN B 846 -20.82 -69.90 -7.75
CA ASN B 846 -20.46 -70.64 -6.54
C ASN B 846 -18.96 -70.63 -6.28
N GLY B 847 -18.58 -70.27 -5.05
CA GLY B 847 -17.20 -70.37 -4.61
C GLY B 847 -16.80 -71.83 -4.43
N GLY B 848 -15.54 -72.13 -4.73
CA GLY B 848 -15.07 -73.51 -4.73
C GLY B 848 -15.00 -74.06 -6.14
N ASP B 849 -15.61 -73.34 -7.07
CA ASP B 849 -15.55 -73.69 -8.47
C ASP B 849 -14.19 -73.33 -9.07
N ARG B 850 -13.59 -74.34 -9.71
CA ARG B 850 -12.42 -74.16 -10.57
C ARG B 850 -12.92 -74.29 -12.00
N ILE B 851 -12.65 -73.27 -12.82
CA ILE B 851 -13.11 -73.28 -14.21
C ILE B 851 -11.95 -73.33 -15.21
N TYR B 852 -11.87 -74.43 -15.94
CA TYR B 852 -10.82 -74.62 -16.95
C TYR B 852 -11.23 -73.91 -18.22
N ASN B 853 -10.31 -73.17 -18.83
CA ASN B 853 -10.62 -72.42 -20.05
C ASN B 853 -11.74 -71.39 -19.84
N TYR B 854 -11.67 -70.60 -18.76
CA TYR B 854 -12.67 -69.55 -18.52
C TYR B 854 -12.42 -68.42 -19.52
N PRO B 855 -13.38 -68.16 -20.42
CA PRO B 855 -13.12 -67.23 -21.53
C PRO B 855 -12.87 -65.79 -21.05
N VAL B 856 -11.81 -65.17 -21.57
CA VAL B 856 -11.38 -63.82 -21.14
C VAL B 856 -10.93 -63.01 -22.36
N PRO B 857 -11.89 -62.38 -23.07
CA PRO B 857 -11.53 -61.61 -24.24
C PRO B 857 -10.64 -60.43 -23.86
N GLN B 858 -9.89 -59.95 -24.83
CA GLN B 858 -8.99 -58.82 -24.65
C GLN B 858 -9.63 -57.67 -23.88
N SER B 859 -10.93 -57.46 -24.09
CA SER B 859 -11.63 -56.34 -23.44
C SER B 859 -11.95 -56.61 -21.97
N GLU B 860 -11.83 -57.86 -21.56
CA GLU B 860 -12.20 -58.28 -20.21
C GLU B 860 -10.99 -58.67 -19.36
N SER B 861 -11.23 -58.73 -18.05
CA SER B 861 -10.28 -59.26 -17.10
C SER B 861 -11.11 -59.91 -16.00
N PRO B 862 -10.71 -61.10 -15.51
CA PRO B 862 -11.50 -61.68 -14.41
C PRO B 862 -11.43 -60.85 -13.14
N ILE B 863 -12.51 -60.12 -12.84
CA ILE B 863 -12.61 -59.31 -11.62
C ILE B 863 -13.97 -59.64 -10.99
N PHE B 864 -13.95 -59.97 -9.71
CA PHE B 864 -15.14 -60.49 -9.05
C PHE B 864 -15.39 -59.81 -7.74
N VAL B 865 -16.61 -59.33 -7.55
CA VAL B 865 -17.03 -58.73 -6.28
C VAL B 865 -17.78 -59.77 -5.47
N ARG B 866 -17.43 -59.86 -4.19
CA ARG B 866 -18.00 -60.83 -3.27
C ARG B 866 -19.39 -60.40 -2.81
N GLU B 867 -20.23 -61.38 -2.52
CA GLU B 867 -21.55 -61.12 -1.95
C GLU B 867 -21.34 -60.50 -0.59
N GLY B 868 -22.32 -59.74 -0.11
CA GLY B 868 -22.22 -59.09 1.19
C GLY B 868 -21.18 -57.98 1.20
N ALA B 869 -21.07 -57.27 0.07
CA ALA B 869 -20.13 -56.15 -0.08
C ALA B 869 -20.85 -54.83 -0.29
N ILE B 870 -20.39 -53.83 0.43
CA ILE B 870 -20.75 -52.46 0.14
C ILE B 870 -19.44 -51.75 -0.19
N LEU B 871 -19.41 -51.20 -1.40
CA LEU B 871 -18.21 -50.56 -1.91
C LEU B 871 -18.50 -49.09 -2.12
N PRO B 872 -17.69 -48.22 -1.48
CA PRO B 872 -17.79 -46.79 -1.72
C PRO B 872 -17.26 -46.45 -3.11
N THR B 873 -18.16 -45.97 -3.96
CA THR B 873 -17.84 -45.66 -5.36
C THR B 873 -17.87 -44.14 -5.61
N ARG B 874 -17.13 -43.65 -6.60
CA ARG B 874 -17.11 -42.22 -6.93
C ARG B 874 -17.38 -41.95 -8.39
N TYR B 875 -18.17 -40.90 -8.64
CA TYR B 875 -18.46 -40.44 -9.98
C TYR B 875 -18.19 -38.94 -10.06
N THR B 876 -17.98 -38.43 -11.27
CA THR B 876 -17.92 -36.98 -11.48
C THR B 876 -19.34 -36.47 -11.74
N LEU B 877 -19.59 -35.20 -11.41
CA LEU B 877 -20.92 -34.64 -11.58
C LEU B 877 -21.34 -34.49 -13.06
N ASN B 878 -20.39 -34.27 -13.96
CA ASN B 878 -20.71 -34.01 -15.38
C ASN B 878 -20.43 -35.16 -16.33
N GLY B 879 -19.93 -36.28 -15.79
CA GLY B 879 -19.65 -37.45 -16.61
C GLY B 879 -18.27 -37.52 -17.25
N GLU B 880 -17.56 -36.39 -17.28
CA GLU B 880 -16.18 -36.35 -17.84
C GLU B 880 -15.16 -37.01 -16.92
N ASN B 881 -14.05 -37.48 -17.50
CA ASN B 881 -13.00 -38.10 -16.71
C ASN B 881 -11.98 -37.07 -16.26
N LYS B 882 -11.97 -36.75 -14.97
CA LYS B 882 -10.96 -35.83 -14.44
C LYS B 882 -10.04 -36.53 -13.48
N SER B 883 -8.93 -35.86 -13.21
CA SER B 883 -7.95 -36.32 -12.25
C SER B 883 -8.55 -36.40 -10.86
N LEU B 884 -8.05 -37.36 -10.06
CA LEU B 884 -8.54 -37.59 -8.71
C LEU B 884 -8.43 -36.32 -7.91
N ASN B 885 -7.31 -35.62 -8.11
CA ASN B 885 -6.98 -34.43 -7.35
C ASN B 885 -7.90 -33.24 -7.59
N THR B 886 -8.75 -33.35 -8.61
CA THR B 886 -9.76 -32.31 -8.91
C THR B 886 -11.23 -32.69 -8.59
N TYR B 887 -11.43 -33.84 -7.92
CA TYR B 887 -12.72 -34.14 -7.31
C TYR B 887 -12.95 -33.23 -6.10
N THR B 888 -14.20 -32.79 -5.94
CA THR B 888 -14.66 -32.19 -4.68
C THR B 888 -15.77 -33.08 -4.11
N ASP B 889 -16.30 -32.69 -2.95
CA ASP B 889 -17.35 -33.48 -2.32
C ASP B 889 -18.67 -33.51 -3.11
N GLU B 890 -18.80 -32.62 -4.08
CA GLU B 890 -19.96 -32.52 -4.96
C GLU B 890 -20.00 -33.67 -5.95
N ASP B 891 -18.82 -34.18 -6.30
CA ASP B 891 -18.69 -35.36 -7.14
C ASP B 891 -19.15 -36.55 -6.33
N PRO B 892 -20.28 -37.16 -6.74
CA PRO B 892 -21.08 -38.08 -5.92
C PRO B 892 -20.27 -39.17 -5.23
N LEU B 893 -20.72 -39.57 -4.04
CA LEU B 893 -20.17 -40.73 -3.33
C LEU B 893 -21.31 -41.73 -3.19
N VAL B 894 -21.11 -42.91 -3.74
CA VAL B 894 -22.20 -43.87 -3.81
C VAL B 894 -21.73 -45.13 -3.10
N PHE B 895 -22.44 -45.51 -2.05
CA PHE B 895 -22.23 -46.80 -1.45
C PHE B 895 -23.05 -47.83 -2.24
N GLU B 896 -22.32 -48.75 -2.87
CA GLU B 896 -22.91 -49.78 -3.70
C GLU B 896 -23.13 -51.05 -2.89
N VAL B 897 -24.38 -51.33 -2.56
CA VAL B 897 -24.71 -52.57 -1.88
C VAL B 897 -24.81 -53.63 -2.97
N PHE B 898 -23.96 -54.63 -2.89
CA PHE B 898 -24.00 -55.73 -3.80
C PHE B 898 -24.96 -56.77 -3.25
N PRO B 899 -25.25 -57.83 -4.01
CA PRO B 899 -26.18 -58.80 -3.46
C PRO B 899 -25.70 -59.30 -2.12
N LEU B 900 -26.61 -59.32 -1.16
CA LEU B 900 -26.34 -59.67 0.21
C LEU B 900 -25.69 -61.05 0.37
N GLY B 901 -24.75 -61.09 1.33
CA GLY B 901 -24.13 -62.35 1.74
C GLY B 901 -24.68 -62.80 3.07
N ASN B 902 -25.51 -63.84 3.03
CA ASN B 902 -26.19 -64.33 4.23
C ASN B 902 -27.17 -63.29 4.82
N ASN B 903 -27.99 -62.72 3.92
CA ASN B 903 -28.97 -61.65 4.23
C ASN B 903 -28.36 -60.44 4.91
N ARG B 904 -27.08 -60.22 4.62
CA ARG B 904 -26.27 -59.26 5.33
C ARG B 904 -25.16 -58.76 4.40
N ALA B 905 -24.89 -57.45 4.43
CA ALA B 905 -23.78 -56.86 3.68
C ALA B 905 -23.12 -55.77 4.50
N ASP B 906 -21.81 -55.58 4.30
CA ASP B 906 -21.03 -54.63 5.08
C ASP B 906 -20.15 -53.74 4.18
N GLY B 907 -19.83 -52.55 4.69
CA GLY B 907 -19.02 -51.59 3.93
C GLY B 907 -18.27 -50.64 4.83
N MET B 908 -17.26 -49.99 4.27
CA MET B 908 -16.47 -49.02 5.01
C MET B 908 -15.93 -47.96 4.04
N CYS B 909 -15.84 -46.70 4.51
CA CYS B 909 -15.22 -45.62 3.73
C CYS B 909 -14.46 -44.60 4.59
N TYR B 910 -13.16 -44.56 4.39
CA TYR B 910 -12.33 -43.52 4.91
C TYR B 910 -12.64 -42.25 4.15
N LEU B 911 -12.68 -41.13 4.86
CA LEU B 911 -12.86 -39.80 4.25
C LEU B 911 -11.95 -38.74 4.88
N ASP B 912 -11.17 -38.06 4.05
CA ASP B 912 -10.46 -36.84 4.43
C ASP B 912 -10.43 -35.83 3.26
N ASP B 913 -9.68 -34.74 3.41
CA ASP B 913 -9.66 -33.68 2.40
C ASP B 913 -8.73 -33.95 1.22
N GLY B 914 -8.36 -35.22 1.04
CA GLY B 914 -7.56 -35.67 -0.09
C GLY B 914 -6.09 -35.42 0.12
N GLY B 915 -5.75 -34.58 1.09
CA GLY B 915 -4.35 -34.23 1.34
C GLY B 915 -4.08 -32.81 0.94
N VAL B 916 -5.17 -32.05 0.76
CA VAL B 916 -5.10 -30.64 0.56
C VAL B 916 -4.33 -30.08 1.77
N THR B 917 -4.69 -30.56 2.97
CA THR B 917 -3.99 -30.27 4.23
C THR B 917 -3.50 -31.57 4.88
N THR B 918 -2.77 -31.45 5.99
CA THR B 918 -2.30 -32.62 6.75
C THR B 918 -3.06 -32.78 8.08
N ASN B 919 -4.25 -32.21 8.14
CA ASN B 919 -5.07 -32.20 9.35
C ASN B 919 -5.68 -33.54 9.76
N ALA B 920 -5.93 -34.40 8.77
CA ALA B 920 -6.24 -35.81 9.04
C ALA B 920 -5.19 -36.47 9.92
N GLU B 921 -3.92 -36.37 9.52
CA GLU B 921 -2.81 -36.98 10.27
C GLU B 921 -2.19 -36.12 11.37
N ASP B 922 -2.26 -34.80 11.23
CA ASP B 922 -1.70 -33.89 12.25
C ASP B 922 -2.63 -33.67 13.44
N ASN B 923 -3.96 -33.63 13.17
CA ASN B 923 -4.97 -33.34 14.19
C ASN B 923 -6.19 -34.27 14.08
N GLY B 924 -6.04 -35.38 13.37
CA GLY B 924 -7.12 -36.34 13.23
C GLY B 924 -8.42 -35.80 12.67
N LYS B 925 -8.34 -34.91 11.69
CA LYS B 925 -9.51 -34.51 10.91
C LYS B 925 -9.81 -35.52 9.78
N PHE B 926 -10.40 -36.66 10.13
CA PHE B 926 -10.86 -37.60 9.10
C PHE B 926 -12.16 -38.31 9.50
N SER B 927 -12.77 -39.02 8.58
CA SER B 927 -13.94 -39.81 8.91
C SER B 927 -13.83 -41.26 8.48
N VAL B 928 -14.17 -42.15 9.39
CA VAL B 928 -14.33 -43.55 9.03
C VAL B 928 -15.82 -43.87 9.05
N VAL B 929 -16.41 -43.93 7.86
CA VAL B 929 -17.82 -44.27 7.72
C VAL B 929 -17.97 -45.79 7.62
N LYS B 930 -18.94 -46.32 8.36
CA LYS B 930 -19.27 -47.73 8.31
C LYS B 930 -20.74 -47.86 7.96
N VAL B 931 -21.07 -48.88 7.19
CA VAL B 931 -22.44 -49.15 6.80
C VAL B 931 -22.73 -50.66 6.91
N ALA B 932 -23.99 -51.00 7.16
CA ALA B 932 -24.42 -52.37 7.27
C ALA B 932 -25.82 -52.52 6.70
N ALA B 933 -26.06 -53.65 6.06
CA ALA B 933 -27.37 -53.98 5.52
C ALA B 933 -27.81 -55.34 6.03
N GLU B 934 -29.09 -55.45 6.31
CA GLU B 934 -29.67 -56.70 6.75
C GLU B 934 -31.01 -56.82 6.07
N GLN B 935 -31.30 -58.02 5.54
CA GLN B 935 -32.63 -58.35 5.07
C GLN B 935 -33.30 -59.14 6.21
N ASP B 936 -34.56 -58.84 6.46
CA ASP B 936 -35.32 -59.44 7.54
C ASP B 936 -36.81 -59.43 7.15
N GLY B 937 -37.24 -60.50 6.48
CA GLY B 937 -38.54 -60.52 5.81
C GLY B 937 -38.56 -59.53 4.66
N GLY B 938 -39.48 -58.58 4.70
CA GLY B 938 -39.60 -57.55 3.67
C GLY B 938 -38.70 -56.35 3.92
N THR B 939 -38.37 -56.11 5.19
CA THR B 939 -37.57 -54.96 5.61
C THR B 939 -36.10 -55.19 5.38
N GLU B 940 -35.51 -54.40 4.48
CA GLU B 940 -34.05 -54.32 4.35
C GLU B 940 -33.59 -53.05 5.09
N THR B 941 -32.69 -53.22 6.06
CA THR B 941 -32.28 -52.14 6.95
C THR B 941 -30.83 -51.75 6.71
N ILE B 942 -30.63 -50.64 5.99
CA ILE B 942 -29.29 -50.12 5.74
C ILE B 942 -28.96 -49.08 6.82
N THR B 943 -27.91 -49.34 7.60
CA THR B 943 -27.55 -48.50 8.75
C THR B 943 -26.16 -47.88 8.58
N PHE B 944 -26.06 -46.57 8.78
CA PHE B 944 -24.76 -45.90 8.73
C PHE B 944 -24.31 -45.58 10.13
N THR B 945 -23.12 -46.06 10.48
CA THR B 945 -22.47 -45.66 11.72
C THR B 945 -21.10 -45.09 11.37
N ASN B 946 -20.29 -44.78 12.38
CA ASN B 946 -18.95 -44.27 12.11
C ASN B 946 -17.97 -44.46 13.27
N ASP B 947 -16.71 -44.79 12.94
CA ASP B 947 -15.66 -44.91 13.95
C ASP B 947 -15.21 -43.53 14.44
N CYS B 948 -15.11 -42.58 13.51
CA CYS B 948 -15.10 -41.15 13.86
C CYS B 948 -15.79 -40.34 12.74
N TYR B 949 -15.91 -39.03 12.93
CA TYR B 949 -16.40 -38.12 11.91
C TYR B 949 -15.83 -36.73 12.17
N GLU B 950 -14.54 -36.62 11.97
CA GLU B 950 -13.86 -35.35 12.15
C GLU B 950 -13.70 -34.62 10.81
N TYR B 951 -14.23 -35.24 9.75
CA TYR B 951 -14.29 -34.62 8.44
C TYR B 951 -15.69 -34.68 7.86
N VAL B 952 -16.22 -33.52 7.47
CA VAL B 952 -17.58 -33.40 6.97
C VAL B 952 -17.63 -33.49 5.46
N PHE B 953 -18.17 -34.59 4.95
CA PHE B 953 -18.40 -34.78 3.53
C PHE B 953 -19.39 -33.71 3.10
N GLY B 954 -18.89 -32.76 2.30
CA GLY B 954 -19.65 -31.57 1.95
C GLY B 954 -20.50 -31.64 0.71
N GLY B 955 -21.03 -32.82 0.41
CA GLY B 955 -21.99 -32.98 -0.69
C GLY B 955 -22.99 -34.12 -0.46
N PRO B 956 -23.97 -34.26 -1.37
CA PRO B 956 -24.91 -35.38 -1.27
C PRO B 956 -24.24 -36.73 -1.49
N PHE B 957 -24.68 -37.74 -0.76
CA PHE B 957 -24.15 -39.09 -0.93
C PHE B 957 -25.31 -40.05 -1.25
N TYR B 958 -24.97 -41.19 -1.83
CA TYR B 958 -25.99 -42.08 -2.38
C TYR B 958 -25.88 -43.47 -1.83
N VAL B 959 -26.96 -44.25 -2.00
CA VAL B 959 -26.96 -45.70 -1.80
C VAL B 959 -27.54 -46.34 -3.06
N ARG B 960 -26.77 -47.24 -3.67
CA ARG B 960 -27.21 -47.96 -4.85
C ARG B 960 -27.36 -49.39 -4.42
N VAL B 961 -28.58 -49.92 -4.51
CA VAL B 961 -28.86 -51.27 -4.08
C VAL B 961 -29.00 -52.20 -5.28
N ARG B 962 -27.96 -52.99 -5.54
CA ARG B 962 -28.01 -54.02 -6.59
C ARG B 962 -29.07 -55.07 -6.31
N GLY B 963 -29.94 -55.32 -7.29
CA GLY B 963 -30.98 -56.34 -7.20
C GLY B 963 -32.24 -55.87 -6.52
N ALA B 964 -32.40 -54.55 -6.40
CA ALA B 964 -33.61 -53.94 -5.84
C ALA B 964 -34.34 -53.15 -6.92
N GLN B 965 -35.66 -53.06 -6.81
CA GLN B 965 -36.45 -52.28 -7.77
C GLN B 965 -37.44 -51.27 -7.16
N SER B 966 -38.72 -51.62 -7.16
CA SER B 966 -39.78 -50.71 -6.77
C SER B 966 -40.18 -50.93 -5.29
N PRO B 967 -39.79 -49.99 -4.39
CA PRO B 967 -40.17 -50.09 -2.98
C PRO B 967 -41.58 -49.57 -2.70
N SER B 968 -42.17 -49.98 -1.58
CA SER B 968 -43.43 -49.41 -1.15
C SER B 968 -43.16 -48.07 -0.47
N ASN B 969 -42.18 -48.07 0.43
CA ASN B 969 -41.75 -46.87 1.14
C ASN B 969 -40.32 -47.03 1.69
N ILE B 970 -39.54 -45.96 1.63
CA ILE B 970 -38.21 -45.94 2.24
C ILE B 970 -38.15 -44.85 3.30
N HIS B 971 -37.89 -45.24 4.55
CA HIS B 971 -37.80 -44.28 5.68
C HIS B 971 -36.36 -44.02 6.07
N VAL B 972 -36.06 -42.75 6.30
CA VAL B 972 -34.71 -42.34 6.68
C VAL B 972 -34.73 -41.67 8.05
N SER B 973 -34.30 -42.45 9.03
CA SER B 973 -34.09 -42.02 10.41
C SER B 973 -32.70 -41.38 10.54
N SER B 974 -32.65 -40.23 11.22
CA SER B 974 -31.38 -39.58 11.55
C SER B 974 -31.53 -38.54 12.65
N GLY B 975 -30.56 -38.48 13.56
CA GLY B 975 -30.52 -37.46 14.59
C GLY B 975 -30.53 -36.06 14.01
N ALA B 976 -30.23 -35.97 12.71
CA ALA B 976 -30.23 -34.69 12.00
C ALA B 976 -31.55 -34.42 11.28
N GLY B 977 -32.53 -35.30 11.49
CA GLY B 977 -33.82 -35.15 10.85
C GLY B 977 -34.32 -36.43 10.23
N SER B 978 -35.54 -36.79 10.61
CA SER B 978 -36.17 -38.00 10.13
C SER B 978 -37.09 -37.66 8.96
N GLN B 979 -37.24 -38.59 8.01
CA GLN B 979 -37.85 -38.29 6.71
C GLN B 979 -38.19 -39.58 5.97
N ASP B 980 -39.35 -39.61 5.33
CA ASP B 980 -39.67 -40.62 4.32
C ASP B 980 -39.20 -40.14 2.95
N MET B 981 -38.64 -41.06 2.16
CA MET B 981 -38.14 -40.71 0.84
C MET B 981 -39.24 -40.82 -0.20
N LYS B 982 -39.22 -39.92 -1.19
CA LYS B 982 -40.19 -39.92 -2.29
C LYS B 982 -39.54 -40.29 -3.63
N VAL B 983 -40.34 -40.80 -4.56
CA VAL B 983 -39.84 -41.18 -5.88
C VAL B 983 -39.42 -39.91 -6.66
N SER B 984 -38.25 -39.96 -7.30
CA SER B 984 -37.66 -38.81 -7.99
C SER B 984 -38.20 -38.65 -9.40
N SER B 985 -38.63 -37.45 -9.75
CA SER B 985 -39.08 -37.20 -11.12
C SER B 985 -37.90 -37.14 -12.09
N ALA B 986 -36.72 -37.53 -11.61
CA ALA B 986 -35.54 -37.80 -12.45
C ALA B 986 -35.54 -39.25 -12.89
N THR B 987 -35.17 -39.49 -14.15
CA THR B 987 -35.28 -40.82 -14.76
C THR B 987 -34.01 -41.30 -15.47
N SER B 988 -32.88 -40.67 -15.17
CA SER B 988 -31.56 -41.17 -15.56
C SER B 988 -30.57 -40.81 -14.44
N ARG B 989 -29.40 -41.45 -14.45
CA ARG B 989 -28.42 -41.23 -13.41
C ARG B 989 -27.86 -39.82 -13.49
N ALA B 990 -27.59 -39.35 -14.70
CA ALA B 990 -27.10 -37.99 -14.93
C ALA B 990 -28.03 -36.98 -14.26
N ALA B 991 -29.33 -37.14 -14.53
CA ALA B 991 -30.37 -36.25 -14.00
C ALA B 991 -30.49 -36.30 -12.48
N LEU B 992 -30.30 -37.49 -11.89
CA LEU B 992 -30.43 -37.68 -10.45
C LEU B 992 -29.33 -36.96 -9.68
N PHE B 993 -28.11 -37.01 -10.20
CA PHE B 993 -26.95 -36.38 -9.60
C PHE B 993 -27.06 -34.84 -9.58
N ASN B 994 -27.49 -34.28 -10.72
CA ASN B 994 -27.55 -32.84 -10.95
C ASN B 994 -28.86 -32.16 -10.56
N ASP B 995 -30.00 -32.79 -10.87
CA ASP B 995 -31.30 -32.17 -10.63
C ASP B 995 -32.11 -32.77 -9.46
N GLY B 996 -31.91 -34.05 -9.16
CA GLY B 996 -32.65 -34.73 -8.09
C GLY B 996 -32.46 -34.14 -6.70
N GLU B 997 -33.54 -34.15 -5.90
CA GLU B 997 -33.52 -33.58 -4.55
C GLU B 997 -33.01 -34.55 -3.48
N ASN B 998 -32.49 -33.98 -2.39
CA ASN B 998 -32.08 -34.75 -1.22
C ASN B 998 -33.29 -35.47 -0.58
N GLY B 999 -33.35 -36.79 -0.74
CA GLY B 999 -34.48 -37.57 -0.23
C GLY B 999 -35.23 -38.27 -1.35
N ASP B 1000 -34.64 -38.24 -2.53
CA ASP B 1000 -35.18 -38.92 -3.72
C ASP B 1000 -34.65 -40.33 -3.83
N PHE B 1001 -35.42 -41.19 -4.49
CA PHE B 1001 -34.89 -42.47 -4.91
C PHE B 1001 -35.21 -42.69 -6.37
N TRP B 1002 -34.29 -43.32 -7.09
CA TRP B 1002 -34.47 -43.59 -8.52
C TRP B 1002 -34.36 -45.06 -8.79
N VAL B 1003 -35.39 -45.59 -9.44
CA VAL B 1003 -35.41 -46.96 -9.87
C VAL B 1003 -34.66 -47.02 -11.20
N ASP B 1004 -33.55 -47.76 -11.20
CA ASP B 1004 -32.66 -47.90 -12.34
C ASP B 1004 -32.92 -49.24 -12.99
N GLN B 1005 -33.80 -49.26 -13.99
CA GLN B 1005 -34.18 -50.49 -14.69
C GLN B 1005 -33.06 -51.00 -15.60
N GLU B 1006 -32.16 -50.09 -16.01
CA GLU B 1006 -31.05 -50.44 -16.88
C GLU B 1006 -30.08 -51.42 -16.19
N THR B 1007 -29.80 -51.15 -14.91
CA THR B 1007 -28.80 -51.92 -14.14
C THR B 1007 -29.38 -52.75 -12.97
N ASP B 1008 -30.71 -52.77 -12.85
CA ASP B 1008 -31.40 -53.44 -11.75
C ASP B 1008 -30.92 -52.87 -10.41
N SER B 1009 -30.89 -51.54 -10.32
CA SER B 1009 -30.43 -50.83 -9.12
C SER B 1009 -31.47 -49.87 -8.54
N LEU B 1010 -31.46 -49.71 -7.23
CA LEU B 1010 -32.25 -48.69 -6.55
C LEU B 1010 -31.32 -47.60 -5.97
N TRP B 1011 -31.48 -46.37 -6.44
CA TRP B 1011 -30.58 -45.29 -6.04
C TRP B 1011 -31.24 -44.35 -5.05
N LEU B 1012 -30.62 -44.14 -3.91
CA LEU B 1012 -31.16 -43.24 -2.89
C LEU B 1012 -30.25 -42.02 -2.77
N LYS B 1013 -30.79 -40.84 -3.04
CA LYS B 1013 -30.05 -39.58 -2.84
C LYS B 1013 -30.32 -39.06 -1.44
N LEU B 1014 -29.26 -38.74 -0.69
CA LEU B 1014 -29.40 -38.37 0.72
C LEU B 1014 -28.54 -37.17 1.12
N PRO B 1015 -29.05 -36.31 2.02
CA PRO B 1015 -28.30 -35.14 2.52
C PRO B 1015 -27.05 -35.54 3.29
N ASN B 1016 -26.03 -34.71 3.22
CA ASN B 1016 -24.76 -35.01 3.88
C ASN B 1016 -24.85 -35.11 5.40
N VAL B 1017 -25.82 -34.41 5.98
CA VAL B 1017 -25.98 -34.35 7.45
C VAL B 1017 -26.44 -35.68 8.09
N VAL B 1018 -26.85 -36.62 7.24
CA VAL B 1018 -27.28 -37.95 7.71
C VAL B 1018 -26.21 -39.05 7.61
N LEU B 1019 -25.06 -38.75 6.99
CA LEU B 1019 -24.01 -39.74 6.78
C LEU B 1019 -23.51 -40.39 8.07
N PRO B 1020 -23.41 -39.60 9.17
CA PRO B 1020 -22.89 -40.18 10.42
C PRO B 1020 -23.85 -41.15 11.10
N ASP B 1021 -25.15 -40.85 11.07
CA ASP B 1021 -26.16 -41.71 11.70
C ASP B 1021 -27.43 -41.81 10.85
N ALA B 1022 -27.39 -42.65 9.82
CA ALA B 1022 -28.57 -42.83 8.99
C ALA B 1022 -29.09 -44.24 9.15
N VAL B 1023 -30.33 -44.38 9.61
CA VAL B 1023 -30.99 -45.66 9.57
C VAL B 1023 -32.07 -45.62 8.50
N ILE B 1024 -31.82 -46.40 7.46
CA ILE B 1024 -32.69 -46.48 6.29
C ILE B 1024 -33.38 -47.83 6.32
N THR B 1025 -34.71 -47.85 6.32
CA THR B 1025 -35.43 -49.12 6.22
C THR B 1025 -36.26 -49.18 4.92
N ILE B 1026 -35.79 -49.97 3.95
CA ILE B 1026 -36.53 -50.19 2.72
C ILE B 1026 -37.62 -51.22 2.97
N THR B 1027 -38.86 -50.80 2.88
CA THR B 1027 -39.95 -51.76 3.01
C THR B 1027 -40.60 -52.08 1.68
N THR C 3 52.66 17.31 47.16
CA THR C 3 52.72 15.81 47.08
C THR C 3 51.76 15.26 46.00
N ASP C 4 51.37 16.14 45.06
CA ASP C 4 50.52 15.76 43.91
C ASP C 4 51.36 14.98 42.92
N ASN C 5 50.71 14.18 42.08
CA ASN C 5 51.34 13.34 41.07
C ASN C 5 52.51 12.51 41.64
N PRO C 6 52.21 11.56 42.54
CA PRO C 6 53.33 10.84 43.15
C PRO C 6 53.93 9.79 42.21
N ASP C 7 53.13 9.26 41.28
CA ASP C 7 53.67 8.29 40.32
C ASP C 7 54.49 8.91 39.17
N GLY C 8 54.64 10.25 39.18
CA GLY C 8 55.35 10.99 38.12
C GLY C 8 54.75 10.77 36.74
N ILE C 9 53.42 10.68 36.68
CA ILE C 9 52.71 10.47 35.42
C ILE C 9 52.62 11.73 34.56
N ASP C 10 52.83 11.54 33.26
CA ASP C 10 52.55 12.56 32.27
C ASP C 10 51.14 12.30 31.70
N TYR C 11 50.25 13.26 31.92
CA TYR C 11 48.86 13.08 31.53
C TYR C 11 48.66 13.67 30.15
N LYS C 12 48.23 12.82 29.24
CA LYS C 12 48.28 13.14 27.81
C LYS C 12 46.94 13.60 27.28
N THR C 13 45.89 12.88 27.70
CA THR C 13 44.53 13.22 27.38
C THR C 13 43.78 13.67 28.62
N TYR C 14 43.01 14.75 28.47
CA TYR C 14 42.06 15.19 29.48
C TYR C 14 40.61 15.17 28.96
N ASP C 15 40.42 15.27 27.64
CA ASP C 15 39.07 15.40 27.11
C ASP C 15 38.43 14.05 26.99
N TYR C 16 37.11 14.07 26.87
CA TYR C 16 36.32 12.92 26.47
C TYR C 16 36.91 12.38 25.18
N VAL C 17 36.99 11.06 25.09
CA VAL C 17 37.38 10.41 23.87
C VAL C 17 36.34 9.33 23.64
N GLY C 18 35.51 9.55 22.61
CA GLY C 18 34.36 8.68 22.32
C GLY C 18 34.84 7.37 21.72
N VAL C 19 33.91 6.47 21.43
CA VAL C 19 34.27 5.11 21.00
C VAL C 19 34.97 5.14 19.65
N TRP C 20 34.59 6.12 18.83
CA TRP C 20 35.25 6.47 17.56
C TRP C 20 36.73 6.88 17.71
N GLY C 21 37.11 7.34 18.88
CA GLY C 21 38.50 7.75 19.09
C GLY C 21 39.27 6.71 19.87
N PHE C 22 38.71 5.50 19.98
CA PHE C 22 39.35 4.47 20.78
C PHE C 22 39.51 3.20 19.99
N SER C 23 40.76 2.93 19.63
CA SER C 23 41.05 1.85 18.71
C SER C 23 42.32 1.08 19.05
N PRO C 24 42.22 0.20 20.05
CA PRO C 24 43.34 -0.63 20.49
C PRO C 24 43.86 -1.48 19.34
N LEU C 25 42.93 -1.94 18.53
CA LEU C 25 43.20 -2.90 17.48
C LEU C 25 43.84 -2.25 16.27
N SER C 26 44.31 -1.02 16.45
CA SER C 26 45.05 -0.37 15.38
C SER C 26 46.52 -0.71 15.58
N ASN C 27 46.82 -1.19 16.79
CA ASN C 27 48.16 -1.68 17.16
C ASN C 27 49.26 -0.62 17.36
N THR C 28 49.17 0.47 16.64
CA THR C 28 50.24 1.43 16.51
C THR C 28 50.42 2.23 17.81
N ASN C 29 51.65 2.31 18.29
CA ASN C 29 52.00 2.95 19.59
C ASN C 29 51.56 2.19 20.84
N TRP C 30 50.93 1.03 20.64
CA TRP C 30 50.53 0.13 21.71
C TRP C 30 51.62 -0.89 22.04
N PHE C 31 51.78 -1.18 23.33
CA PHE C 31 52.61 -2.27 23.81
C PHE C 31 51.76 -3.49 24.04
N ALA C 32 52.20 -4.67 23.61
CA ALA C 32 51.53 -5.90 24.02
C ALA C 32 52.48 -6.95 24.60
N ALA C 33 51.92 -7.90 25.36
CA ALA C 33 52.67 -9.01 25.92
C ALA C 33 53.36 -9.81 24.81
N GLY C 34 54.67 -9.97 24.93
CA GLY C 34 55.45 -10.63 23.88
C GLY C 34 56.20 -11.86 24.37
N SER C 35 56.52 -11.89 25.66
CA SER C 35 57.26 -13.00 26.28
C SER C 35 57.25 -12.85 27.82
N SER C 36 57.66 -13.89 28.54
CA SER C 36 57.75 -13.77 30.00
C SER C 36 58.71 -14.77 30.62
N THR C 37 58.98 -14.57 31.91
CA THR C 37 59.58 -15.58 32.75
C THR C 37 58.83 -15.56 34.06
N PRO C 38 58.65 -16.74 34.69
CA PRO C 38 58.04 -16.88 36.01
C PRO C 38 58.66 -15.97 37.08
N GLY C 39 57.81 -15.33 37.86
CA GLY C 39 58.22 -14.36 38.88
C GLY C 39 57.67 -14.71 40.25
N GLY C 40 57.15 -15.93 40.39
CA GLY C 40 56.84 -16.49 41.69
C GLY C 40 55.38 -16.63 41.99
N ILE C 41 55.09 -17.35 43.07
CA ILE C 41 53.72 -17.55 43.52
C ILE C 41 53.72 -17.38 45.02
N THR C 42 52.82 -16.54 45.52
CA THR C 42 52.62 -16.41 46.95
C THR C 42 51.12 -16.37 47.15
N ASP C 43 50.66 -17.13 48.14
CA ASP C 43 49.23 -17.43 48.35
C ASP C 43 48.60 -17.96 47.06
N TRP C 44 47.54 -17.31 46.61
CA TRP C 44 46.91 -17.68 45.35
C TRP C 44 47.27 -16.72 44.20
N THR C 45 48.33 -15.90 44.39
CA THR C 45 48.79 -14.97 43.35
C THR C 45 50.16 -15.30 42.75
N ALA C 46 50.15 -15.65 41.46
CA ALA C 46 51.35 -15.83 40.66
C ALA C 46 51.75 -14.52 40.00
N THR C 47 53.06 -14.30 39.87
CA THR C 47 53.60 -13.16 39.14
C THR C 47 54.32 -13.63 37.88
N MET C 48 54.09 -12.93 36.77
CA MET C 48 54.83 -13.17 35.52
C MET C 48 55.54 -11.87 35.11
N ASN C 49 56.86 -11.95 35.00
CA ASN C 49 57.64 -10.83 34.52
C ASN C 49 57.59 -10.79 33.00
N VAL C 50 56.60 -10.05 32.52
CA VAL C 50 56.21 -10.01 31.11
C VAL C 50 56.95 -8.93 30.32
N ASN C 51 57.52 -9.33 29.20
CA ASN C 51 58.16 -8.39 28.29
C ASN C 51 57.12 -7.82 27.33
N PHE C 52 56.83 -6.55 27.53
CA PHE C 52 55.91 -5.85 26.66
C PHE C 52 56.66 -5.28 25.49
N ASP C 53 56.17 -5.60 24.29
CA ASP C 53 56.78 -5.19 23.03
C ASP C 53 55.86 -4.26 22.28
N ARG C 54 56.42 -3.24 21.64
CA ARG C 54 55.61 -2.38 20.79
C ARG C 54 55.15 -3.12 19.54
N ILE C 55 53.84 -3.28 19.36
CA ILE C 55 53.29 -4.12 18.26
C ILE C 55 53.81 -3.76 16.86
N ASP C 56 53.80 -2.47 16.57
CA ASP C 56 54.27 -1.98 15.29
C ASP C 56 55.82 -1.91 15.16
N ASN C 57 56.55 -2.08 16.28
CA ASN C 57 58.04 -2.04 16.31
C ASN C 57 58.64 -2.83 17.50
N PRO C 58 58.60 -4.18 17.44
CA PRO C 58 58.85 -5.07 18.60
C PRO C 58 60.25 -5.00 19.21
N SER C 59 61.18 -4.41 18.49
CA SER C 59 62.48 -4.06 19.05
C SER C 59 62.32 -3.22 20.33
N ILE C 60 61.30 -2.35 20.37
CA ILE C 60 61.07 -1.53 21.56
C ILE C 60 60.29 -2.31 22.59
N THR C 61 60.93 -2.57 23.73
CA THR C 61 60.37 -3.45 24.75
C THR C 61 60.59 -2.91 26.18
N VAL C 62 59.63 -3.23 27.05
CA VAL C 62 59.71 -2.89 28.48
C VAL C 62 59.16 -4.08 29.29
N GLN C 63 59.52 -4.10 30.56
CA GLN C 63 59.21 -5.22 31.44
C GLN C 63 58.37 -4.74 32.62
N HIS C 64 57.24 -5.43 32.84
CA HIS C 64 56.35 -5.15 33.96
C HIS C 64 55.90 -6.47 34.60
N PRO C 65 55.75 -6.47 35.93
CA PRO C 65 55.20 -7.63 36.63
C PRO C 65 53.69 -7.73 36.43
N VAL C 66 53.20 -8.93 36.09
CA VAL C 66 51.76 -9.16 35.94
C VAL C 66 51.33 -10.21 36.95
N GLN C 67 50.39 -9.84 37.83
CA GLN C 67 49.90 -10.76 38.85
C GLN C 67 48.69 -11.51 38.30
N VAL C 68 48.63 -12.81 38.56
CA VAL C 68 47.48 -13.64 38.21
C VAL C 68 46.97 -14.27 39.50
N GLN C 69 45.79 -13.85 39.94
CA GLN C 69 45.22 -14.28 41.20
C GLN C 69 43.95 -15.10 41.00
N VAL C 70 43.92 -16.33 41.50
CA VAL C 70 42.67 -17.04 41.61
C VAL C 70 41.90 -16.38 42.76
N THR C 71 40.65 -15.99 42.51
CA THR C 71 39.92 -15.21 43.51
C THR C 71 38.87 -16.03 44.21
N SER C 72 38.38 -17.04 43.49
CA SER C 72 37.53 -18.05 44.06
C SER C 72 37.61 -19.34 43.26
N TYR C 73 37.94 -20.41 44.00
CA TYR C 73 37.97 -21.75 43.47
C TYR C 73 36.54 -22.27 43.28
N ASN C 74 35.71 -22.09 44.29
CA ASN C 74 34.35 -22.55 44.27
C ASN C 74 33.50 -21.82 43.24
N ASN C 75 33.76 -20.52 43.05
CA ASN C 75 32.98 -19.74 42.09
C ASN C 75 33.72 -19.39 40.79
N ASN C 76 34.75 -20.18 40.50
CA ASN C 76 35.40 -20.18 39.19
C ASN C 76 35.77 -18.76 38.71
N SER C 77 36.69 -18.10 39.43
CA SER C 77 37.07 -16.75 39.07
C SER C 77 38.51 -16.46 39.43
N TYR C 78 39.22 -15.78 38.51
CA TYR C 78 40.58 -15.25 38.75
C TYR C 78 40.73 -13.81 38.30
N ARG C 79 41.96 -13.31 38.43
CA ARG C 79 42.23 -11.90 38.26
C ARG C 79 43.62 -11.62 37.67
N VAL C 80 43.64 -10.84 36.59
CA VAL C 80 44.90 -10.37 36.05
C VAL C 80 45.04 -8.90 36.37
N ARG C 81 46.26 -8.51 36.72
CA ARG C 81 46.48 -7.16 37.17
C ARG C 81 47.95 -6.77 37.02
N PHE C 82 48.18 -5.55 36.53
CA PHE C 82 49.49 -4.94 36.43
C PHE C 82 49.38 -3.42 36.38
N ASN C 83 50.52 -2.75 36.46
CA ASN C 83 50.57 -1.32 36.46
C ASN C 83 51.76 -0.87 35.62
N PRO C 84 51.49 -0.30 34.43
CA PRO C 84 52.52 0.21 33.52
C PRO C 84 53.24 1.43 34.05
N ASP C 85 52.68 2.04 35.10
CA ASP C 85 52.99 3.42 35.45
C ASP C 85 53.75 3.54 36.77
N GLY C 86 53.71 2.48 37.59
CA GLY C 86 54.32 2.46 38.91
C GLY C 86 54.06 1.11 39.58
N PRO C 87 54.37 0.98 40.89
CA PRO C 87 54.11 -0.31 41.55
C PRO C 87 52.64 -0.74 41.46
N ILE C 88 52.37 -2.05 41.55
CA ILE C 88 50.99 -2.50 41.67
C ILE C 88 50.47 -2.08 43.05
N ARG C 89 49.24 -1.53 43.07
CA ARG C 89 48.68 -0.93 44.26
C ARG C 89 47.24 -1.38 44.53
N ASP C 90 47.01 -1.86 45.75
CA ASP C 90 45.70 -2.19 46.25
C ASP C 90 44.86 -0.92 46.42
N VAL C 91 43.66 -0.93 45.84
CA VAL C 91 42.71 0.17 46.04
C VAL C 91 42.24 0.22 47.50
N THR C 92 41.91 1.41 47.98
CA THR C 92 41.48 1.57 49.35
C THR C 92 39.97 1.77 49.35
N ARG C 93 39.46 2.18 48.20
CA ARG C 93 38.04 2.34 48.00
C ARG C 93 37.62 1.71 46.65
N GLY C 94 36.45 1.12 46.60
CA GLY C 94 35.95 0.52 45.35
C GLY C 94 35.32 -0.83 45.59
N PRO C 95 34.62 -1.37 44.58
CA PRO C 95 33.90 -2.63 44.80
C PRO C 95 34.79 -3.79 45.25
N ILE C 96 35.99 -3.90 44.66
CA ILE C 96 36.83 -5.04 44.96
C ILE C 96 37.91 -4.69 45.95
N LEU C 97 37.70 -5.14 47.19
CA LEU C 97 38.63 -4.90 48.27
C LEU C 97 39.48 -6.13 48.54
N LYS C 98 40.73 -5.87 48.95
CA LYS C 98 41.70 -6.90 49.38
C LYS C 98 41.17 -7.78 50.52
N GLN C 99 40.57 -7.14 51.53
CA GLN C 99 40.02 -7.81 52.70
C GLN C 99 38.92 -8.80 52.32
N GLN C 100 38.18 -8.51 51.26
CA GLN C 100 37.13 -9.41 50.84
C GLN C 100 37.79 -10.59 50.13
N LEU C 101 38.69 -10.29 49.19
CA LEU C 101 39.45 -11.36 48.51
C LEU C 101 40.16 -12.27 49.52
N ASP C 102 40.73 -11.67 50.58
CA ASP C 102 41.38 -12.38 51.68
C ASP C 102 40.46 -13.35 52.43
N TRP C 103 39.24 -12.93 52.75
CA TRP C 103 38.30 -13.75 53.48
C TRP C 103 37.76 -14.91 52.60
N ILE C 104 37.65 -14.65 51.30
CA ILE C 104 37.15 -15.68 50.39
C ILE C 104 38.19 -16.77 50.30
N ARG C 105 39.44 -16.36 50.15
CA ARG C 105 40.57 -17.28 50.04
C ARG C 105 40.75 -18.09 51.33
N THR C 106 40.68 -17.42 52.49
CA THR C 106 40.79 -18.08 53.77
C THR C 106 39.70 -19.13 53.95
N GLN C 107 38.45 -18.78 53.62
CA GLN C 107 37.35 -19.74 53.64
C GLN C 107 37.70 -20.99 52.86
N GLU C 108 38.03 -20.75 51.61
CA GLU C 108 38.23 -21.81 50.66
C GLU C 108 39.43 -22.67 51.03
N LEU C 109 40.47 -22.04 51.59
CA LEU C 109 41.65 -22.77 52.04
C LEU C 109 41.35 -23.68 53.22
N SER C 110 40.39 -23.28 54.05
CA SER C 110 40.05 -24.06 55.21
C SER C 110 39.17 -25.22 54.76
N GLU C 111 38.70 -25.15 53.50
CA GLU C 111 37.81 -26.14 52.89
C GLU C 111 38.49 -27.14 51.96
N GLY C 112 39.81 -27.05 51.88
CA GLY C 112 40.59 -27.98 51.06
C GLY C 112 40.58 -27.63 49.58
N CYS C 113 40.23 -26.39 49.27
CA CYS C 113 40.38 -25.88 47.91
C CYS C 113 41.84 -25.66 47.58
N ASP C 114 42.31 -26.34 46.54
CA ASP C 114 43.65 -26.17 46.02
C ASP C 114 43.60 -26.02 44.50
N PRO C 115 43.70 -24.77 44.02
CA PRO C 115 43.73 -24.51 42.59
C PRO C 115 44.98 -25.14 41.97
N GLY C 116 45.97 -25.41 42.80
CA GLY C 116 47.25 -25.99 42.35
C GLY C 116 48.01 -25.03 41.45
N MET C 117 48.10 -23.76 41.85
CA MET C 117 48.87 -22.79 41.07
C MET C 117 50.31 -23.23 40.91
N THR C 118 50.72 -23.37 39.66
CA THR C 118 52.04 -23.86 39.35
C THR C 118 52.55 -23.33 38.02
N PHE C 119 53.84 -22.99 38.01
CA PHE C 119 54.59 -22.81 36.77
C PHE C 119 55.10 -24.15 36.27
N THR C 120 54.99 -24.39 34.97
CA THR C 120 55.58 -25.57 34.34
C THR C 120 57.08 -25.34 34.15
N SER C 121 57.77 -26.33 33.56
CA SER C 121 59.22 -26.23 33.26
C SER C 121 59.51 -25.11 32.26
N GLU C 122 58.57 -24.93 31.32
CA GLU C 122 58.62 -23.92 30.29
C GLU C 122 58.30 -22.52 30.81
N GLY C 123 57.75 -22.42 32.01
CA GLY C 123 57.34 -21.14 32.56
C GLY C 123 55.91 -20.75 32.28
N PHE C 124 55.10 -21.72 31.84
CA PHE C 124 53.66 -21.54 31.60
C PHE C 124 52.93 -21.62 32.93
N LEU C 125 51.93 -20.76 33.13
CA LEU C 125 51.11 -20.86 34.34
C LEU C 125 49.88 -21.73 34.10
N THR C 126 49.74 -22.79 34.91
CA THR C 126 48.47 -23.49 35.06
C THR C 126 47.92 -23.41 36.47
N PHE C 127 46.60 -23.36 36.52
CA PHE C 127 45.87 -23.53 37.75
C PHE C 127 44.49 -24.14 37.42
N GLU C 128 43.72 -24.38 38.48
CA GLU C 128 42.39 -24.94 38.32
C GLU C 128 41.43 -24.23 39.25
N THR C 129 40.15 -24.25 38.87
CA THR C 129 39.06 -23.91 39.79
C THR C 129 38.15 -25.13 39.85
N LYS C 130 37.05 -25.02 40.59
CA LYS C 130 36.15 -26.16 40.76
C LYS C 130 35.88 -26.83 39.42
N ASP C 131 35.51 -26.01 38.43
CA ASP C 131 34.99 -26.49 37.14
C ASP C 131 35.92 -26.23 35.95
N LEU C 132 36.98 -25.48 36.15
CA LEU C 132 37.78 -25.02 35.02
C LEU C 132 39.30 -25.21 35.18
N SER C 133 40.00 -25.33 34.05
CA SER C 133 41.47 -25.25 34.06
C SER C 133 42.00 -24.13 33.15
N VAL C 134 43.06 -23.47 33.62
CA VAL C 134 43.60 -22.31 32.92
C VAL C 134 45.08 -22.52 32.60
N ILE C 135 45.47 -22.19 31.38
CA ILE C 135 46.88 -22.16 31.05
C ILE C 135 47.22 -20.86 30.33
N ILE C 136 48.35 -20.30 30.71
CA ILE C 136 48.83 -19.07 30.13
C ILE C 136 50.21 -19.38 29.60
N TYR C 137 50.48 -19.05 28.34
CA TYR C 137 51.80 -19.31 27.79
C TYR C 137 52.73 -18.14 27.97
N GLY C 138 53.88 -18.22 27.32
CA GLY C 138 54.92 -17.21 27.47
C GLY C 138 54.46 -15.80 27.18
N ASN C 139 53.61 -15.64 26.17
CA ASN C 139 53.20 -14.28 25.76
C ASN C 139 51.88 -13.88 26.38
N PHE C 140 51.54 -14.55 27.48
CA PHE C 140 50.25 -14.41 28.10
C PHE C 140 49.05 -14.93 27.30
N LYS C 141 49.29 -15.69 26.23
CA LYS C 141 48.18 -16.34 25.50
C LYS C 141 47.44 -17.24 26.49
N THR C 142 46.12 -17.07 26.57
CA THR C 142 45.34 -17.71 27.63
C THR C 142 44.22 -18.58 27.12
N ARG C 143 44.04 -19.72 27.77
CA ARG C 143 42.89 -20.55 27.51
C ARG C 143 42.26 -21.02 28.78
N VAL C 144 40.94 -20.87 28.82
CA VAL C 144 40.12 -21.36 29.93
C VAL C 144 39.26 -22.54 29.43
N THR C 145 39.51 -23.71 30.00
CA THR C 145 38.84 -24.96 29.60
C THR C 145 37.90 -25.39 30.71
N ARG C 146 36.69 -25.80 30.32
CA ARG C 146 35.75 -26.40 31.26
C ARG C 146 36.07 -27.87 31.36
N LYS C 147 36.20 -28.38 32.58
CA LYS C 147 36.61 -29.77 32.81
C LYS C 147 35.62 -30.82 32.32
N SER C 148 34.32 -30.59 32.53
CA SER C 148 33.32 -31.64 32.25
C SER C 148 33.34 -32.09 30.80
N ASP C 149 33.46 -31.15 29.85
CA ASP C 149 33.43 -31.54 28.44
C ASP C 149 34.64 -31.12 27.62
N GLY C 150 35.63 -30.52 28.27
CA GLY C 150 36.87 -30.12 27.61
C GLY C 150 36.75 -28.90 26.71
N LYS C 151 35.65 -28.15 26.86
CA LYS C 151 35.38 -27.01 25.99
C LYS C 151 36.22 -25.82 26.38
N VAL C 152 36.97 -25.28 25.42
CA VAL C 152 37.56 -23.95 25.57
C VAL C 152 36.40 -22.95 25.55
N ILE C 153 36.19 -22.29 26.68
CA ILE C 153 35.04 -21.40 26.85
C ILE C 153 35.46 -19.92 26.79
N MET C 154 36.74 -19.67 27.02
CA MET C 154 37.31 -18.32 26.80
C MET C 154 38.78 -18.41 26.44
N GLU C 155 39.16 -17.66 25.40
CA GLU C 155 40.55 -17.44 25.02
C GLU C 155 40.82 -16.01 24.57
N ASN C 156 41.95 -15.43 25.01
CA ASN C 156 42.31 -14.06 24.63
C ASN C 156 42.96 -13.92 23.23
N ASP C 157 43.14 -12.69 22.74
CA ASP C 157 43.59 -12.46 21.36
C ASP C 157 45.11 -12.24 21.20
N GLU C 158 45.68 -12.85 20.14
CA GLU C 158 47.07 -12.57 19.70
C GLU C 158 47.10 -11.82 18.36
N VAL C 159 48.06 -10.89 18.22
CA VAL C 159 48.31 -10.20 16.96
C VAL C 159 49.69 -10.62 16.39
N GLY C 160 49.73 -11.00 15.10
CA GLY C 160 51.00 -11.39 14.46
C GLY C 160 51.85 -10.18 14.16
N THR C 161 53.14 -10.37 13.95
CA THR C 161 54.02 -9.28 13.51
C THR C 161 54.75 -9.71 12.23
N ALA C 162 55.64 -8.86 11.71
CA ALA C 162 56.37 -9.22 10.46
C ALA C 162 57.16 -10.50 10.70
N SER C 163 58.02 -10.46 11.72
CA SER C 163 58.87 -11.59 12.06
C SER C 163 59.24 -11.66 13.54
N SER C 164 58.45 -11.11 14.44
CA SER C 164 58.90 -11.04 15.83
C SER C 164 58.10 -11.89 16.81
N GLY C 165 57.18 -12.68 16.27
CA GLY C 165 56.31 -13.56 17.04
C GLY C 165 54.95 -12.94 17.28
N ASN C 166 54.05 -13.79 17.76
CA ASN C 166 52.71 -13.35 18.09
C ASN C 166 52.72 -12.57 19.40
N LYS C 167 51.94 -11.50 19.46
CA LYS C 167 51.90 -10.69 20.67
C LYS C 167 50.51 -10.79 21.23
N CYS C 168 50.40 -10.91 22.54
CA CYS C 168 49.08 -11.05 23.18
C CYS C 168 48.43 -9.72 23.52
N ARG C 169 47.32 -9.46 22.83
CA ARG C 169 46.54 -8.26 23.08
C ARG C 169 45.56 -8.44 24.22
N GLY C 170 45.72 -9.54 24.96
CA GLY C 170 45.13 -9.72 26.29
C GLY C 170 45.68 -8.71 27.29
N LEU C 171 46.91 -8.23 27.05
CA LEU C 171 47.52 -7.15 27.87
C LEU C 171 48.08 -6.03 27.01
N MET C 172 47.40 -4.89 26.98
CA MET C 172 47.89 -3.74 26.21
C MET C 172 47.93 -2.48 27.05
N PHE C 173 48.82 -1.59 26.66
CA PHE C 173 48.84 -0.24 27.18
C PHE C 173 49.53 0.60 26.12
N VAL C 174 49.12 1.86 26.01
CA VAL C 174 49.79 2.80 25.12
C VAL C 174 51.17 3.10 25.62
N ASP C 175 52.13 3.09 24.72
CA ASP C 175 53.45 3.54 25.05
C ASP C 175 53.26 4.89 25.75
N ARG C 176 53.93 5.05 26.89
CA ARG C 176 53.77 6.24 27.73
C ARG C 176 54.45 7.51 27.18
N LEU C 177 55.05 7.36 26.00
CA LEU C 177 55.55 8.48 25.20
C LEU C 177 54.42 9.19 24.45
N TYR C 178 53.28 8.52 24.32
CA TYR C 178 52.18 8.94 23.44
C TYR C 178 50.81 8.93 24.13
N GLY C 179 50.67 8.14 25.20
CA GLY C 179 49.45 8.16 26.00
C GLY C 179 49.40 7.27 27.24
N ASN C 180 48.19 7.03 27.73
CA ASN C 180 47.99 6.42 29.05
C ASN C 180 46.90 5.35 29.02
N ALA C 181 46.38 5.05 27.85
CA ALA C 181 45.32 4.08 27.72
C ALA C 181 45.82 2.64 27.94
N ILE C 182 44.90 1.75 28.29
CA ILE C 182 45.18 0.33 28.45
C ILE C 182 44.08 -0.34 27.67
N ALA C 183 44.23 -1.63 27.39
CA ALA C 183 43.18 -2.42 26.79
C ALA C 183 43.49 -3.88 27.09
N SER C 184 42.50 -4.74 26.88
CA SER C 184 42.70 -6.18 26.90
C SER C 184 41.71 -6.81 25.96
N VAL C 185 42.20 -7.70 25.08
CA VAL C 185 41.42 -8.23 23.95
C VAL C 185 41.22 -9.74 24.00
N ASN C 186 39.98 -10.14 23.75
CA ASN C 186 39.54 -11.52 23.76
C ASN C 186 39.09 -11.91 22.38
N LYS C 187 39.30 -13.16 22.02
CA LYS C 187 38.60 -13.74 20.88
C LYS C 187 37.13 -13.66 21.23
N ASN C 188 36.35 -13.27 20.25
CA ASN C 188 34.94 -12.99 20.43
C ASN C 188 34.27 -13.86 19.44
N PHE C 189 33.44 -14.79 19.91
CA PHE C 189 32.83 -15.83 19.04
C PHE C 189 31.37 -15.59 18.69
N ARG C 190 31.00 -14.34 18.45
CA ARG C 190 29.60 -13.99 18.17
C ARG C 190 29.13 -14.58 16.82
N ASN C 191 30.04 -14.63 15.85
CA ASN C 191 29.69 -15.08 14.49
C ASN C 191 29.87 -16.60 14.28
N ASP C 192 30.33 -17.31 15.31
CA ASP C 192 30.35 -18.79 15.28
C ASP C 192 28.94 -19.33 15.21
N ALA C 193 28.76 -20.31 14.32
CA ALA C 193 27.45 -20.88 14.03
C ALA C 193 26.82 -21.55 15.24
N VAL C 194 27.62 -22.27 16.02
CA VAL C 194 27.12 -23.02 17.18
C VAL C 194 27.05 -22.16 18.46
N LYS C 195 28.16 -21.48 18.77
CA LYS C 195 28.22 -20.66 19.97
C LYS C 195 27.30 -19.44 19.93
N GLN C 196 27.22 -18.80 18.76
CA GLN C 196 26.50 -17.51 18.57
C GLN C 196 26.59 -16.63 19.81
N GLU C 197 27.83 -16.34 20.24
CA GLU C 197 28.05 -15.64 21.51
C GLU C 197 27.27 -14.34 21.67
N GLY C 198 26.66 -14.21 22.84
CA GLY C 198 25.91 -13.03 23.26
C GLY C 198 26.62 -12.25 24.35
N PHE C 199 26.62 -10.94 24.24
CA PHE C 199 27.26 -10.09 25.27
C PHE C 199 26.23 -9.29 26.02
N TYR C 200 26.06 -9.58 27.29
CA TYR C 200 25.05 -8.91 28.11
C TYR C 200 25.65 -7.99 29.17
N GLY C 201 24.81 -7.26 29.89
CA GLY C 201 25.28 -6.42 30.99
C GLY C 201 25.38 -4.96 30.63
N ALA C 202 26.46 -4.30 31.10
CA ALA C 202 26.87 -2.92 30.75
C ALA C 202 25.96 -1.78 31.26
N GLY C 203 25.43 -1.97 32.47
CA GLY C 203 24.78 -0.89 33.21
C GLY C 203 23.57 -0.34 32.48
N GLU C 204 23.61 0.95 32.18
CA GLU C 204 22.47 1.64 31.58
C GLU C 204 22.65 1.96 30.11
N VAL C 205 23.63 1.38 29.46
CA VAL C 205 23.78 1.70 28.07
C VAL C 205 22.46 1.39 27.36
N ASN C 206 22.06 2.27 26.44
CA ASN C 206 20.92 2.05 25.59
C ASN C 206 21.40 1.58 24.22
N CYS C 207 20.68 0.67 23.59
CA CYS C 207 21.00 0.33 22.21
C CYS C 207 19.77 0.00 21.39
N LYS C 208 19.70 0.65 20.22
CA LYS C 208 18.58 0.54 19.29
C LYS C 208 18.74 -0.51 18.19
N TYR C 209 17.66 -1.20 17.88
CA TYR C 209 17.64 -1.99 16.67
C TYR C 209 16.37 -1.59 15.97
N GLN C 210 16.52 -1.03 14.76
CA GLN C 210 15.40 -0.51 13.95
C GLN C 210 14.54 0.54 14.69
N ASP C 211 13.33 0.15 15.08
CA ASP C 211 12.48 1.05 15.87
C ASP C 211 12.47 0.74 17.38
N THR C 212 13.20 -0.30 17.79
CA THR C 212 12.98 -0.93 19.08
C THR C 212 14.29 -0.99 19.81
N TYR C 213 14.30 -0.53 21.06
CA TYR C 213 15.45 -0.64 21.95
C TYR C 213 15.53 -2.05 22.52
N ILE C 214 16.73 -2.62 22.50
CA ILE C 214 16.93 -4.04 22.81
C ILE C 214 17.82 -4.27 24.06
N LEU C 215 17.80 -5.49 24.58
CA LEU C 215 18.58 -5.87 25.75
C LEU C 215 20.07 -6.13 25.46
N GLU C 216 20.34 -7.05 24.53
CA GLU C 216 21.69 -7.50 24.21
C GLU C 216 22.68 -6.38 23.80
N ARG C 217 23.93 -6.53 24.21
CA ARG C 217 24.97 -5.55 23.93
C ARG C 217 26.09 -6.14 23.06
N THR C 218 25.70 -6.86 22.00
CA THR C 218 26.61 -7.55 21.10
C THR C 218 26.86 -6.79 19.82
N GLY C 219 28.12 -6.65 19.45
CA GLY C 219 28.50 -6.03 18.19
C GLY C 219 28.52 -4.53 18.30
N ILE C 220 28.86 -4.03 19.48
CA ILE C 220 28.85 -2.59 19.71
C ILE C 220 29.99 -2.04 20.57
N ALA C 221 30.31 -0.77 20.29
CA ALA C 221 31.36 -0.03 20.97
C ALA C 221 30.72 0.91 21.99
N MET C 222 30.97 0.65 23.28
CA MET C 222 30.34 1.34 24.41
C MET C 222 31.44 2.01 25.25
N THR C 223 31.09 3.03 26.03
CA THR C 223 32.02 3.69 26.95
C THR C 223 31.34 3.94 28.31
N ASN C 224 32.12 4.01 29.37
CA ASN C 224 31.60 4.49 30.62
C ASN C 224 32.29 5.80 30.87
N TYR C 225 31.52 6.86 30.76
CA TYR C 225 32.00 8.20 30.93
C TYR C 225 30.85 8.98 31.57
N ASN C 226 30.65 8.78 32.87
CA ASN C 226 29.46 9.27 33.57
C ASN C 226 29.01 10.69 33.17
N TYR C 227 27.75 10.82 32.73
CA TYR C 227 27.27 12.08 32.15
C TYR C 227 25.92 12.61 32.66
N ASP C 228 25.81 13.93 32.69
CA ASP C 228 24.52 14.64 32.77
C ASP C 228 23.76 14.40 31.46
N ASN C 229 23.41 13.15 31.18
CA ASN C 229 22.94 12.82 29.87
C ASN C 229 21.44 12.90 29.82
N LEU C 230 20.92 14.11 30.02
CA LEU C 230 19.47 14.36 30.01
C LEU C 230 18.75 13.86 28.72
N ASN C 231 17.84 12.91 28.89
CA ASN C 231 17.16 12.17 27.78
C ASN C 231 17.96 11.10 27.10
N TYR C 232 19.08 10.73 27.70
CA TYR C 232 19.95 9.69 27.17
C TYR C 232 20.72 10.06 25.84
N ASN C 233 20.59 11.33 25.37
CA ASN C 233 21.12 11.79 24.05
C ASN C 233 21.68 13.23 23.96
N GLN C 234 22.45 13.64 24.96
CA GLN C 234 22.95 15.01 24.98
C GLN C 234 23.82 15.39 23.77
N TRP C 235 23.45 16.49 23.11
CA TRP C 235 24.03 16.91 21.84
C TRP C 235 25.56 16.86 21.84
N ASP C 236 26.20 17.39 22.90
CA ASP C 236 27.69 17.39 23.00
C ASP C 236 28.37 16.03 23.03
N LEU C 237 27.58 14.97 23.17
CA LEU C 237 28.08 13.62 23.06
C LEU C 237 27.76 13.00 21.70
N ARG C 238 27.59 13.82 20.67
CA ARG C 238 27.35 13.27 19.32
C ARG C 238 28.67 12.86 18.65
N PRO C 239 28.61 11.81 17.79
CA PRO C 239 29.75 11.35 16.97
C PRO C 239 30.31 12.47 16.06
N PRO C 240 31.62 12.40 15.71
CA PRO C 240 32.16 13.45 14.84
C PRO C 240 31.30 13.68 13.62
N HIS C 241 30.96 14.94 13.40
CA HIS C 241 30.22 15.40 12.23
C HIS C 241 28.82 14.78 12.13
N HIS C 242 28.16 14.59 13.27
CA HIS C 242 26.82 14.00 13.27
C HIS C 242 25.77 15.03 12.79
N ASP C 243 24.95 14.61 11.83
CA ASP C 243 23.93 15.49 11.27
C ASP C 243 22.52 14.99 11.58
N GLY C 244 21.66 15.92 12.01
CA GLY C 244 20.28 15.58 12.34
C GLY C 244 20.12 15.07 13.77
N ALA C 245 18.88 14.84 14.18
CA ALA C 245 18.56 14.26 15.50
C ALA C 245 19.61 13.25 16.00
N LEU C 246 20.09 13.43 17.22
CA LEU C 246 20.86 12.36 17.84
C LEU C 246 19.91 11.54 18.72
N ASN C 247 19.81 10.23 18.44
CA ASN C 247 19.00 9.33 19.22
C ASN C 247 19.78 8.74 20.38
N PRO C 248 19.12 8.45 21.51
CA PRO C 248 19.93 7.74 22.52
C PRO C 248 20.29 6.36 21.94
N ASP C 249 21.54 5.95 22.16
CA ASP C 249 22.10 4.75 21.51
C ASP C 249 23.43 4.33 22.12
N TYR C 250 23.93 3.19 21.62
CA TYR C 250 24.95 2.39 22.26
C TYR C 250 26.29 3.01 22.40
N TYR C 251 26.55 4.08 21.66
CA TYR C 251 27.84 4.80 21.66
C TYR C 251 27.74 6.06 22.48
N ILE C 252 26.83 6.06 23.45
CA ILE C 252 26.58 7.23 24.28
C ILE C 252 26.62 6.86 25.77
N PRO C 253 27.53 7.51 26.52
CA PRO C 253 27.66 7.14 27.92
C PRO C 253 26.36 7.46 28.71
N MET C 254 26.22 6.84 29.88
CA MET C 254 25.10 7.13 30.74
C MET C 254 25.53 7.56 32.14
N TYR C 255 24.67 7.29 33.11
CA TYR C 255 24.82 7.77 34.48
C TYR C 255 25.66 6.89 35.41
N TYR C 256 25.52 5.57 35.20
CA TYR C 256 26.24 4.51 35.92
C TYR C 256 27.47 3.99 35.14
N ALA C 257 28.59 3.77 35.83
CA ALA C 257 29.78 3.22 35.15
C ALA C 257 29.95 1.71 35.36
N ALA C 258 29.55 0.92 34.34
CA ALA C 258 29.60 -0.52 34.44
C ALA C 258 30.54 -1.16 33.42
N PRO C 259 31.88 -1.09 33.66
CA PRO C 259 32.82 -1.77 32.77
C PRO C 259 32.73 -3.27 33.01
N TRP C 260 31.64 -3.88 32.51
CA TRP C 260 31.25 -5.22 32.87
C TRP C 260 30.37 -5.92 31.79
N LEU C 261 30.79 -7.10 31.33
CA LEU C 261 29.94 -7.90 30.43
C LEU C 261 29.77 -9.29 31.00
N ILE C 262 28.61 -9.88 30.75
CA ILE C 262 28.45 -11.32 30.93
C ILE C 262 28.36 -11.89 29.53
N VAL C 263 29.18 -12.91 29.26
CA VAL C 263 29.21 -13.53 27.94
C VAL C 263 28.42 -14.83 27.97
N ASN C 264 27.55 -15.01 26.99
CA ASN C 264 26.74 -16.21 26.94
C ASN C 264 26.87 -16.91 25.59
N GLY C 265 27.30 -18.17 25.59
CA GLY C 265 27.49 -18.94 24.38
C GLY C 265 26.81 -20.28 24.43
N CYS C 266 26.52 -20.83 23.26
CA CYS C 266 25.75 -22.09 23.13
C CYS C 266 24.44 -22.07 23.92
N ALA C 267 23.83 -20.89 24.00
CA ALA C 267 22.68 -20.67 24.89
C ALA C 267 21.56 -21.69 24.67
N GLY C 268 20.88 -22.06 25.74
CA GLY C 268 19.74 -22.99 25.67
C GLY C 268 20.08 -24.44 25.42
N THR C 269 21.37 -24.78 25.46
CA THR C 269 21.79 -26.17 25.28
C THR C 269 22.60 -26.64 26.46
N SER C 270 22.70 -27.97 26.61
CA SER C 270 23.51 -28.56 27.69
C SER C 270 24.99 -28.05 27.77
N GLU C 271 25.43 -27.34 26.75
CA GLU C 271 26.83 -26.96 26.63
C GLU C 271 26.99 -25.47 26.93
N GLN C 272 25.87 -24.86 27.36
CA GLN C 272 25.80 -23.46 27.65
C GLN C 272 26.96 -23.07 28.55
N TYR C 273 27.56 -21.93 28.24
CA TYR C 273 28.62 -21.40 29.09
C TYR C 273 28.48 -19.91 29.26
N SER C 274 28.94 -19.45 30.42
CA SER C 274 28.77 -18.08 30.87
C SER C 274 30.01 -17.58 31.58
N TYR C 275 30.35 -16.31 31.39
CA TYR C 275 31.53 -15.72 32.00
C TYR C 275 31.48 -14.19 32.10
N GLY C 276 31.68 -13.68 33.31
CA GLY C 276 31.70 -12.24 33.51
C GLY C 276 33.06 -11.65 33.21
N TRP C 277 33.05 -10.39 32.78
CA TRP C 277 34.26 -9.67 32.43
C TRP C 277 34.22 -8.32 33.11
N PHE C 278 35.13 -8.08 34.05
CA PHE C 278 35.08 -6.87 34.81
C PHE C 278 36.40 -6.18 34.77
N MET C 279 36.51 -5.16 33.94
CA MET C 279 37.65 -4.29 34.05
C MET C 279 37.34 -3.30 35.14
N ASP C 280 38.14 -3.32 36.20
CA ASP C 280 38.02 -2.41 37.35
C ASP C 280 38.86 -1.12 37.24
N ASN C 281 38.25 -0.08 36.71
CA ASN C 281 38.94 1.15 36.31
C ASN C 281 37.94 2.30 36.46
N VAL C 282 38.40 3.43 36.99
CA VAL C 282 37.49 4.56 37.19
C VAL C 282 37.80 5.79 36.31
N SER C 283 38.75 5.63 35.39
CA SER C 283 38.91 6.57 34.28
C SER C 283 37.85 6.24 33.24
N GLN C 284 37.80 7.00 32.16
CA GLN C 284 36.87 6.63 31.09
C GLN C 284 37.22 5.23 30.61
N SER C 285 36.25 4.35 30.68
CA SER C 285 36.45 2.98 30.22
C SER C 285 35.57 2.71 29.00
N TYR C 286 35.80 1.55 28.37
CA TYR C 286 35.29 1.22 27.05
C TYR C 286 35.01 -0.28 27.03
N MET C 287 34.03 -0.69 26.21
CA MET C 287 33.64 -2.07 26.07
C MET C 287 33.22 -2.27 24.62
N ASN C 288 34.05 -2.95 23.84
CA ASN C 288 33.77 -3.17 22.43
C ASN C 288 33.50 -4.65 22.18
N THR C 289 32.30 -4.95 21.73
CA THR C 289 31.89 -6.35 21.54
C THR C 289 31.78 -6.75 20.07
N GLY C 290 32.58 -6.10 19.22
CA GLY C 290 32.79 -6.55 17.85
C GLY C 290 32.29 -5.55 16.85
N ASP C 291 32.52 -4.28 17.16
CA ASP C 291 31.97 -3.16 16.38
C ASP C 291 32.97 -2.67 15.36
N THR C 292 32.64 -2.79 14.07
CA THR C 292 33.51 -2.25 13.01
C THR C 292 33.40 -0.72 12.87
N THR C 293 32.32 -0.14 13.39
CA THR C 293 32.04 1.27 13.18
C THR C 293 33.22 2.12 13.69
N TRP C 294 33.65 3.10 12.88
CA TRP C 294 34.83 3.96 13.15
C TRP C 294 36.14 3.19 13.31
N ASN C 295 36.20 1.98 12.76
CA ASN C 295 37.31 1.03 13.02
C ASN C 295 37.65 0.86 14.51
N SER C 296 36.62 0.82 15.35
CA SER C 296 36.80 0.73 16.80
C SER C 296 37.08 -0.70 17.22
N GLY C 297 36.49 -1.65 16.50
CA GLY C 297 36.71 -3.07 16.76
C GLY C 297 36.51 -3.99 15.56
N GLN C 298 36.63 -5.29 15.82
CA GLN C 298 36.60 -6.28 14.75
C GLN C 298 35.48 -7.29 15.03
N GLU C 299 34.78 -7.65 13.98
CA GLU C 299 33.65 -8.54 14.12
C GLU C 299 33.88 -9.71 15.08
N ASP C 300 35.04 -10.34 14.97
CA ASP C 300 35.38 -11.53 15.76
C ASP C 300 36.33 -11.26 16.93
N LEU C 301 36.41 -10.02 17.38
CA LEU C 301 37.19 -9.71 18.59
C LEU C 301 36.41 -8.83 19.55
N ALA C 302 36.55 -9.09 20.85
CA ALA C 302 35.94 -8.25 21.89
C ALA C 302 37.06 -7.66 22.72
N TYR C 303 36.83 -6.49 23.30
CA TYR C 303 37.80 -5.95 24.23
C TYR C 303 37.21 -4.99 25.27
N MET C 304 38.02 -4.69 26.28
CA MET C 304 37.76 -3.58 27.17
C MET C 304 39.09 -2.79 27.35
N GLY C 305 38.97 -1.50 27.60
CA GLY C 305 40.12 -0.63 27.72
C GLY C 305 39.68 0.58 28.47
N ALA C 306 40.66 1.40 28.87
CA ALA C 306 40.37 2.58 29.60
C ALA C 306 41.40 3.68 29.28
N GLN C 307 41.00 4.93 29.44
CA GLN C 307 41.92 6.04 29.16
C GLN C 307 43.14 6.03 30.03
N TYR C 308 43.01 5.56 31.28
CA TYR C 308 44.14 5.52 32.24
C TYR C 308 44.27 4.21 32.98
N GLY C 309 45.50 3.83 33.32
CA GLY C 309 45.77 2.71 34.23
C GLY C 309 45.28 2.99 35.65
N PRO C 310 45.40 2.00 36.55
CA PRO C 310 46.11 0.77 36.34
C PRO C 310 45.28 -0.30 35.60
N PHE C 311 45.87 -1.47 35.37
CA PHE C 311 45.20 -2.54 34.65
C PHE C 311 44.82 -3.62 35.65
N ASP C 312 43.56 -3.99 35.68
CA ASP C 312 43.08 -4.82 36.78
C ASP C 312 41.74 -5.39 36.40
N GLN C 313 41.70 -6.68 36.14
CA GLN C 313 40.47 -7.26 35.59
C GLN C 313 40.15 -8.66 36.05
N HIS C 314 38.85 -8.91 36.15
CA HIS C 314 38.31 -10.12 36.73
C HIS C 314 37.54 -10.94 35.72
N PHE C 315 37.79 -12.24 35.70
CA PHE C 315 36.97 -13.13 34.91
C PHE C 315 36.22 -14.00 35.88
N VAL C 316 34.89 -13.92 35.80
CA VAL C 316 34.00 -14.50 36.79
C VAL C 316 33.02 -15.46 36.10
N TYR C 317 33.19 -16.76 36.32
CA TYR C 317 32.44 -17.80 35.60
C TYR C 317 31.25 -18.32 36.41
N GLY C 318 31.35 -18.21 37.73
CA GLY C 318 30.27 -18.59 38.64
C GLY C 318 30.36 -20.05 39.04
N ALA C 319 29.72 -20.41 40.15
CA ALA C 319 29.72 -21.80 40.65
C ALA C 319 28.91 -22.77 39.79
N GLY C 320 27.81 -22.27 39.21
CA GLY C 320 26.90 -23.16 38.47
C GLY C 320 26.65 -22.65 37.06
N GLY C 321 25.97 -23.46 36.26
CA GLY C 321 25.56 -23.03 34.93
C GLY C 321 24.51 -21.93 34.94
N GLY C 322 24.71 -20.95 34.06
CA GLY C 322 23.68 -19.97 33.80
C GLY C 322 24.14 -18.57 34.11
N MET C 323 23.75 -17.64 33.24
CA MET C 323 24.13 -16.24 33.36
C MET C 323 23.91 -15.68 34.74
N GLU C 324 22.88 -16.14 35.45
CA GLU C 324 22.60 -15.62 36.77
C GLU C 324 23.71 -15.98 37.73
N CSO C 325 24.12 -17.24 37.69
CA CSO C 325 25.23 -17.72 38.51
CB CSO C 325 25.48 -19.22 38.29
SG CSO C 325 24.07 -20.22 38.92
C CSO C 325 26.48 -16.87 38.35
O CSO C 325 27.32 -16.83 39.25
OD CSO C 325 23.11 -19.31 40.13
N VAL C 326 26.59 -16.15 37.22
CA VAL C 326 27.72 -15.19 37.03
C VAL C 326 27.54 -13.94 37.91
N VAL C 327 26.33 -13.38 37.88
CA VAL C 327 25.95 -12.24 38.71
C VAL C 327 26.22 -12.44 40.22
N THR C 328 25.80 -13.58 40.78
CA THR C 328 25.97 -13.90 42.20
C THR C 328 27.45 -14.03 42.57
N ALA C 329 28.18 -14.79 41.74
CA ALA C 329 29.62 -14.90 41.91
C ALA C 329 30.31 -13.52 41.87
N PHE C 330 29.83 -12.63 41.01
CA PHE C 330 30.35 -11.25 40.96
C PHE C 330 30.08 -10.47 42.25
N SER C 331 28.85 -10.52 42.75
CA SER C 331 28.53 -9.85 44.03
C SER C 331 29.39 -10.36 45.20
N LEU C 332 29.80 -11.63 45.15
CA LEU C 332 30.60 -12.22 46.22
C LEU C 332 32.01 -11.64 46.28
N LEU C 333 32.58 -11.34 45.11
CA LEU C 333 33.82 -10.62 45.05
C LEU C 333 33.67 -9.22 45.65
N GLN C 334 32.47 -8.66 45.58
CA GLN C 334 32.27 -7.32 46.14
C GLN C 334 31.49 -7.41 47.44
N GLY C 335 31.50 -8.58 48.07
CA GLY C 335 30.76 -8.81 49.30
C GLY C 335 31.36 -8.19 50.56
N LYS C 336 30.58 -8.22 51.65
CA LYS C 336 31.07 -7.70 52.92
C LYS C 336 31.21 -8.77 54.00
N GLU C 337 31.03 -10.05 53.61
CA GLU C 337 31.41 -11.19 54.46
C GLU C 337 32.64 -10.89 55.38
N PHE C 338 33.68 -10.25 54.86
CA PHE C 338 34.84 -9.94 55.72
C PHE C 338 34.48 -9.10 56.95
N GLU C 339 33.41 -8.31 56.83
CA GLU C 339 32.94 -7.44 57.92
C GLU C 339 32.00 -8.16 58.87
N ASN C 340 31.62 -9.39 58.51
CA ASN C 340 30.74 -10.20 59.32
C ASN C 340 29.33 -9.61 59.32
N GLN C 341 28.92 -9.11 58.16
CA GLN C 341 27.55 -8.70 57.92
C GLN C 341 26.64 -9.89 58.09
N VAL C 342 25.70 -9.78 59.02
CA VAL C 342 24.74 -10.85 59.25
C VAL C 342 23.64 -10.84 58.19
N LEU C 343 23.30 -9.66 57.68
CA LEU C 343 22.26 -9.48 56.67
C LEU C 343 22.81 -8.90 55.35
N ASN C 344 23.55 -7.80 55.48
CA ASN C 344 23.98 -7.01 54.33
C ASN C 344 25.29 -7.53 53.70
N LYS C 345 25.26 -8.74 53.16
CA LYS C 345 26.47 -9.36 52.62
C LYS C 345 26.81 -8.87 51.23
N ARG C 346 25.79 -8.80 50.36
CA ARG C 346 26.01 -8.52 48.93
C ARG C 346 25.56 -7.11 48.54
N SER C 347 24.66 -6.57 49.36
CA SER C 347 24.07 -5.26 49.13
C SER C 347 23.49 -4.78 50.48
N VAL C 348 22.87 -3.60 50.47
CA VAL C 348 22.22 -3.09 51.68
C VAL C 348 20.69 -3.18 51.53
N MET C 349 20.05 -3.70 52.58
CA MET C 349 18.58 -3.79 52.62
C MET C 349 18.01 -2.41 52.79
N PRO C 350 16.88 -2.18 52.12
CA PRO C 350 16.24 -0.89 52.26
C PRO C 350 15.14 -1.08 53.26
N PRO C 351 14.60 0.03 53.79
CA PRO C 351 13.32 -0.03 54.46
C PRO C 351 12.25 -0.61 53.52
N LYS C 352 11.32 -1.41 54.06
CA LYS C 352 10.18 -1.88 53.27
C LYS C 352 9.61 -0.75 52.40
N TYR C 353 9.67 0.50 52.89
CA TYR C 353 8.93 1.59 52.26
C TYR C 353 9.45 1.98 50.89
N VAL C 354 10.64 1.48 50.54
CA VAL C 354 11.28 1.84 49.30
C VAL C 354 10.58 1.14 48.14
N PHE C 355 9.88 0.06 48.44
CA PHE C 355 9.12 -0.64 47.43
C PHE C 355 7.69 -0.10 47.24
N GLY C 356 7.48 1.11 47.78
CA GLY C 356 6.19 1.77 47.65
C GLY C 356 6.10 2.64 46.43
N PHE C 357 4.90 3.10 46.14
CA PHE C 357 4.76 4.11 45.10
C PHE C 357 5.10 5.55 45.59
N PHE C 358 5.91 6.25 44.81
CA PHE C 358 6.32 7.61 45.19
C PHE C 358 6.02 8.57 44.07
N GLN C 359 5.69 9.80 44.45
CA GLN C 359 5.54 10.91 43.52
C GLN C 359 6.64 11.94 43.77
N GLY C 360 7.28 12.33 42.69
CA GLY C 360 8.23 13.40 42.70
C GLY C 360 7.71 14.41 41.72
N VAL C 361 8.05 15.67 41.96
CA VAL C 361 7.76 16.78 41.09
C VAL C 361 8.91 17.77 41.30
N PHE C 362 9.57 18.18 40.21
CA PHE C 362 10.40 19.36 40.25
C PHE C 362 9.52 20.56 39.91
N GLY C 363 9.04 21.27 40.93
CA GLY C 363 8.19 22.45 40.72
C GLY C 363 7.00 22.61 41.65
N THR C 364 7.07 21.98 42.83
CA THR C 364 6.19 22.35 43.92
C THR C 364 6.77 23.67 44.44
N SER C 365 6.02 24.41 45.25
CA SER C 365 6.44 25.73 45.65
C SER C 365 6.08 26.03 47.10
N SER C 366 5.46 25.04 47.76
CA SER C 366 5.15 25.09 49.20
C SER C 366 4.65 23.74 49.73
N LEU C 367 4.61 23.61 51.05
CA LEU C 367 3.95 22.46 51.69
C LEU C 367 2.43 22.51 51.54
N LEU C 368 1.81 23.52 52.14
CA LEU C 368 0.34 23.61 52.17
C LEU C 368 -0.22 24.57 51.13
N ARG C 369 -1.42 24.26 50.61
CA ARG C 369 -2.12 25.17 49.69
C ARG C 369 -2.22 26.56 50.27
N ALA C 370 -2.53 26.62 51.57
CA ALA C 370 -2.75 27.88 52.25
C ALA C 370 -1.53 28.74 52.18
N HIS C 371 -0.40 28.12 51.85
CA HIS C 371 0.86 28.87 51.88
C HIS C 371 1.59 28.99 50.52
N MET C 372 1.05 28.36 49.48
CA MET C 372 1.58 28.43 48.13
C MET C 372 1.56 29.84 47.59
N PRO C 373 2.68 30.31 47.00
CA PRO C 373 2.65 31.62 46.36
C PRO C 373 1.90 31.52 45.05
N ALA C 374 1.31 32.64 44.63
CA ALA C 374 0.68 32.74 43.32
C ALA C 374 1.71 32.64 42.21
N GLY C 375 1.35 31.90 41.16
CA GLY C 375 2.18 31.68 39.97
C GLY C 375 1.50 30.71 39.01
N GLU C 376 1.65 30.93 37.70
CA GLU C 376 0.99 30.06 36.74
C GLU C 376 1.37 28.60 36.99
N ASN C 377 0.36 27.79 37.25
CA ASN C 377 0.49 26.34 37.40
C ASN C 377 1.09 25.83 38.71
N ASN C 378 1.42 26.74 39.62
CA ASN C 378 1.96 26.36 40.92
C ASN C 378 1.12 25.28 41.59
N ILE C 379 1.80 24.33 42.24
CA ILE C 379 1.14 23.27 43.03
C ILE C 379 1.81 23.15 44.41
N SER C 380 1.04 22.76 45.42
CA SER C 380 1.57 22.48 46.74
C SER C 380 1.85 20.98 46.92
N VAL C 381 2.75 20.65 47.83
CA VAL C 381 2.91 19.24 48.26
C VAL C 381 1.56 18.65 48.70
N GLU C 382 0.82 19.44 49.48
CA GLU C 382 -0.54 19.11 49.96
C GLU C 382 -1.48 18.61 48.87
N GLU C 383 -1.54 19.32 47.75
CA GLU C 383 -2.46 18.99 46.67
C GLU C 383 -2.15 17.61 46.10
N ILE C 384 -0.86 17.31 45.99
CA ILE C 384 -0.44 16.02 45.48
C ILE C 384 -0.88 14.91 46.45
N VAL C 385 -0.56 15.11 47.72
CA VAL C 385 -0.96 14.13 48.73
C VAL C 385 -2.46 13.87 48.65
N GLU C 386 -3.23 14.95 48.60
CA GLU C 386 -4.69 14.84 48.51
C GLU C 386 -5.16 14.07 47.25
N GLY C 387 -4.60 14.36 46.09
CA GLY C 387 -5.03 13.70 44.85
C GLY C 387 -4.91 12.20 44.98
N TYR C 388 -3.81 11.76 45.58
CA TYR C 388 -3.58 10.34 45.77
C TYR C 388 -4.43 9.72 46.86
N GLN C 389 -4.40 10.31 48.06
CA GLN C 389 -5.18 9.77 49.18
C GLN C 389 -6.68 9.81 48.90
N ASN C 390 -7.22 10.99 48.60
CA ASN C 390 -8.66 11.12 48.33
C ASN C 390 -9.20 10.14 47.31
N ASN C 391 -8.34 9.71 46.39
CA ASN C 391 -8.72 8.81 45.32
C ASN C 391 -8.39 7.33 45.60
N ASN C 392 -7.87 7.08 46.80
CA ASN C 392 -7.50 5.74 47.27
C ASN C 392 -6.43 5.04 46.40
N PHE C 393 -5.37 5.79 46.11
CA PHE C 393 -4.15 5.22 45.56
C PHE C 393 -3.25 4.78 46.69
N PRO C 394 -2.74 3.55 46.60
CA PRO C 394 -1.71 3.15 47.54
C PRO C 394 -0.54 4.06 47.27
N PHE C 395 -0.05 4.74 48.30
CA PHE C 395 0.84 5.86 48.10
C PHE C 395 1.76 6.01 49.30
N GLU C 396 3.06 6.12 49.05
CA GLU C 396 4.07 5.98 50.12
C GLU C 396 4.64 7.31 50.53
N GLY C 397 4.66 8.24 49.58
CA GLY C 397 5.12 9.57 49.84
C GLY C 397 5.81 10.20 48.66
N LEU C 398 6.75 11.08 48.98
CA LEU C 398 7.13 12.16 48.10
C LEU C 398 8.62 12.26 47.88
N ALA C 399 8.98 12.84 46.74
CA ALA C 399 10.35 13.11 46.43
C ALA C 399 10.38 14.63 46.38
N VAL C 400 10.69 15.22 47.52
CA VAL C 400 10.68 16.66 47.61
C VAL C 400 11.95 17.15 46.94
N ASP C 401 11.77 17.88 45.84
CA ASP C 401 12.89 18.40 45.11
C ASP C 401 13.47 19.64 45.79
N VAL C 402 14.48 20.25 45.19
CA VAL C 402 15.24 21.39 45.77
C VAL C 402 14.43 22.69 45.88
N ASP C 403 13.19 22.59 45.40
CA ASP C 403 12.15 23.56 45.59
C ASP C 403 12.04 23.96 47.05
N MET C 404 12.32 23.02 47.94
CA MET C 404 12.05 23.24 49.36
C MET C 404 13.19 23.94 50.06
N GLN C 405 14.34 24.06 49.40
CA GLN C 405 15.51 24.62 50.07
C GLN C 405 15.47 26.15 50.20
N ASP C 406 16.36 26.72 50.98
CA ASP C 406 16.49 28.18 50.97
C ASP C 406 17.48 28.52 49.88
N ASN C 407 16.99 29.23 48.87
CA ASN C 407 17.76 29.56 47.68
C ASN C 407 18.88 28.61 47.23
N LEU C 408 18.50 27.34 47.03
CA LEU C 408 19.40 26.29 46.62
C LEU C 408 20.56 26.05 47.60
N ARG C 409 20.33 26.33 48.88
CA ARG C 409 21.23 25.87 49.94
C ARG C 409 20.84 24.45 50.33
N VAL C 410 21.64 23.49 49.88
CA VAL C 410 21.40 22.09 50.20
C VAL C 410 21.52 21.90 51.73
N PHE C 411 20.63 21.07 52.27
CA PHE C 411 20.49 20.87 53.74
C PHE C 411 19.57 21.89 54.43
N THR C 412 19.17 22.95 53.72
CA THR C 412 18.21 23.93 54.24
C THR C 412 16.76 23.65 53.75
N THR C 413 15.80 24.32 54.40
CA THR C 413 14.39 24.46 53.97
C THR C 413 14.05 25.95 53.91
N LYS C 414 13.04 26.28 53.11
CA LYS C 414 12.44 27.63 53.13
C LYS C 414 11.11 27.63 53.89
N GLY C 415 10.81 28.77 54.53
CA GLY C 415 9.54 28.99 55.20
C GLY C 415 8.35 28.28 54.55
N GLU C 416 8.16 28.45 53.24
CA GLU C 416 6.98 27.92 52.55
C GLU C 416 6.78 26.43 52.68
N PHE C 417 7.82 25.71 53.08
CA PHE C 417 7.72 24.26 53.23
C PHE C 417 7.48 23.81 54.69
N TRP C 418 6.91 24.70 55.47
CA TRP C 418 6.38 24.37 56.79
C TRP C 418 4.90 24.76 56.88
N THR C 419 4.15 24.08 57.75
CA THR C 419 2.75 24.45 58.03
C THR C 419 2.59 25.87 58.58
N ALA C 420 3.61 26.39 59.26
CA ALA C 420 3.47 27.75 59.82
C ALA C 420 4.23 28.84 59.04
N ASN C 421 4.75 28.49 57.87
CA ASN C 421 5.45 29.42 56.97
C ASN C 421 6.74 30.01 57.58
N ARG C 422 7.27 29.31 58.58
CA ARG C 422 8.59 29.65 59.07
C ARG C 422 9.39 28.36 59.31
N VAL C 423 10.70 28.55 59.37
CA VAL C 423 11.65 27.45 59.49
C VAL C 423 11.93 27.18 60.97
N GLY C 424 11.61 25.97 61.41
CA GLY C 424 11.83 25.56 62.80
C GLY C 424 12.95 24.54 62.89
N THR C 425 13.16 24.00 64.09
CA THR C 425 14.23 23.06 64.38
C THR C 425 13.70 21.63 64.47
N GLY C 426 12.38 21.52 64.40
CA GLY C 426 11.70 20.22 64.37
C GLY C 426 11.06 19.90 65.71
N GLY C 427 10.08 19.01 65.68
CA GLY C 427 9.38 18.60 66.90
C GLY C 427 8.43 19.63 67.50
N ASP C 428 7.95 20.56 66.70
CA ASP C 428 6.94 21.53 67.11
C ASP C 428 5.56 21.18 66.48
N PRO C 429 4.54 20.82 67.31
CA PRO C 429 3.27 20.35 66.75
C PRO C 429 2.42 21.44 66.11
N ASN C 430 2.78 22.70 66.38
CA ASN C 430 2.10 23.86 65.78
C ASN C 430 2.85 24.42 64.55
N ASN C 431 3.89 23.73 64.14
CA ASN C 431 4.68 24.12 62.97
C ASN C 431 5.48 22.95 62.48
N ARG C 432 4.90 22.17 61.58
CA ARG C 432 5.56 20.97 61.12
C ARG C 432 6.26 21.20 59.79
N SER C 433 7.42 20.58 59.63
CA SER C 433 8.09 20.51 58.33
C SER C 433 7.26 19.71 57.32
N VAL C 434 7.71 19.70 56.06
CA VAL C 434 7.11 18.84 55.04
C VAL C 434 7.16 17.38 55.47
N PHE C 435 8.29 16.97 56.02
CA PHE C 435 8.52 15.59 56.42
C PHE C 435 7.72 15.22 57.67
N GLU C 436 7.71 16.07 58.70
CA GLU C 436 6.87 15.79 59.86
C GLU C 436 5.43 15.72 59.39
N TRP C 437 5.01 16.73 58.66
CA TRP C 437 3.65 16.78 58.16
C TRP C 437 3.36 15.53 57.29
N ALA C 438 4.33 15.14 56.45
CA ALA C 438 4.18 13.94 55.61
C ALA C 438 3.98 12.68 56.43
N HIS C 439 4.67 12.63 57.58
CA HIS C 439 4.51 11.55 58.56
C HIS C 439 3.05 11.39 59.06
N ASP C 440 2.40 12.49 59.46
CA ASP C 440 1.01 12.40 59.94
C ASP C 440 0.02 11.94 58.86
N LYS C 441 0.43 12.04 57.60
CA LYS C 441 -0.32 11.46 56.48
C LYS C 441 0.03 9.98 56.23
N GLY C 442 1.00 9.48 56.99
CA GLY C 442 1.48 8.12 56.85
C GLY C 442 2.42 7.99 55.67
N LEU C 443 3.05 9.09 55.30
CA LEU C 443 3.96 9.04 54.19
C LEU C 443 5.40 9.07 54.68
N VAL C 444 6.31 8.71 53.78
CA VAL C 444 7.75 8.89 53.97
C VAL C 444 8.29 9.63 52.75
N CYS C 445 9.42 10.32 52.91
CA CYS C 445 9.96 11.24 51.90
C CYS C 445 11.46 11.13 51.64
N GLN C 446 11.81 11.12 50.37
CA GLN C 446 13.18 11.39 49.96
C GLN C 446 13.16 12.85 49.63
N THR C 447 14.25 13.55 49.93
CA THR C 447 14.42 14.90 49.42
C THR C 447 15.64 14.84 48.53
N ASN C 448 15.78 15.80 47.62
CA ASN C 448 16.92 15.89 46.71
C ASN C 448 18.17 16.36 47.42
N ILE C 449 19.29 15.63 47.30
CA ILE C 449 20.59 16.15 47.81
C ILE C 449 21.75 16.10 46.79
N THR C 450 22.32 17.26 46.48
CA THR C 450 23.52 17.30 45.65
C THR C 450 24.71 17.67 46.49
N CYS C 451 25.92 17.50 45.96
CA CYS C 451 27.15 17.99 46.65
C CYS C 451 27.63 19.37 46.18
N PHE C 452 26.70 20.17 45.67
CA PHE C 452 26.96 21.56 45.31
C PHE C 452 26.54 22.40 46.51
N LEU C 453 27.52 23.05 47.14
CA LEU C 453 27.26 23.84 48.33
C LEU C 453 27.37 25.31 47.96
N ARG C 454 26.21 25.97 47.86
CA ARG C 454 26.12 27.28 47.21
C ARG C 454 27.18 28.27 47.69
N ASN C 455 27.69 29.03 46.73
CA ASN C 455 28.84 29.87 46.95
C ASN C 455 28.55 31.35 46.78
N ASP C 456 27.60 31.69 45.90
CA ASP C 456 27.14 33.09 45.78
C ASP C 456 25.97 33.29 46.75
N ASN C 457 26.29 33.70 47.98
CA ASN C 457 25.26 33.78 49.02
C ASN C 457 24.94 35.19 49.43
N GLU C 458 25.62 36.14 48.78
CA GLU C 458 25.37 37.59 48.93
C GLU C 458 25.53 38.05 50.39
N GLY C 459 26.51 37.44 51.06
CA GLY C 459 26.81 37.73 52.45
C GLY C 459 25.85 37.11 53.45
N GLN C 460 24.78 36.47 52.96
CA GLN C 460 23.85 35.73 53.85
C GLN C 460 24.56 34.50 54.36
N ASP C 461 24.29 34.11 55.60
CA ASP C 461 25.01 33.00 56.22
C ASP C 461 24.57 31.66 55.67
N TYR C 462 25.54 30.84 55.33
CA TYR C 462 25.28 29.45 54.95
C TYR C 462 26.35 28.56 55.60
N GLU C 463 25.98 27.97 56.73
CA GLU C 463 26.84 27.12 57.54
C GLU C 463 27.53 25.99 56.73
N VAL C 464 26.76 25.27 55.89
CA VAL C 464 27.32 24.18 55.07
C VAL C 464 28.46 24.65 54.15
N ASN C 465 28.42 25.89 53.66
CA ASN C 465 29.53 26.48 52.88
C ASN C 465 30.59 27.18 53.76
N GLN C 466 30.19 27.77 54.89
CA GLN C 466 31.16 28.48 55.70
C GLN C 466 32.20 27.52 56.29
N THR C 467 31.76 26.27 56.51
CA THR C 467 32.63 25.30 57.16
C THR C 467 33.48 24.59 56.12
N LEU C 468 32.91 24.37 54.92
CA LEU C 468 33.70 23.82 53.81
C LEU C 468 34.93 24.72 53.63
N ARG C 469 34.69 25.98 53.30
CA ARG C 469 35.74 27.01 53.32
C ARG C 469 36.65 26.80 54.52
N GLU C 470 36.06 26.84 55.71
CA GLU C 470 36.81 27.04 56.94
C GLU C 470 37.74 25.88 57.27
N ARG C 471 37.19 24.67 57.19
CA ARG C 471 38.01 23.48 57.43
C ARG C 471 38.72 23.04 56.14
N GLN C 472 38.83 23.96 55.17
CA GLN C 472 39.58 23.74 53.92
C GLN C 472 39.31 22.39 53.27
N LEU C 473 38.02 22.09 53.07
CA LEU C 473 37.61 20.76 52.69
C LEU C 473 37.09 20.73 51.26
N TYR C 474 37.29 21.85 50.56
CA TYR C 474 36.80 22.03 49.20
C TYR C 474 37.82 21.54 48.18
N THR C 475 37.32 21.03 47.05
CA THR C 475 38.18 20.74 45.93
C THR C 475 38.88 22.06 45.59
N LYS C 476 40.19 22.06 45.43
CA LYS C 476 40.91 23.33 45.11
C LYS C 476 40.96 23.60 43.59
N ASN C 477 41.55 24.73 43.20
CA ASN C 477 41.59 25.14 41.79
C ASN C 477 42.91 24.84 41.04
N ASP C 478 43.70 23.89 41.57
CA ASP C 478 45.02 23.59 41.01
C ASP C 478 44.98 22.55 39.90
N SER C 479 46.03 22.53 39.09
CA SER C 479 46.17 21.61 37.96
C SER C 479 47.61 21.61 37.46
N LEU C 480 48.00 20.53 36.80
CA LEU C 480 49.34 20.37 36.26
C LEU C 480 49.53 21.09 34.92
N THR C 481 48.46 21.73 34.44
CA THR C 481 48.44 22.41 33.14
C THR C 481 48.43 23.94 33.25
N GLY C 482 48.14 24.45 34.45
CA GLY C 482 47.97 25.88 34.68
C GLY C 482 46.70 26.42 34.04
N THR C 483 45.63 25.63 34.08
CA THR C 483 44.35 25.98 33.46
C THR C 483 43.56 26.85 34.42
N ASP C 484 43.04 27.98 33.92
CA ASP C 484 42.20 28.82 34.77
C ASP C 484 40.77 28.32 34.75
N PHE C 485 40.32 27.77 35.88
CA PHE C 485 39.00 27.17 36.03
C PHE C 485 37.82 28.14 36.26
N GLY C 486 38.14 29.37 36.68
CA GLY C 486 37.16 30.41 37.01
C GLY C 486 37.51 31.08 38.33
N MET C 487 37.08 32.33 38.49
CA MET C 487 36.96 32.95 39.80
C MET C 487 35.67 33.76 39.84
N THR C 488 34.99 33.73 40.98
CA THR C 488 33.96 34.75 41.28
C THR C 488 34.47 35.72 42.35
N ASP C 489 33.61 36.68 42.68
CA ASP C 489 33.95 37.67 43.70
C ASP C 489 33.87 37.09 45.12
N ASP C 490 33.14 35.98 45.24
CA ASP C 490 32.88 35.29 46.51
C ASP C 490 34.09 34.54 47.06
N GLY C 491 34.92 34.03 46.15
CA GLY C 491 36.08 33.25 46.54
C GLY C 491 35.68 31.82 46.95
N PRO C 492 36.57 31.11 47.69
CA PRO C 492 37.91 31.66 48.02
C PRO C 492 38.85 31.59 46.81
N SER C 493 39.93 32.35 46.85
CA SER C 493 40.77 32.53 45.66
C SER C 493 41.54 31.29 45.20
N ASP C 494 41.34 30.16 45.91
CA ASP C 494 41.87 28.85 45.53
C ASP C 494 40.81 27.75 45.53
N ALA C 495 39.54 28.12 45.43
CA ALA C 495 38.48 27.13 45.30
C ALA C 495 38.18 26.82 43.85
N TYR C 496 37.92 25.55 43.56
CA TYR C 496 37.32 25.21 42.29
C TYR C 496 35.93 25.76 42.38
N ILE C 497 35.54 26.66 41.48
CA ILE C 497 34.16 27.12 41.44
C ILE C 497 33.41 26.59 40.22
N GLY C 498 32.29 25.94 40.49
CA GLY C 498 31.44 25.39 39.46
C GLY C 498 30.14 26.15 39.49
N HIS C 499 29.25 25.83 38.57
CA HIS C 499 27.98 26.49 38.49
C HIS C 499 26.90 25.44 38.25
N LEU C 500 25.84 25.50 39.07
CA LEU C 500 24.68 24.66 39.00
C LEU C 500 23.60 25.39 38.18
N ASP C 501 23.01 24.68 37.22
CA ASP C 501 22.00 25.27 36.34
C ASP C 501 20.82 24.35 36.17
N TYR C 502 19.69 24.74 36.76
CA TYR C 502 18.48 23.91 36.76
C TYR C 502 17.55 24.23 35.59
N GLY C 503 17.86 25.32 34.89
CA GLY C 503 17.06 25.78 33.76
C GLY C 503 16.33 27.06 34.10
N GLY C 504 15.91 27.75 33.03
CA GLY C 504 15.18 29.02 33.11
C GLY C 504 15.54 29.92 34.26
N GLY C 505 16.80 30.29 34.37
CA GLY C 505 17.28 31.26 35.39
C GLY C 505 17.47 30.71 36.79
N VAL C 506 17.09 29.45 36.99
CA VAL C 506 17.26 28.80 38.29
C VAL C 506 18.68 28.26 38.36
N GLU C 507 19.55 29.04 39.00
CA GLU C 507 20.95 28.68 39.00
C GLU C 507 21.71 29.24 40.19
N CYS C 508 22.93 28.72 40.35
CA CYS C 508 23.79 29.18 41.40
C CYS C 508 25.22 28.68 41.19
N ASP C 509 26.17 29.41 41.80
CA ASP C 509 27.58 29.02 41.99
C ASP C 509 27.73 28.03 43.15
N ALA C 510 28.70 27.13 43.03
CA ALA C 510 28.88 26.02 43.98
C ALA C 510 30.34 25.74 44.38
N LEU C 511 30.52 25.27 45.61
CA LEU C 511 31.73 24.56 45.96
C LEU C 511 31.42 23.04 46.03
N PHE C 512 32.49 22.27 46.14
CA PHE C 512 32.36 20.83 46.12
C PHE C 512 33.34 20.22 47.11
N PRO C 513 32.95 19.10 47.75
CA PRO C 513 33.85 18.48 48.70
C PRO C 513 34.89 17.58 48.02
N ASP C 514 36.16 17.91 48.25
CA ASP C 514 37.27 17.09 47.81
C ASP C 514 37.29 15.82 48.65
N TRP C 515 36.54 14.81 48.20
CA TRP C 515 36.25 13.62 49.00
C TRP C 515 37.47 12.90 49.55
N GLY C 516 38.55 12.88 48.79
CA GLY C 516 39.74 12.12 49.15
C GLY C 516 40.43 12.63 50.40
N ARG C 517 40.05 13.81 50.90
CA ARG C 517 40.66 14.29 52.15
C ARG C 517 40.10 13.56 53.36
N PRO C 518 40.96 13.33 54.36
CA PRO C 518 40.52 13.06 55.72
C PRO C 518 39.48 14.11 56.15
N ASP C 519 38.48 13.68 56.91
CA ASP C 519 37.53 14.59 57.53
C ASP C 519 36.43 15.02 56.59
N VAL C 520 36.66 14.90 55.29
CA VAL C 520 35.67 15.37 54.33
C VAL C 520 34.39 14.57 54.43
N ALA C 521 34.53 13.24 54.39
CA ALA C 521 33.39 12.32 54.58
C ALA C 521 32.63 12.55 55.90
N GLU C 522 33.36 12.70 57.01
CA GLU C 522 32.78 12.95 58.33
C GLU C 522 31.92 14.22 58.32
N TRP C 523 32.53 15.30 57.84
CA TRP C 523 31.84 16.58 57.63
C TRP C 523 30.62 16.43 56.76
N TRP C 524 30.73 15.74 55.63
CA TRP C 524 29.61 15.65 54.71
C TRP C 524 28.43 15.00 55.43
N GLY C 525 28.68 13.80 55.96
CA GLY C 525 27.64 13.00 56.60
C GLY C 525 26.95 13.65 57.78
N ASN C 526 27.71 14.41 58.58
CA ASN C 526 27.13 15.13 59.71
C ASN C 526 26.13 16.20 59.32
N ASN C 527 26.28 16.75 58.12
CA ASN C 527 25.30 17.72 57.59
C ASN C 527 23.89 17.17 57.59
N TYR C 528 23.74 15.88 57.37
CA TYR C 528 22.44 15.26 57.23
C TYR C 528 21.58 15.34 58.48
N LYS C 529 22.21 15.54 59.64
CA LYS C 529 21.48 15.74 60.89
C LYS C 529 20.45 16.87 60.76
N LYS C 530 20.76 17.85 59.92
CA LYS C 530 19.98 19.08 59.80
C LYS C 530 18.64 18.83 59.14
N LEU C 531 18.50 17.65 58.55
CA LEU C 531 17.29 17.21 57.88
C LEU C 531 16.70 15.94 58.48
N PHE C 532 17.50 15.16 59.20
CA PHE C 532 16.96 13.92 59.80
C PHE C 532 16.11 14.30 61.02
N SER C 533 16.55 15.36 61.71
CA SER C 533 15.88 15.87 62.92
C SER C 533 14.62 16.68 62.62
N ILE C 534 14.39 17.00 61.35
CA ILE C 534 13.12 17.58 60.95
C ILE C 534 12.23 16.59 60.18
N GLY C 535 12.54 15.29 60.29
CA GLY C 535 11.68 14.23 59.77
C GLY C 535 12.04 13.51 58.48
N LEU C 536 13.08 13.97 57.77
CA LEU C 536 13.46 13.34 56.49
C LEU C 536 13.84 11.84 56.61
N ASP C 537 13.28 11.03 55.72
CA ASP C 537 13.33 9.60 55.86
C ASP C 537 14.46 8.96 55.08
N PHE C 538 14.72 9.47 53.89
CA PHE C 538 15.74 8.87 53.03
C PHE C 538 16.17 9.79 51.91
N VAL C 539 17.18 9.34 51.16
CA VAL C 539 18.00 10.26 50.39
C VAL C 539 17.83 9.97 48.92
N TRP C 540 17.78 11.06 48.16
CA TRP C 540 17.62 11.00 46.73
C TRP C 540 18.84 11.75 46.26
N GLN C 541 19.88 10.99 45.87
CA GLN C 541 21.17 11.63 45.57
C GLN C 541 21.25 12.03 44.10
N ASP C 542 21.68 13.27 43.85
CA ASP C 542 21.50 13.91 42.53
C ASP C 542 22.68 14.75 42.03
N MET C 543 22.71 14.98 40.71
CA MET C 543 23.73 15.82 40.04
C MET C 543 25.14 15.45 40.52
N THR C 544 25.43 14.14 40.46
CA THR C 544 26.52 13.52 41.22
C THR C 544 27.83 13.43 40.46
N VAL C 545 27.81 13.72 39.16
CA VAL C 545 29.03 13.57 38.35
C VAL C 545 30.26 14.24 38.97
N PRO C 546 30.17 15.49 39.47
CA PRO C 546 29.08 16.46 39.65
C PRO C 546 28.53 16.99 38.36
N ALA C 547 27.21 17.07 38.26
CA ALA C 547 26.58 17.49 37.02
C ALA C 547 26.56 19.00 36.97
N MET C 548 27.66 19.56 36.51
CA MET C 548 27.85 21.01 36.40
C MET C 548 27.36 21.53 35.07
N MET C 549 27.00 22.81 35.02
CA MET C 549 26.65 23.47 33.76
C MET C 549 27.85 23.45 32.78
N PRO C 550 27.58 23.12 31.51
CA PRO C 550 28.63 23.19 30.51
C PRO C 550 29.37 24.51 30.62
N HIS C 551 30.69 24.45 30.59
CA HIS C 551 31.53 25.64 30.71
C HIS C 551 32.78 25.41 29.88
N LYS C 552 33.13 26.43 29.09
CA LYS C 552 34.39 26.48 28.37
C LYS C 552 35.33 27.43 29.12
N ILE C 553 36.58 27.00 29.32
CA ILE C 553 37.62 27.86 29.97
C ILE C 553 37.72 29.21 29.26
N GLY C 554 37.99 30.27 30.02
CA GLY C 554 38.06 31.62 29.47
C GLY C 554 36.76 32.40 29.55
N ASP C 555 35.66 31.71 29.87
CA ASP C 555 34.34 32.32 30.04
C ASP C 555 33.99 32.55 31.53
N ASP C 556 33.16 33.55 31.83
CA ASP C 556 32.57 33.70 33.16
C ASP C 556 31.91 32.38 33.60
N ILE C 557 32.02 32.09 34.90
CA ILE C 557 31.52 30.83 35.47
C ILE C 557 30.04 30.59 35.19
N ASN C 558 29.24 31.64 35.30
CA ASN C 558 27.78 31.61 35.04
C ASN C 558 27.41 31.57 33.55
N VAL C 559 28.42 31.58 32.66
CA VAL C 559 28.24 31.58 31.19
C VAL C 559 28.61 30.23 30.57
N LYS C 560 27.66 29.62 29.86
CA LYS C 560 27.88 28.34 29.16
C LYS C 560 28.26 28.54 27.68
N PRO C 561 28.97 27.56 27.07
CA PRO C 561 29.35 27.73 25.67
C PRO C 561 28.13 27.66 24.73
N ASP C 562 28.34 28.00 23.46
CA ASP C 562 27.36 27.65 22.45
C ASP C 562 27.05 26.15 22.57
N GLY C 563 25.78 25.80 22.40
CA GLY C 563 25.35 24.41 22.48
C GLY C 563 25.98 23.45 21.49
N ASN C 564 26.32 23.96 20.30
CA ASN C 564 26.99 23.20 19.24
C ASN C 564 28.44 22.86 19.53
N TRP C 565 29.05 23.59 20.46
CA TRP C 565 30.45 23.43 20.85
C TRP C 565 30.56 22.57 22.11
N PRO C 566 31.58 21.70 22.21
CA PRO C 566 32.61 21.37 21.22
C PRO C 566 32.07 20.53 20.08
N ASN C 567 32.83 20.42 19.00
CA ASN C 567 32.46 19.56 17.88
C ASN C 567 33.72 19.14 17.16
N ALA C 568 33.60 18.24 16.19
CA ALA C 568 34.76 17.69 15.48
C ALA C 568 35.61 18.78 14.80
N ASP C 569 34.93 19.81 14.27
CA ASP C 569 35.58 20.90 13.54
C ASP C 569 36.12 21.95 14.48
N ASP C 570 35.48 22.07 15.64
CA ASP C 570 35.92 23.01 16.65
C ASP C 570 36.02 22.29 17.98
N PRO C 571 37.04 21.40 18.12
CA PRO C 571 37.02 20.46 19.23
C PRO C 571 37.36 21.16 20.54
N SER C 572 37.31 20.43 21.65
CA SER C 572 37.51 21.04 22.97
C SER C 572 38.92 21.53 23.25
N ASN C 573 39.92 20.72 22.87
CA ASN C 573 41.33 21.02 23.16
C ASN C 573 41.57 21.50 24.61
N GLY C 574 41.14 20.67 25.57
CA GLY C 574 41.29 20.93 27.01
C GLY C 574 40.60 22.15 27.61
N GLN C 575 39.51 22.62 27.01
CA GLN C 575 38.85 23.83 27.49
C GLN C 575 37.41 23.59 27.99
N TYR C 576 36.73 22.57 27.44
CA TYR C 576 35.40 22.13 27.87
C TYR C 576 35.43 21.34 29.19
N ASN C 577 34.67 21.81 30.19
CA ASN C 577 34.45 21.04 31.43
C ASN C 577 33.67 19.69 31.27
N TRP C 578 33.29 19.34 30.06
CA TRP C 578 32.46 18.13 29.83
C TRP C 578 31.34 17.89 30.87
N LYS C 579 30.55 18.94 31.12
CA LYS C 579 29.44 18.97 32.09
C LYS C 579 29.77 18.37 33.48
N THR C 580 30.94 18.72 34.01
CA THR C 580 31.42 18.23 35.32
C THR C 580 32.62 19.07 35.69
N TYR C 581 33.40 18.65 36.68
CA TYR C 581 34.69 19.33 36.93
C TYR C 581 35.46 19.43 35.62
N HIS C 582 36.17 20.53 35.41
CA HIS C 582 37.10 20.56 34.29
C HIS C 582 38.13 19.46 34.55
N PRO C 583 38.26 18.51 33.60
CA PRO C 583 39.02 17.27 33.77
C PRO C 583 40.51 17.40 34.22
N GLN C 584 41.02 18.63 34.34
CA GLN C 584 42.40 18.89 34.74
C GLN C 584 42.56 19.12 36.23
N VAL C 585 41.50 19.56 36.91
CA VAL C 585 41.55 19.86 38.34
C VAL C 585 42.24 18.77 39.19
N LEU C 586 43.13 19.21 40.06
CA LEU C 586 43.78 18.31 41.01
C LEU C 586 42.90 18.03 42.20
N VAL C 587 42.41 16.80 42.27
CA VAL C 587 41.56 16.32 43.36
C VAL C 587 42.31 15.29 44.22
N THR C 588 41.95 15.16 45.49
CA THR C 588 42.62 14.20 46.34
C THR C 588 42.16 12.79 45.95
N ASP C 589 43.12 11.87 45.87
CA ASP C 589 42.88 10.55 45.29
C ASP C 589 41.76 9.83 46.00
N MET C 590 40.72 9.50 45.27
CA MET C 590 39.64 8.71 45.81
C MET C 590 39.95 7.22 45.74
N ARG C 591 40.88 6.84 44.88
CA ARG C 591 41.24 5.44 44.71
C ARG C 591 42.13 4.91 45.82
N TYR C 592 43.09 5.73 46.26
CA TYR C 592 44.09 5.38 47.26
C TYR C 592 44.27 6.45 48.33
N GLU C 593 44.01 6.09 49.59
CA GLU C 593 44.09 7.05 50.70
C GLU C 593 45.53 7.53 50.90
N ASN C 594 45.71 8.78 51.34
CA ASN C 594 47.04 9.40 51.47
C ASN C 594 48.03 9.08 50.33
N HIS C 595 47.54 9.15 49.09
CA HIS C 595 48.38 8.91 47.93
C HIS C 595 48.64 10.20 47.18
N GLY C 596 47.98 11.28 47.62
CA GLY C 596 48.15 12.60 47.00
C GLY C 596 46.96 12.96 46.14
N ARG C 597 47.20 13.84 45.18
CA ARG C 597 46.18 14.24 44.21
C ARG C 597 46.59 13.90 42.79
N GLU C 598 45.62 13.41 42.02
CA GLU C 598 45.70 13.18 40.60
C GLU C 598 44.61 14.07 40.00
N PRO C 599 44.58 14.24 38.66
CA PRO C 599 43.50 15.03 38.08
C PRO C 599 42.26 14.21 37.76
N MET C 600 41.09 14.85 37.82
CA MET C 600 39.83 14.15 37.79
C MET C 600 39.73 13.07 36.71
N VAL C 601 40.27 13.34 35.53
CA VAL C 601 40.19 12.45 34.34
C VAL C 601 40.55 10.99 34.63
N THR C 602 41.49 10.81 35.57
CA THR C 602 41.96 9.49 35.97
C THR C 602 40.90 8.70 36.72
N GLN C 603 40.01 9.39 37.40
CA GLN C 603 39.03 8.70 38.22
C GLN C 603 37.62 9.27 38.16
N ARG C 604 37.28 9.89 37.03
CA ARG C 604 35.97 10.53 36.85
C ARG C 604 34.82 9.67 37.41
N ASN C 605 34.94 8.35 37.31
CA ASN C 605 33.78 7.48 37.52
C ASN C 605 33.63 6.92 38.91
N ILE C 606 34.41 7.46 39.83
CA ILE C 606 34.28 7.05 41.21
C ILE C 606 33.63 8.13 42.07
N HIS C 607 33.55 9.36 41.55
CA HIS C 607 33.19 10.54 42.38
C HIS C 607 31.79 10.29 42.97
N ALA C 608 30.80 10.07 42.10
CA ALA C 608 29.47 9.67 42.56
C ALA C 608 29.51 8.56 43.62
N TYR C 609 30.25 7.50 43.34
CA TYR C 609 30.35 6.34 44.22
C TYR C 609 30.85 6.79 45.60
N THR C 610 31.82 7.70 45.61
CA THR C 610 32.41 8.21 46.84
C THR C 610 31.45 9.18 47.57
N LEU C 611 30.59 9.86 46.81
CA LEU C 611 29.50 10.67 47.37
C LEU C 611 28.53 9.79 48.14
N CYS C 612 27.98 8.81 47.43
CA CYS C 612 27.02 7.86 48.00
C CYS C 612 27.53 7.11 49.21
N GLU C 613 28.82 6.76 49.19
CA GLU C 613 29.44 5.99 50.26
C GLU C 613 29.46 6.84 51.51
N SER C 614 29.84 8.11 51.36
CA SER C 614 29.91 9.03 52.49
C SER C 614 28.55 9.37 53.06
N THR C 615 27.57 9.59 52.20
CA THR C 615 26.19 9.70 52.62
C THR C 615 25.76 8.47 53.45
N ARG C 616 25.86 7.28 52.85
CA ARG C 616 25.56 6.01 53.55
C ARG C 616 26.31 5.87 54.91
N LYS C 617 27.63 5.90 54.89
CA LYS C 617 28.42 5.58 56.09
C LYS C 617 28.41 6.69 57.16
N GLU C 618 28.77 7.91 56.78
CA GLU C 618 28.80 9.03 57.74
C GLU C 618 27.47 9.76 57.92
N GLY C 619 26.54 9.54 56.99
CA GLY C 619 25.28 10.23 57.04
C GLY C 619 24.30 9.33 57.75
N ILE C 620 23.76 8.39 56.99
CA ILE C 620 22.75 7.48 57.48
C ILE C 620 23.19 6.61 58.66
N VAL C 621 24.40 6.06 58.61
CA VAL C 621 24.83 5.11 59.65
C VAL C 621 25.29 5.82 60.95
N GLU C 622 26.31 6.69 60.87
CA GLU C 622 26.79 7.44 62.05
C GLU C 622 25.69 8.26 62.74
N ASN C 623 24.73 8.75 61.96
CA ASN C 623 23.66 9.61 62.51
C ASN C 623 22.27 8.99 62.47
N ALA C 624 22.21 7.67 62.42
CA ALA C 624 20.96 6.91 62.64
C ALA C 624 20.17 7.40 63.86
N ASP C 625 20.86 7.75 64.94
CA ASP C 625 20.18 8.22 66.14
C ASP C 625 19.29 9.44 65.90
N THR C 626 19.60 10.23 64.86
CA THR C 626 18.84 11.45 64.55
C THR C 626 17.68 11.23 63.54
N LEU C 627 17.57 10.05 62.96
CA LEU C 627 16.35 9.74 62.19
C LEU C 627 15.18 9.73 63.16
N THR C 628 13.96 9.83 62.63
CA THR C 628 12.76 9.89 63.47
C THR C 628 11.95 8.58 63.45
N LYS C 629 11.04 8.42 62.47
CA LYS C 629 10.16 7.23 62.41
C LYS C 629 10.88 5.91 62.15
N PHE C 630 11.80 5.93 61.18
CA PHE C 630 12.54 4.76 60.77
C PHE C 630 14.06 4.95 60.90
N ARG C 631 14.68 4.10 61.70
CA ARG C 631 16.11 4.10 61.91
C ARG C 631 16.88 3.64 60.67
N ARG C 632 16.34 2.68 59.91
CA ARG C 632 16.95 2.31 58.64
C ARG C 632 16.59 3.38 57.62
N SER C 633 17.47 3.57 56.64
CA SER C 633 17.25 4.55 55.59
C SER C 633 17.80 3.96 54.28
N TYR C 634 17.80 4.73 53.20
CA TYR C 634 18.23 4.23 51.92
C TYR C 634 18.70 5.38 51.09
N ILE C 635 19.25 5.08 49.92
CA ILE C 635 19.69 6.09 48.99
C ILE C 635 19.19 5.67 47.65
N ILE C 636 18.50 6.57 46.95
CA ILE C 636 18.34 6.45 45.51
C ILE C 636 19.27 7.43 44.76
N SER C 637 20.29 6.90 44.12
CA SER C 637 21.29 7.74 43.44
C SER C 637 21.17 7.76 41.90
N ARG C 638 21.58 8.89 41.31
CA ARG C 638 21.49 9.09 39.84
C ARG C 638 22.73 8.61 39.11
N GLY C 639 23.87 8.76 39.80
CA GLY C 639 25.16 8.24 39.32
C GLY C 639 25.76 7.16 40.23
N GLY C 640 26.88 6.58 39.81
CA GLY C 640 27.54 5.49 40.56
C GLY C 640 28.40 4.55 39.72
N TYR C 641 29.23 3.76 40.43
CA TYR C 641 30.15 2.78 39.85
C TYR C 641 29.74 1.41 40.37
N ILE C 642 30.22 0.33 39.74
CA ILE C 642 30.05 -1.02 40.27
C ILE C 642 30.32 -0.97 41.78
N GLY C 643 29.33 -1.45 42.54
CA GLY C 643 29.45 -1.47 44.00
C GLY C 643 28.47 -0.56 44.72
N ASN C 644 27.79 0.33 44.02
CA ASN C 644 26.74 1.17 44.65
C ASN C 644 25.62 0.40 45.35
N GLN C 645 25.52 -0.90 45.13
CA GLN C 645 24.50 -1.73 45.76
C GLN C 645 24.64 -1.80 47.27
N HIS C 646 25.86 -1.50 47.79
CA HIS C 646 26.14 -1.41 49.24
C HIS C 646 25.89 -0.02 49.79
N PHE C 647 25.49 0.88 48.90
CA PHE C 647 25.13 2.23 49.35
C PHE C 647 23.63 2.49 49.21
N GLY C 648 23.03 1.93 48.17
CA GLY C 648 21.60 2.01 47.98
C GLY C 648 21.21 1.52 46.58
N GLY C 649 20.22 2.20 46.00
CA GLY C 649 19.80 1.97 44.63
C GLY C 649 20.01 3.18 43.74
N MET C 650 19.45 3.06 42.53
CA MET C 650 19.60 4.04 41.47
C MET C 650 18.25 4.33 40.84
N TRP C 651 18.17 5.43 40.11
CA TRP C 651 17.11 5.65 39.12
C TRP C 651 17.80 6.12 37.84
N VAL C 652 17.26 5.73 36.68
CA VAL C 652 17.98 5.92 35.40
C VAL C 652 17.88 7.39 34.93
N GLY C 653 18.02 8.30 35.87
CA GLY C 653 18.18 9.71 35.52
C GLY C 653 16.99 10.37 34.86
N ASP C 654 17.29 11.18 33.85
CA ASP C 654 16.31 12.02 33.20
C ASP C 654 15.84 11.37 31.90
N ASN C 655 14.83 10.53 32.01
CA ASN C 655 14.18 9.93 30.84
C ASN C 655 13.13 10.89 30.28
N SER C 656 12.36 10.41 29.31
CA SER C 656 11.31 11.19 28.68
C SER C 656 10.07 10.33 28.41
N THR C 657 9.06 10.93 27.79
CA THR C 657 7.71 10.38 27.78
C THR C 657 7.32 9.77 26.41
N THR C 658 8.05 8.74 25.99
CA THR C 658 7.75 8.03 24.74
C THR C 658 7.87 6.54 24.97
N SER C 659 7.16 5.76 24.13
CA SER C 659 7.30 4.31 24.01
C SER C 659 8.74 3.80 24.12
N ASN C 660 9.63 4.51 23.45
CA ASN C 660 11.02 4.14 23.41
C ASN C 660 11.73 4.26 24.75
N TYR C 661 11.17 5.03 25.68
CA TYR C 661 11.79 5.21 27.00
C TYR C 661 11.18 4.18 27.96
N ILE C 662 10.04 3.61 27.56
CA ILE C 662 9.43 2.49 28.30
C ILE C 662 10.30 1.25 28.04
N GLN C 663 10.72 1.11 26.79
CA GLN C 663 11.68 0.07 26.37
C GLN C 663 13.03 0.17 27.08
N MET C 664 13.68 1.33 26.98
CA MET C 664 14.92 1.60 27.73
C MET C 664 14.77 1.38 29.25
N MET C 665 13.57 1.64 29.78
CA MET C 665 13.28 1.36 31.17
C MET C 665 13.41 -0.12 31.51
N ILE C 666 12.75 -0.95 30.73
CA ILE C 666 12.84 -2.35 30.99
C ILE C 666 14.29 -2.86 30.83
N ALA C 667 14.98 -2.38 29.79
CA ALA C 667 16.35 -2.84 29.51
C ALA C 667 17.31 -2.40 30.60
N ASN C 668 17.33 -1.11 30.91
CA ASN C 668 18.20 -0.64 31.99
C ASN C 668 18.04 -1.55 33.20
N ASN C 669 16.80 -1.90 33.51
CA ASN C 669 16.50 -2.49 34.78
C ASN C 669 17.02 -3.91 34.79
N ILE C 670 16.84 -4.57 33.67
CA ILE C 670 17.30 -5.93 33.46
C ILE C 670 18.81 -5.88 33.47
N ASN C 671 19.38 -5.03 32.62
CA ASN C 671 20.83 -4.87 32.54
C ASN C 671 21.54 -4.41 33.83
N MET C 672 20.81 -3.69 34.67
CA MET C 672 21.46 -3.14 35.85
C MET C 672 21.42 -4.16 36.98
N ASN C 673 20.31 -4.88 37.09
CA ASN C 673 20.26 -6.04 37.99
C ASN C 673 21.43 -7.02 37.80
N MET C 674 21.74 -7.33 36.54
CA MET C 674 22.93 -8.12 36.21
C MET C 674 24.28 -7.40 36.39
N SER C 675 24.28 -6.09 36.63
CA SER C 675 25.52 -5.36 37.02
C SER C 675 25.62 -5.23 38.54
N CYS C 676 24.86 -6.03 39.29
CA CYS C 676 24.90 -5.98 40.77
C CYS C 676 24.42 -4.66 41.37
N LEU C 677 23.40 -4.10 40.73
CA LEU C 677 22.69 -2.95 41.26
C LEU C 677 21.22 -3.28 40.98
N PRO C 678 20.56 -3.95 41.95
CA PRO C 678 19.27 -4.53 41.67
C PRO C 678 18.12 -3.55 41.91
N LEU C 679 18.29 -2.61 42.86
CA LEU C 679 17.17 -1.73 43.21
C LEU C 679 17.22 -0.40 42.49
N VAL C 680 16.70 -0.46 41.26
CA VAL C 680 16.80 0.53 40.22
C VAL C 680 15.44 0.68 39.55
N GLY C 681 15.18 1.88 39.06
CA GLY C 681 14.11 2.09 38.10
C GLY C 681 14.21 3.45 37.45
N SER C 682 13.35 3.68 36.45
CA SER C 682 13.28 5.00 35.81
C SER C 682 11.96 5.69 36.12
N ASP C 683 11.99 7.02 36.22
CA ASP C 683 10.78 7.83 36.40
C ASP C 683 9.59 7.39 35.56
N ILE C 684 8.46 7.13 36.23
CA ILE C 684 7.30 6.56 35.55
C ILE C 684 6.57 7.67 34.87
N GLY C 685 6.34 7.50 33.56
CA GLY C 685 5.81 8.58 32.72
C GLY C 685 6.85 9.51 32.12
N GLY C 686 8.12 9.36 32.46
CA GLY C 686 9.17 10.20 31.87
C GLY C 686 9.37 11.51 32.63
N PHE C 687 10.62 11.90 32.80
CA PHE C 687 10.91 13.11 33.53
C PHE C 687 10.68 14.37 32.68
N THR C 688 11.22 14.36 31.47
CA THR C 688 11.24 15.52 30.56
C THR C 688 9.99 15.65 29.69
N SER C 689 9.68 16.87 29.27
CA SER C 689 8.66 17.15 28.25
C SER C 689 8.97 16.34 27.01
N TYR C 690 7.94 15.99 26.25
CA TYR C 690 8.15 15.19 25.06
C TYR C 690 7.67 15.86 23.77
N ASP C 691 6.69 16.75 23.87
CA ASP C 691 5.96 17.27 22.71
C ASP C 691 6.63 18.53 22.16
N ASN C 692 7.33 18.37 21.03
CA ASN C 692 8.05 19.45 20.35
C ASN C 692 7.26 20.74 20.05
N GLU C 693 5.98 20.61 19.71
CA GLU C 693 5.12 21.76 19.35
C GLU C 693 4.58 22.48 20.60
N ASN C 694 4.78 21.87 21.75
CA ASN C 694 4.31 22.40 23.03
C ASN C 694 4.79 21.53 24.18
N GLN C 695 5.79 22.01 24.89
CA GLN C 695 6.45 21.18 25.86
C GLN C 695 5.60 20.90 27.09
N ARG C 696 4.63 21.77 27.37
CA ARG C 696 3.73 21.56 28.49
C ARG C 696 2.67 20.47 28.31
N THR C 697 2.61 19.80 27.17
CA THR C 697 1.63 18.71 27.02
C THR C 697 2.02 17.56 27.97
N PRO C 698 1.05 17.03 28.73
CA PRO C 698 1.40 15.94 29.63
C PRO C 698 1.33 14.59 28.95
N CYS C 699 1.90 13.58 29.61
CA CYS C 699 1.90 12.18 29.16
C CYS C 699 0.49 11.79 28.80
N THR C 700 0.30 11.20 27.63
CA THR C 700 -1.02 10.69 27.28
C THR C 700 -1.48 9.68 28.32
N GLY C 701 -2.78 9.49 28.40
CA GLY C 701 -3.39 8.54 29.30
C GLY C 701 -2.93 7.13 29.01
N ASP C 702 -2.80 6.80 27.72
CA ASP C 702 -2.40 5.46 27.34
C ASP C 702 -0.95 5.18 27.68
N LEU C 703 -0.06 6.06 27.27
CA LEU C 703 1.35 5.89 27.60
C LEU C 703 1.63 5.71 29.09
N MET C 704 0.98 6.51 29.93
CA MET C 704 1.14 6.43 31.39
C MET C 704 0.74 5.06 31.93
N VAL C 705 -0.36 4.53 31.44
CA VAL C 705 -0.82 3.23 31.83
C VAL C 705 0.34 2.27 31.54
N ARG C 706 0.74 2.18 30.27
CA ARG C 706 1.86 1.34 29.86
C ARG C 706 3.11 1.60 30.68
N TYR C 707 3.43 2.87 30.93
CA TYR C 707 4.54 3.21 31.82
C TYR C 707 4.42 2.52 33.18
N VAL C 708 3.24 2.70 33.79
CA VAL C 708 2.90 2.13 35.09
C VAL C 708 2.91 0.59 35.04
N GLN C 709 2.25 0.03 34.03
CA GLN C 709 2.16 -1.44 33.92
C GLN C 709 3.54 -2.11 33.80
N ALA C 710 4.34 -1.62 32.86
CA ALA C 710 5.71 -2.08 32.71
C ALA C 710 6.50 -1.90 33.99
N GLY C 711 6.25 -0.78 34.69
CA GLY C 711 7.08 -0.39 35.85
C GLY C 711 6.66 -0.97 37.19
N CYS C 712 5.49 -1.61 37.26
CA CYS C 712 4.84 -1.90 38.54
C CYS C 712 5.51 -2.98 39.38
N LEU C 713 6.33 -3.81 38.75
CA LEU C 713 7.04 -4.80 39.53
C LEU C 713 8.55 -4.57 39.53
N LEU C 714 9.00 -3.48 38.93
CA LEU C 714 10.41 -3.17 38.94
C LEU C 714 10.82 -2.60 40.30
N PRO C 715 11.98 -3.01 40.78
CA PRO C 715 12.44 -2.59 42.14
C PRO C 715 12.06 -1.18 42.60
N TRP C 716 12.39 -0.15 41.83
CA TRP C 716 12.14 1.23 42.26
C TRP C 716 11.08 1.90 41.43
N PHE C 717 10.04 2.36 42.11
CA PHE C 717 8.79 2.77 41.45
C PHE C 717 8.34 4.18 41.84
N ARG C 718 8.71 5.16 41.00
CA ARG C 718 8.43 6.56 41.25
C ARG C 718 7.93 7.23 39.99
N ASN C 719 6.73 7.80 40.04
CA ASN C 719 6.34 8.81 39.08
C ASN C 719 7.05 10.10 39.48
N HIS C 720 8.01 10.51 38.68
CA HIS C 720 8.61 11.83 38.85
C HIS C 720 8.70 12.50 37.48
N TYR C 721 8.78 13.83 37.47
CA TYR C 721 8.69 14.60 36.22
C TYR C 721 9.00 16.07 36.47
N ASP C 722 9.38 16.75 35.40
CA ASP C 722 9.70 18.18 35.41
C ASP C 722 8.39 18.93 35.17
N ARG C 723 7.95 19.74 36.13
CA ARG C 723 6.66 20.44 35.99
C ARG C 723 6.84 21.92 35.60
N TRP C 724 6.10 22.38 34.59
CA TRP C 724 6.12 23.77 34.19
C TRP C 724 5.47 24.66 35.25
N ILE C 725 6.24 25.60 35.78
CA ILE C 725 5.73 26.63 36.68
C ILE C 725 6.34 27.98 36.34
N GLU C 726 5.65 29.05 36.68
CA GLU C 726 6.02 30.40 36.25
C GLU C 726 7.50 30.73 36.48
N SER C 727 8.03 30.27 37.62
CA SER C 727 9.41 30.55 38.03
C SER C 727 10.38 29.47 37.56
N LYS C 728 9.87 28.51 36.79
CA LYS C 728 10.67 27.47 36.18
C LYS C 728 9.99 27.01 34.90
N ASP C 729 10.05 27.88 33.88
CA ASP C 729 9.29 27.69 32.63
C ASP C 729 9.84 26.60 31.72
N HIS C 730 9.95 25.39 32.28
CA HIS C 730 10.12 24.16 31.48
C HIS C 730 9.47 22.98 32.17
N GLY C 731 8.99 22.04 31.37
CA GLY C 731 8.31 20.88 31.89
C GLY C 731 6.88 20.81 31.43
N LYS C 732 6.16 19.82 31.97
CA LYS C 732 4.78 19.53 31.58
C LYS C 732 3.83 20.03 32.66
N ASP C 733 2.54 20.13 32.32
CA ASP C 733 1.55 20.67 33.24
C ASP C 733 1.36 19.84 34.48
N TYR C 734 1.23 18.52 34.30
CA TYR C 734 1.04 17.61 35.41
C TYR C 734 1.58 16.22 35.06
N GLN C 735 1.36 15.21 35.90
CA GLN C 735 1.77 13.82 35.57
C GLN C 735 1.18 12.78 36.54
N GLU C 736 0.63 13.28 37.63
CA GLU C 736 0.19 12.46 38.72
C GLU C 736 -0.90 11.51 38.28
N LEU C 737 -0.93 10.33 38.89
CA LEU C 737 -1.81 9.27 38.40
C LEU C 737 -3.29 9.63 38.51
N TYR C 738 -3.62 10.47 39.48
CA TYR C 738 -4.99 10.87 39.76
C TYR C 738 -5.50 11.95 38.83
N MET C 739 -4.64 12.47 37.96
CA MET C 739 -5.02 13.47 36.98
C MET C 739 -5.46 12.81 35.68
N TYR C 740 -5.64 11.49 35.69
CA TYR C 740 -6.09 10.72 34.52
C TYR C 740 -7.44 10.02 34.76
N PRO C 741 -8.55 10.80 34.75
CA PRO C 741 -9.87 10.31 35.15
C PRO C 741 -10.31 9.09 34.36
N ASN C 742 -9.88 9.02 33.11
CA ASN C 742 -10.34 7.94 32.27
C ASN C 742 -9.56 6.67 32.52
N GLU C 743 -8.42 6.81 33.19
CA GLU C 743 -7.50 5.71 33.37
C GLU C 743 -7.19 5.47 34.83
N MET C 744 -7.83 6.24 35.70
CA MET C 744 -7.61 6.14 37.15
C MET C 744 -7.83 4.70 37.69
N ASP C 745 -8.88 4.02 37.23
CA ASP C 745 -9.19 2.66 37.71
C ASP C 745 -8.12 1.61 37.34
N THR C 746 -7.62 1.66 36.10
CA THR C 746 -6.50 0.83 35.66
C THR C 746 -5.20 1.24 36.40
N LEU C 747 -4.95 2.55 36.50
CA LEU C 747 -3.76 3.07 37.18
C LEU C 747 -3.66 2.63 38.64
N ARG C 748 -4.73 2.88 39.40
CA ARG C 748 -4.82 2.47 40.80
C ARG C 748 -4.72 0.96 41.01
N LYS C 749 -5.34 0.17 40.15
CA LYS C 749 -5.35 -1.28 40.37
C LYS C 749 -3.98 -1.95 40.13
N PHE C 750 -3.13 -1.35 39.30
CA PHE C 750 -1.79 -1.89 39.12
C PHE C 750 -0.91 -1.49 40.31
N VAL C 751 -1.13 -0.31 40.89
CA VAL C 751 -0.47 0.03 42.14
C VAL C 751 -0.87 -0.91 43.29
N GLU C 752 -2.16 -1.20 43.40
CA GLU C 752 -2.68 -2.16 44.37
C GLU C 752 -2.00 -3.53 44.27
N PHE C 753 -1.95 -4.04 43.05
CA PHE C 753 -1.26 -5.29 42.69
C PHE C 753 0.22 -5.24 43.10
N ARG C 754 0.96 -4.22 42.71
CA ARG C 754 2.30 -4.11 43.28
C ARG C 754 2.29 -4.27 44.81
N TYR C 755 1.40 -3.53 45.48
CA TYR C 755 1.36 -3.52 46.94
C TYR C 755 1.04 -4.91 47.56
N ARG C 756 0.16 -5.67 46.90
CA ARG C 756 -0.10 -7.05 47.33
C ARG C 756 1.17 -7.91 47.34
N TRP C 757 2.07 -7.66 46.39
CA TRP C 757 3.28 -8.45 46.27
C TRP C 757 4.48 -7.73 46.88
N GLN C 758 4.25 -6.90 47.90
CA GLN C 758 5.34 -6.22 48.57
C GLN C 758 6.40 -7.16 49.12
N GLU C 759 5.98 -8.33 49.61
CA GLU C 759 6.88 -9.29 50.21
C GLU C 759 7.59 -10.12 49.18
N VAL C 760 7.03 -10.22 47.98
CA VAL C 760 7.72 -10.77 46.83
C VAL C 760 8.92 -9.87 46.48
N LEU C 761 8.68 -8.56 46.44
CA LEU C 761 9.77 -7.60 46.18
C LEU C 761 10.76 -7.66 47.32
N TYR C 762 10.29 -7.41 48.54
CA TYR C 762 11.11 -7.45 49.74
C TYR C 762 11.90 -8.77 49.93
N THR C 763 11.23 -9.91 49.75
CA THR C 763 11.90 -11.20 49.87
C THR C 763 13.04 -11.27 48.87
N ALA C 764 12.77 -10.84 47.63
CA ALA C 764 13.78 -10.80 46.58
C ALA C 764 14.98 -9.89 46.93
N MET C 765 14.69 -8.76 47.57
CA MET C 765 15.73 -7.85 47.95
C MET C 765 16.62 -8.56 48.96
N TYR C 766 16.02 -9.26 49.91
CA TYR C 766 16.79 -10.10 50.87
C TYR C 766 17.59 -11.19 50.13
N GLN C 767 16.99 -11.85 49.16
CA GLN C 767 17.73 -12.83 48.37
C GLN C 767 18.90 -12.14 47.72
N ASN C 768 18.71 -10.87 47.39
CA ASN C 768 19.80 -10.11 46.84
C ASN C 768 20.86 -9.81 47.90
N ALA C 769 20.47 -9.21 49.04
CA ALA C 769 21.45 -8.88 50.10
C ALA C 769 22.24 -10.08 50.63
N ALA C 770 21.54 -11.20 50.73
CA ALA C 770 22.10 -12.43 51.29
C ALA C 770 22.85 -13.28 50.28
N PHE C 771 22.49 -13.16 49.01
CA PHE C 771 22.95 -14.15 48.03
C PHE C 771 23.43 -13.53 46.70
N GLY C 772 23.21 -12.23 46.52
CA GLY C 772 23.54 -11.52 45.28
C GLY C 772 22.66 -11.86 44.09
N LYS C 773 21.47 -12.40 44.35
CA LYS C 773 20.57 -12.78 43.27
C LYS C 773 19.90 -11.52 42.68
N PRO C 774 20.13 -11.26 41.38
CA PRO C 774 19.41 -10.13 40.80
C PRO C 774 17.91 -10.31 40.96
N ILE C 775 17.23 -9.20 41.29
CA ILE C 775 15.79 -9.24 41.52
C ILE C 775 15.10 -9.49 40.22
N ILE C 776 15.50 -8.72 39.21
CA ILE C 776 14.90 -8.85 37.88
C ILE C 776 15.75 -9.79 37.01
N LYS C 777 15.14 -10.81 36.43
CA LYS C 777 15.92 -11.76 35.64
C LYS C 777 15.72 -11.59 34.14
N ALA C 778 16.80 -11.24 33.44
CA ALA C 778 16.79 -11.34 31.97
C ALA C 778 16.28 -12.72 31.49
N ALA C 779 15.52 -12.73 30.42
CA ALA C 779 15.04 -14.00 29.87
C ALA C 779 16.18 -15.02 29.60
N SER C 780 17.38 -14.51 29.25
CA SER C 780 18.49 -15.41 28.96
C SER C 780 18.99 -16.16 30.21
N MET C 781 18.50 -15.74 31.39
CA MET C 781 18.80 -16.42 32.65
C MET C 781 18.03 -17.73 32.83
N TYR C 782 16.93 -17.88 32.10
CA TYR C 782 16.13 -19.10 32.19
C TYR C 782 16.77 -20.21 31.35
N ASN C 783 17.32 -21.21 32.03
CA ASN C 783 18.17 -22.20 31.37
C ASN C 783 17.38 -23.16 30.53
N ASN C 784 18.09 -23.79 29.59
CA ASN C 784 17.54 -24.82 28.72
C ASN C 784 16.42 -24.35 27.81
N ASP C 785 16.45 -23.05 27.47
CA ASP C 785 15.49 -22.50 26.52
C ASP C 785 16.19 -21.81 25.36
N SER C 786 15.90 -22.27 24.14
CA SER C 786 16.53 -21.69 22.96
C SER C 786 15.70 -20.60 22.25
N ASN C 787 14.62 -20.15 22.88
CA ASN C 787 13.72 -19.11 22.33
C ASN C 787 13.62 -17.91 23.26
N VAL C 788 14.05 -18.08 24.49
CA VAL C 788 14.00 -16.95 25.41
C VAL C 788 14.81 -15.77 24.91
N ARG C 789 15.82 -16.06 24.10
CA ARG C 789 16.80 -15.03 23.67
C ARG C 789 16.14 -14.04 22.70
N ARG C 790 15.27 -14.57 21.81
CA ARG C 790 14.47 -13.75 20.89
C ARG C 790 13.57 -12.82 21.69
N ALA C 791 13.13 -13.30 22.86
CA ALA C 791 12.18 -12.57 23.71
C ALA C 791 12.89 -11.64 24.72
N GLN C 792 14.19 -11.76 24.86
CA GLN C 792 14.90 -11.09 25.98
C GLN C 792 14.68 -9.57 26.20
N ASN C 793 14.34 -8.84 25.13
CA ASN C 793 14.16 -7.39 25.14
C ASN C 793 13.00 -6.91 26.01
N ASP C 794 11.91 -7.68 26.03
CA ASP C 794 10.75 -7.21 26.76
C ASP C 794 10.03 -8.28 27.60
N HIS C 795 10.76 -9.37 27.88
CA HIS C 795 10.28 -10.44 28.73
C HIS C 795 11.23 -10.57 29.91
N PHE C 796 10.70 -10.56 31.12
CA PHE C 796 11.58 -10.75 32.27
C PHE C 796 10.86 -11.53 33.34
N LEU C 797 11.65 -12.00 34.31
CA LEU C 797 11.12 -12.80 35.42
C LEU C 797 11.64 -12.23 36.73
N LEU C 798 10.96 -12.61 37.81
CA LEU C 798 11.33 -12.26 39.20
C LEU C 798 10.56 -13.21 40.12
N GLY C 799 10.89 -13.13 41.41
CA GLY C 799 10.03 -13.58 42.49
C GLY C 799 9.87 -15.06 42.76
N GLY C 800 9.39 -15.35 43.96
CA GLY C 800 9.20 -16.73 44.39
C GLY C 800 10.45 -17.25 45.09
N HIS C 801 10.42 -18.55 45.34
CA HIS C 801 11.45 -19.23 46.05
C HIS C 801 12.76 -19.27 45.25
N ASP C 802 12.69 -19.35 43.91
CA ASP C 802 13.94 -19.34 43.12
C ASP C 802 14.24 -18.00 42.46
N GLY C 803 13.18 -17.23 42.22
CA GLY C 803 13.31 -15.95 41.52
C GLY C 803 12.91 -16.01 40.06
N TYR C 804 12.19 -17.07 39.67
CA TYR C 804 11.72 -17.24 38.30
C TYR C 804 10.26 -17.60 38.29
N ARG C 805 9.53 -17.08 39.27
CA ARG C 805 8.15 -17.46 39.47
C ARG C 805 7.15 -16.56 38.73
N ILE C 806 7.54 -15.30 38.50
CA ILE C 806 6.68 -14.40 37.74
C ILE C 806 7.31 -14.03 36.40
N LEU C 807 6.57 -14.23 35.31
CA LEU C 807 6.97 -13.75 33.98
C LEU C 807 6.21 -12.46 33.64
N CYS C 808 6.97 -11.48 33.15
CA CYS C 808 6.41 -10.20 32.71
C CYS C 808 6.82 -9.88 31.27
N ALA C 809 5.86 -9.40 30.49
CA ALA C 809 6.09 -9.02 29.10
C ALA C 809 5.25 -7.78 28.79
N PRO C 810 5.61 -6.63 29.40
CA PRO C 810 4.78 -5.41 29.27
C PRO C 810 4.62 -4.98 27.81
N VAL C 811 3.43 -4.49 27.42
CA VAL C 811 3.26 -3.89 26.08
C VAL C 811 4.11 -2.62 26.03
N VAL C 812 5.00 -2.50 25.08
CA VAL C 812 6.00 -1.42 25.13
C VAL C 812 5.75 -0.29 24.13
N TRP C 813 4.58 -0.32 23.49
CA TRP C 813 4.18 0.75 22.58
C TRP C 813 2.81 1.33 22.92
N GLU C 814 2.72 2.67 22.91
CA GLU C 814 1.46 3.41 23.02
C GLU C 814 0.46 2.94 21.95
N ASN C 815 -0.84 3.08 22.22
CA ASN C 815 -1.94 2.72 21.30
C ASN C 815 -1.89 1.27 20.76
N SER C 816 -1.37 0.36 21.58
CA SER C 816 -1.31 -1.04 21.17
C SER C 816 -2.05 -1.91 22.16
N THR C 817 -2.78 -2.88 21.61
CA THR C 817 -3.49 -3.82 22.43
C THR C 817 -3.17 -5.28 22.03
N GLU C 818 -1.86 -5.51 21.82
CA GLU C 818 -1.31 -6.84 21.56
C GLU C 818 0.20 -6.85 21.48
N ARG C 819 0.76 -8.05 21.62
CA ARG C 819 2.19 -8.22 21.50
C ARG C 819 2.47 -9.70 21.36
N GLU C 820 3.53 -10.06 20.66
CA GLU C 820 3.93 -11.47 20.53
C GLU C 820 4.47 -11.97 21.88
N LEU C 821 3.88 -13.07 22.37
CA LEU C 821 4.22 -13.65 23.65
C LEU C 821 4.83 -15.03 23.52
N TYR C 822 6.02 -15.22 24.11
CA TYR C 822 6.62 -16.56 24.27
C TYR C 822 6.71 -16.93 25.75
N LEU C 823 6.26 -18.14 26.08
CA LEU C 823 6.36 -18.65 27.47
C LEU C 823 7.56 -19.61 27.63
N PRO C 824 8.54 -19.29 28.50
CA PRO C 824 9.67 -20.16 28.82
C PRO C 824 9.29 -21.63 28.96
N VAL C 825 9.99 -22.51 28.26
CA VAL C 825 9.60 -23.92 28.08
C VAL C 825 9.81 -24.79 29.35
N LEU C 826 9.13 -25.95 29.35
CA LEU C 826 9.24 -27.00 30.38
C LEU C 826 8.73 -26.61 31.78
N THR C 827 7.74 -25.72 31.78
CA THR C 827 6.92 -25.43 32.95
C THR C 827 5.51 -24.97 32.52
N GLN C 828 4.56 -24.89 33.45
CA GLN C 828 3.27 -24.28 33.14
C GLN C 828 3.18 -22.86 33.68
N TRP C 829 2.34 -22.04 33.04
CA TRP C 829 2.17 -20.61 33.35
C TRP C 829 0.70 -20.22 33.55
N TYR C 830 0.47 -19.27 34.44
CA TYR C 830 -0.90 -18.87 34.79
C TYR C 830 -1.17 -17.39 34.59
N LYS C 831 -2.16 -17.05 33.77
CA LYS C 831 -2.48 -15.65 33.57
C LYS C 831 -2.78 -15.02 34.93
N PHE C 832 -2.02 -13.99 35.26
CA PHE C 832 -2.28 -13.22 36.47
C PHE C 832 -2.34 -11.74 36.15
N GLY C 833 -2.40 -10.91 37.19
CA GLY C 833 -2.49 -9.47 37.06
C GLY C 833 -3.42 -9.00 38.14
N PRO C 834 -3.70 -7.69 38.22
CA PRO C 834 -4.48 -7.06 39.28
C PRO C 834 -5.94 -7.50 39.34
N ASP C 835 -6.41 -8.23 38.34
CA ASP C 835 -7.80 -8.66 38.33
C ASP C 835 -7.98 -10.02 38.95
N PHE C 836 -6.91 -10.80 39.00
CA PHE C 836 -7.02 -12.21 39.36
C PHE C 836 -7.17 -12.52 40.83
N ASP C 837 -7.00 -11.51 41.68
CA ASP C 837 -7.18 -11.68 43.12
C ASP C 837 -8.62 -12.04 43.50
N THR C 838 -9.58 -11.59 42.69
CA THR C 838 -10.98 -11.68 43.04
C THR C 838 -11.77 -12.43 41.96
N LYS C 839 -11.08 -13.30 41.22
CA LYS C 839 -11.71 -14.21 40.26
C LYS C 839 -10.83 -15.47 40.14
N PRO C 840 -11.42 -16.61 39.68
CA PRO C 840 -10.55 -17.76 39.49
C PRO C 840 -9.48 -17.51 38.42
N LEU C 841 -8.35 -18.22 38.57
CA LEU C 841 -7.39 -18.31 37.50
C LEU C 841 -8.04 -19.00 36.30
N GLU C 842 -7.51 -18.74 35.10
CA GLU C 842 -7.92 -19.46 33.88
C GLU C 842 -7.13 -20.77 33.78
N GLY C 843 -7.21 -21.43 32.62
CA GLY C 843 -6.48 -22.69 32.39
C GLY C 843 -4.97 -22.54 32.31
N ALA C 844 -4.27 -23.65 32.55
CA ALA C 844 -2.81 -23.68 32.40
C ALA C 844 -2.44 -23.33 30.96
N MET C 845 -1.43 -22.46 30.85
CA MET C 845 -0.83 -22.15 29.55
C MET C 845 0.54 -22.84 29.50
N ASN C 846 0.70 -23.73 28.51
CA ASN C 846 1.93 -24.51 28.31
C ASN C 846 3.14 -23.65 27.98
N GLY C 847 4.22 -23.86 28.73
CA GLY C 847 5.48 -23.17 28.47
C GLY C 847 6.06 -23.66 27.18
N GLY C 848 6.70 -22.76 26.45
CA GLY C 848 7.31 -23.08 25.16
C GLY C 848 6.48 -22.54 24.02
N ASP C 849 5.33 -21.97 24.40
CA ASP C 849 4.35 -21.49 23.45
C ASP C 849 4.76 -20.14 22.92
N ARG C 850 4.57 -19.93 21.62
CA ARG C 850 4.80 -18.62 21.06
C ARG C 850 3.46 -18.16 20.52
N ILE C 851 2.85 -17.20 21.22
CA ILE C 851 1.61 -16.64 20.75
C ILE C 851 1.85 -15.29 20.10
N TYR C 852 1.54 -15.22 18.81
CA TYR C 852 1.50 -13.99 18.02
C TYR C 852 0.15 -13.35 18.26
N ASN C 853 0.08 -12.03 18.20
CA ASN C 853 -1.16 -11.29 18.46
C ASN C 853 -1.89 -11.76 19.73
N TYR C 854 -1.14 -11.84 20.82
CA TYR C 854 -1.70 -12.16 22.13
C TYR C 854 -2.42 -10.93 22.68
N PRO C 855 -3.72 -11.06 23.03
CA PRO C 855 -4.50 -9.87 23.38
C PRO C 855 -4.07 -9.17 24.69
N VAL C 856 -3.72 -7.89 24.58
CA VAL C 856 -3.54 -7.04 25.76
C VAL C 856 -4.36 -5.74 25.68
N PRO C 857 -5.62 -5.76 26.16
CA PRO C 857 -6.40 -4.54 26.43
C PRO C 857 -5.60 -3.54 27.28
N GLN C 858 -5.93 -2.25 27.18
CA GLN C 858 -5.23 -1.19 27.90
C GLN C 858 -5.24 -1.47 29.41
N SER C 859 -6.30 -2.11 29.88
CA SER C 859 -6.47 -2.44 31.29
C SER C 859 -5.68 -3.70 31.73
N GLU C 860 -4.84 -4.23 30.85
CA GLU C 860 -4.04 -5.43 31.15
C GLU C 860 -2.55 -5.29 30.85
N SER C 861 -1.77 -6.19 31.43
CA SER C 861 -0.34 -6.29 31.19
C SER C 861 -0.06 -7.80 31.31
N PRO C 862 0.70 -8.37 30.36
CA PRO C 862 1.03 -9.79 30.37
C PRO C 862 1.92 -10.12 31.54
N ILE C 863 1.30 -10.61 32.62
CA ILE C 863 1.99 -11.08 33.83
C ILE C 863 1.47 -12.48 34.16
N PHE C 864 2.41 -13.37 34.47
CA PHE C 864 2.12 -14.77 34.64
C PHE C 864 2.81 -15.31 35.88
N VAL C 865 2.12 -16.26 36.51
CA VAL C 865 2.66 -16.92 37.67
C VAL C 865 2.84 -18.40 37.31
N ARG C 866 4.03 -18.90 37.55
CA ARG C 866 4.45 -20.26 37.19
C ARG C 866 3.84 -21.23 38.19
N GLU C 867 3.42 -22.42 37.75
CA GLU C 867 3.01 -23.47 38.71
C GLU C 867 4.12 -23.75 39.75
N GLY C 868 3.75 -24.35 40.87
CA GLY C 868 4.70 -24.71 41.90
C GLY C 868 5.12 -23.52 42.74
N ALA C 869 4.44 -22.39 42.53
CA ALA C 869 4.80 -21.13 43.18
C ALA C 869 3.89 -20.86 44.37
N ILE C 870 4.50 -20.48 45.49
CA ILE C 870 3.79 -20.02 46.68
C ILE C 870 4.29 -18.62 47.01
N LEU C 871 3.39 -17.64 46.93
CA LEU C 871 3.81 -16.24 47.06
C LEU C 871 3.33 -15.58 48.34
N PRO C 872 4.27 -14.99 49.13
CA PRO C 872 3.81 -14.17 50.24
C PRO C 872 3.05 -12.96 49.70
N THR C 873 1.87 -12.70 50.26
CA THR C 873 0.95 -11.72 49.72
C THR C 873 0.36 -10.92 50.87
N ARG C 874 0.21 -9.60 50.69
CA ARG C 874 -0.28 -8.72 51.78
C ARG C 874 -1.59 -8.00 51.48
N TYR C 875 -2.42 -7.87 52.52
CA TYR C 875 -3.67 -7.14 52.42
C TYR C 875 -3.77 -6.20 53.60
N THR C 876 -4.65 -5.22 53.50
CA THR C 876 -4.93 -4.35 54.63
C THR C 876 -6.12 -4.96 55.34
N LEU C 877 -6.16 -4.88 56.67
CA LEU C 877 -7.27 -5.42 57.44
C LEU C 877 -8.57 -4.73 57.11
N ASN C 878 -8.54 -3.39 57.04
CA ASN C 878 -9.76 -2.63 56.84
C ASN C 878 -10.19 -2.47 55.38
N GLY C 879 -9.40 -3.02 54.47
CA GLY C 879 -9.76 -3.05 53.04
C GLY C 879 -9.38 -1.83 52.22
N GLU C 880 -8.92 -0.77 52.88
CA GLU C 880 -8.51 0.48 52.22
C GLU C 880 -7.07 0.37 51.73
N ASN C 881 -6.62 1.32 50.90
CA ASN C 881 -5.23 1.33 50.41
C ASN C 881 -4.35 2.22 51.28
N LYS C 882 -3.26 1.68 51.82
CA LYS C 882 -2.35 2.51 52.64
C LYS C 882 -0.86 2.35 52.31
N SER C 883 -0.05 3.27 52.82
CA SER C 883 1.40 3.23 52.59
C SER C 883 2.02 1.99 53.25
N LEU C 884 2.83 1.27 52.47
CA LEU C 884 3.57 0.14 53.00
C LEU C 884 4.04 0.38 54.44
N ASN C 885 4.58 1.57 54.69
CA ASN C 885 5.19 1.88 55.97
C ASN C 885 4.23 2.03 57.16
N THR C 886 2.91 1.97 56.91
CA THR C 886 1.91 2.01 57.99
C THR C 886 1.23 0.65 58.18
N TYR C 887 1.66 -0.35 57.43
CA TYR C 887 1.29 -1.74 57.73
C TYR C 887 1.83 -2.17 59.09
N THR C 888 1.05 -2.99 59.77
CA THR C 888 1.48 -3.72 60.95
C THR C 888 1.24 -5.20 60.65
N ASP C 889 1.65 -6.08 61.56
CA ASP C 889 1.47 -7.50 61.34
C ASP C 889 0.00 -7.92 61.41
N GLU C 890 -0.86 -6.98 61.82
CA GLU C 890 -2.30 -7.18 61.91
C GLU C 890 -2.95 -7.12 60.54
N ASP C 891 -2.16 -6.62 59.58
CA ASP C 891 -2.51 -6.57 58.15
C ASP C 891 -2.11 -7.88 57.48
N PRO C 892 -3.10 -8.72 57.09
CA PRO C 892 -2.92 -10.12 56.73
C PRO C 892 -1.73 -10.48 55.84
N LEU C 893 -0.94 -11.44 56.30
CA LEU C 893 0.08 -12.10 55.51
C LEU C 893 -0.53 -13.40 54.99
N VAL C 894 -0.52 -13.59 53.67
CA VAL C 894 -1.24 -14.70 53.02
C VAL C 894 -0.34 -15.44 52.06
N PHE C 895 -0.18 -16.74 52.30
CA PHE C 895 0.62 -17.61 51.45
C PHE C 895 -0.28 -18.26 50.39
N GLU C 896 -0.19 -17.69 49.19
CA GLU C 896 -0.98 -18.08 48.05
C GLU C 896 -0.32 -19.23 47.28
N VAL C 897 -0.86 -20.43 47.46
CA VAL C 897 -0.35 -21.62 46.80
C VAL C 897 -1.01 -21.67 45.41
N PHE C 898 -0.20 -21.69 44.36
CA PHE C 898 -0.75 -21.75 43.02
C PHE C 898 -0.87 -23.21 42.59
N PRO C 899 -1.44 -23.48 41.40
CA PRO C 899 -1.48 -24.91 41.04
C PRO C 899 -0.10 -25.51 41.08
N LEU C 900 -0.01 -26.77 41.48
CA LEU C 900 1.27 -27.38 41.82
C LEU C 900 2.04 -27.75 40.55
N GLY C 901 3.38 -27.63 40.64
CA GLY C 901 4.30 -28.13 39.59
C GLY C 901 4.84 -29.51 39.92
N ASN C 902 4.33 -30.55 39.22
CA ASN C 902 4.62 -31.96 39.57
C ASN C 902 4.36 -32.24 41.05
N ASN C 903 3.19 -31.80 41.52
CA ASN C 903 2.68 -32.08 42.87
C ASN C 903 3.50 -31.45 43.95
N ARG C 904 4.20 -30.40 43.55
CA ARG C 904 5.06 -29.69 44.40
C ARG C 904 4.75 -28.22 44.21
N ALA C 905 5.00 -27.46 45.27
CA ALA C 905 5.00 -26.02 45.23
C ALA C 905 5.90 -25.53 46.37
N ASP C 906 6.52 -24.38 46.16
CA ASP C 906 7.54 -23.93 47.08
C ASP C 906 7.38 -22.43 47.30
N GLY C 907 7.72 -21.97 48.50
CA GLY C 907 7.64 -20.54 48.83
C GLY C 907 8.72 -20.07 49.78
N MET C 908 8.84 -18.75 49.90
CA MET C 908 9.87 -18.13 50.74
C MET C 908 9.47 -16.70 51.15
N CYS C 909 9.62 -16.36 52.44
CA CYS C 909 9.32 -15.01 52.93
C CYS C 909 10.34 -14.48 53.95
N TYR C 910 10.93 -13.34 53.65
CA TYR C 910 11.78 -12.65 54.59
C TYR C 910 10.96 -11.67 55.40
N LEU C 911 10.96 -11.80 56.72
CA LEU C 911 10.22 -10.86 57.54
C LEU C 911 11.17 -10.14 58.50
N ASP C 912 10.88 -8.85 58.72
CA ASP C 912 11.55 -8.01 59.73
C ASP C 912 10.63 -6.80 60.03
N ASP C 913 11.09 -5.85 60.82
CA ASP C 913 10.21 -4.75 61.22
C ASP C 913 10.08 -3.64 60.16
N GLY C 914 10.63 -3.88 58.96
CA GLY C 914 10.52 -2.95 57.84
C GLY C 914 11.51 -1.80 57.90
N GLY C 915 12.33 -1.78 58.94
CA GLY C 915 13.37 -0.76 59.04
C GLY C 915 13.02 0.32 60.05
N VAL C 916 12.08 0.00 60.95
CA VAL C 916 11.74 0.83 62.09
C VAL C 916 13.02 0.92 62.91
N THR C 917 13.63 -0.24 63.16
CA THR C 917 14.95 -0.33 63.75
C THR C 917 15.91 -0.95 62.73
N THR C 918 17.19 -0.97 63.02
CA THR C 918 18.15 -1.60 62.13
C THR C 918 18.61 -2.93 62.73
N ASN C 919 17.74 -3.53 63.54
CA ASN C 919 18.08 -4.73 64.25
C ASN C 919 18.22 -5.96 63.35
N ALA C 920 17.58 -5.93 62.19
CA ALA C 920 17.80 -7.01 61.25
C ALA C 920 19.26 -6.98 60.80
N GLU C 921 19.73 -5.84 60.32
CA GLU C 921 21.09 -5.77 59.80
C GLU C 921 22.22 -5.62 60.87
N ASP C 922 21.90 -5.09 62.06
CA ASP C 922 22.95 -4.94 63.08
C ASP C 922 23.05 -6.14 64.02
N ASN C 923 21.97 -6.92 64.12
CA ASN C 923 21.84 -7.90 65.21
C ASN C 923 21.17 -9.21 64.81
N GLY C 924 20.86 -9.34 63.52
CA GLY C 924 20.27 -10.57 63.00
C GLY C 924 18.80 -10.75 63.31
N LYS C 925 18.15 -9.65 63.68
CA LYS C 925 16.76 -9.69 64.09
C LYS C 925 15.78 -9.82 62.90
N PHE C 926 15.83 -10.95 62.20
CA PHE C 926 14.93 -11.19 61.07
C PHE C 926 14.54 -12.65 60.99
N SER C 927 13.62 -12.96 60.07
CA SER C 927 13.08 -14.30 59.94
C SER C 927 12.94 -14.71 58.47
N VAL C 928 13.44 -15.90 58.13
CA VAL C 928 13.31 -16.43 56.80
C VAL C 928 12.38 -17.62 56.88
N VAL C 929 11.18 -17.43 56.38
CA VAL C 929 10.20 -18.51 56.39
C VAL C 929 10.16 -19.12 55.00
N LYS C 930 10.19 -20.45 54.96
CA LYS C 930 9.97 -21.18 53.72
C LYS C 930 8.76 -22.02 53.89
N VAL C 931 8.14 -22.39 52.78
CA VAL C 931 6.89 -23.14 52.79
C VAL C 931 6.95 -24.11 51.61
N ALA C 932 6.10 -25.13 51.61
CA ALA C 932 6.18 -26.20 50.62
C ALA C 932 4.87 -26.95 50.58
N ALA C 933 4.42 -27.32 49.38
CA ALA C 933 3.17 -28.07 49.22
C ALA C 933 3.41 -29.35 48.44
N GLU C 934 2.91 -30.46 48.95
CA GLU C 934 2.94 -31.71 48.21
C GLU C 934 1.58 -32.34 48.13
N GLN C 935 1.15 -32.63 46.91
CA GLN C 935 0.01 -33.51 46.66
C GLN C 935 0.59 -34.90 46.53
N ASP C 936 -0.20 -35.90 46.94
CA ASP C 936 0.20 -37.31 46.98
C ASP C 936 -1.08 -38.05 47.28
N GLY C 937 -1.71 -38.62 46.26
CA GLY C 937 -3.00 -39.26 46.47
C GLY C 937 -4.01 -38.20 46.90
N GLY C 938 -4.82 -38.49 47.91
CA GLY C 938 -5.88 -37.58 48.34
C GLY C 938 -5.49 -36.63 49.47
N THR C 939 -4.20 -36.31 49.55
CA THR C 939 -3.63 -35.65 50.71
C THR C 939 -2.66 -34.56 50.26
N GLU C 940 -2.97 -33.31 50.57
CA GLU C 940 -2.03 -32.21 50.38
C GLU C 940 -1.35 -31.82 51.70
N THR C 941 -0.02 -31.89 51.74
CA THR C 941 0.71 -31.42 52.92
C THR C 941 1.33 -30.08 52.58
N ILE C 942 1.00 -29.07 53.39
CA ILE C 942 1.68 -27.77 53.35
C ILE C 942 2.53 -27.66 54.61
N THR C 943 3.84 -27.54 54.41
CA THR C 943 4.78 -27.50 55.50
C THR C 943 5.48 -26.15 55.57
N PHE C 944 5.54 -25.58 56.78
CA PHE C 944 6.22 -24.30 57.03
C PHE C 944 7.49 -24.52 57.86
N THR C 945 8.60 -23.91 57.45
CA THR C 945 9.86 -24.07 58.19
C THR C 945 10.55 -22.74 58.34
N ASN C 946 11.63 -22.70 59.12
CA ASN C 946 12.39 -21.45 59.21
C ASN C 946 13.89 -21.64 59.15
N ASP C 947 14.58 -20.83 58.36
CA ASP C 947 16.05 -20.87 58.39
C ASP C 947 16.56 -20.13 59.64
N CYS C 948 15.81 -19.13 60.07
CA CYS C 948 15.92 -18.55 61.40
C CYS C 948 14.58 -17.90 61.67
N TYR C 949 14.32 -17.58 62.95
CA TYR C 949 13.07 -16.91 63.27
C TYR C 949 13.28 -15.96 64.42
N GLU C 950 13.84 -14.80 64.09
CA GLU C 950 14.34 -13.87 65.08
C GLU C 950 13.59 -12.55 65.05
N TYR C 951 12.71 -12.41 64.06
CA TYR C 951 11.68 -11.39 64.08
C TYR C 951 10.36 -12.11 64.28
N VAL C 952 9.63 -11.71 65.32
CA VAL C 952 8.33 -12.33 65.61
C VAL C 952 7.17 -11.65 64.90
N PHE C 953 6.51 -12.38 64.01
CA PHE C 953 5.38 -11.82 63.29
C PHE C 953 4.19 -11.80 64.26
N GLY C 954 3.69 -10.59 64.54
CA GLY C 954 2.66 -10.40 65.56
C GLY C 954 1.22 -10.86 65.26
N GLY C 955 0.91 -11.14 64.00
CA GLY C 955 -0.47 -11.39 63.62
C GLY C 955 -0.72 -12.70 62.91
N PRO C 956 -2.00 -13.08 62.74
CA PRO C 956 -2.37 -14.36 62.14
C PRO C 956 -1.91 -14.40 60.69
N PHE C 957 -1.74 -15.60 60.15
CA PHE C 957 -1.40 -15.72 58.74
C PHE C 957 -2.31 -16.72 58.04
N TYR C 958 -2.31 -16.67 56.72
CA TYR C 958 -3.26 -17.43 55.97
C TYR C 958 -2.52 -18.27 54.94
N VAL C 959 -3.20 -19.32 54.49
CA VAL C 959 -2.79 -20.11 53.36
C VAL C 959 -3.97 -20.12 52.40
N ARG C 960 -3.73 -19.67 51.18
CA ARG C 960 -4.76 -19.66 50.17
C ARG C 960 -4.36 -20.67 49.13
N VAL C 961 -5.08 -21.78 49.08
CA VAL C 961 -4.82 -22.81 48.08
C VAL C 961 -5.74 -22.54 46.88
N ARG C 962 -5.16 -22.07 45.78
CA ARG C 962 -5.87 -21.97 44.52
C ARG C 962 -6.32 -23.35 44.05
N GLY C 963 -7.50 -23.43 43.44
CA GLY C 963 -7.97 -24.69 42.84
C GLY C 963 -8.41 -25.77 43.81
N ALA C 964 -8.46 -25.41 45.09
CA ALA C 964 -8.98 -26.30 46.12
C ALA C 964 -10.23 -25.71 46.74
N GLN C 965 -11.19 -26.59 47.04
CA GLN C 965 -12.45 -26.18 47.64
C GLN C 965 -12.66 -26.79 49.01
N SER C 966 -13.85 -27.31 49.31
CA SER C 966 -14.12 -27.85 50.64
C SER C 966 -13.34 -29.13 50.94
N PRO C 967 -12.54 -29.13 52.03
CA PRO C 967 -11.80 -30.32 52.45
C PRO C 967 -12.65 -31.30 53.28
N SER C 968 -12.15 -32.51 53.48
CA SER C 968 -12.79 -33.43 54.39
C SER C 968 -12.36 -33.13 55.80
N ASN C 969 -11.12 -32.67 55.94
CA ASN C 969 -10.49 -32.34 57.22
C ASN C 969 -9.15 -31.68 56.99
N ILE C 970 -8.77 -30.77 57.89
CA ILE C 970 -7.44 -30.17 57.87
C ILE C 970 -6.85 -30.29 59.26
N HIS C 971 -5.68 -30.93 59.33
CA HIS C 971 -4.94 -31.09 60.56
C HIS C 971 -3.70 -30.19 60.51
N VAL C 972 -3.45 -29.47 61.59
CA VAL C 972 -2.28 -28.61 61.69
C VAL C 972 -1.46 -29.05 62.89
N SER C 973 -0.22 -29.43 62.61
CA SER C 973 0.73 -29.81 63.62
C SER C 973 1.76 -28.69 63.77
N SER C 974 2.06 -28.31 65.01
CA SER C 974 3.06 -27.26 65.29
C SER C 974 3.61 -27.32 66.72
N GLY C 975 4.92 -27.18 66.87
CA GLY C 975 5.62 -27.42 68.13
C GLY C 975 4.80 -27.31 69.39
N ALA C 976 4.26 -26.10 69.60
CA ALA C 976 3.27 -25.82 70.64
C ALA C 976 1.83 -25.61 70.07
N GLY C 977 1.18 -26.72 69.69
CA GLY C 977 -0.23 -26.72 69.28
C GLY C 977 -0.63 -27.66 68.14
N SER C 978 -0.83 -28.96 68.44
CA SER C 978 -1.48 -29.89 67.49
C SER C 978 -3.01 -29.80 67.60
N GLN C 979 -3.70 -29.69 66.45
CA GLN C 979 -5.12 -29.31 66.42
C GLN C 979 -5.74 -29.53 65.02
N ASP C 980 -7.04 -29.83 64.97
CA ASP C 980 -7.80 -29.81 63.69
C ASP C 980 -8.45 -28.44 63.45
N MET C 981 -8.61 -28.07 62.18
CA MET C 981 -9.29 -26.83 61.84
C MET C 981 -10.79 -27.08 61.70
N LYS C 982 -11.57 -26.00 61.81
CA LYS C 982 -13.02 -26.08 61.66
C LYS C 982 -13.46 -25.04 60.65
N VAL C 983 -14.58 -25.30 59.97
CA VAL C 983 -15.17 -24.33 59.03
C VAL C 983 -15.50 -23.03 59.75
N SER C 984 -15.09 -21.90 59.15
CA SER C 984 -15.32 -20.60 59.75
C SER C 984 -16.75 -20.18 59.53
N SER C 985 -17.32 -19.56 60.55
CA SER C 985 -18.63 -18.95 60.43
C SER C 985 -18.53 -17.54 59.84
N ALA C 986 -17.44 -17.28 59.10
CA ALA C 986 -17.31 -16.07 58.30
C ALA C 986 -17.60 -16.38 56.84
N THR C 987 -18.21 -15.42 56.15
CA THR C 987 -18.78 -15.64 54.82
C THR C 987 -18.21 -14.72 53.72
N SER C 988 -17.13 -14.03 54.05
CA SER C 988 -16.41 -13.21 53.10
C SER C 988 -14.94 -13.20 53.51
N ARG C 989 -14.05 -12.76 52.62
CA ARG C 989 -12.63 -12.63 52.96
C ARG C 989 -12.39 -11.55 54.01
N ALA C 990 -13.16 -10.48 53.93
CA ALA C 990 -13.09 -9.37 54.87
C ALA C 990 -13.59 -9.83 56.24
N ALA C 991 -14.58 -10.73 56.22
CA ALA C 991 -15.09 -11.33 57.46
C ALA C 991 -14.08 -12.29 58.08
N LEU C 992 -13.40 -13.09 57.23
CA LEU C 992 -12.40 -14.03 57.72
C LEU C 992 -11.25 -13.28 58.40
N PHE C 993 -10.77 -12.23 57.75
CA PHE C 993 -9.71 -11.38 58.28
C PHE C 993 -10.07 -10.81 59.64
N ASN C 994 -11.30 -10.28 59.75
CA ASN C 994 -11.70 -9.48 60.90
C ASN C 994 -12.41 -10.25 62.00
N ASP C 995 -13.28 -11.19 61.61
CA ASP C 995 -14.15 -11.93 62.53
C ASP C 995 -13.84 -13.44 62.66
N GLY C 996 -12.97 -13.95 61.79
CA GLY C 996 -12.58 -15.36 61.82
C GLY C 996 -11.51 -15.62 62.87
N GLU C 997 -11.59 -16.80 63.47
CA GLU C 997 -10.68 -17.20 64.54
C GLU C 997 -9.52 -18.04 64.03
N ASN C 998 -8.36 -17.87 64.66
CA ASN C 998 -7.25 -18.79 64.46
C ASN C 998 -7.76 -20.22 64.56
N GLY C 999 -7.63 -20.96 63.46
CA GLY C 999 -8.13 -22.32 63.38
C GLY C 999 -9.25 -22.49 62.39
N ASP C 1000 -9.71 -21.37 61.82
CA ASP C 1000 -10.85 -21.35 60.91
C ASP C 1000 -10.40 -21.52 59.47
N PHE C 1001 -11.15 -22.28 58.69
CA PHE C 1001 -11.01 -22.22 57.22
C PHE C 1001 -12.25 -21.66 56.51
N TRP C 1002 -12.00 -20.96 55.39
CA TRP C 1002 -13.07 -20.43 54.54
C TRP C 1002 -12.93 -20.90 53.09
N VAL C 1003 -14.00 -21.53 52.61
CA VAL C 1003 -14.11 -21.98 51.23
C VAL C 1003 -14.58 -20.78 50.44
N ASP C 1004 -13.85 -20.47 49.39
CA ASP C 1004 -14.09 -19.29 48.58
C ASP C 1004 -14.40 -19.72 47.14
N GLN C 1005 -15.69 -19.91 46.84
CA GLN C 1005 -16.17 -20.38 45.52
C GLN C 1005 -15.86 -19.36 44.42
N GLU C 1006 -16.06 -18.08 44.75
CA GLU C 1006 -15.88 -16.95 43.86
C GLU C 1006 -14.51 -16.92 43.16
N THR C 1007 -13.44 -17.23 43.89
CA THR C 1007 -12.08 -17.23 43.33
C THR C 1007 -11.52 -18.64 43.32
N ASP C 1008 -12.37 -19.62 43.65
CA ASP C 1008 -11.99 -21.03 43.71
C ASP C 1008 -10.69 -21.25 44.50
N SER C 1009 -10.76 -20.90 45.78
CA SER C 1009 -9.61 -20.93 46.66
C SER C 1009 -10.10 -21.39 48.02
N LEU C 1010 -9.22 -22.07 48.74
CA LEU C 1010 -9.48 -22.42 50.13
C LEU C 1010 -8.53 -21.56 50.96
N TRP C 1011 -9.10 -20.88 51.95
CA TRP C 1011 -8.35 -20.02 52.85
C TRP C 1011 -8.28 -20.67 54.23
N LEU C 1012 -7.10 -20.64 54.82
CA LEU C 1012 -6.85 -21.16 56.14
C LEU C 1012 -6.36 -20.02 57.01
N LYS C 1013 -7.05 -19.78 58.15
CA LYS C 1013 -6.55 -18.82 59.14
C LYS C 1013 -5.80 -19.54 60.26
N LEU C 1014 -4.56 -19.12 60.49
CA LEU C 1014 -3.66 -19.80 61.44
C LEU C 1014 -2.98 -18.79 62.35
N PRO C 1015 -2.66 -19.19 63.61
CA PRO C 1015 -2.05 -18.27 64.57
C PRO C 1015 -0.64 -17.82 64.20
N ASN C 1016 -0.22 -16.68 64.72
CA ASN C 1016 1.14 -16.16 64.49
C ASN C 1016 2.24 -17.11 64.95
N VAL C 1017 1.92 -17.92 65.95
CA VAL C 1017 2.90 -18.84 66.56
C VAL C 1017 3.15 -20.10 65.76
N VAL C 1018 2.23 -20.50 64.89
CA VAL C 1018 2.49 -21.68 64.05
C VAL C 1018 3.31 -21.36 62.78
N LEU C 1019 3.58 -20.08 62.51
CA LEU C 1019 4.26 -19.69 61.27
C LEU C 1019 5.69 -20.24 61.09
N PRO C 1020 6.55 -20.21 62.14
CA PRO C 1020 7.91 -20.76 61.93
C PRO C 1020 8.00 -22.29 61.73
N ASP C 1021 6.95 -23.02 62.08
CA ASP C 1021 6.96 -24.48 61.95
C ASP C 1021 5.55 -25.05 61.94
N ALA C 1022 5.16 -25.69 60.84
CA ALA C 1022 3.85 -26.30 60.78
C ALA C 1022 3.76 -27.37 59.73
N VAL C 1023 2.86 -28.34 59.96
CA VAL C 1023 2.51 -29.35 58.95
C VAL C 1023 0.99 -29.40 58.78
N ILE C 1024 0.53 -28.86 57.65
CA ILE C 1024 -0.89 -28.76 57.35
C ILE C 1024 -1.27 -29.89 56.40
N THR C 1025 -1.96 -30.90 56.91
CA THR C 1025 -2.37 -31.99 56.03
C THR C 1025 -3.86 -31.90 55.67
N ILE C 1026 -4.12 -31.65 54.37
CA ILE C 1026 -5.47 -31.46 53.84
C ILE C 1026 -5.97 -32.78 53.26
N THR C 1027 -7.17 -33.18 53.66
CA THR C 1027 -7.67 -34.49 53.29
C THR C 1027 -9.08 -34.35 52.72
N THR D 3 -36.99 42.71 -17.63
CA THR D 3 -37.03 42.73 -16.13
C THR D 3 -36.08 43.79 -15.53
N ASP D 4 -35.86 44.86 -16.27
CA ASP D 4 -35.06 46.02 -15.79
C ASP D 4 -35.79 46.68 -14.61
N ASN D 5 -35.07 47.52 -13.86
CA ASN D 5 -35.63 48.28 -12.72
C ASN D 5 -36.58 47.46 -11.85
N PRO D 6 -36.07 46.39 -11.21
CA PRO D 6 -36.93 45.43 -10.52
C PRO D 6 -37.68 46.03 -9.33
N ASP D 7 -37.01 46.93 -8.60
CA ASP D 7 -37.57 47.60 -7.42
C ASP D 7 -38.65 48.64 -7.77
N GLY D 8 -38.59 49.17 -8.99
CA GLY D 8 -39.61 50.11 -9.46
C GLY D 8 -39.27 51.55 -9.16
N ILE D 9 -37.97 51.85 -9.08
CA ILE D 9 -37.48 53.20 -8.77
C ILE D 9 -37.94 54.20 -9.83
N ASP D 10 -38.26 55.41 -9.37
CA ASP D 10 -38.43 56.54 -10.26
C ASP D 10 -37.16 57.39 -10.22
N TYR D 11 -36.45 57.42 -11.35
CA TYR D 11 -35.17 58.12 -11.43
C TYR D 11 -35.39 59.61 -11.66
N LYS D 12 -35.20 60.40 -10.60
CA LYS D 12 -35.56 61.81 -10.60
C LYS D 12 -34.37 62.71 -10.93
N THR D 13 -33.16 62.13 -10.90
CA THR D 13 -31.98 62.88 -11.26
C THR D 13 -31.08 62.05 -12.16
N TYR D 14 -30.48 62.70 -13.14
CA TYR D 14 -29.56 62.02 -14.04
C TYR D 14 -28.23 62.76 -14.16
N ASP D 15 -28.28 64.09 -14.20
CA ASP D 15 -27.08 64.89 -14.41
C ASP D 15 -26.25 65.00 -13.17
N TYR D 16 -24.98 65.31 -13.36
CA TYR D 16 -24.11 65.71 -12.28
C TYR D 16 -24.81 66.75 -11.43
N VAL D 17 -25.00 66.43 -10.15
CA VAL D 17 -25.38 67.44 -9.18
C VAL D 17 -24.13 67.83 -8.40
N GLY D 18 -23.63 69.04 -8.64
CA GLY D 18 -22.46 69.55 -7.91
C GLY D 18 -22.72 69.68 -6.41
N VAL D 19 -21.68 69.97 -5.64
CA VAL D 19 -21.84 70.15 -4.20
C VAL D 19 -22.76 71.32 -3.87
N TRP D 20 -22.84 72.28 -4.79
CA TRP D 20 -23.64 73.51 -4.63
C TRP D 20 -25.14 73.26 -4.67
N GLY D 21 -25.54 72.09 -5.18
CA GLY D 21 -26.95 71.71 -5.25
C GLY D 21 -27.30 70.46 -4.45
N PHE D 22 -26.35 70.01 -3.64
CA PHE D 22 -26.65 68.99 -2.66
C PHE D 22 -26.70 69.62 -1.28
N SER D 23 -27.88 69.64 -0.68
CA SER D 23 -28.08 70.36 0.58
C SER D 23 -29.15 69.70 1.44
N PRO D 24 -28.80 68.60 2.13
CA PRO D 24 -29.75 67.92 3.00
C PRO D 24 -30.11 68.76 4.21
N LEU D 25 -29.21 69.65 4.62
CA LEU D 25 -29.45 70.51 5.77
C LEU D 25 -30.56 71.55 5.55
N SER D 26 -31.13 71.57 4.35
CA SER D 26 -32.25 72.45 4.02
C SER D 26 -33.59 71.85 4.45
N ASN D 27 -33.59 70.54 4.62
CA ASN D 27 -34.66 69.82 5.32
C ASN D 27 -35.90 69.49 4.51
N THR D 28 -36.36 70.45 3.73
CA THR D 28 -37.65 70.35 3.03
C THR D 28 -37.65 69.20 2.01
N ASN D 29 -38.60 68.29 2.17
CA ASN D 29 -38.77 67.09 1.33
C ASN D 29 -37.95 65.88 1.76
N TRP D 30 -37.15 66.08 2.80
CA TRP D 30 -36.35 65.00 3.36
C TRP D 30 -37.11 64.28 4.47
N PHE D 31 -37.04 62.95 4.44
CA PHE D 31 -37.46 62.13 5.57
C PHE D 31 -36.27 62.01 6.51
N ALA D 32 -36.57 61.91 7.81
CA ALA D 32 -35.56 61.63 8.81
C ALA D 32 -36.21 60.80 9.89
N ALA D 33 -35.39 60.12 10.69
CA ALA D 33 -35.90 59.26 11.76
C ALA D 33 -36.53 60.11 12.87
N GLY D 34 -37.64 59.62 13.41
CA GLY D 34 -38.38 60.32 14.45
C GLY D 34 -38.73 59.43 15.63
N SER D 35 -38.85 58.13 15.37
CA SER D 35 -39.22 57.15 16.39
C SER D 35 -38.96 55.73 15.86
N SER D 36 -39.04 54.74 16.74
CA SER D 36 -38.87 53.33 16.33
C SER D 36 -39.54 52.34 17.29
N THR D 37 -39.58 51.07 16.86
CA THR D 37 -39.92 49.95 17.74
C THR D 37 -38.89 48.84 17.47
N PRO D 38 -38.53 48.05 18.51
CA PRO D 38 -37.52 47.01 18.32
C PRO D 38 -37.98 45.93 17.33
N GLY D 39 -37.03 45.34 16.62
CA GLY D 39 -37.36 44.35 15.61
C GLY D 39 -36.39 43.19 15.58
N GLY D 40 -36.02 42.71 16.77
CA GLY D 40 -35.20 41.51 16.89
C GLY D 40 -33.72 41.69 16.62
N ILE D 41 -32.91 41.02 17.43
CA ILE D 41 -31.49 40.86 17.17
C ILE D 41 -31.25 39.38 16.85
N THR D 42 -30.73 39.12 15.65
CA THR D 42 -30.23 37.80 15.28
C THR D 42 -28.77 37.93 14.80
N ASP D 43 -27.90 37.04 15.26
CA ASP D 43 -26.44 37.18 15.12
C ASP D 43 -25.95 38.48 15.77
N TRP D 44 -25.19 39.31 15.04
CA TRP D 44 -24.77 40.62 15.54
C TRP D 44 -25.48 41.78 14.86
N THR D 45 -26.68 41.52 14.33
CA THR D 45 -27.44 42.54 13.64
C THR D 45 -28.83 42.76 14.26
N ALA D 46 -29.03 43.94 14.85
CA ALA D 46 -30.33 44.31 15.37
C ALA D 46 -31.11 45.04 14.29
N THR D 47 -32.44 44.87 14.30
CA THR D 47 -33.33 45.63 13.42
C THR D 47 -34.22 46.55 14.25
N MET D 48 -34.25 47.83 13.86
CA MET D 48 -35.16 48.82 14.41
C MET D 48 -36.13 49.27 13.33
N ASN D 49 -37.42 49.21 13.63
CA ASN D 49 -38.45 49.61 12.68
C ASN D 49 -38.70 51.11 12.77
N VAL D 50 -37.92 51.86 12.01
CA VAL D 50 -37.87 53.31 12.16
C VAL D 50 -38.96 54.06 11.39
N ASN D 51 -39.67 54.91 12.12
CA ASN D 51 -40.65 55.82 11.58
C ASN D 51 -39.99 57.07 11.04
N PHE D 52 -40.00 57.21 9.72
CA PHE D 52 -39.42 58.37 9.08
C PHE D 52 -40.45 59.46 8.89
N ASP D 53 -40.08 60.68 9.26
CA ASP D 53 -41.00 61.81 9.21
C ASP D 53 -40.43 62.88 8.31
N ARG D 54 -41.29 63.49 7.51
CA ARG D 54 -40.90 64.64 6.72
C ARG D 54 -40.63 65.82 7.64
N ILE D 55 -39.41 66.35 7.58
CA ILE D 55 -38.97 67.42 8.50
C ILE D 55 -39.82 68.70 8.36
N ASP D 56 -40.27 68.97 7.14
CA ASP D 56 -41.08 70.14 6.82
C ASP D 56 -42.56 69.90 7.11
N ASN D 57 -42.96 68.62 7.14
CA ASN D 57 -44.33 68.21 7.46
C ASN D 57 -44.35 66.84 8.16
N PRO D 58 -44.11 66.82 9.48
CA PRO D 58 -43.97 65.59 10.26
C PRO D 58 -45.20 64.65 10.25
N SER D 59 -46.35 65.14 9.80
CA SER D 59 -47.56 64.31 9.72
C SER D 59 -47.43 63.24 8.61
N ILE D 60 -46.66 63.56 7.57
CA ILE D 60 -46.32 62.60 6.51
C ILE D 60 -45.24 61.63 7.03
N THR D 61 -45.62 60.37 7.17
CA THR D 61 -44.73 59.35 7.74
C THR D 61 -44.66 58.06 6.90
N VAL D 62 -43.44 57.51 6.80
CA VAL D 62 -43.22 56.16 6.26
C VAL D 62 -42.34 55.37 7.23
N GLN D 63 -42.44 54.05 7.20
CA GLN D 63 -41.61 53.19 8.05
C GLN D 63 -40.74 52.24 7.24
N HIS D 64 -39.44 52.23 7.58
CA HIS D 64 -38.49 51.30 6.96
C HIS D 64 -37.61 50.64 8.02
N PRO D 65 -37.35 49.33 7.87
CA PRO D 65 -36.41 48.61 8.71
C PRO D 65 -34.97 49.08 8.52
N VAL D 66 -34.34 49.49 9.62
CA VAL D 66 -32.93 49.88 9.63
C VAL D 66 -32.15 48.82 10.40
N GLN D 67 -31.04 48.34 9.85
CA GLN D 67 -30.24 47.36 10.53
C GLN D 67 -29.01 47.99 11.15
N VAL D 68 -28.78 47.70 12.44
CA VAL D 68 -27.54 48.08 13.12
C VAL D 68 -26.75 46.82 13.41
N GLN D 69 -25.53 46.76 12.89
CA GLN D 69 -24.73 45.54 12.95
C GLN D 69 -23.33 45.81 13.44
N VAL D 70 -22.92 45.11 14.49
CA VAL D 70 -21.53 45.13 14.96
C VAL D 70 -20.68 44.34 13.98
N THR D 71 -19.75 45.03 13.32
CA THR D 71 -18.93 44.37 12.30
C THR D 71 -17.66 43.78 12.91
N SER D 72 -17.16 44.40 13.98
CA SER D 72 -15.96 43.92 14.67
C SER D 72 -15.88 44.41 16.13
N TYR D 73 -15.87 43.44 17.05
CA TYR D 73 -15.80 43.74 18.49
C TYR D 73 -14.38 44.10 18.89
N ASN D 74 -13.41 43.30 18.46
CA ASN D 74 -11.99 43.55 18.75
C ASN D 74 -11.49 44.83 18.09
N ASN D 75 -12.09 45.18 16.96
CA ASN D 75 -11.65 46.34 16.17
C ASN D 75 -12.60 47.53 16.23
N ASN D 76 -13.54 47.50 17.18
CA ASN D 76 -14.44 48.60 17.47
C ASN D 76 -15.08 49.23 16.23
N SER D 77 -16.00 48.49 15.61
CA SER D 77 -16.65 48.99 14.39
C SER D 77 -18.03 48.39 14.19
N TYR D 78 -18.99 49.23 13.82
CA TYR D 78 -20.34 48.76 13.52
C TYR D 78 -20.82 49.31 12.19
N ARG D 79 -22.05 48.96 11.85
CA ARG D 79 -22.61 49.29 10.56
C ARG D 79 -24.07 49.71 10.75
N VAL D 80 -24.50 50.71 10.00
CA VAL D 80 -25.91 51.08 9.97
C VAL D 80 -26.35 51.11 8.52
N ARG D 81 -27.45 50.44 8.24
CA ARG D 81 -27.85 50.19 6.87
C ARG D 81 -29.36 50.00 6.77
N PHE D 82 -29.95 50.63 5.75
CA PHE D 82 -31.36 50.43 5.43
C PHE D 82 -31.64 50.79 3.98
N ASN D 83 -32.78 50.38 3.45
CA ASN D 83 -33.15 50.69 2.07
C ASN D 83 -34.51 51.39 2.00
N PRO D 84 -34.50 52.67 1.58
CA PRO D 84 -35.74 53.44 1.42
C PRO D 84 -36.59 52.98 0.25
N ASP D 85 -36.06 52.09 -0.57
CA ASP D 85 -36.67 51.78 -1.87
C ASP D 85 -37.20 50.36 -2.01
N GLY D 86 -36.78 49.49 -1.09
CA GLY D 86 -37.20 48.10 -1.09
C GLY D 86 -36.51 47.31 0.00
N PRO D 87 -36.54 45.96 -0.11
CA PRO D 87 -35.93 45.09 0.89
C PRO D 87 -34.42 45.28 0.89
N ILE D 88 -33.81 45.23 2.07
CA ILE D 88 -32.36 45.34 2.21
C ILE D 88 -31.69 44.15 1.52
N ARG D 89 -30.72 44.44 0.66
CA ARG D 89 -29.91 43.42 -0.02
C ARG D 89 -28.42 43.58 0.27
N ASP D 90 -27.72 42.45 0.36
CA ASP D 90 -26.28 42.40 0.43
C ASP D 90 -25.74 42.56 -0.99
N VAL D 91 -24.71 43.38 -1.14
CA VAL D 91 -24.03 43.50 -2.44
C VAL D 91 -23.28 42.22 -2.76
N THR D 92 -23.23 41.89 -4.05
CA THR D 92 -22.53 40.68 -4.48
C THR D 92 -21.18 41.01 -5.10
N ARG D 93 -20.94 42.31 -5.32
CA ARG D 93 -19.62 42.81 -5.69
C ARG D 93 -19.42 44.17 -5.05
N GLY D 94 -18.24 44.37 -4.49
CA GLY D 94 -17.89 45.61 -3.80
C GLY D 94 -16.96 45.30 -2.65
N PRO D 95 -16.37 46.35 -2.03
CA PRO D 95 -15.42 46.28 -0.91
C PRO D 95 -15.90 45.50 0.32
N ILE D 96 -17.10 45.80 0.83
CA ILE D 96 -17.61 45.07 1.98
C ILE D 96 -18.57 43.97 1.54
N LEU D 97 -18.13 42.72 1.68
CA LEU D 97 -18.91 41.55 1.30
C LEU D 97 -19.39 40.78 2.53
N LYS D 98 -20.61 40.24 2.45
CA LYS D 98 -21.19 39.46 3.55
C LYS D 98 -20.32 38.29 3.99
N GLN D 99 -19.65 37.64 3.03
CA GLN D 99 -18.81 36.47 3.32
C GLN D 99 -17.68 36.82 4.28
N GLN D 100 -17.05 37.98 4.09
CA GLN D 100 -15.98 38.46 4.97
C GLN D 100 -16.48 38.82 6.39
N LEU D 101 -17.60 39.54 6.47
CA LEU D 101 -18.18 39.92 7.75
C LEU D 101 -18.64 38.72 8.57
N ASP D 102 -19.12 37.67 7.89
CA ASP D 102 -19.43 36.41 8.55
C ASP D 102 -18.17 35.81 9.17
N TRP D 103 -17.08 35.83 8.41
CA TRP D 103 -15.82 35.24 8.83
C TRP D 103 -15.31 35.90 10.10
N ILE D 104 -15.30 37.24 10.12
CA ILE D 104 -14.80 38.03 11.27
C ILE D 104 -15.61 37.76 12.52
N ARG D 105 -16.93 37.70 12.35
CA ARG D 105 -17.83 37.45 13.46
C ARG D 105 -17.60 36.05 14.03
N THR D 106 -17.46 35.06 13.15
CA THR D 106 -17.17 33.69 13.55
C THR D 106 -15.83 33.61 14.31
N GLN D 107 -14.83 34.35 13.84
CA GLN D 107 -13.54 34.42 14.53
C GLN D 107 -13.68 34.99 15.93
N GLU D 108 -14.40 36.11 16.03
CA GLU D 108 -14.57 36.81 17.30
C GLU D 108 -15.53 36.10 18.24
N LEU D 109 -16.54 35.42 17.68
CA LEU D 109 -17.43 34.56 18.46
C LEU D 109 -16.65 33.42 19.13
N SER D 110 -15.68 32.86 18.41
CA SER D 110 -14.85 31.78 18.97
C SER D 110 -13.87 32.26 20.06
N GLU D 111 -13.58 33.56 20.09
CA GLU D 111 -12.72 34.15 21.12
C GLU D 111 -13.53 34.61 22.34
N GLY D 112 -14.85 34.42 22.29
CA GLY D 112 -15.74 34.83 23.37
C GLY D 112 -16.15 36.30 23.35
N CYS D 113 -15.94 36.97 22.21
CA CYS D 113 -16.33 38.37 22.05
C CYS D 113 -17.84 38.50 22.12
N ASP D 114 -18.32 39.25 23.12
CA ASP D 114 -19.75 39.47 23.31
C ASP D 114 -20.07 40.97 23.36
N PRO D 115 -20.57 41.51 22.23
CA PRO D 115 -20.96 42.91 22.10
C PRO D 115 -22.13 43.24 23.03
N GLY D 116 -22.99 42.25 23.26
CA GLY D 116 -24.08 42.36 24.22
C GLY D 116 -25.23 43.19 23.72
N MET D 117 -25.58 43.02 22.44
CA MET D 117 -26.70 43.73 21.84
C MET D 117 -27.98 43.44 22.61
N THR D 118 -28.66 44.51 23.00
CA THR D 118 -29.87 44.41 23.78
C THR D 118 -30.74 45.63 23.54
N PHE D 119 -32.05 45.40 23.51
CA PHE D 119 -33.04 46.48 23.52
C PHE D 119 -33.52 46.76 24.95
N THR D 120 -33.25 47.97 25.46
CA THR D 120 -33.72 48.40 26.79
C THR D 120 -35.23 48.61 26.83
N SER D 121 -35.77 48.74 28.04
CA SER D 121 -37.21 48.79 28.25
C SER D 121 -37.90 49.95 27.53
N GLU D 122 -37.16 51.01 27.20
CA GLU D 122 -37.70 52.12 26.41
C GLU D 122 -37.63 51.87 24.90
N GLY D 123 -36.86 50.86 24.49
CA GLY D 123 -36.70 50.52 23.08
C GLY D 123 -35.42 51.08 22.48
N PHE D 124 -34.52 51.54 23.35
CA PHE D 124 -33.20 51.99 22.93
C PHE D 124 -32.34 50.77 22.63
N LEU D 125 -31.51 50.86 21.60
CA LEU D 125 -30.54 49.80 21.32
C LEU D 125 -29.17 50.12 21.94
N THR D 126 -28.65 49.20 22.74
CA THR D 126 -27.29 49.30 23.27
C THR D 126 -26.43 48.08 22.95
N PHE D 127 -25.16 48.37 22.68
CA PHE D 127 -24.13 47.34 22.50
C PHE D 127 -22.77 47.89 22.90
N GLU D 128 -21.78 47.02 22.97
CA GLU D 128 -20.43 47.40 23.32
C GLU D 128 -19.44 46.81 22.34
N THR D 129 -18.25 47.39 22.26
CA THR D 129 -17.15 46.71 21.59
C THR D 129 -16.02 46.58 22.61
N LYS D 130 -14.87 46.05 22.18
CA LYS D 130 -13.70 45.97 23.04
C LYS D 130 -13.51 47.23 23.88
N ASP D 131 -13.65 48.39 23.25
CA ASP D 131 -13.30 49.67 23.87
C ASP D 131 -14.44 50.70 23.87
N LEU D 132 -15.57 50.36 23.26
CA LEU D 132 -16.68 51.30 23.10
C LEU D 132 -18.02 50.81 23.67
N SER D 133 -18.88 51.77 24.03
CA SER D 133 -20.29 51.50 24.27
C SER D 133 -21.13 52.51 23.50
N VAL D 134 -22.18 52.00 22.86
CA VAL D 134 -23.01 52.79 21.96
C VAL D 134 -24.45 52.74 22.46
N ILE D 135 -25.14 53.87 22.30
CA ILE D 135 -26.55 53.95 22.65
C ILE D 135 -27.32 54.57 21.48
N ILE D 136 -28.34 53.86 21.00
CA ILE D 136 -29.21 54.38 19.93
C ILE D 136 -30.62 54.54 20.48
N TYR D 137 -31.09 55.79 20.53
CA TYR D 137 -32.38 56.12 21.13
C TYR D 137 -33.56 55.90 20.19
N GLY D 138 -34.74 56.33 20.63
CA GLY D 138 -35.99 56.15 19.87
C GLY D 138 -35.91 56.57 18.42
N ASN D 139 -35.43 57.79 18.18
CA ASN D 139 -35.34 58.40 16.85
C ASN D 139 -33.99 58.16 16.16
N PHE D 140 -33.23 57.19 16.67
CA PHE D 140 -31.91 56.83 16.14
C PHE D 140 -30.79 57.77 16.56
N LYS D 141 -31.05 58.68 17.49
CA LYS D 141 -29.97 59.50 18.04
C LYS D 141 -28.94 58.53 18.59
N THR D 142 -27.70 58.69 18.15
CA THR D 142 -26.62 57.77 18.48
C THR D 142 -25.52 58.50 19.24
N ARG D 143 -25.07 57.88 20.32
CA ARG D 143 -23.89 58.34 21.05
C ARG D 143 -22.92 57.19 21.18
N VAL D 144 -21.66 57.47 20.89
CA VAL D 144 -20.59 56.50 20.98
C VAL D 144 -19.61 57.00 22.03
N THR D 145 -19.42 56.18 23.07
CA THR D 145 -18.57 56.54 24.21
C THR D 145 -17.39 55.58 24.32
N ARG D 146 -16.19 56.14 24.42
CA ARG D 146 -15.01 55.34 24.74
C ARG D 146 -15.05 55.00 26.24
N LYS D 147 -14.86 53.73 26.56
CA LYS D 147 -15.00 53.24 27.93
C LYS D 147 -13.97 53.80 28.91
N SER D 148 -12.72 53.91 28.49
CA SER D 148 -11.62 54.23 29.39
C SER D 148 -11.77 55.59 30.11
N ASP D 149 -12.10 56.65 29.37
CA ASP D 149 -12.27 57.98 29.98
C ASP D 149 -13.71 58.48 30.00
N GLY D 150 -14.61 57.76 29.34
CA GLY D 150 -16.01 58.16 29.25
C GLY D 150 -16.26 59.33 28.31
N LYS D 151 -15.34 59.55 27.36
CA LYS D 151 -15.50 60.61 26.37
C LYS D 151 -16.42 60.15 25.23
N VAL D 152 -17.46 60.94 24.96
CA VAL D 152 -18.32 60.76 23.79
C VAL D 152 -17.49 61.13 22.57
N ILE D 153 -17.09 60.14 21.79
CA ILE D 153 -16.21 60.40 20.66
C ILE D 153 -17.01 60.76 19.39
N MET D 154 -18.25 60.27 19.30
CA MET D 154 -19.12 60.56 18.17
C MET D 154 -20.61 60.59 18.55
N GLU D 155 -21.30 61.64 18.09
CA GLU D 155 -22.77 61.65 18.11
C GLU D 155 -23.36 62.23 16.82
N ASN D 156 -24.50 61.68 16.41
CA ASN D 156 -25.17 62.19 15.22
C ASN D 156 -26.06 63.38 15.55
N ASP D 157 -26.59 64.03 14.51
CA ASP D 157 -27.27 65.32 14.63
C ASP D 157 -28.80 65.22 14.70
N GLU D 158 -29.41 66.13 15.46
CA GLU D 158 -30.86 66.25 15.50
C GLU D 158 -31.36 67.63 15.09
N VAL D 159 -32.42 67.68 14.29
CA VAL D 159 -33.14 68.92 14.00
C VAL D 159 -34.49 68.93 14.73
N GLY D 160 -34.85 70.07 15.30
CA GLY D 160 -36.13 70.19 15.99
C GLY D 160 -37.27 70.46 15.05
N THR D 161 -38.49 70.35 15.56
CA THR D 161 -39.70 70.74 14.83
C THR D 161 -40.66 71.55 15.72
N ALA D 162 -41.49 72.36 15.06
CA ALA D 162 -42.41 73.29 15.73
C ALA D 162 -43.19 72.64 16.87
N SER D 163 -43.66 71.42 16.63
CA SER D 163 -44.56 70.77 17.56
C SER D 163 -44.36 69.24 17.63
N SER D 164 -43.71 68.66 16.63
CA SER D 164 -43.73 67.21 16.46
C SER D 164 -42.43 66.46 16.83
N GLY D 165 -41.64 67.10 17.69
CA GLY D 165 -40.49 66.45 18.33
C GLY D 165 -39.20 66.46 17.53
N ASN D 166 -38.13 65.95 18.14
CA ASN D 166 -36.82 65.90 17.51
C ASN D 166 -36.73 64.85 16.40
N LYS D 167 -36.05 65.21 15.32
CA LYS D 167 -35.82 64.29 14.21
C LYS D 167 -34.32 64.09 13.97
N CYS D 168 -33.91 62.83 13.86
CA CYS D 168 -32.49 62.52 13.68
C CYS D 168 -32.03 62.54 12.21
N ARG D 169 -31.07 63.42 11.90
CA ARG D 169 -30.56 63.52 10.54
C ARG D 169 -29.41 62.54 10.29
N GLY D 170 -29.33 61.50 11.13
CA GLY D 170 -28.39 60.41 10.94
C GLY D 170 -28.93 59.40 9.95
N LEU D 171 -30.23 59.50 9.68
CA LEU D 171 -30.90 58.65 8.68
C LEU D 171 -31.86 59.51 7.84
N MET D 172 -31.42 59.93 6.65
CA MET D 172 -32.20 60.80 5.78
C MET D 172 -32.35 60.21 4.39
N PHE D 173 -33.52 60.37 3.80
CA PHE D 173 -33.66 60.21 2.35
C PHE D 173 -34.67 61.23 1.82
N VAL D 174 -34.56 61.58 0.54
CA VAL D 174 -35.54 62.47 -0.08
C VAL D 174 -36.81 61.67 -0.29
N ASP D 175 -37.97 62.22 0.09
CA ASP D 175 -39.24 61.60 -0.24
C ASP D 175 -39.15 61.14 -1.68
N ARG D 176 -39.54 59.91 -1.94
CA ARG D 176 -39.45 59.34 -3.29
C ARG D 176 -40.50 59.86 -4.27
N LEU D 177 -41.13 60.98 -3.94
CA LEU D 177 -42.00 61.69 -4.86
C LEU D 177 -41.22 62.82 -5.52
N TYR D 178 -40.17 63.28 -4.83
CA TYR D 178 -39.33 64.39 -5.28
C TYR D 178 -37.94 63.98 -5.72
N GLY D 179 -37.39 62.94 -5.12
CA GLY D 179 -36.03 62.51 -5.42
C GLY D 179 -35.64 61.17 -4.84
N ASN D 180 -34.34 60.89 -4.89
CA ASN D 180 -33.83 59.61 -4.44
C ASN D 180 -32.63 59.74 -3.50
N ALA D 181 -32.13 60.95 -3.30
CA ALA D 181 -30.90 61.15 -2.52
C ALA D 181 -30.99 60.68 -1.07
N ILE D 182 -29.88 60.15 -0.55
CA ILE D 182 -29.75 59.84 0.88
C ILE D 182 -28.70 60.71 1.56
N ALA D 183 -28.73 60.78 2.88
CA ALA D 183 -27.81 61.62 3.65
C ALA D 183 -27.74 61.22 5.11
N SER D 184 -26.63 61.55 5.74
CA SER D 184 -26.43 61.26 7.16
C SER D 184 -25.60 62.36 7.76
N VAL D 185 -26.03 62.84 8.94
CA VAL D 185 -25.44 64.04 9.56
C VAL D 185 -24.96 63.78 10.99
N ASN D 186 -23.70 64.10 11.26
CA ASN D 186 -23.11 64.05 12.59
C ASN D 186 -22.84 65.45 13.13
N LYS D 187 -22.75 65.57 14.46
CA LYS D 187 -22.21 66.78 15.05
C LYS D 187 -20.74 66.84 14.66
N ASN D 188 -20.32 68.01 14.19
CA ASN D 188 -18.94 68.23 13.78
C ASN D 188 -18.29 69.18 14.78
N PHE D 189 -17.27 68.68 15.47
CA PHE D 189 -16.57 69.44 16.53
C PHE D 189 -15.29 70.12 16.02
N ARG D 190 -15.28 70.58 14.77
CA ARG D 190 -14.09 71.23 14.23
C ARG D 190 -13.74 72.49 15.01
N ASN D 191 -14.75 73.28 15.38
CA ASN D 191 -14.52 74.56 16.03
C ASN D 191 -14.33 74.45 17.53
N ASP D 192 -14.60 73.28 18.09
CA ASP D 192 -14.42 73.05 19.53
C ASP D 192 -12.95 73.31 19.91
N ALA D 193 -12.72 74.23 20.86
CA ALA D 193 -11.36 74.66 21.22
C ALA D 193 -10.48 73.54 21.76
N VAL D 194 -11.11 72.55 22.40
CA VAL D 194 -10.41 71.42 23.01
C VAL D 194 -10.18 70.28 22.01
N LYS D 195 -11.26 69.85 21.35
CA LYS D 195 -11.19 68.77 20.37
C LYS D 195 -10.42 69.18 19.11
N GLN D 196 -10.71 70.38 18.60
CA GLN D 196 -10.18 70.86 17.31
C GLN D 196 -10.21 69.76 16.24
N GLU D 197 -11.38 69.21 15.97
CA GLU D 197 -11.47 68.11 14.99
C GLU D 197 -10.89 68.44 13.63
N GLY D 198 -10.35 67.42 12.99
CA GLY D 198 -9.93 67.47 11.59
C GLY D 198 -10.50 66.26 10.90
N PHE D 199 -10.70 66.38 9.58
CA PHE D 199 -11.25 65.31 8.77
C PHE D 199 -10.27 64.94 7.64
N TYR D 200 -9.92 63.66 7.54
CA TYR D 200 -8.85 63.22 6.66
C TYR D 200 -9.31 62.13 5.68
N GLY D 201 -8.69 62.10 4.51
CA GLY D 201 -8.91 61.02 3.54
C GLY D 201 -9.46 61.49 2.21
N ALA D 202 -10.70 61.07 1.93
CA ALA D 202 -11.43 61.37 0.69
C ALA D 202 -10.60 61.18 -0.59
N GLY D 203 -9.82 60.09 -0.59
CA GLY D 203 -9.03 59.66 -1.75
C GLY D 203 -8.22 60.76 -2.42
N GLU D 204 -8.69 61.19 -3.59
CA GLU D 204 -7.88 61.99 -4.49
C GLU D 204 -8.15 63.48 -4.48
N VAL D 205 -9.16 63.90 -3.72
CA VAL D 205 -9.54 65.31 -3.68
C VAL D 205 -8.35 66.23 -3.39
N ASN D 206 -8.22 67.29 -4.19
CA ASN D 206 -7.23 68.32 -3.96
C ASN D 206 -7.88 69.50 -3.31
N CYS D 207 -7.25 70.06 -2.29
CA CYS D 207 -7.77 71.25 -1.64
C CYS D 207 -6.64 72.20 -1.42
N LYS D 208 -6.88 73.46 -1.80
CA LYS D 208 -5.91 74.52 -1.74
C LYS D 208 -6.22 75.42 -0.56
N TYR D 209 -5.18 75.88 0.13
CA TYR D 209 -5.30 76.90 1.15
C TYR D 209 -4.29 77.99 0.80
N GLN D 210 -4.80 79.22 0.67
CA GLN D 210 -4.05 80.32 0.02
C GLN D 210 -3.22 79.86 -1.19
N ASP D 211 -1.90 79.70 -1.02
CA ASP D 211 -0.98 79.43 -2.14
C ASP D 211 -0.55 77.97 -2.32
N THR D 212 -0.74 77.16 -1.29
CA THR D 212 -0.34 75.76 -1.26
C THR D 212 -1.56 74.85 -1.33
N TYR D 213 -1.36 73.65 -1.83
CA TYR D 213 -2.33 72.57 -1.68
C TYR D 213 -2.02 71.78 -0.41
N ILE D 214 -3.06 71.46 0.35
CA ILE D 214 -2.92 70.88 1.69
C ILE D 214 -3.43 69.43 1.82
N LEU D 215 -3.10 68.81 2.96
CA LEU D 215 -3.48 67.43 3.25
C LEU D 215 -4.89 67.25 3.81
N GLU D 216 -5.21 67.99 4.88
CA GLU D 216 -6.47 67.89 5.64
C GLU D 216 -7.71 68.26 4.81
N ARG D 217 -8.86 67.74 5.21
CA ARG D 217 -10.10 67.95 4.47
C ARG D 217 -11.21 68.38 5.42
N THR D 218 -10.96 69.47 6.14
CA THR D 218 -11.87 70.01 7.14
C THR D 218 -12.57 71.28 6.64
N GLY D 219 -13.89 71.32 6.83
CA GLY D 219 -14.68 72.50 6.49
C GLY D 219 -14.90 72.69 5.00
N ILE D 220 -15.11 71.59 4.28
CA ILE D 220 -15.21 71.63 2.82
C ILE D 220 -16.25 70.67 2.18
N ALA D 221 -16.83 71.13 1.06
CA ALA D 221 -17.84 70.36 0.32
C ALA D 221 -17.21 69.50 -0.79
N MET D 222 -17.15 68.19 -0.57
CA MET D 222 -16.54 67.28 -1.53
C MET D 222 -17.56 66.33 -2.15
N THR D 223 -17.21 65.74 -3.29
CA THR D 223 -18.10 64.82 -4.01
C THR D 223 -17.34 63.70 -4.73
N ASN D 224 -17.92 62.50 -4.75
CA ASN D 224 -17.35 61.38 -5.52
C ASN D 224 -18.16 61.17 -6.77
N TYR D 225 -17.52 61.42 -7.90
CA TYR D 225 -18.16 61.41 -9.21
C TYR D 225 -17.04 61.25 -10.23
N ASN D 226 -16.45 60.06 -10.24
CA ASN D 226 -15.33 59.73 -11.11
C ASN D 226 -15.41 60.36 -12.50
N TYR D 227 -14.39 61.14 -12.83
CA TYR D 227 -14.40 62.00 -14.02
C TYR D 227 -13.07 61.98 -14.80
N ASP D 228 -13.17 62.21 -16.10
CA ASP D 228 -12.02 62.41 -16.96
C ASP D 228 -11.40 63.75 -16.62
N ASN D 229 -10.91 63.87 -15.40
CA ASN D 229 -10.65 65.18 -14.87
C ASN D 229 -9.23 65.64 -15.12
N LEU D 230 -8.87 65.79 -16.40
CA LEU D 230 -7.52 66.20 -16.79
C LEU D 230 -7.10 67.49 -16.10
N ASN D 231 -5.87 67.51 -15.61
CA ASN D 231 -5.35 68.64 -14.82
C ASN D 231 -6.12 68.87 -13.52
N TYR D 232 -7.04 67.98 -13.20
CA TYR D 232 -7.83 68.07 -11.95
C TYR D 232 -8.81 69.25 -11.91
N ASN D 233 -8.91 70.03 -12.98
CA ASN D 233 -9.74 71.22 -13.00
C ASN D 233 -10.54 71.39 -14.29
N GLN D 234 -11.19 70.32 -14.73
CA GLN D 234 -11.93 70.34 -15.98
C GLN D 234 -13.08 71.33 -15.98
N TRP D 235 -13.08 72.20 -16.98
CA TRP D 235 -14.02 73.33 -17.07
C TRP D 235 -15.52 73.01 -16.88
N ASP D 236 -15.97 71.86 -17.36
CA ASP D 236 -17.38 71.45 -17.22
C ASP D 236 -17.77 71.03 -15.79
N LEU D 237 -16.82 71.16 -14.85
CA LEU D 237 -17.04 70.85 -13.44
C LEU D 237 -16.99 72.12 -12.57
N ARG D 238 -16.96 73.28 -13.23
CA ARG D 238 -16.89 74.56 -12.51
C ARG D 238 -18.17 74.89 -11.74
N PRO D 239 -18.04 75.73 -10.70
CA PRO D 239 -19.21 76.25 -9.99
C PRO D 239 -20.00 77.22 -10.88
N PRO D 240 -21.34 77.30 -10.68
CA PRO D 240 -22.15 78.24 -11.45
C PRO D 240 -21.55 79.65 -11.52
N HIS D 241 -21.52 80.18 -12.75
CA HIS D 241 -21.02 81.51 -13.07
C HIS D 241 -19.61 81.78 -12.57
N HIS D 242 -18.81 80.72 -12.49
CA HIS D 242 -17.38 80.88 -12.25
C HIS D 242 -16.76 81.65 -13.41
N ASP D 243 -15.94 82.62 -13.06
CA ASP D 243 -15.26 83.37 -14.08
C ASP D 243 -13.75 83.28 -13.84
N GLY D 244 -12.99 83.39 -14.91
CA GLY D 244 -11.55 83.21 -14.83
C GLY D 244 -11.20 81.74 -14.72
N ALA D 245 -9.92 81.46 -14.53
CA ALA D 245 -9.45 80.09 -14.42
C ALA D 245 -10.14 79.34 -13.29
N LEU D 246 -10.25 78.03 -13.47
CA LEU D 246 -10.71 77.15 -12.42
C LEU D 246 -9.51 76.39 -11.89
N ASN D 247 -9.16 76.66 -10.64
CA ASN D 247 -8.05 75.98 -10.00
C ASN D 247 -8.51 74.64 -9.42
N PRO D 248 -7.64 73.61 -9.49
CA PRO D 248 -7.97 72.35 -8.83
C PRO D 248 -8.25 72.60 -7.37
N ASP D 249 -9.37 72.06 -6.90
CA ASP D 249 -9.84 72.34 -5.54
C ASP D 249 -10.92 71.39 -5.05
N TYR D 250 -11.33 71.62 -3.81
CA TYR D 250 -12.09 70.65 -3.02
C TYR D 250 -13.45 70.24 -3.58
N TYR D 251 -14.05 71.10 -4.39
CA TYR D 251 -15.39 70.90 -4.89
C TYR D 251 -15.43 70.22 -6.25
N ILE D 252 -14.26 69.78 -6.71
CA ILE D 252 -14.14 69.11 -8.01
C ILE D 252 -13.90 67.62 -7.80
N PRO D 253 -14.68 66.76 -8.49
CA PRO D 253 -14.51 65.33 -8.36
C PRO D 253 -13.20 64.89 -8.98
N MET D 254 -12.68 63.76 -8.49
CA MET D 254 -11.48 63.19 -9.05
C MET D 254 -11.76 61.85 -9.74
N TYR D 255 -10.74 61.01 -9.84
CA TYR D 255 -10.79 59.78 -10.63
C TYR D 255 -11.18 58.54 -9.83
N TYR D 256 -11.25 58.68 -8.51
CA TYR D 256 -11.43 57.56 -7.59
C TYR D 256 -12.58 57.89 -6.63
N ALA D 257 -13.45 56.92 -6.39
CA ALA D 257 -14.56 57.09 -5.46
C ALA D 257 -14.15 56.64 -4.06
N ALA D 258 -14.01 57.64 -3.19
CA ALA D 258 -13.64 57.42 -1.79
C ALA D 258 -14.59 58.18 -0.87
N PRO D 259 -15.79 57.61 -0.61
CA PRO D 259 -16.64 58.21 0.40
C PRO D 259 -16.18 57.76 1.77
N TRP D 260 -15.06 58.34 2.22
CA TRP D 260 -14.36 57.89 3.41
C TRP D 260 -13.56 59.01 4.06
N LEU D 261 -13.93 59.33 5.30
CA LEU D 261 -13.19 60.28 6.10
C LEU D 261 -12.71 59.59 7.36
N ILE D 262 -11.55 60.03 7.85
CA ILE D 262 -11.10 59.66 9.18
C ILE D 262 -11.10 60.91 10.05
N VAL D 263 -11.97 60.93 11.05
CA VAL D 263 -12.03 62.04 11.97
C VAL D 263 -10.95 61.85 13.02
N ASN D 264 -10.24 62.93 13.32
CA ASN D 264 -9.21 62.94 14.37
C ASN D 264 -9.52 64.11 15.27
N GLY D 265 -9.37 63.92 16.58
CA GLY D 265 -9.66 64.97 17.57
C GLY D 265 -8.84 64.87 18.83
N CYS D 266 -8.68 65.98 19.54
CA CYS D 266 -7.81 66.06 20.72
C CYS D 266 -6.41 65.53 20.38
N ALA D 267 -5.91 65.91 19.21
CA ALA D 267 -4.72 65.30 18.63
C ALA D 267 -3.46 65.58 19.47
N GLY D 268 -2.61 64.55 19.60
CA GLY D 268 -1.31 64.67 20.26
C GLY D 268 -1.38 64.57 21.78
N THR D 269 -2.58 64.44 22.30
CA THR D 269 -2.80 64.35 23.73
C THR D 269 -3.24 62.93 24.10
N SER D 270 -3.13 62.59 25.38
CA SER D 270 -3.47 61.27 25.89
C SER D 270 -4.91 60.89 25.53
N GLU D 271 -5.79 61.89 25.54
CA GLU D 271 -7.20 61.68 25.25
C GLU D 271 -7.54 61.71 23.76
N GLN D 272 -6.54 61.54 22.89
CA GLN D 272 -6.74 61.55 21.43
C GLN D 272 -7.73 60.48 20.96
N TYR D 273 -8.50 60.80 19.91
CA TYR D 273 -9.49 59.86 19.36
C TYR D 273 -9.63 59.97 17.85
N SER D 274 -9.82 58.83 17.19
CA SER D 274 -9.96 58.79 15.76
C SER D 274 -11.02 57.77 15.41
N TYR D 275 -11.84 58.09 14.42
CA TYR D 275 -12.76 57.10 13.83
C TYR D 275 -12.93 57.26 12.32
N GLY D 276 -13.12 56.15 11.63
CA GLY D 276 -13.35 56.17 10.19
C GLY D 276 -14.85 56.25 9.95
N TRP D 277 -15.21 56.77 8.78
CA TRP D 277 -16.61 56.92 8.39
C TRP D 277 -16.74 56.60 6.91
N PHE D 278 -17.43 55.49 6.61
CA PHE D 278 -17.56 55.00 5.24
C PHE D 278 -19.02 54.79 4.87
N MET D 279 -19.47 55.50 3.84
CA MET D 279 -20.81 55.27 3.32
C MET D 279 -20.66 54.48 2.03
N ASP D 280 -21.04 53.22 2.07
CA ASP D 280 -20.85 52.31 0.94
C ASP D 280 -21.91 52.56 -0.13
N ASN D 281 -21.57 53.45 -1.06
CA ASN D 281 -22.47 53.83 -2.11
C ASN D 281 -21.70 54.15 -3.39
N VAL D 282 -22.18 53.58 -4.50
CA VAL D 282 -21.52 53.71 -5.80
C VAL D 282 -22.19 54.72 -6.73
N SER D 283 -23.34 55.26 -6.32
CA SER D 283 -23.89 56.40 -7.02
C SER D 283 -23.07 57.61 -6.58
N GLN D 284 -23.37 58.77 -7.17
CA GLN D 284 -22.64 59.98 -6.85
C GLN D 284 -22.85 60.28 -5.38
N SER D 285 -21.76 60.23 -4.63
CA SER D 285 -21.82 60.48 -3.20
C SER D 285 -21.15 61.80 -2.86
N TYR D 286 -21.35 62.24 -1.61
CA TYR D 286 -20.95 63.56 -1.13
C TYR D 286 -20.37 63.52 0.27
N MET D 287 -19.42 64.43 0.56
CA MET D 287 -18.81 64.53 1.87
C MET D 287 -18.54 65.99 2.22
N ASN D 288 -19.30 66.49 3.18
CA ASN D 288 -19.27 67.87 3.60
C ASN D 288 -18.85 67.91 5.04
N THR D 289 -17.71 68.53 5.28
CA THR D 289 -17.15 68.53 6.62
C THR D 289 -17.30 69.90 7.28
N GLY D 290 -18.46 70.53 7.08
CA GLY D 290 -18.73 71.81 7.71
C GLY D 290 -18.47 73.03 6.85
N ASP D 291 -18.86 72.95 5.58
CA ASP D 291 -18.70 74.05 4.64
C ASP D 291 -19.99 74.86 4.50
N THR D 292 -19.91 76.18 4.70
CA THR D 292 -21.06 77.04 4.51
C THR D 292 -21.23 77.52 3.06
N THR D 293 -20.21 77.32 2.23
CA THR D 293 -20.25 77.79 0.84
C THR D 293 -21.42 77.15 0.11
N TRP D 294 -22.14 77.98 -0.64
CA TRP D 294 -23.34 77.56 -1.41
C TRP D 294 -24.45 77.01 -0.54
N ASN D 295 -24.39 77.31 0.76
CA ASN D 295 -25.23 76.66 1.77
C ASN D 295 -25.37 75.15 1.53
N SER D 296 -24.24 74.49 1.34
CA SER D 296 -24.20 73.03 1.27
C SER D 296 -24.17 72.42 2.67
N GLY D 297 -23.45 73.06 3.60
CA GLY D 297 -23.44 72.61 5.00
C GLY D 297 -23.32 73.71 6.06
N GLN D 298 -22.95 73.31 7.28
CA GLN D 298 -22.78 74.23 8.44
C GLN D 298 -21.47 73.95 9.16
N GLU D 299 -20.79 75.00 9.61
CA GLU D 299 -19.53 74.85 10.34
C GLU D 299 -19.54 73.77 11.43
N ASP D 300 -20.68 73.54 12.07
CA ASP D 300 -20.76 72.59 13.18
C ASP D 300 -21.52 71.30 12.88
N LEU D 301 -21.63 70.96 11.59
CA LEU D 301 -22.28 69.71 11.16
C LEU D 301 -21.48 69.03 10.05
N ALA D 302 -21.35 67.72 10.13
CA ALA D 302 -20.70 66.93 9.09
C ALA D 302 -21.69 65.96 8.45
N TYR D 303 -21.70 65.89 7.12
CA TYR D 303 -22.54 64.91 6.46
C TYR D 303 -21.85 64.12 5.35
N MET D 304 -22.51 63.02 4.99
CA MET D 304 -22.20 62.24 3.81
C MET D 304 -23.55 61.94 3.17
N GLY D 305 -23.59 61.74 1.86
CA GLY D 305 -24.86 61.45 1.18
C GLY D 305 -24.68 61.00 -0.25
N ALA D 306 -25.75 60.52 -0.86
CA ALA D 306 -25.64 60.10 -2.25
C ALA D 306 -26.86 60.47 -3.08
N GLN D 307 -26.67 60.63 -4.39
CA GLN D 307 -27.79 60.86 -5.29
C GLN D 307 -28.82 59.71 -5.34
N TYR D 308 -28.38 58.49 -5.00
CA TYR D 308 -29.26 57.30 -4.99
C TYR D 308 -29.04 56.38 -3.78
N GLY D 309 -30.05 55.59 -3.44
CA GLY D 309 -29.94 54.59 -2.38
C GLY D 309 -28.98 53.50 -2.79
N PRO D 310 -28.76 52.49 -1.92
CA PRO D 310 -29.27 52.33 -0.57
C PRO D 310 -28.42 53.04 0.48
N PHE D 311 -28.86 52.93 1.73
CA PHE D 311 -28.12 53.45 2.89
C PHE D 311 -27.33 52.32 3.52
N ASP D 312 -26.01 52.41 3.46
CA ASP D 312 -25.16 51.38 4.03
C ASP D 312 -23.92 52.10 4.51
N GLN D 313 -23.73 52.12 5.83
CA GLN D 313 -22.80 53.03 6.45
C GLN D 313 -21.90 52.37 7.50
N HIS D 314 -20.61 52.64 7.40
CA HIS D 314 -19.62 52.06 8.32
C HIS D 314 -18.87 53.08 9.16
N PHE D 315 -18.90 52.83 10.46
CA PHE D 315 -18.22 53.65 11.42
C PHE D 315 -17.08 52.79 12.00
N VAL D 316 -15.86 53.08 11.59
CA VAL D 316 -14.71 52.25 11.95
C VAL D 316 -13.81 52.94 12.98
N TYR D 317 -13.92 52.56 14.25
CA TYR D 317 -13.12 53.20 15.28
C TYR D 317 -11.68 52.69 15.35
N GLY D 318 -11.50 51.38 15.16
CA GLY D 318 -10.17 50.77 15.21
C GLY D 318 -9.91 50.08 16.54
N ALA D 319 -8.78 49.37 16.63
CA ALA D 319 -8.43 48.61 17.83
C ALA D 319 -7.34 49.28 18.68
N GLY D 320 -6.31 49.78 18.01
CA GLY D 320 -5.28 50.54 18.69
C GLY D 320 -5.77 51.96 18.92
N GLY D 321 -4.82 52.84 19.25
CA GLY D 321 -5.05 54.29 19.24
C GLY D 321 -4.34 54.91 18.04
N GLY D 322 -4.97 55.92 17.43
CA GLY D 322 -4.35 56.65 16.33
C GLY D 322 -4.95 56.36 14.98
N MET D 323 -4.79 57.31 14.06
CA MET D 323 -5.37 57.25 12.73
C MET D 323 -4.99 56.00 11.91
N GLU D 324 -3.75 55.53 12.06
CA GLU D 324 -3.26 54.39 11.26
C GLU D 324 -4.07 53.14 11.56
N CSO D 325 -4.41 52.96 12.84
CA CSO D 325 -5.24 51.85 13.31
CB CSO D 325 -5.19 51.77 14.84
SG CSO D 325 -3.55 51.27 15.44
C CSO D 325 -6.68 51.84 12.76
O CSO D 325 -7.32 50.79 12.70
OD CSO D 325 -2.59 50.44 14.17
N VAL D 326 -7.17 53.02 12.35
CA VAL D 326 -8.44 53.12 11.64
C VAL D 326 -8.30 52.59 10.22
N VAL D 327 -7.14 52.84 9.62
CA VAL D 327 -6.88 52.36 8.27
C VAL D 327 -6.80 50.83 8.23
N THR D 328 -6.06 50.25 9.17
CA THR D 328 -5.95 48.79 9.26
C THR D 328 -7.29 48.13 9.56
N ALA D 329 -8.08 48.72 10.46
CA ALA D 329 -9.38 48.13 10.83
C ALA D 329 -10.38 48.15 9.67
N PHE D 330 -10.28 49.19 8.86
CA PHE D 330 -11.08 49.34 7.65
C PHE D 330 -10.63 48.34 6.59
N SER D 331 -9.32 48.11 6.53
CA SER D 331 -8.77 47.14 5.59
C SER D 331 -9.18 45.69 5.90
N LEU D 332 -9.29 45.34 7.19
CA LEU D 332 -9.84 44.03 7.57
C LEU D 332 -11.29 43.79 7.16
N LEU D 333 -12.15 44.79 7.32
CA LEU D 333 -13.53 44.69 6.83
C LEU D 333 -13.60 44.48 5.32
N GLN D 334 -12.52 44.83 4.61
CA GLN D 334 -12.42 44.71 3.14
C GLN D 334 -11.58 43.49 2.75
N GLY D 335 -10.82 43.00 3.72
CA GLY D 335 -9.89 41.89 3.53
C GLY D 335 -10.51 40.61 3.02
N LYS D 336 -9.63 39.67 2.67
CA LYS D 336 -10.02 38.45 2.04
C LYS D 336 -9.59 37.24 2.86
N GLU D 337 -9.69 37.35 4.20
CA GLU D 337 -9.39 36.23 5.09
C GLU D 337 -10.43 35.11 5.04
N PHE D 338 -11.60 35.39 4.48
CA PHE D 338 -12.60 34.34 4.27
C PHE D 338 -12.21 33.42 3.12
N GLU D 339 -11.35 33.91 2.23
CA GLU D 339 -10.78 33.08 1.17
C GLU D 339 -9.56 32.27 1.63
N ASN D 340 -9.17 32.47 2.88
CA ASN D 340 -7.93 31.89 3.45
C ASN D 340 -6.72 32.26 2.61
N GLN D 341 -6.67 33.52 2.20
CA GLN D 341 -5.52 34.01 1.47
C GLN D 341 -4.32 33.87 2.37
N VAL D 342 -3.28 33.17 1.89
CA VAL D 342 -2.10 33.03 2.72
C VAL D 342 -1.30 34.35 2.80
N LEU D 343 -1.24 35.09 1.69
CA LEU D 343 -0.51 36.35 1.63
C LEU D 343 -1.36 37.60 1.43
N ASN D 344 -2.25 37.57 0.43
CA ASN D 344 -2.99 38.76 0.00
C ASN D 344 -4.28 39.03 0.83
N LYS D 345 -4.10 39.24 2.12
CA LYS D 345 -5.24 39.37 3.02
C LYS D 345 -5.95 40.71 2.85
N ARG D 346 -5.18 41.79 2.76
CA ARG D 346 -5.75 43.14 2.75
C ARG D 346 -5.58 43.88 1.42
N SER D 347 -4.80 43.29 0.52
CA SER D 347 -4.55 43.81 -0.83
C SER D 347 -3.71 42.77 -1.55
N VAL D 348 -3.57 42.91 -2.87
CA VAL D 348 -2.72 41.98 -3.61
C VAL D 348 -1.30 42.52 -3.69
N MET D 349 -0.32 41.66 -3.41
CA MET D 349 1.10 41.99 -3.58
C MET D 349 1.49 42.15 -5.05
N PRO D 350 2.29 43.17 -5.36
CA PRO D 350 2.81 43.32 -6.71
C PRO D 350 4.05 42.46 -6.90
N PRO D 351 4.50 42.30 -8.15
CA PRO D 351 5.84 41.78 -8.30
C PRO D 351 6.84 42.85 -7.85
N LYS D 352 8.05 42.46 -7.44
CA LYS D 352 9.09 43.42 -7.06
C LYS D 352 9.20 44.56 -8.08
N TYR D 353 9.21 44.23 -9.36
CA TYR D 353 9.48 45.20 -10.43
C TYR D 353 8.57 46.43 -10.44
N VAL D 354 7.39 46.33 -9.83
CA VAL D 354 6.43 47.42 -9.84
C VAL D 354 6.97 48.65 -9.09
N PHE D 355 7.91 48.44 -8.19
CA PHE D 355 8.56 49.53 -7.46
C PHE D 355 9.77 50.08 -8.21
N GLY D 356 9.88 49.71 -9.49
CA GLY D 356 10.94 50.22 -10.34
C GLY D 356 10.69 51.64 -10.82
N PHE D 357 11.67 52.20 -11.52
CA PHE D 357 11.43 53.43 -12.25
C PHE D 357 11.01 53.16 -13.69
N PHE D 358 9.75 53.47 -14.00
CA PHE D 358 9.25 53.32 -15.37
C PHE D 358 9.20 54.64 -16.12
N GLN D 359 9.38 54.56 -17.43
CA GLN D 359 9.17 55.71 -18.30
C GLN D 359 8.01 55.40 -19.24
N GLY D 360 7.03 56.29 -19.26
CA GLY D 360 5.93 56.21 -20.21
C GLY D 360 5.97 57.45 -21.07
N VAL D 361 5.48 57.33 -22.30
CA VAL D 361 5.39 58.47 -23.20
C VAL D 361 4.10 58.27 -24.00
N PHE D 362 3.20 59.26 -24.00
CA PHE D 362 2.18 59.30 -25.04
C PHE D 362 2.76 59.98 -26.27
N GLY D 363 2.99 59.19 -27.32
CA GLY D 363 3.61 59.68 -28.56
C GLY D 363 4.96 59.07 -28.99
N THR D 364 5.14 57.76 -28.76
CA THR D 364 6.20 57.04 -29.48
C THR D 364 5.62 56.59 -30.81
N SER D 365 6.45 56.27 -31.80
CA SER D 365 5.91 55.92 -33.10
C SER D 365 6.43 54.60 -33.71
N SER D 366 7.43 54.01 -33.06
CA SER D 366 7.95 52.71 -33.45
C SER D 366 8.65 52.09 -32.29
N LEU D 367 9.10 50.86 -32.47
CA LEU D 367 9.94 50.22 -31.47
C LEU D 367 11.39 50.67 -31.65
N LEU D 368 11.89 50.43 -32.87
CA LEU D 368 13.27 50.67 -33.22
C LEU D 368 13.41 51.89 -34.08
N ARG D 369 14.51 52.60 -33.89
CA ARG D 369 14.87 53.71 -34.75
C ARG D 369 14.73 53.36 -36.23
N ALA D 370 15.10 52.13 -36.61
CA ALA D 370 15.13 51.67 -38.01
C ALA D 370 13.76 51.53 -38.72
N HIS D 371 12.68 51.61 -37.96
CA HIS D 371 11.34 51.59 -38.55
C HIS D 371 10.46 52.70 -38.00
N MET D 372 11.08 53.79 -37.53
CA MET D 372 10.35 54.97 -37.08
C MET D 372 9.97 55.80 -38.30
N PRO D 373 8.69 56.24 -38.39
CA PRO D 373 8.29 57.12 -39.48
C PRO D 373 8.91 58.49 -39.29
N ALA D 374 9.16 59.17 -40.39
CA ALA D 374 9.52 60.57 -40.35
C ALA D 374 8.35 61.39 -39.79
N GLY D 375 8.67 62.36 -38.93
CA GLY D 375 7.68 63.22 -38.33
C GLY D 375 8.36 64.08 -37.30
N GLU D 376 7.92 65.33 -37.20
CA GLU D 376 8.52 66.27 -36.27
C GLU D 376 8.50 65.78 -34.80
N ASN D 377 9.67 65.86 -34.15
CA ASN D 377 9.92 65.39 -32.78
C ASN D 377 9.50 63.93 -32.49
N ASN D 378 9.23 63.16 -33.54
CA ASN D 378 8.95 61.74 -33.41
C ASN D 378 10.09 61.01 -32.71
N ILE D 379 9.71 60.08 -31.84
CA ILE D 379 10.66 59.24 -31.08
C ILE D 379 10.23 57.76 -31.11
N SER D 380 11.21 56.90 -30.90
CA SER D 380 11.07 55.45 -30.84
C SER D 380 11.33 54.96 -29.41
N VAL D 381 10.74 53.82 -29.06
CA VAL D 381 11.04 53.16 -27.79
C VAL D 381 12.55 53.00 -27.56
N GLU D 382 13.22 52.42 -28.56
CA GLU D 382 14.66 52.20 -28.53
C GLU D 382 15.46 53.38 -27.95
N GLU D 383 15.15 54.60 -28.43
CA GLU D 383 15.86 55.81 -28.06
C GLU D 383 15.68 56.15 -26.57
N ILE D 384 14.48 55.95 -26.05
CA ILE D 384 14.19 56.08 -24.63
C ILE D 384 15.01 55.06 -23.84
N VAL D 385 15.03 53.83 -24.32
CA VAL D 385 15.84 52.78 -23.67
C VAL D 385 17.33 53.10 -23.68
N GLU D 386 17.85 53.50 -24.85
CA GLU D 386 19.24 53.94 -24.99
C GLU D 386 19.62 55.02 -24.00
N GLY D 387 18.84 56.11 -23.97
CA GLY D 387 19.18 57.26 -23.15
C GLY D 387 19.33 56.89 -21.69
N TYR D 388 18.45 56.01 -21.23
CA TYR D 388 18.42 55.56 -19.85
C TYR D 388 19.55 54.59 -19.54
N GLN D 389 19.72 53.55 -20.38
CA GLN D 389 20.79 52.58 -20.16
C GLN D 389 22.21 53.14 -20.38
N ASN D 390 22.39 53.92 -21.46
CA ASN D 390 23.67 54.56 -21.77
C ASN D 390 24.07 55.54 -20.69
N ASN D 391 23.09 56.15 -20.05
CA ASN D 391 23.39 57.09 -18.99
C ASN D 391 23.30 56.45 -17.60
N ASN D 392 23.24 55.11 -17.63
CA ASN D 392 23.33 54.25 -16.45
C ASN D 392 22.38 54.68 -15.34
N PHE D 393 21.14 54.92 -15.74
CA PHE D 393 20.04 55.08 -14.82
C PHE D 393 19.53 53.69 -14.45
N PRO D 394 19.20 53.51 -13.15
CA PRO D 394 18.41 52.34 -12.80
C PRO D 394 17.09 52.59 -13.48
N PHE D 395 16.73 51.70 -14.40
CA PHE D 395 15.55 51.92 -15.23
C PHE D 395 14.84 50.58 -15.40
N GLU D 396 13.54 50.54 -15.12
CA GLU D 396 12.84 49.28 -15.01
C GLU D 396 12.18 48.83 -16.30
N GLY D 397 11.70 49.80 -17.08
CA GLY D 397 10.91 49.50 -18.24
C GLY D 397 9.91 50.58 -18.60
N LEU D 398 8.93 50.21 -19.43
CA LEU D 398 8.13 51.19 -20.14
C LEU D 398 6.64 51.10 -19.87
N ALA D 399 5.96 52.23 -20.04
CA ALA D 399 4.50 52.27 -20.20
C ALA D 399 4.20 52.49 -21.68
N VAL D 400 3.91 51.41 -22.38
CA VAL D 400 3.67 51.49 -23.81
C VAL D 400 2.23 51.93 -24.03
N ASP D 401 2.07 53.09 -24.65
CA ASP D 401 0.76 53.71 -24.83
C ASP D 401 -0.01 53.11 -26.02
N VAL D 402 -1.25 53.58 -26.22
CA VAL D 402 -2.11 53.18 -27.37
C VAL D 402 -1.40 53.35 -28.72
N ASP D 403 -0.26 54.04 -28.68
CA ASP D 403 0.65 54.25 -29.82
C ASP D 403 1.03 52.96 -30.57
N MET D 404 1.19 51.86 -29.82
CA MET D 404 1.57 50.58 -30.43
C MET D 404 0.39 49.82 -31.04
N GLN D 405 -0.83 50.19 -30.67
CA GLN D 405 -2.03 49.49 -31.13
C GLN D 405 -2.19 49.67 -32.61
N ASP D 406 -2.89 48.75 -33.23
CA ASP D 406 -3.34 48.95 -34.59
C ASP D 406 -4.51 49.95 -34.56
N ASN D 407 -4.24 51.15 -35.07
CA ASN D 407 -5.18 52.26 -35.07
C ASN D 407 -6.26 52.12 -34.00
N LEU D 408 -5.80 52.19 -32.74
CA LEU D 408 -6.66 52.33 -31.56
C LEU D 408 -7.49 51.09 -31.18
N ARG D 409 -7.23 49.96 -31.82
CA ARG D 409 -7.84 48.69 -31.41
C ARG D 409 -7.04 48.14 -30.24
N VAL D 410 -7.71 47.80 -29.16
CA VAL D 410 -7.01 47.36 -27.97
C VAL D 410 -6.78 45.85 -28.05
N PHE D 411 -5.68 45.40 -27.44
CA PHE D 411 -5.18 44.00 -27.54
C PHE D 411 -4.55 43.70 -28.90
N THR D 412 -4.27 44.73 -29.69
CA THR D 412 -3.58 44.52 -30.96
C THR D 412 -2.30 45.34 -30.97
N THR D 413 -1.37 44.97 -31.85
CA THR D 413 -0.17 45.77 -32.12
C THR D 413 -0.10 46.13 -33.62
N LYS D 414 0.71 47.14 -33.95
CA LYS D 414 1.07 47.36 -35.36
C LYS D 414 2.55 47.03 -35.64
N GLY D 415 2.84 46.75 -36.92
CA GLY D 415 4.19 46.34 -37.37
C GLY D 415 5.33 47.15 -36.78
N GLU D 416 5.18 48.47 -36.71
CA GLU D 416 6.25 49.35 -36.25
C GLU D 416 6.78 48.98 -34.88
N PHE D 417 5.96 48.33 -34.07
CA PHE D 417 6.38 48.02 -32.72
C PHE D 417 6.91 46.62 -32.60
N TRP D 418 7.41 46.13 -33.74
CA TRP D 418 8.06 44.83 -33.82
C TRP D 418 9.39 45.02 -34.52
N THR D 419 10.37 44.23 -34.09
CA THR D 419 11.74 44.36 -34.54
C THR D 419 11.84 44.22 -36.06
N ALA D 420 11.23 43.17 -36.61
CA ALA D 420 11.17 42.98 -38.06
C ALA D 420 10.06 43.78 -38.75
N ASN D 421 9.50 44.76 -38.04
CA ASN D 421 8.51 45.69 -38.63
C ASN D 421 7.28 45.00 -39.25
N ARG D 422 6.85 43.89 -38.65
CA ARG D 422 5.61 43.19 -39.01
C ARG D 422 5.09 42.46 -37.78
N VAL D 423 3.79 42.20 -37.72
CA VAL D 423 3.16 41.59 -36.55
C VAL D 423 3.41 40.07 -36.48
N GLY D 424 4.05 39.63 -35.40
CA GLY D 424 4.26 38.20 -35.12
C GLY D 424 3.34 37.62 -34.06
N THR D 425 3.38 36.30 -33.88
CA THR D 425 2.55 35.63 -32.86
C THR D 425 3.29 35.54 -31.53
N GLY D 426 4.51 36.06 -31.48
CA GLY D 426 5.29 36.02 -30.27
C GLY D 426 6.11 34.75 -30.22
N GLY D 427 7.30 34.86 -29.63
CA GLY D 427 8.19 33.73 -29.47
C GLY D 427 9.10 33.41 -30.66
N ASP D 428 9.02 34.21 -31.72
CA ASP D 428 9.93 34.10 -32.87
C ASP D 428 11.21 34.90 -32.57
N PRO D 429 12.36 34.21 -32.45
CA PRO D 429 13.60 34.93 -32.11
C PRO D 429 14.03 35.97 -33.17
N ASN D 430 13.55 35.80 -34.40
CA ASN D 430 13.86 36.69 -35.50
C ASN D 430 12.88 37.86 -35.69
N ASN D 431 11.77 37.86 -34.93
CA ASN D 431 10.85 38.99 -34.88
C ASN D 431 10.19 39.20 -33.50
N ARG D 432 10.80 40.11 -32.74
CA ARG D 432 10.44 40.32 -31.34
C ARG D 432 9.47 41.51 -31.16
N SER D 433 8.38 41.26 -30.42
CA SER D 433 7.45 42.30 -30.03
C SER D 433 8.21 43.27 -29.15
N VAL D 434 7.64 44.47 -29.00
CA VAL D 434 8.19 45.49 -28.11
C VAL D 434 8.50 44.86 -26.75
N PHE D 435 7.58 44.05 -26.26
CA PHE D 435 7.73 43.36 -24.99
C PHE D 435 8.86 42.31 -24.94
N GLU D 436 8.96 41.49 -25.97
CA GLU D 436 10.03 40.50 -26.04
C GLU D 436 11.41 41.15 -26.12
N TRP D 437 11.46 42.22 -26.92
CA TRP D 437 12.64 43.06 -27.07
C TRP D 437 13.05 43.67 -25.74
N ALA D 438 12.07 44.20 -25.01
CA ALA D 438 12.34 44.89 -23.74
C ALA D 438 12.83 43.91 -22.66
N HIS D 439 12.30 42.69 -22.69
CA HIS D 439 12.83 41.63 -21.84
C HIS D 439 14.33 41.45 -22.05
N ASP D 440 14.74 41.40 -23.33
CA ASP D 440 16.14 41.22 -23.68
C ASP D 440 17.02 42.39 -23.23
N LYS D 441 16.42 43.56 -23.01
CA LYS D 441 17.15 44.73 -22.49
C LYS D 441 17.11 44.81 -20.96
N GLY D 442 16.49 43.82 -20.34
CA GLY D 442 16.38 43.74 -18.88
C GLY D 442 15.16 44.47 -18.34
N LEU D 443 14.25 44.84 -19.23
CA LEU D 443 13.12 45.66 -18.87
C LEU D 443 11.87 44.84 -18.64
N VAL D 444 10.82 45.52 -18.18
CA VAL D 444 9.45 45.00 -18.07
C VAL D 444 8.50 46.16 -18.42
N CYS D 445 7.32 45.84 -18.90
CA CYS D 445 6.43 46.88 -19.42
C CYS D 445 5.01 46.67 -18.97
N GLN D 446 4.34 47.76 -18.63
CA GLN D 446 2.88 47.81 -18.63
C GLN D 446 2.45 48.40 -19.99
N THR D 447 1.25 48.04 -20.48
CA THR D 447 0.67 48.67 -21.67
C THR D 447 -0.78 49.12 -21.48
N ASN D 448 -1.15 50.18 -22.19
CA ASN D 448 -2.45 50.85 -22.03
C ASN D 448 -3.64 50.02 -22.45
N ILE D 449 -4.53 49.74 -21.51
CA ILE D 449 -5.74 48.99 -21.80
C ILE D 449 -7.01 49.70 -21.33
N THR D 450 -7.85 50.10 -22.29
CA THR D 450 -9.18 50.64 -22.03
C THR D 450 -10.25 49.62 -22.47
N CYS D 451 -11.50 49.83 -22.05
CA CYS D 451 -12.60 48.97 -22.47
C CYS D 451 -13.34 49.51 -23.70
N PHE D 452 -12.75 50.51 -24.34
CA PHE D 452 -13.25 51.03 -25.62
C PHE D 452 -12.88 50.05 -26.72
N LEU D 453 -13.86 49.31 -27.23
CA LEU D 453 -13.61 48.35 -28.31
C LEU D 453 -13.99 48.91 -29.70
N ARG D 454 -12.98 49.39 -30.43
CA ARG D 454 -13.17 50.18 -31.64
C ARG D 454 -14.27 49.62 -32.54
N ASN D 455 -15.25 50.48 -32.78
CA ASN D 455 -16.44 50.11 -33.54
C ASN D 455 -16.47 50.62 -34.97
N ASP D 456 -15.66 51.62 -35.32
CA ASP D 456 -15.52 52.03 -36.73
C ASP D 456 -14.22 51.48 -37.30
N ASN D 457 -14.36 50.38 -38.03
CA ASN D 457 -13.21 49.55 -38.40
C ASN D 457 -12.94 49.53 -39.90
N GLU D 458 -13.83 50.18 -40.65
CA GLU D 458 -13.70 50.41 -42.09
C GLU D 458 -13.39 49.14 -42.89
N GLY D 459 -14.17 48.09 -42.63
CA GLY D 459 -14.03 46.83 -43.36
C GLY D 459 -12.90 45.92 -42.94
N GLN D 460 -11.96 46.42 -42.13
CA GLN D 460 -10.80 45.62 -41.68
C GLN D 460 -11.13 44.90 -40.37
N ASP D 461 -10.96 43.58 -40.35
CA ASP D 461 -11.39 42.72 -39.23
C ASP D 461 -10.75 43.10 -37.90
N TYR D 462 -11.57 43.26 -36.88
CA TYR D 462 -11.11 43.39 -35.51
C TYR D 462 -11.90 42.40 -34.66
N GLU D 463 -11.29 41.26 -34.40
CA GLU D 463 -11.98 40.15 -33.73
C GLU D 463 -12.55 40.51 -32.35
N VAL D 464 -11.85 41.34 -31.58
CA VAL D 464 -12.29 41.69 -30.22
C VAL D 464 -13.69 42.32 -30.25
N ASN D 465 -13.89 43.27 -31.16
CA ASN D 465 -15.20 43.92 -31.34
C ASN D 465 -16.23 42.92 -31.87
N GLN D 466 -15.79 42.06 -32.77
CA GLN D 466 -16.65 41.12 -33.48
C GLN D 466 -17.28 40.10 -32.55
N THR D 467 -16.49 39.55 -31.62
CA THR D 467 -16.99 38.55 -30.67
C THR D 467 -17.82 39.18 -29.53
N LEU D 468 -17.48 40.41 -29.16
CA LEU D 468 -18.29 41.19 -28.22
C LEU D 468 -19.66 41.43 -28.82
N ARG D 469 -19.67 41.76 -30.11
CA ARG D 469 -20.90 41.89 -30.86
C ARG D 469 -21.66 40.56 -30.92
N GLU D 470 -20.97 39.53 -31.39
CA GLU D 470 -21.57 38.22 -31.61
C GLU D 470 -22.31 37.64 -30.40
N ARG D 471 -21.66 37.67 -29.24
CA ARG D 471 -22.24 37.15 -27.99
C ARG D 471 -23.10 38.18 -27.23
N GLN D 472 -23.28 39.37 -27.82
CA GLN D 472 -24.15 40.41 -27.28
C GLN D 472 -23.73 40.89 -25.88
N LEU D 473 -22.43 40.94 -25.65
CA LEU D 473 -21.87 41.30 -24.34
C LEU D 473 -21.66 42.82 -24.21
N TYR D 474 -22.08 43.53 -25.25
CA TYR D 474 -22.03 44.97 -25.25
C TYR D 474 -23.21 45.57 -24.50
N THR D 475 -22.93 46.68 -23.81
CA THR D 475 -23.94 47.59 -23.32
C THR D 475 -24.93 47.95 -24.46
N LYS D 476 -26.22 47.92 -24.16
CA LYS D 476 -27.23 48.23 -25.18
C LYS D 476 -27.71 49.68 -25.12
N ASN D 477 -28.41 50.11 -26.17
CA ASN D 477 -28.89 51.50 -26.27
C ASN D 477 -30.27 51.78 -25.64
N ASP D 478 -30.59 51.08 -24.55
CA ASP D 478 -31.88 51.18 -23.88
C ASP D 478 -31.92 52.24 -22.77
N SER D 479 -33.12 52.73 -22.49
CA SER D 479 -33.35 53.74 -21.46
C SER D 479 -34.76 53.63 -20.91
N LEU D 480 -35.06 54.40 -19.87
CA LEU D 480 -36.42 54.53 -19.36
C LEU D 480 -36.95 55.91 -19.74
N THR D 481 -36.10 56.65 -20.42
CA THR D 481 -36.30 58.06 -20.74
C THR D 481 -36.57 58.22 -22.24
N GLY D 482 -36.41 57.14 -23.00
CA GLY D 482 -36.61 57.16 -24.45
C GLY D 482 -35.51 57.93 -25.16
N THR D 483 -34.43 58.18 -24.43
CA THR D 483 -33.27 58.94 -24.91
C THR D 483 -32.51 58.23 -26.05
N ASP D 484 -32.05 59.02 -27.01
CA ASP D 484 -31.31 58.52 -28.19
C ASP D 484 -29.83 58.88 -28.08
N PHE D 485 -28.99 57.87 -27.85
CA PHE D 485 -27.57 58.09 -27.60
C PHE D 485 -26.74 58.19 -28.89
N GLY D 486 -27.40 57.91 -30.01
CA GLY D 486 -26.77 58.01 -31.33
C GLY D 486 -26.54 56.66 -31.98
N MET D 487 -26.35 56.68 -33.30
CA MET D 487 -26.13 55.46 -34.06
C MET D 487 -25.16 55.75 -35.21
N THR D 488 -24.51 54.71 -35.71
CA THR D 488 -23.64 54.82 -36.87
C THR D 488 -24.02 53.78 -37.93
N ASP D 489 -23.48 53.93 -39.15
CA ASP D 489 -23.66 52.93 -40.20
C ASP D 489 -23.15 51.56 -39.75
N ASP D 490 -22.20 51.58 -38.82
CA ASP D 490 -21.51 50.38 -38.29
C ASP D 490 -22.41 49.52 -37.41
N GLY D 491 -23.28 50.16 -36.64
CA GLY D 491 -24.14 49.45 -35.68
C GLY D 491 -23.36 48.94 -34.48
N PRO D 492 -23.91 47.93 -33.77
CA PRO D 492 -25.22 47.31 -34.00
C PRO D 492 -26.38 48.23 -33.63
N SER D 493 -27.56 47.91 -34.15
CA SER D 493 -28.78 48.70 -33.98
C SER D 493 -29.16 49.00 -32.52
N ASP D 494 -28.77 48.11 -31.61
CA ASP D 494 -29.22 48.15 -30.22
C ASP D 494 -28.08 48.38 -29.24
N ALA D 495 -27.01 49.02 -29.69
CA ALA D 495 -25.83 49.19 -28.86
C ALA D 495 -25.58 50.63 -28.47
N TYR D 496 -24.95 50.83 -27.31
CA TYR D 496 -24.43 52.13 -26.93
C TYR D 496 -23.15 52.36 -27.72
N ILE D 497 -23.08 53.50 -28.39
CA ILE D 497 -21.89 53.87 -29.14
C ILE D 497 -21.35 55.21 -28.64
N GLY D 498 -20.25 55.13 -27.89
CA GLY D 498 -19.53 56.32 -27.46
C GLY D 498 -18.43 56.69 -28.45
N HIS D 499 -17.68 57.73 -28.13
CA HIS D 499 -16.56 58.15 -28.96
C HIS D 499 -15.32 58.38 -28.10
N LEU D 500 -14.19 57.79 -28.51
CA LEU D 500 -12.93 57.98 -27.82
C LEU D 500 -12.15 59.09 -28.52
N ASP D 501 -11.71 60.09 -27.77
CA ASP D 501 -11.01 61.25 -28.33
C ASP D 501 -9.71 61.55 -27.55
N TYR D 502 -8.57 61.23 -28.17
CA TYR D 502 -7.26 61.50 -27.57
C TYR D 502 -6.70 62.86 -27.98
N GLY D 503 -7.51 63.64 -28.67
CA GLY D 503 -7.11 64.95 -29.16
C GLY D 503 -6.22 64.83 -30.37
N GLY D 504 -6.05 65.94 -31.09
CA GLY D 504 -5.16 65.97 -32.25
C GLY D 504 -5.63 65.14 -33.43
N GLY D 505 -6.91 64.74 -33.39
CA GLY D 505 -7.54 63.94 -34.44
C GLY D 505 -7.44 62.43 -34.23
N VAL D 506 -6.75 62.02 -33.18
CA VAL D 506 -6.64 60.61 -32.83
C VAL D 506 -7.90 60.25 -32.06
N GLU D 507 -8.79 59.52 -32.72
CA GLU D 507 -10.12 59.30 -32.17
C GLU D 507 -10.85 58.18 -32.91
N CYS D 508 -11.82 57.57 -32.22
CA CYS D 508 -12.67 56.54 -32.81
C CYS D 508 -13.94 56.32 -31.99
N ASP D 509 -14.91 55.64 -32.61
CA ASP D 509 -16.12 55.14 -31.94
C ASP D 509 -15.80 53.84 -31.20
N ALA D 510 -16.61 53.52 -30.20
CA ALA D 510 -16.35 52.37 -29.34
C ALA D 510 -17.64 51.65 -28.91
N LEU D 511 -17.62 50.32 -28.94
CA LEU D 511 -18.56 49.52 -28.16
C LEU D 511 -18.00 49.34 -26.74
N PHE D 512 -18.84 48.92 -25.78
CA PHE D 512 -18.41 48.75 -24.40
C PHE D 512 -18.94 47.46 -23.78
N PRO D 513 -18.14 46.87 -22.85
CA PRO D 513 -18.57 45.65 -22.18
C PRO D 513 -19.61 45.94 -21.09
N ASP D 514 -20.72 45.21 -21.11
CA ASP D 514 -21.72 45.35 -20.06
C ASP D 514 -21.43 44.41 -18.87
N TRP D 515 -20.46 44.81 -18.03
CA TRP D 515 -19.91 43.99 -16.94
C TRP D 515 -20.91 43.14 -16.15
N GLY D 516 -22.05 43.72 -15.76
CA GLY D 516 -23.08 43.02 -14.97
C GLY D 516 -23.62 41.75 -15.62
N ARG D 517 -23.42 41.64 -16.93
CA ARG D 517 -23.89 40.48 -17.67
C ARG D 517 -23.02 39.29 -17.27
N PRO D 518 -23.61 38.09 -17.19
CA PRO D 518 -22.72 36.91 -17.12
C PRO D 518 -21.91 36.79 -18.41
N ASP D 519 -20.70 36.24 -18.34
CA ASP D 519 -19.88 35.97 -19.53
C ASP D 519 -18.91 37.08 -19.86
N VAL D 520 -19.31 38.31 -19.59
CA VAL D 520 -18.50 39.49 -19.92
C VAL D 520 -17.14 39.38 -19.25
N ALA D 521 -17.12 39.13 -17.94
CA ALA D 521 -15.85 39.12 -17.22
C ALA D 521 -14.88 38.13 -17.88
N GLU D 522 -15.39 36.94 -18.16
CA GLU D 522 -14.65 35.86 -18.82
C GLU D 522 -14.06 36.27 -20.16
N TRP D 523 -14.86 36.98 -20.95
CA TRP D 523 -14.48 37.33 -22.31
C TRP D 523 -13.42 38.43 -22.27
N TRP D 524 -13.63 39.40 -21.40
CA TRP D 524 -12.70 40.48 -21.21
C TRP D 524 -11.30 39.96 -20.82
N GLY D 525 -11.26 39.14 -19.77
CA GLY D 525 -10.01 38.58 -19.28
C GLY D 525 -9.25 37.77 -20.30
N ASN D 526 -10.00 36.95 -21.07
CA ASN D 526 -9.43 36.15 -22.16
C ASN D 526 -8.76 36.91 -23.27
N ASN D 527 -9.21 38.15 -23.51
CA ASN D 527 -8.59 39.03 -24.48
C ASN D 527 -7.13 39.31 -24.16
N TYR D 528 -6.79 39.27 -22.87
CA TYR D 528 -5.40 39.48 -22.41
C TYR D 528 -4.42 38.39 -22.85
N LYS D 529 -4.93 37.24 -23.29
CA LYS D 529 -4.07 36.20 -23.88
C LYS D 529 -3.29 36.67 -25.11
N LYS D 530 -3.86 37.60 -25.88
CA LYS D 530 -3.21 38.13 -27.10
C LYS D 530 -1.96 38.97 -26.83
N LEU D 531 -1.89 39.59 -25.64
CA LEU D 531 -0.75 40.40 -25.25
C LEU D 531 0.28 39.61 -24.45
N PHE D 532 -0.18 38.96 -23.39
CA PHE D 532 0.67 38.06 -22.60
C PHE D 532 1.55 37.11 -23.42
N SER D 533 0.99 36.52 -24.47
CA SER D 533 1.72 35.56 -25.30
C SER D 533 2.79 36.23 -26.18
N ILE D 534 2.65 37.53 -26.41
CA ILE D 534 3.69 38.29 -27.09
C ILE D 534 4.57 39.06 -26.09
N GLY D 535 4.37 38.76 -24.80
CA GLY D 535 5.33 39.11 -23.74
C GLY D 535 4.98 40.24 -22.79
N LEU D 536 3.71 40.65 -22.71
CA LEU D 536 3.35 41.76 -21.86
C LEU D 536 3.47 41.37 -20.38
N ASP D 537 4.02 42.28 -19.57
CA ASP D 537 4.28 42.00 -18.17
C ASP D 537 3.17 42.41 -17.20
N PHE D 538 2.76 43.67 -17.26
CA PHE D 538 1.59 44.09 -16.51
C PHE D 538 0.72 45.15 -17.16
N VAL D 539 -0.34 45.54 -16.46
CA VAL D 539 -1.45 46.25 -17.07
C VAL D 539 -1.60 47.69 -16.58
N TRP D 540 -1.78 48.58 -17.56
CA TRP D 540 -1.93 50.00 -17.34
C TRP D 540 -3.33 50.38 -17.76
N GLN D 541 -4.24 50.39 -16.78
CA GLN D 541 -5.68 50.51 -17.00
C GLN D 541 -6.12 51.96 -17.11
N ASP D 542 -6.71 52.32 -18.25
CA ASP D 542 -6.89 53.74 -18.58
C ASP D 542 -8.30 54.11 -19.07
N MET D 543 -8.61 55.40 -19.01
CA MET D 543 -9.92 55.94 -19.41
C MET D 543 -11.02 55.08 -18.83
N THR D 544 -11.10 54.97 -17.50
CA THR D 544 -11.83 53.87 -16.85
C THR D 544 -13.27 54.15 -16.42
N VAL D 545 -13.72 55.39 -16.61
CA VAL D 545 -15.06 55.81 -16.17
C VAL D 545 -16.24 55.00 -16.77
N PRO D 546 -16.23 54.72 -18.10
CA PRO D 546 -15.29 54.98 -19.21
C PRO D 546 -15.24 56.44 -19.62
N ALA D 547 -14.02 56.93 -19.87
CA ALA D 547 -13.78 58.33 -20.17
C ALA D 547 -14.07 58.68 -21.64
N MET D 548 -15.37 58.78 -21.95
CA MET D 548 -15.81 59.03 -23.32
C MET D 548 -15.79 60.51 -23.62
N MET D 549 -15.74 60.84 -24.92
CA MET D 549 -15.82 62.23 -25.38
C MET D 549 -17.10 62.94 -24.91
N PRO D 550 -16.99 64.23 -24.50
CA PRO D 550 -18.20 65.00 -24.15
C PRO D 550 -19.20 64.97 -25.29
N HIS D 551 -20.49 64.80 -25.00
CA HIS D 551 -21.51 64.60 -26.05
C HIS D 551 -22.88 65.02 -25.59
N LYS D 552 -23.61 65.69 -26.48
CA LYS D 552 -25.01 66.10 -26.24
C LYS D 552 -25.94 65.28 -27.12
N ILE D 553 -27.08 64.84 -26.56
CA ILE D 553 -28.07 64.06 -27.32
C ILE D 553 -28.56 64.78 -28.59
N GLY D 554 -28.60 64.07 -29.71
CA GLY D 554 -29.01 64.66 -30.98
C GLY D 554 -27.85 64.93 -31.90
N ASP D 555 -26.73 65.38 -31.32
CA ASP D 555 -25.48 65.57 -32.06
C ASP D 555 -24.98 64.25 -32.65
N ASP D 556 -24.35 64.32 -33.82
CA ASP D 556 -23.67 63.15 -34.35
C ASP D 556 -22.66 62.67 -33.32
N ILE D 557 -22.33 61.38 -33.39
CA ILE D 557 -21.52 60.76 -32.35
C ILE D 557 -20.08 61.28 -32.24
N ASN D 558 -19.52 61.74 -33.36
CA ASN D 558 -18.16 62.32 -33.37
C ASN D 558 -18.12 63.83 -33.09
N VAL D 559 -19.24 64.39 -32.64
CA VAL D 559 -19.34 65.82 -32.37
C VAL D 559 -19.29 66.09 -30.86
N LYS D 560 -18.39 66.98 -30.43
CA LYS D 560 -18.41 67.44 -29.03
C LYS D 560 -19.08 68.81 -28.94
N PRO D 561 -19.82 69.08 -27.84
CA PRO D 561 -20.49 70.37 -27.69
C PRO D 561 -19.47 71.46 -27.35
N ASP D 562 -19.90 72.72 -27.42
CA ASP D 562 -19.07 73.84 -27.01
C ASP D 562 -18.44 73.49 -25.67
N GLY D 563 -17.12 73.71 -25.56
CA GLY D 563 -16.39 73.48 -24.32
C GLY D 563 -17.02 74.15 -23.10
N ASN D 564 -17.57 75.33 -23.32
CA ASN D 564 -18.26 76.10 -22.30
C ASN D 564 -19.60 75.47 -21.88
N TRP D 565 -20.15 74.61 -22.73
CA TRP D 565 -21.39 73.92 -22.43
C TRP D 565 -21.08 72.58 -21.80
N PRO D 566 -21.90 72.16 -20.82
CA PRO D 566 -23.05 72.87 -20.27
C PRO D 566 -22.66 73.83 -19.16
N ASN D 567 -23.53 74.79 -18.90
CA ASN D 567 -23.31 75.77 -17.85
C ASN D 567 -24.59 76.06 -17.04
N ALA D 568 -24.50 77.01 -16.11
CA ALA D 568 -25.62 77.35 -15.23
C ALA D 568 -26.85 77.88 -15.97
N ASP D 569 -26.64 78.81 -16.91
CA ASP D 569 -27.72 79.48 -17.66
C ASP D 569 -28.19 78.67 -18.88
N ASP D 570 -27.37 77.68 -19.26
CA ASP D 570 -27.70 76.74 -20.32
C ASP D 570 -27.37 75.32 -19.81
N PRO D 571 -28.19 74.80 -18.88
CA PRO D 571 -27.85 73.54 -18.24
C PRO D 571 -28.09 72.32 -19.14
N SER D 572 -27.81 71.14 -18.59
CA SER D 572 -27.82 69.89 -19.32
C SER D 572 -29.21 69.35 -19.71
N ASN D 573 -30.20 69.50 -18.83
CA ASN D 573 -31.54 68.91 -19.04
C ASN D 573 -31.56 67.42 -19.38
N GLY D 574 -30.55 66.69 -18.93
CA GLY D 574 -30.39 65.30 -19.28
C GLY D 574 -29.95 65.07 -20.72
N GLN D 575 -29.11 65.97 -21.22
CA GLN D 575 -28.58 65.84 -22.58
C GLN D 575 -27.08 65.62 -22.64
N TYR D 576 -26.38 66.03 -21.58
CA TYR D 576 -24.93 65.89 -21.48
C TYR D 576 -24.52 64.56 -20.87
N ASN D 577 -23.55 63.88 -21.50
CA ASN D 577 -23.03 62.59 -21.02
C ASN D 577 -22.06 62.68 -19.84
N TRP D 578 -21.65 63.89 -19.50
CA TRP D 578 -20.69 64.07 -18.41
C TRP D 578 -19.43 63.23 -18.68
N LYS D 579 -19.02 63.27 -19.95
CA LYS D 579 -17.77 62.71 -20.42
C LYS D 579 -17.71 61.23 -20.12
N THR D 580 -18.85 60.57 -20.26
CA THR D 580 -18.93 59.15 -20.01
C THR D 580 -20.21 58.60 -20.61
N TYR D 581 -20.65 57.43 -20.16
CA TYR D 581 -21.95 56.90 -20.59
C TYR D 581 -22.93 58.00 -20.32
N HIS D 582 -23.91 58.17 -21.20
CA HIS D 582 -25.02 59.03 -20.86
C HIS D 582 -25.71 58.42 -19.63
N PRO D 583 -25.87 59.21 -18.55
CA PRO D 583 -26.30 58.66 -17.25
C PRO D 583 -27.64 57.90 -17.29
N GLN D 584 -28.37 58.03 -18.40
CA GLN D 584 -29.66 57.37 -18.57
C GLN D 584 -29.53 55.88 -18.90
N VAL D 585 -28.55 55.55 -19.74
CA VAL D 585 -28.37 54.18 -20.25
C VAL D 585 -28.53 53.07 -19.18
N LEU D 586 -29.32 52.05 -19.54
CA LEU D 586 -29.49 50.87 -18.70
C LEU D 586 -28.27 49.92 -18.77
N VAL D 587 -27.56 49.77 -17.65
CA VAL D 587 -26.49 48.78 -17.52
C VAL D 587 -26.96 47.62 -16.65
N THR D 588 -26.36 46.45 -16.85
CA THR D 588 -26.70 45.28 -16.04
C THR D 588 -26.06 45.45 -14.67
N ASP D 589 -26.84 45.18 -13.64
CA ASP D 589 -26.49 45.56 -12.27
C ASP D 589 -25.16 44.98 -11.80
N MET D 590 -24.19 45.88 -11.62
CA MET D 590 -22.85 45.51 -11.17
C MET D 590 -22.79 45.28 -9.64
N ARG D 591 -23.69 45.91 -8.89
CA ARG D 591 -23.72 45.81 -7.43
C ARG D 591 -24.36 44.50 -6.98
N TYR D 592 -25.41 44.10 -7.69
CA TYR D 592 -26.18 42.91 -7.35
C TYR D 592 -26.30 42.02 -8.58
N GLU D 593 -25.91 40.76 -8.46
CA GLU D 593 -25.86 39.85 -9.61
C GLU D 593 -27.21 39.24 -10.00
N ASN D 594 -27.43 39.15 -11.30
CA ASN D 594 -28.70 38.70 -11.91
C ASN D 594 -29.93 39.36 -11.29
N HIS D 595 -29.80 40.66 -11.05
CA HIS D 595 -30.82 41.46 -10.41
C HIS D 595 -31.66 42.22 -11.43
N GLY D 596 -31.12 42.37 -12.65
CA GLY D 596 -31.76 43.14 -13.71
C GLY D 596 -30.90 44.35 -14.09
N ARG D 597 -31.53 45.36 -14.66
CA ARG D 597 -30.82 46.55 -15.19
C ARG D 597 -31.26 47.85 -14.53
N GLU D 598 -30.29 48.72 -14.25
CA GLU D 598 -30.52 50.03 -13.64
C GLU D 598 -29.88 51.11 -14.51
N PRO D 599 -30.42 52.35 -14.46
CA PRO D 599 -29.67 53.46 -15.04
C PRO D 599 -28.27 53.59 -14.43
N MET D 600 -27.30 53.98 -15.25
CA MET D 600 -25.89 54.00 -14.86
C MET D 600 -25.61 54.98 -13.73
N VAL D 601 -26.49 55.98 -13.61
CA VAL D 601 -26.43 57.00 -12.55
C VAL D 601 -26.45 56.39 -11.13
N THR D 602 -26.95 55.17 -11.02
CA THR D 602 -26.99 54.44 -9.75
C THR D 602 -25.63 53.89 -9.32
N GLN D 603 -24.74 53.60 -10.28
CA GLN D 603 -23.51 52.87 -9.97
C GLN D 603 -22.26 53.34 -10.72
N ARG D 604 -22.27 54.60 -11.16
CA ARG D 604 -21.19 55.18 -11.95
C ARG D 604 -19.84 54.87 -11.32
N ASN D 605 -19.77 55.08 -10.00
CA ASN D 605 -18.51 54.98 -9.28
C ASN D 605 -18.02 53.55 -9.02
N ILE D 606 -18.76 52.53 -9.52
CA ILE D 606 -18.31 51.13 -9.45
C ILE D 606 -17.76 50.54 -10.77
N HIS D 607 -17.76 51.34 -11.83
CA HIS D 607 -17.42 50.82 -13.14
C HIS D 607 -15.94 50.42 -13.26
N ALA D 608 -15.04 51.38 -13.09
CA ALA D 608 -13.62 51.10 -13.08
C ALA D 608 -13.29 49.96 -12.13
N TYR D 609 -13.87 49.98 -10.93
CA TYR D 609 -13.69 48.92 -9.93
C TYR D 609 -13.96 47.55 -10.57
N THR D 610 -15.09 47.44 -11.25
CA THR D 610 -15.48 46.20 -11.88
C THR D 610 -14.55 45.90 -13.05
N LEU D 611 -14.16 46.94 -13.79
CA LEU D 611 -13.21 46.78 -14.89
C LEU D 611 -11.92 46.13 -14.42
N CYS D 612 -11.30 46.73 -13.40
CA CYS D 612 -10.05 46.22 -12.84
C CYS D 612 -10.23 44.79 -12.32
N GLU D 613 -11.32 44.57 -11.57
CA GLU D 613 -11.61 43.27 -10.97
C GLU D 613 -11.57 42.14 -12.01
N SER D 614 -12.16 42.38 -13.17
CA SER D 614 -12.14 41.42 -14.27
C SER D 614 -10.73 41.23 -14.84
N THR D 615 -9.99 42.33 -15.00
CA THR D 615 -8.59 42.26 -15.47
C THR D 615 -7.73 41.40 -14.53
N ARG D 616 -7.99 41.53 -13.23
CA ARG D 616 -7.28 40.81 -12.19
C ARG D 616 -7.58 39.31 -12.19
N LYS D 617 -8.87 38.96 -12.21
CA LYS D 617 -9.33 37.59 -11.98
C LYS D 617 -9.45 36.77 -13.28
N GLU D 618 -10.10 37.34 -14.28
CA GLU D 618 -10.27 36.59 -15.52
C GLU D 618 -9.11 36.87 -16.47
N GLY D 619 -8.37 37.93 -16.20
CA GLY D 619 -7.18 38.29 -16.99
C GLY D 619 -5.87 37.78 -16.42
N ILE D 620 -5.39 38.44 -15.37
CA ILE D 620 -4.12 38.09 -14.72
C ILE D 620 -4.11 36.70 -14.06
N VAL D 621 -4.97 36.50 -13.05
CA VAL D 621 -5.03 35.22 -12.33
C VAL D 621 -5.41 34.00 -13.21
N GLU D 622 -6.48 34.12 -13.99
CA GLU D 622 -6.97 32.96 -14.77
C GLU D 622 -6.15 32.61 -16.00
N ASN D 623 -5.33 33.54 -16.46
CA ASN D 623 -4.50 33.28 -17.61
C ASN D 623 -3.03 33.46 -17.27
N ALA D 624 -2.71 33.11 -16.03
CA ALA D 624 -1.36 33.26 -15.50
C ALA D 624 -0.37 32.41 -16.29
N ASP D 625 -0.86 31.29 -16.82
CA ASP D 625 -0.04 30.34 -17.58
C ASP D 625 0.59 30.97 -18.80
N THR D 626 -0.13 31.90 -19.43
CA THR D 626 0.30 32.53 -20.68
C THR D 626 1.27 33.70 -20.48
N LEU D 627 1.41 34.19 -19.24
CA LEU D 627 2.44 35.19 -18.91
C LEU D 627 3.83 34.61 -19.13
N THR D 628 4.83 35.46 -19.38
CA THR D 628 6.14 34.93 -19.78
C THR D 628 7.21 34.96 -18.67
N LYS D 629 7.85 36.11 -18.53
CA LYS D 629 9.02 36.24 -17.70
C LYS D 629 8.65 36.19 -16.20
N PHE D 630 7.49 36.74 -15.87
CA PHE D 630 6.97 36.78 -14.51
C PHE D 630 5.52 36.31 -14.52
N ARG D 631 5.18 35.34 -13.68
CA ARG D 631 3.83 34.76 -13.67
C ARG D 631 2.82 35.60 -12.84
N ARG D 632 3.36 36.42 -11.94
CA ARG D 632 2.53 37.31 -11.16
C ARG D 632 2.51 38.66 -11.87
N SER D 633 1.33 39.28 -11.93
CA SER D 633 1.25 40.57 -12.56
C SER D 633 0.53 41.59 -11.68
N TYR D 634 0.21 42.74 -12.25
CA TYR D 634 -0.33 43.87 -11.49
C TYR D 634 -1.11 44.85 -12.36
N ILE D 635 -1.91 45.69 -11.73
CA ILE D 635 -2.63 46.73 -12.44
C ILE D 635 -2.28 48.06 -11.84
N ILE D 636 -1.98 49.02 -12.69
CA ILE D 636 -1.96 50.38 -12.26
C ILE D 636 -3.16 51.07 -12.90
N SER D 637 -4.19 51.32 -12.11
CA SER D 637 -5.47 51.83 -12.65
C SER D 637 -5.66 53.32 -12.49
N ARG D 638 -6.43 53.91 -13.41
CA ARG D 638 -6.76 55.33 -13.34
C ARG D 638 -8.06 55.53 -12.57
N GLY D 639 -8.83 54.46 -12.43
CA GLY D 639 -10.12 54.57 -11.77
C GLY D 639 -10.45 53.40 -10.87
N GLY D 640 -11.41 53.63 -9.98
CA GLY D 640 -11.90 52.61 -9.07
C GLY D 640 -12.64 53.19 -7.88
N TYR D 641 -12.87 52.34 -6.90
CA TYR D 641 -13.65 52.64 -5.72
C TYR D 641 -12.92 51.97 -4.54
N ILE D 642 -13.33 52.27 -3.31
CA ILE D 642 -12.81 51.61 -2.13
C ILE D 642 -12.81 50.09 -2.35
N GLY D 643 -11.68 49.46 -2.07
CA GLY D 643 -11.52 48.02 -2.27
C GLY D 643 -10.63 47.65 -3.47
N ASN D 644 -10.35 48.66 -4.31
CA ASN D 644 -9.60 48.52 -5.56
C ASN D 644 -8.23 47.92 -5.39
N GLN D 645 -7.65 48.11 -4.20
CA GLN D 645 -6.32 47.62 -3.82
C GLN D 645 -6.19 46.10 -3.95
N HIS D 646 -7.34 45.41 -4.01
CA HIS D 646 -7.35 43.96 -4.21
C HIS D 646 -7.11 43.59 -5.67
N PHE D 647 -7.14 44.58 -6.55
CA PHE D 647 -6.91 44.34 -7.97
C PHE D 647 -5.55 44.89 -8.41
N GLY D 648 -5.12 45.96 -7.75
CA GLY D 648 -3.87 46.62 -8.07
C GLY D 648 -3.72 47.98 -7.39
N GLY D 649 -2.88 48.82 -7.97
CA GLY D 649 -2.72 50.18 -7.49
C GLY D 649 -3.25 51.21 -8.45
N MET D 650 -2.70 52.41 -8.35
CA MET D 650 -3.27 53.55 -9.02
C MET D 650 -2.22 54.57 -9.40
N TRP D 651 -2.52 55.31 -10.46
CA TRP D 651 -1.85 56.56 -10.70
C TRP D 651 -2.91 57.64 -10.78
N VAL D 652 -2.58 58.81 -10.21
CA VAL D 652 -3.50 59.95 -10.09
C VAL D 652 -3.66 60.72 -11.42
N GLY D 653 -3.95 59.98 -12.48
CA GLY D 653 -4.35 60.56 -13.76
C GLY D 653 -3.42 61.59 -14.38
N ASP D 654 -4.04 62.61 -14.97
CA ASP D 654 -3.33 63.62 -15.73
C ASP D 654 -3.03 64.88 -14.90
N ASN D 655 -1.95 64.81 -14.12
CA ASN D 655 -1.45 66.00 -13.44
C ASN D 655 -0.71 66.85 -14.45
N SER D 656 -0.19 67.98 -14.03
CA SER D 656 0.56 68.83 -14.92
C SER D 656 1.91 69.16 -14.34
N THR D 657 2.60 70.14 -14.91
CA THR D 657 4.00 70.37 -14.58
C THR D 657 4.18 71.69 -13.80
N THR D 658 3.72 71.70 -12.53
CA THR D 658 3.85 72.88 -11.63
C THR D 658 4.16 72.51 -10.17
N SER D 659 4.84 73.39 -9.43
CA SER D 659 5.07 73.19 -7.99
C SER D 659 3.82 72.71 -7.26
N ASN D 660 2.68 73.28 -7.62
CA ASN D 660 1.37 72.88 -7.09
C ASN D 660 0.99 71.43 -7.35
N TYR D 661 1.45 70.86 -8.46
CA TYR D 661 1.17 69.46 -8.73
C TYR D 661 2.15 68.52 -8.02
N ILE D 662 3.26 69.05 -7.53
CA ILE D 662 4.16 68.26 -6.68
C ILE D 662 3.47 68.09 -5.33
N GLN D 663 2.95 69.20 -4.80
CA GLN D 663 2.21 69.26 -3.54
C GLN D 663 0.99 68.35 -3.52
N MET D 664 0.23 68.38 -4.62
CA MET D 664 -0.94 67.53 -4.75
C MET D 664 -0.55 66.06 -4.85
N MET D 665 0.61 65.76 -5.45
CA MET D 665 1.09 64.36 -5.50
C MET D 665 1.33 63.77 -4.10
N ILE D 666 2.00 64.56 -3.24
CA ILE D 666 2.26 64.13 -1.88
C ILE D 666 0.91 63.92 -1.14
N ALA D 667 0.06 64.94 -1.17
CA ALA D 667 -1.24 64.86 -0.54
C ALA D 667 -2.06 63.69 -1.07
N ASN D 668 -2.12 63.56 -2.38
CA ASN D 668 -2.86 62.47 -3.01
C ASN D 668 -2.34 61.11 -2.57
N ASN D 669 -1.02 61.00 -2.49
CA ASN D 669 -0.40 59.74 -2.10
C ASN D 669 -0.80 59.36 -0.67
N ILE D 670 -0.63 60.34 0.23
CA ILE D 670 -0.98 60.19 1.65
C ILE D 670 -2.47 59.89 1.86
N ASN D 671 -3.33 60.64 1.18
CA ASN D 671 -4.77 60.49 1.37
C ASN D 671 -5.31 59.20 0.80
N MET D 672 -4.75 58.79 -0.34
CA MET D 672 -5.09 57.51 -0.94
C MET D 672 -4.57 56.32 -0.12
N ASN D 673 -3.42 56.52 0.52
CA ASN D 673 -2.85 55.50 1.40
C ASN D 673 -3.77 55.22 2.58
N MET D 674 -4.38 56.26 3.10
CA MET D 674 -5.24 56.11 4.26
C MET D 674 -6.66 55.81 3.81
N SER D 675 -6.84 55.82 2.49
CA SER D 675 -8.09 55.39 1.87
C SER D 675 -8.02 53.91 1.50
N CYS D 676 -6.96 53.26 1.95
CA CYS D 676 -6.65 51.84 1.72
C CYS D 676 -6.27 51.54 0.29
N LEU D 677 -5.67 52.53 -0.37
CA LEU D 677 -5.03 52.32 -1.64
C LEU D 677 -3.53 52.60 -1.45
N PRO D 678 -2.79 51.57 -1.07
CA PRO D 678 -1.40 51.80 -0.72
C PRO D 678 -0.54 52.20 -1.91
N LEU D 679 -0.61 51.44 -3.00
CA LEU D 679 0.38 51.60 -4.05
C LEU D 679 -0.12 52.51 -5.17
N VAL D 680 0.20 53.78 -5.00
CA VAL D 680 -0.37 54.85 -5.79
C VAL D 680 0.76 55.83 -6.10
N GLY D 681 0.52 56.76 -7.02
CA GLY D 681 1.53 57.72 -7.46
C GLY D 681 1.05 58.56 -8.62
N SER D 682 1.73 59.68 -8.84
CA SER D 682 1.44 60.62 -9.92
C SER D 682 2.59 60.59 -10.90
N ASP D 683 2.39 61.09 -12.12
CA ASP D 683 3.43 61.02 -13.15
C ASP D 683 4.59 61.93 -12.79
N ILE D 684 5.76 61.35 -12.63
CA ILE D 684 6.93 62.15 -12.22
C ILE D 684 7.28 63.14 -13.31
N GLY D 685 7.20 64.43 -12.97
CA GLY D 685 7.39 65.50 -13.94
C GLY D 685 6.10 66.13 -14.44
N GLY D 686 4.98 65.45 -14.27
CA GLY D 686 3.70 66.02 -14.68
C GLY D 686 3.40 65.66 -16.10
N PHE D 687 2.14 65.32 -16.36
CA PHE D 687 1.76 64.72 -17.63
C PHE D 687 1.53 65.76 -18.74
N THR D 688 0.67 66.73 -18.49
CA THR D 688 0.29 67.71 -19.52
C THR D 688 1.26 68.89 -19.60
N SER D 689 1.20 69.58 -20.74
CA SER D 689 1.87 70.84 -20.93
C SER D 689 1.51 71.85 -19.84
N TYR D 690 2.48 72.69 -19.49
CA TYR D 690 2.28 73.72 -18.48
C TYR D 690 2.44 75.14 -19.04
N ASP D 691 3.25 75.32 -20.07
CA ASP D 691 3.59 76.66 -20.60
C ASP D 691 2.48 77.20 -21.53
N ASN D 692 1.72 78.18 -21.05
CA ASN D 692 0.61 78.76 -21.83
C ASN D 692 1.08 79.46 -23.10
N GLU D 693 2.38 79.79 -23.12
CA GLU D 693 3.02 80.50 -24.23
C GLU D 693 3.53 79.57 -25.32
N ASN D 694 4.21 78.50 -24.92
CA ASN D 694 4.51 77.37 -25.82
C ASN D 694 4.28 76.03 -25.12
N GLN D 695 3.15 75.39 -25.47
CA GLN D 695 2.73 74.14 -24.85
C GLN D 695 3.84 73.09 -24.88
N ARG D 696 4.81 73.30 -25.77
CA ARG D 696 5.89 72.36 -26.00
C ARG D 696 7.10 72.58 -25.08
N THR D 697 7.14 73.71 -24.38
CA THR D 697 8.20 73.95 -23.38
C THR D 697 8.15 72.83 -22.33
N PRO D 698 9.25 72.07 -22.19
CA PRO D 698 9.32 71.03 -21.16
C PRO D 698 9.53 71.55 -19.74
N CYS D 699 9.27 70.67 -18.78
CA CYS D 699 9.63 70.82 -17.39
C CYS D 699 11.05 71.33 -17.29
N THR D 700 11.27 72.37 -16.47
CA THR D 700 12.61 72.87 -16.21
C THR D 700 13.42 71.82 -15.48
N GLY D 701 14.73 71.99 -15.43
CA GLY D 701 15.58 71.11 -14.66
C GLY D 701 15.21 71.04 -13.20
N ASP D 702 14.97 72.20 -12.58
CA ASP D 702 14.80 72.29 -11.12
C ASP D 702 13.50 71.67 -10.62
N LEU D 703 12.44 71.77 -11.41
CA LEU D 703 11.16 71.15 -11.05
C LEU D 703 11.26 69.63 -11.10
N MET D 704 11.73 69.10 -12.22
CA MET D 704 12.02 67.66 -12.39
C MET D 704 12.82 67.09 -11.23
N VAL D 705 13.89 67.78 -10.80
CA VAL D 705 14.64 67.37 -9.62
C VAL D 705 13.72 67.25 -8.42
N ARG D 706 13.01 68.32 -8.10
CA ARG D 706 12.11 68.29 -6.95
C ARG D 706 11.05 67.23 -7.14
N TYR D 707 10.65 67.01 -8.39
CA TYR D 707 9.61 66.05 -8.65
C TYR D 707 10.12 64.67 -8.28
N VAL D 708 11.29 64.30 -8.79
CA VAL D 708 11.84 62.96 -8.60
C VAL D 708 12.16 62.74 -7.14
N GLN D 709 12.79 63.74 -6.52
CA GLN D 709 13.08 63.72 -5.09
C GLN D 709 11.82 63.46 -4.27
N ALA D 710 10.77 64.23 -4.53
CA ALA D 710 9.52 64.09 -3.79
C ALA D 710 8.86 62.72 -4.00
N GLY D 711 9.03 62.16 -5.20
CA GLY D 711 8.37 60.92 -5.58
C GLY D 711 9.21 59.65 -5.49
N CYS D 712 10.49 59.79 -5.11
CA CYS D 712 11.43 58.65 -5.14
C CYS D 712 11.16 57.54 -4.11
N LEU D 713 10.25 57.78 -3.18
CA LEU D 713 9.98 56.80 -2.14
C LEU D 713 8.48 56.58 -2.00
N LEU D 714 7.71 57.30 -2.82
CA LEU D 714 6.28 57.05 -2.92
C LEU D 714 6.07 55.77 -3.71
N PRO D 715 4.96 55.05 -3.45
CA PRO D 715 4.86 53.70 -4.05
C PRO D 715 5.08 53.64 -5.56
N TRP D 716 4.29 54.34 -6.37
CA TRP D 716 4.37 54.17 -7.83
C TRP D 716 5.18 55.29 -8.44
N PHE D 717 6.26 54.93 -9.13
CA PHE D 717 7.30 55.86 -9.51
C PHE D 717 7.65 55.78 -10.98
N ARG D 718 6.86 56.51 -11.77
CA ARG D 718 6.89 56.51 -13.23
C ARG D 718 7.04 57.95 -13.73
N ASN D 719 7.81 58.12 -14.79
CA ASN D 719 7.86 59.40 -15.49
C ASN D 719 7.15 59.20 -16.78
N HIS D 720 5.94 59.75 -16.85
CA HIS D 720 5.08 59.59 -18.00
C HIS D 720 4.51 60.94 -18.40
N TYR D 721 4.47 61.23 -19.69
CA TYR D 721 4.05 62.54 -20.13
C TYR D 721 3.42 62.51 -21.50
N ASP D 722 2.68 63.58 -21.81
CA ASP D 722 2.16 63.79 -23.14
C ASP D 722 3.27 64.33 -24.05
N ARG D 723 3.49 63.73 -25.20
CA ARG D 723 4.56 64.23 -26.09
C ARG D 723 4.05 64.85 -27.37
N TRP D 724 4.45 66.09 -27.63
CA TRP D 724 4.15 66.73 -28.91
C TRP D 724 4.87 65.96 -30.02
N ILE D 725 4.07 65.48 -30.98
CA ILE D 725 4.57 64.84 -32.21
C ILE D 725 3.64 65.17 -33.38
N GLU D 726 4.17 65.18 -34.60
CA GLU D 726 3.40 65.58 -35.78
C GLU D 726 1.98 64.97 -35.88
N SER D 727 1.87 63.66 -35.74
CA SER D 727 0.58 62.97 -35.90
C SER D 727 -0.38 63.12 -34.71
N LYS D 728 0.00 63.99 -33.76
CA LYS D 728 -0.75 64.30 -32.53
C LYS D 728 -0.10 65.52 -31.90
N ASP D 729 -0.56 66.70 -32.30
CA ASP D 729 0.15 67.95 -32.04
C ASP D 729 -0.11 68.59 -30.67
N HIS D 730 -0.11 67.79 -29.61
CA HIS D 730 -0.26 68.34 -28.26
C HIS D 730 0.64 67.66 -27.22
N GLY D 731 1.17 68.46 -26.30
CA GLY D 731 2.11 67.95 -25.31
C GLY D 731 3.51 68.55 -25.36
N LYS D 732 4.47 67.86 -24.72
CA LYS D 732 5.82 68.40 -24.53
C LYS D 732 6.89 67.78 -25.46
N ASP D 733 7.95 68.57 -25.74
CA ASP D 733 9.10 68.12 -26.57
C ASP D 733 9.72 66.82 -26.05
N TYR D 734 9.88 66.74 -24.72
CA TYR D 734 10.54 65.61 -24.05
C TYR D 734 10.36 65.75 -22.54
N GLN D 735 10.80 64.75 -21.77
CA GLN D 735 10.68 64.77 -20.29
C GLN D 735 11.54 63.72 -19.57
N GLU D 736 12.02 62.73 -20.32
CA GLU D 736 12.92 61.70 -19.82
C GLU D 736 14.03 62.33 -18.97
N LEU D 737 14.39 61.69 -17.86
CA LEU D 737 15.37 62.24 -16.94
C LEU D 737 16.72 62.39 -17.61
N TYR D 738 17.03 61.46 -18.51
CA TYR D 738 18.27 61.51 -19.26
C TYR D 738 18.35 62.68 -20.24
N MET D 739 17.27 63.45 -20.37
CA MET D 739 17.28 64.67 -21.18
C MET D 739 17.73 65.91 -20.37
N TYR D 740 18.24 65.68 -19.16
CA TYR D 740 18.64 66.79 -18.32
C TYR D 740 20.14 66.81 -17.93
N PRO D 741 21.01 67.31 -18.83
CA PRO D 741 22.46 67.23 -18.61
C PRO D 741 22.95 67.79 -17.27
N ASN D 742 22.58 69.03 -16.94
CA ASN D 742 23.03 69.70 -15.71
C ASN D 742 22.44 69.04 -14.47
N GLU D 743 21.37 68.27 -14.68
CA GLU D 743 20.61 67.67 -13.58
C GLU D 743 20.68 66.14 -13.55
N MET D 744 21.47 65.58 -14.47
CA MET D 744 21.56 64.13 -14.63
C MET D 744 22.13 63.45 -13.38
N ASP D 745 23.20 64.02 -12.83
CA ASP D 745 23.95 63.43 -11.70
C ASP D 745 23.19 63.36 -10.39
N THR D 746 22.29 64.32 -10.18
CA THR D 746 21.34 64.27 -9.07
C THR D 746 20.16 63.34 -9.37
N LEU D 747 19.62 63.41 -10.60
CA LEU D 747 18.47 62.59 -10.97
C LEU D 747 18.78 61.10 -10.86
N ARG D 748 19.92 60.70 -11.40
CA ARG D 748 20.35 59.32 -11.30
C ARG D 748 20.50 58.89 -9.84
N LYS D 749 21.35 59.57 -9.08
CA LYS D 749 21.60 59.16 -7.70
C LYS D 749 20.32 59.07 -6.87
N PHE D 750 19.33 59.94 -7.14
CA PHE D 750 18.03 59.80 -6.49
C PHE D 750 17.22 58.56 -6.90
N VAL D 751 17.41 58.07 -8.12
CA VAL D 751 16.80 56.79 -8.53
C VAL D 751 17.55 55.61 -7.91
N GLU D 752 18.87 55.75 -7.80
CA GLU D 752 19.71 54.72 -7.19
C GLU D 752 19.32 54.47 -5.74
N PHE D 753 19.05 55.57 -5.03
CA PHE D 753 18.71 55.59 -3.61
C PHE D 753 17.42 54.84 -3.38
N ARG D 754 16.43 55.08 -4.24
CA ARG D 754 15.20 54.31 -4.20
C ARG D 754 15.53 52.83 -4.33
N TYR D 755 16.28 52.48 -5.37
CA TYR D 755 16.65 51.10 -5.66
C TYR D 755 17.37 50.34 -4.52
N ARG D 756 18.25 51.02 -3.79
CA ARG D 756 18.87 50.47 -2.57
C ARG D 756 17.82 50.08 -1.52
N TRP D 757 16.71 50.81 -1.53
CA TRP D 757 15.61 50.60 -0.59
C TRP D 757 14.43 49.85 -1.19
N GLN D 758 14.67 49.14 -2.27
CA GLN D 758 13.62 48.35 -2.90
C GLN D 758 12.96 47.39 -1.89
N GLU D 759 13.74 46.86 -0.95
CA GLU D 759 13.16 46.01 0.08
C GLU D 759 12.38 46.76 1.17
N VAL D 760 12.69 48.04 1.39
CA VAL D 760 11.89 48.84 2.29
C VAL D 760 10.46 48.97 1.75
N LEU D 761 10.34 49.31 0.48
CA LEU D 761 9.03 49.36 -0.19
C LEU D 761 8.35 48.00 -0.22
N TYR D 762 9.06 46.99 -0.71
CA TYR D 762 8.51 45.64 -0.82
C TYR D 762 7.98 45.08 0.51
N THR D 763 8.72 45.33 1.59
CA THR D 763 8.34 44.91 2.93
C THR D 763 7.14 45.72 3.39
N ALA D 764 7.21 47.04 3.17
CA ALA D 764 6.07 47.91 3.48
C ALA D 764 4.83 47.37 2.79
N MET D 765 4.97 47.05 1.50
CA MET D 765 3.85 46.51 0.72
C MET D 765 3.37 45.19 1.30
N TYR D 766 4.30 44.30 1.69
CA TYR D 766 3.91 43.08 2.42
C TYR D 766 3.03 43.46 3.60
N GLN D 767 3.59 44.28 4.49
CA GLN D 767 2.93 44.74 5.71
C GLN D 767 1.54 45.28 5.46
N ASN D 768 1.25 45.60 4.20
CA ASN D 768 -0.05 46.12 3.85
C ASN D 768 -0.97 45.02 3.38
N ALA D 769 -0.43 44.09 2.60
CA ALA D 769 -1.20 42.92 2.18
C ALA D 769 -1.52 42.03 3.38
N ALA D 770 -0.57 41.94 4.31
CA ALA D 770 -0.74 41.13 5.50
C ALA D 770 -1.63 41.82 6.54
N PHE D 771 -1.35 43.09 6.84
CA PHE D 771 -1.95 43.77 8.03
C PHE D 771 -2.74 45.07 7.75
N GLY D 772 -2.66 45.57 6.53
CA GLY D 772 -3.42 46.74 6.10
C GLY D 772 -2.69 48.06 6.27
N LYS D 773 -1.49 48.01 6.83
CA LYS D 773 -0.74 49.21 7.19
C LYS D 773 -0.43 50.07 5.97
N PRO D 774 -0.90 51.32 5.94
CA PRO D 774 -0.56 52.20 4.81
C PRO D 774 0.94 52.29 4.63
N ILE D 775 1.42 52.23 3.38
CA ILE D 775 2.85 52.44 3.12
C ILE D 775 3.26 53.84 3.54
N ILE D 776 2.49 54.82 3.09
CA ILE D 776 2.77 56.21 3.39
C ILE D 776 1.92 56.70 4.56
N LYS D 777 2.59 57.11 5.62
CA LYS D 777 1.92 57.59 6.81
C LYS D 777 1.80 59.12 6.76
N ALA D 778 0.63 59.61 7.18
CA ALA D 778 0.43 61.03 7.43
C ALA D 778 1.21 61.39 8.67
N ALA D 779 1.78 62.59 8.69
CA ALA D 779 2.47 63.07 9.87
C ALA D 779 1.57 62.91 11.09
N SER D 780 0.27 63.07 10.87
CA SER D 780 -0.76 62.97 11.91
C SER D 780 -1.12 61.52 12.28
N MET D 781 -0.29 60.57 11.84
CA MET D 781 -0.34 59.19 12.34
C MET D 781 0.78 58.95 13.35
N TYR D 782 1.57 59.99 13.58
CA TYR D 782 2.61 59.94 14.59
C TYR D 782 2.00 60.53 15.85
N ASN D 783 1.83 59.66 16.87
CA ASN D 783 1.05 59.98 18.06
C ASN D 783 1.86 60.68 19.12
N ASN D 784 1.16 61.35 20.03
CA ASN D 784 1.76 62.05 21.15
C ASN D 784 2.65 63.18 20.67
N ASP D 785 2.28 63.73 19.52
CA ASP D 785 2.92 64.91 18.96
C ASP D 785 1.84 65.87 18.54
N SER D 786 1.97 67.11 19.03
CA SER D 786 0.99 68.17 18.75
C SER D 786 1.52 69.20 17.75
N ASN D 787 2.60 68.85 17.05
CA ASN D 787 3.17 69.71 16.01
C ASN D 787 3.14 69.07 14.63
N VAL D 788 2.82 67.79 14.56
CA VAL D 788 2.79 67.10 13.26
C VAL D 788 1.61 67.53 12.39
N ARG D 789 0.56 68.02 13.02
CA ARG D 789 -0.63 68.45 12.27
C ARG D 789 -0.30 69.67 11.41
N ARG D 790 0.45 70.62 11.97
CA ARG D 790 0.94 71.76 11.18
C ARG D 790 1.84 71.29 10.03
N ALA D 791 2.63 70.24 10.28
CA ALA D 791 3.61 69.76 9.30
C ALA D 791 3.07 68.69 8.36
N GLN D 792 1.77 68.41 8.44
CA GLN D 792 1.21 67.27 7.69
C GLN D 792 1.04 67.51 6.18
N ASN D 793 1.34 68.72 5.71
CA ASN D 793 1.22 68.99 4.28
C ASN D 793 2.38 68.38 3.51
N ASP D 794 3.59 68.63 4.00
CA ASP D 794 4.77 68.17 3.29
C ASP D 794 5.63 67.15 4.05
N HIS D 795 5.27 66.85 5.28
CA HIS D 795 5.97 65.78 5.98
C HIS D 795 5.24 64.45 5.89
N PHE D 796 5.97 63.38 5.60
CA PHE D 796 5.43 62.01 5.68
C PHE D 796 6.44 60.98 6.16
N LEU D 797 5.99 59.74 6.33
CA LEU D 797 6.79 58.67 6.95
C LEU D 797 6.51 57.34 6.30
N LEU D 798 7.51 56.46 6.34
CA LEU D 798 7.40 55.11 5.79
C LEU D 798 8.54 54.22 6.30
N GLY D 799 8.36 52.91 6.14
CA GLY D 799 9.45 51.94 6.20
C GLY D 799 9.87 51.44 7.56
N GLY D 800 10.46 50.25 7.58
CA GLY D 800 10.96 49.68 8.82
C GLY D 800 10.00 48.67 9.42
N HIS D 801 10.25 48.29 10.66
CA HIS D 801 9.40 47.30 11.35
C HIS D 801 8.00 47.83 11.66
N ASP D 802 7.94 49.14 11.97
CA ASP D 802 6.67 49.80 12.30
C ASP D 802 6.12 50.74 11.22
N GLY D 803 6.94 51.02 10.20
CA GLY D 803 6.53 51.88 9.09
C GLY D 803 6.73 53.37 9.35
N TYR D 804 7.50 53.68 10.40
CA TYR D 804 7.77 55.04 10.83
C TYR D 804 9.27 55.23 11.05
N ARG D 805 10.07 54.58 10.22
CA ARG D 805 11.52 54.65 10.38
C ARG D 805 12.17 55.71 9.50
N ILE D 806 11.41 56.22 8.54
CA ILE D 806 11.91 57.23 7.62
C ILE D 806 11.00 58.44 7.55
N LEU D 807 11.59 59.64 7.58
CA LEU D 807 10.84 60.88 7.46
C LEU D 807 11.22 61.62 6.18
N CYS D 808 10.21 62.01 5.42
CA CYS D 808 10.42 62.82 4.22
C CYS D 808 9.74 64.16 4.34
N ALA D 809 10.47 65.20 3.95
CA ALA D 809 9.96 66.55 3.93
C ALA D 809 10.35 67.23 2.61
N PRO D 810 9.91 66.66 1.47
CA PRO D 810 10.39 67.17 0.19
C PRO D 810 10.15 68.67 -0.02
N VAL D 811 11.08 69.34 -0.69
CA VAL D 811 10.89 70.73 -1.08
C VAL D 811 9.80 70.72 -2.16
N VAL D 812 8.82 71.64 -2.02
CA VAL D 812 7.61 71.64 -2.87
C VAL D 812 7.35 72.94 -3.64
N TRP D 813 8.42 73.71 -3.88
CA TRP D 813 8.39 74.90 -4.72
C TRP D 813 9.61 74.87 -5.63
N GLU D 814 9.43 75.34 -6.86
CA GLU D 814 10.54 75.49 -7.80
C GLU D 814 11.53 76.55 -7.29
N ASN D 815 12.80 76.34 -7.62
CA ASN D 815 13.88 77.30 -7.35
C ASN D 815 14.01 77.68 -5.88
N SER D 816 13.98 76.67 -5.03
CA SER D 816 13.98 76.85 -3.58
C SER D 816 15.19 76.15 -2.93
N THR D 817 16.00 76.90 -2.19
CA THR D 817 17.14 76.30 -1.50
C THR D 817 16.95 76.15 0.02
N GLU D 818 15.72 76.34 0.49
CA GLU D 818 15.37 76.05 1.89
C GLU D 818 13.90 75.64 2.09
N ARG D 819 13.58 75.15 3.29
CA ARG D 819 12.20 74.88 3.71
C ARG D 819 12.06 74.69 5.23
N GLU D 820 10.85 74.90 5.74
CA GLU D 820 10.56 74.71 7.15
C GLU D 820 10.51 73.21 7.49
N LEU D 821 11.32 72.80 8.47
CA LEU D 821 11.44 71.38 8.83
C LEU D 821 10.97 71.06 10.26
N TYR D 822 10.06 70.09 10.39
CA TYR D 822 9.69 69.59 11.70
C TYR D 822 10.03 68.13 11.89
N LEU D 823 10.88 67.86 12.89
CA LEU D 823 11.19 66.49 13.28
C LEU D 823 10.21 66.03 14.36
N PRO D 824 9.54 64.87 14.16
CA PRO D 824 8.59 64.32 15.17
C PRO D 824 9.24 63.98 16.52
N VAL D 825 8.49 64.21 17.61
CA VAL D 825 9.03 64.23 18.98
C VAL D 825 9.27 62.84 19.62
N LEU D 826 10.05 62.83 20.70
CA LEU D 826 10.38 61.63 21.51
C LEU D 826 11.29 60.56 20.86
N THR D 827 11.88 60.88 19.71
CA THR D 827 12.86 60.01 19.04
C THR D 827 13.99 60.86 18.45
N GLN D 828 15.05 60.20 17.99
CA GLN D 828 16.18 60.88 17.35
C GLN D 828 16.23 60.60 15.84
N TRP D 829 16.72 61.56 15.08
CA TRP D 829 16.70 61.51 13.62
C TRP D 829 18.08 61.66 13.00
N TYR D 830 18.33 60.92 11.93
CA TYR D 830 19.59 61.04 11.17
C TYR D 830 19.38 61.47 9.73
N LYS D 831 20.03 62.56 9.34
CA LYS D 831 19.94 63.05 7.97
C LYS D 831 20.46 62.00 7.00
N PHE D 832 19.68 61.71 5.95
CA PHE D 832 20.05 60.65 5.02
C PHE D 832 19.95 61.14 3.56
N GLY D 833 19.47 60.27 2.67
CA GLY D 833 19.46 60.57 1.24
C GLY D 833 20.59 59.83 0.54
N PRO D 834 20.67 59.95 -0.80
CA PRO D 834 21.59 59.18 -1.68
C PRO D 834 23.08 59.34 -1.34
N ASP D 835 23.43 60.41 -0.63
CA ASP D 835 24.83 60.72 -0.33
C ASP D 835 25.42 59.85 0.79
N PHE D 836 24.57 59.52 1.77
CA PHE D 836 25.02 58.93 3.04
C PHE D 836 25.36 57.45 3.00
N ASP D 837 25.30 56.86 1.82
CA ASP D 837 25.67 55.46 1.65
C ASP D 837 27.17 55.27 1.52
N THR D 838 27.89 56.32 1.12
CA THR D 838 29.35 56.31 0.95
C THR D 838 30.09 57.23 1.94
N LYS D 839 29.40 57.68 2.98
CA LYS D 839 29.98 58.53 4.01
C LYS D 839 29.27 58.30 5.34
N PRO D 840 29.98 58.54 6.48
CA PRO D 840 29.34 58.30 7.78
C PRO D 840 28.17 59.24 8.01
N LEU D 841 27.23 58.83 8.85
CA LEU D 841 26.08 59.67 9.18
C LEU D 841 26.54 60.89 9.98
N GLU D 842 25.76 61.95 9.92
CA GLU D 842 26.01 63.12 10.75
C GLU D 842 25.39 62.89 12.13
N GLY D 843 25.72 63.76 13.09
CA GLY D 843 25.22 63.64 14.45
C GLY D 843 23.71 63.58 14.60
N ALA D 844 23.25 63.06 15.75
CA ALA D 844 21.83 62.94 16.06
C ALA D 844 21.09 64.27 15.93
N MET D 845 19.90 64.23 15.35
CA MET D 845 19.03 65.39 15.31
C MET D 845 17.87 65.18 16.27
N ASN D 846 17.77 66.04 17.28
CA ASN D 846 16.73 65.94 18.31
C ASN D 846 15.32 66.02 17.72
N GLY D 847 14.46 65.09 18.11
CA GLY D 847 13.07 65.07 17.69
C GLY D 847 12.33 66.20 18.38
N GLY D 848 11.27 66.68 17.74
CA GLY D 848 10.51 67.81 18.25
C GLY D 848 11.17 69.16 17.98
N ASP D 849 12.25 69.17 17.20
CA ASP D 849 12.86 70.43 16.74
C ASP D 849 12.11 70.95 15.52
N ARG D 850 11.89 72.26 15.50
CA ARG D 850 11.35 72.95 14.34
C ARG D 850 12.43 73.86 13.77
N ILE D 851 12.96 73.47 12.62
CA ILE D 851 14.02 74.24 11.96
C ILE D 851 13.48 75.03 10.77
N TYR D 852 13.42 76.35 10.98
CA TYR D 852 13.06 77.31 9.95
C TYR D 852 14.24 77.42 9.02
N ASN D 853 14.00 77.82 7.77
CA ASN D 853 15.08 78.11 6.82
C ASN D 853 16.13 76.98 6.67
N TYR D 854 15.66 75.74 6.72
CA TYR D 854 16.55 74.57 6.68
C TYR D 854 17.14 74.40 5.28
N PRO D 855 18.48 74.60 5.14
CA PRO D 855 19.15 74.54 3.83
C PRO D 855 18.96 73.21 3.09
N VAL D 856 18.39 73.30 1.89
CA VAL D 856 18.14 72.13 1.03
C VAL D 856 18.46 72.49 -0.42
N PRO D 857 19.75 72.37 -0.82
CA PRO D 857 20.20 72.70 -2.18
C PRO D 857 19.59 71.74 -3.21
N GLN D 858 19.68 72.08 -4.49
CA GLN D 858 19.11 71.25 -5.56
C GLN D 858 19.41 69.76 -5.44
N SER D 859 20.68 69.41 -5.18
CA SER D 859 21.09 68.01 -5.03
C SER D 859 20.58 67.30 -3.76
N GLU D 860 19.95 68.04 -2.85
CA GLU D 860 19.49 67.41 -1.61
C GLU D 860 17.99 67.46 -1.40
N SER D 861 17.52 66.61 -0.50
CA SER D 861 16.10 66.50 -0.18
C SER D 861 16.00 66.08 1.29
N PRO D 862 15.09 66.70 2.07
CA PRO D 862 15.03 66.30 3.48
C PRO D 862 14.51 64.86 3.65
N ILE D 863 15.44 63.98 4.01
CA ILE D 863 15.16 62.56 4.28
C ILE D 863 15.93 62.15 5.53
N PHE D 864 15.22 61.51 6.46
CA PHE D 864 15.81 61.13 7.74
C PHE D 864 15.44 59.71 8.17
N VAL D 865 16.43 58.97 8.66
CA VAL D 865 16.21 57.64 9.21
C VAL D 865 16.16 57.71 10.74
N ARG D 866 15.06 57.19 11.28
CA ARG D 866 14.81 57.14 12.71
C ARG D 866 15.78 56.17 13.36
N GLU D 867 16.25 56.52 14.57
CA GLU D 867 17.05 55.60 15.35
C GLU D 867 16.27 54.31 15.63
N GLY D 868 17.00 53.25 15.99
CA GLY D 868 16.38 51.96 16.24
C GLY D 868 15.84 51.35 14.96
N ALA D 869 16.47 51.70 13.84
CA ALA D 869 16.09 51.19 12.53
C ALA D 869 17.12 50.23 11.94
N ILE D 870 16.63 49.07 11.55
CA ILE D 870 17.38 48.15 10.71
C ILE D 870 16.57 48.10 9.42
N LEU D 871 17.21 48.45 8.32
CA LEU D 871 16.54 48.51 7.04
C LEU D 871 17.20 47.53 6.12
N PRO D 872 16.40 46.77 5.35
CA PRO D 872 16.99 45.87 4.37
C PRO D 872 17.36 46.65 3.12
N THR D 873 18.65 46.58 2.77
CA THR D 873 19.21 47.27 1.62
C THR D 873 19.61 46.24 0.56
N ARG D 874 19.52 46.63 -0.71
CA ARG D 874 19.97 45.77 -1.82
C ARG D 874 21.04 46.45 -2.66
N TYR D 875 22.03 45.66 -3.06
CA TYR D 875 23.12 46.12 -3.92
C TYR D 875 23.30 45.12 -5.04
N THR D 876 24.04 45.54 -6.07
CA THR D 876 24.37 44.67 -7.19
C THR D 876 25.75 44.08 -7.01
N LEU D 877 25.93 42.82 -7.41
CA LEU D 877 27.22 42.15 -7.26
C LEU D 877 28.31 42.85 -8.06
N ASN D 878 27.96 43.40 -9.21
CA ASN D 878 28.93 44.06 -10.10
C ASN D 878 28.92 45.61 -10.07
N GLY D 879 28.18 46.20 -9.12
CA GLY D 879 28.10 47.65 -8.99
C GLY D 879 27.48 48.43 -10.14
N GLU D 880 26.81 47.74 -11.07
CA GLU D 880 26.17 48.42 -12.21
C GLU D 880 24.68 48.57 -12.03
N ASN D 881 24.18 49.82 -11.99
CA ASN D 881 22.73 50.06 -11.95
C ASN D 881 21.94 49.11 -12.86
N LYS D 882 21.15 48.22 -12.27
CA LYS D 882 20.24 47.37 -13.03
C LYS D 882 18.81 47.38 -12.51
N SER D 883 17.88 46.99 -13.40
CA SER D 883 16.46 46.89 -13.11
C SER D 883 16.17 45.89 -12.02
N LEU D 884 15.19 46.21 -11.17
CA LEU D 884 14.84 45.36 -10.03
C LEU D 884 14.55 43.95 -10.49
N ASN D 885 13.96 43.83 -11.68
CA ASN D 885 13.52 42.53 -12.17
C ASN D 885 14.66 41.63 -12.60
N THR D 886 15.85 42.20 -12.80
CA THR D 886 17.04 41.40 -13.14
C THR D 886 17.94 41.09 -11.94
N TYR D 887 17.52 41.47 -10.73
CA TYR D 887 18.19 41.03 -9.49
C TYR D 887 18.00 39.54 -9.25
N THR D 888 19.05 38.90 -8.75
CA THR D 888 18.99 37.54 -8.23
C THR D 888 19.48 37.62 -6.77
N ASP D 889 19.40 36.48 -6.08
CA ASP D 889 19.75 36.45 -4.67
C ASP D 889 21.25 36.68 -4.43
N GLU D 890 22.06 36.52 -5.48
CA GLU D 890 23.51 36.78 -5.44
C GLU D 890 23.80 38.24 -5.28
N ASP D 891 22.83 39.09 -5.64
CA ASP D 891 22.91 40.52 -5.39
C ASP D 891 22.68 40.82 -3.92
N PRO D 892 23.73 41.32 -3.23
CA PRO D 892 23.79 41.44 -1.76
C PRO D 892 22.54 42.00 -1.07
N LEU D 893 22.06 41.26 -0.07
CA LEU D 893 21.04 41.76 0.83
C LEU D 893 21.71 42.19 2.14
N VAL D 894 21.63 43.48 2.46
CA VAL D 894 22.32 44.02 3.62
C VAL D 894 21.29 44.55 4.63
N PHE D 895 21.45 44.15 5.89
CA PHE D 895 20.66 44.70 6.96
C PHE D 895 21.46 45.80 7.63
N GLU D 896 21.06 47.03 7.33
CA GLU D 896 21.74 48.22 7.83
C GLU D 896 21.16 48.57 9.19
N VAL D 897 22.01 48.48 10.20
CA VAL D 897 21.64 48.82 11.57
C VAL D 897 22.07 50.25 11.83
N PHE D 898 21.09 51.15 11.84
CA PHE D 898 21.32 52.55 12.15
C PHE D 898 21.53 52.72 13.66
N PRO D 899 22.07 53.87 14.10
CA PRO D 899 22.34 54.04 15.53
C PRO D 899 21.14 53.68 16.40
N LEU D 900 21.42 53.03 17.52
CA LEU D 900 20.39 52.43 18.36
C LEU D 900 19.49 53.42 19.09
N GLY D 901 18.19 53.14 19.06
CA GLY D 901 17.21 53.89 19.83
C GLY D 901 16.77 53.13 21.07
N ASN D 902 17.15 53.65 22.25
CA ASN D 902 16.86 53.01 23.54
C ASN D 902 17.62 51.70 23.75
N ASN D 903 18.87 51.69 23.26
CA ASN D 903 19.75 50.50 23.27
C ASN D 903 19.14 49.35 22.48
N ARG D 904 18.55 49.70 21.35
CA ARG D 904 17.72 48.79 20.59
C ARG D 904 17.65 49.23 19.14
N ALA D 905 17.41 48.26 18.26
CA ALA D 905 17.07 48.51 16.87
C ALA D 905 16.29 47.32 16.38
N ASP D 906 15.32 47.58 15.51
CA ASP D 906 14.43 46.55 15.01
C ASP D 906 14.30 46.62 13.50
N GLY D 907 14.12 45.46 12.86
CA GLY D 907 14.05 45.38 11.42
C GLY D 907 13.16 44.27 10.92
N MET D 908 12.75 44.40 9.66
CA MET D 908 11.90 43.41 9.02
C MET D 908 12.18 43.39 7.51
N CYS D 909 12.19 42.19 6.93
CA CYS D 909 12.34 42.02 5.51
C CYS D 909 11.51 40.88 4.96
N TYR D 910 10.53 41.23 4.11
CA TYR D 910 9.76 40.25 3.36
C TYR D 910 10.65 39.76 2.24
N LEU D 911 10.56 38.46 1.96
CA LEU D 911 11.34 37.84 0.88
C LEU D 911 10.53 36.78 0.13
N ASP D 912 10.46 36.94 -1.19
CA ASP D 912 9.91 35.91 -2.08
C ASP D 912 10.68 35.97 -3.40
N ASP D 913 10.29 35.16 -4.38
CA ASP D 913 11.05 35.11 -5.65
C ASP D 913 10.79 36.30 -6.57
N GLY D 914 10.09 37.32 -6.07
CA GLY D 914 9.94 38.55 -6.80
C GLY D 914 8.69 38.62 -7.66
N GLY D 915 8.03 37.47 -7.85
CA GLY D 915 6.88 37.42 -8.75
C GLY D 915 7.17 36.61 -10.01
N VAL D 916 8.35 35.99 -10.04
CA VAL D 916 8.71 35.04 -11.09
C VAL D 916 7.62 33.98 -11.12
N THR D 917 7.19 33.56 -9.92
CA THR D 917 6.04 32.66 -9.74
C THR D 917 5.03 33.30 -8.78
N THR D 918 3.83 32.71 -8.73
CA THR D 918 2.78 33.13 -7.80
C THR D 918 2.71 32.21 -6.57
N ASN D 919 3.86 31.62 -6.23
CA ASN D 919 3.96 30.67 -5.12
C ASN D 919 3.84 31.28 -3.72
N ALA D 920 4.32 32.52 -3.58
CA ALA D 920 4.11 33.29 -2.34
C ALA D 920 2.62 33.36 -1.99
N GLU D 921 1.80 33.82 -2.94
CA GLU D 921 0.39 34.08 -2.69
C GLU D 921 -0.52 32.86 -2.81
N ASP D 922 -0.11 31.89 -3.61
CA ASP D 922 -0.92 30.68 -3.85
C ASP D 922 -0.58 29.56 -2.87
N ASN D 923 0.67 29.52 -2.42
CA ASN D 923 1.17 28.36 -1.69
C ASN D 923 2.01 28.70 -0.45
N GLY D 924 2.09 29.99 -0.13
CA GLY D 924 2.78 30.43 1.08
C GLY D 924 4.28 30.38 0.97
N LYS D 925 4.78 30.31 -0.25
CA LYS D 925 6.22 30.30 -0.50
C LYS D 925 6.84 31.70 -0.37
N PHE D 926 6.95 32.17 0.87
CA PHE D 926 7.57 33.45 1.18
C PHE D 926 8.22 33.43 2.56
N SER D 927 9.12 34.39 2.79
CA SER D 927 9.81 34.51 4.08
C SER D 927 9.63 35.90 4.67
N VAL D 928 9.35 35.95 5.98
CA VAL D 928 9.33 37.20 6.68
C VAL D 928 10.45 37.19 7.73
N VAL D 929 11.54 37.89 7.43
CA VAL D 929 12.71 37.89 8.30
C VAL D 929 12.60 39.00 9.33
N LYS D 930 12.79 38.65 10.60
CA LYS D 930 12.83 39.66 11.66
C LYS D 930 14.20 39.69 12.34
N VAL D 931 14.67 40.90 12.64
CA VAL D 931 15.94 41.09 13.31
C VAL D 931 15.80 42.07 14.49
N ALA D 932 16.48 41.77 15.59
CA ALA D 932 16.58 42.67 16.72
C ALA D 932 18.03 42.93 17.03
N ALA D 933 18.32 44.10 17.60
CA ALA D 933 19.67 44.44 18.07
C ALA D 933 19.62 45.13 19.44
N GLU D 934 20.16 44.48 20.45
CA GLU D 934 20.24 45.08 21.77
C GLU D 934 21.69 45.32 22.14
N GLN D 935 21.98 46.54 22.58
CA GLN D 935 23.26 46.83 23.20
C GLN D 935 23.09 46.67 24.70
N ASP D 936 24.00 45.94 25.32
CA ASP D 936 23.98 45.75 26.76
C ASP D 936 25.41 45.69 27.29
N GLY D 937 25.85 46.78 27.91
CA GLY D 937 27.25 46.96 28.28
C GLY D 937 28.11 47.00 27.03
N GLY D 938 29.11 46.12 26.98
CA GLY D 938 29.98 46.02 25.80
C GLY D 938 29.67 44.82 24.91
N THR D 939 28.40 44.44 24.83
CA THR D 939 27.98 43.29 24.03
C THR D 939 26.70 43.59 23.26
N GLU D 940 26.85 43.68 21.94
CA GLU D 940 25.72 43.94 21.06
C GLU D 940 25.19 42.62 20.46
N THR D 941 24.02 42.19 20.90
CA THR D 941 23.42 40.96 20.40
C THR D 941 22.42 41.26 19.29
N ILE D 942 22.75 40.78 18.08
CA ILE D 942 21.89 40.93 16.91
C ILE D 942 21.26 39.59 16.52
N THR D 943 19.94 39.51 16.66
CA THR D 943 19.22 38.23 16.58
C THR D 943 18.36 38.13 15.34
N PHE D 944 18.44 37.00 14.66
CA PHE D 944 17.56 36.73 13.54
C PHE D 944 16.52 35.69 13.91
N THR D 945 15.26 36.09 13.79
CA THR D 945 14.12 35.21 13.96
C THR D 945 13.29 35.34 12.67
N ASN D 946 12.22 34.57 12.55
CA ASN D 946 11.32 34.71 11.40
C ASN D 946 9.87 34.32 11.65
N ASP D 947 8.94 35.01 11.00
CA ASP D 947 7.52 34.67 11.09
C ASP D 947 7.23 33.37 10.32
N CYS D 948 7.72 33.32 9.08
CA CYS D 948 7.86 32.06 8.34
C CYS D 948 9.15 32.09 7.53
N TYR D 949 9.56 30.93 7.05
CA TYR D 949 10.70 30.84 6.15
C TYR D 949 10.44 29.77 5.12
N GLU D 950 9.66 30.14 4.11
CA GLU D 950 9.18 29.19 3.12
C GLU D 950 9.77 29.50 1.74
N TYR D 951 10.56 30.57 1.68
CA TYR D 951 11.36 30.87 0.51
C TYR D 951 12.82 30.99 0.94
N VAL D 952 13.70 30.27 0.25
CA VAL D 952 15.12 30.21 0.62
C VAL D 952 15.95 31.25 -0.14
N PHE D 953 16.37 32.29 0.57
CA PHE D 953 17.29 33.26 0.02
C PHE D 953 18.52 32.51 -0.44
N GLY D 954 18.86 32.67 -1.72
CA GLY D 954 19.86 31.82 -2.37
C GLY D 954 21.26 32.36 -2.41
N GLY D 955 21.53 33.46 -1.71
CA GLY D 955 22.87 34.03 -1.67
C GLY D 955 23.30 34.43 -0.28
N PRO D 956 24.54 34.95 -0.15
CA PRO D 956 25.02 35.50 1.12
C PRO D 956 24.21 36.71 1.57
N PHE D 957 24.16 36.96 2.89
CA PHE D 957 23.53 38.19 3.40
C PHE D 957 24.45 38.91 4.39
N TYR D 958 24.18 40.19 4.62
CA TYR D 958 25.09 41.01 5.40
C TYR D 958 24.39 41.81 6.48
N VAL D 959 25.15 42.23 7.48
CA VAL D 959 24.72 43.17 8.50
C VAL D 959 25.75 44.29 8.47
N ARG D 960 25.28 45.53 8.36
CA ARG D 960 26.15 46.68 8.39
C ARG D 960 25.82 47.49 9.63
N VAL D 961 26.77 47.62 10.55
CA VAL D 961 26.50 48.31 11.81
C VAL D 961 27.13 49.71 11.81
N ARG D 962 26.28 50.70 11.55
CA ARG D 962 26.63 52.10 11.63
C ARG D 962 27.23 52.49 12.99
N GLY D 963 28.38 53.16 12.96
CA GLY D 963 28.99 53.69 14.16
C GLY D 963 29.75 52.67 14.98
N ALA D 964 29.87 51.46 14.44
CA ALA D 964 30.71 50.42 15.02
C ALA D 964 32.00 50.31 14.22
N GLN D 965 33.11 49.94 14.88
CA GLN D 965 34.39 49.76 14.17
C GLN D 965 35.06 48.40 14.33
N SER D 966 36.15 48.36 15.11
CA SER D 966 36.94 47.14 15.26
C SER D 966 36.47 46.37 16.50
N PRO D 967 35.86 45.19 16.29
CA PRO D 967 35.43 44.35 17.40
C PRO D 967 36.54 43.42 17.90
N SER D 968 36.34 42.80 19.05
CA SER D 968 37.31 41.84 19.56
C SER D 968 37.02 40.46 19.01
N ASN D 969 35.74 40.09 18.97
CA ASN D 969 35.34 38.74 18.61
C ASN D 969 33.84 38.65 18.27
N ILE D 970 33.51 38.49 16.98
CA ILE D 970 32.13 38.29 16.56
C ILE D 970 31.81 36.80 16.44
N HIS D 971 30.74 36.39 17.10
CA HIS D 971 30.34 34.99 17.18
C HIS D 971 28.96 34.77 16.59
N VAL D 972 28.82 33.74 15.76
CA VAL D 972 27.57 33.47 15.08
C VAL D 972 26.99 32.10 15.46
N SER D 973 25.94 32.16 16.26
CA SER D 973 25.17 30.98 16.65
C SER D 973 24.05 30.70 15.64
N SER D 974 23.96 29.45 15.20
CA SER D 974 22.89 29.03 14.29
C SER D 974 22.66 27.54 14.35
N GLY D 975 21.39 27.14 14.21
CA GLY D 975 21.01 25.74 14.12
C GLY D 975 21.67 25.01 12.96
N ALA D 976 22.01 25.75 11.91
CA ALA D 976 22.69 25.19 10.74
C ALA D 976 24.21 25.12 10.89
N GLY D 977 24.71 25.45 12.09
CA GLY D 977 26.13 25.35 12.39
C GLY D 977 26.70 26.63 12.98
N SER D 978 27.08 26.55 14.25
CA SER D 978 27.69 27.68 14.98
C SER D 978 29.12 27.98 14.48
N GLN D 979 29.58 29.23 14.63
CA GLN D 979 30.78 29.73 13.93
C GLN D 979 31.38 30.97 14.61
N ASP D 980 32.70 31.08 14.64
CA ASP D 980 33.40 32.32 15.00
C ASP D 980 33.69 33.10 13.73
N MET D 981 33.56 34.43 13.77
CA MET D 981 33.89 35.26 12.61
C MET D 981 35.33 35.77 12.62
N LYS D 982 35.89 36.00 11.43
CA LYS D 982 37.29 36.45 11.29
C LYS D 982 37.38 37.65 10.34
N VAL D 983 38.38 38.50 10.56
CA VAL D 983 38.60 39.68 9.72
C VAL D 983 38.94 39.27 8.28
N SER D 984 38.33 39.96 7.32
CA SER D 984 38.50 39.64 5.90
C SER D 984 39.71 40.36 5.32
N SER D 985 40.44 39.67 4.46
CA SER D 985 41.53 40.28 3.71
C SER D 985 41.00 41.15 2.57
N ALA D 986 39.67 41.30 2.50
CA ALA D 986 39.00 42.24 1.62
C ALA D 986 38.89 43.61 2.31
N THR D 987 39.44 44.65 1.69
CA THR D 987 39.47 46.00 2.30
C THR D 987 38.80 47.11 1.47
N SER D 988 37.83 46.72 0.64
CA SER D 988 36.86 47.62 0.07
C SER D 988 35.52 46.91 0.10
N ARG D 989 34.43 47.63 -0.21
CA ARG D 989 33.10 47.02 -0.23
C ARG D 989 32.98 45.99 -1.35
N ALA D 990 33.34 46.38 -2.58
CA ALA D 990 33.25 45.49 -3.75
C ALA D 990 34.07 44.22 -3.57
N ALA D 991 35.22 44.38 -2.92
CA ALA D 991 36.12 43.25 -2.66
C ALA D 991 35.46 42.24 -1.74
N LEU D 992 34.65 42.75 -0.81
CA LEU D 992 33.98 41.93 0.18
C LEU D 992 32.75 41.20 -0.38
N PHE D 993 32.03 41.86 -1.28
CA PHE D 993 30.86 41.23 -1.90
C PHE D 993 31.30 40.07 -2.78
N ASN D 994 32.29 40.31 -3.64
CA ASN D 994 32.72 39.37 -4.69
C ASN D 994 33.73 38.30 -4.27
N ASP D 995 34.64 38.66 -3.35
CA ASP D 995 35.75 37.76 -2.98
C ASP D 995 35.77 37.33 -1.50
N GLY D 996 35.09 38.07 -0.64
CA GLY D 996 35.02 37.74 0.79
C GLY D 996 34.37 36.39 1.06
N GLU D 997 34.77 35.76 2.17
CA GLU D 997 34.28 34.43 2.55
C GLU D 997 33.07 34.53 3.49
N ASN D 998 32.18 33.53 3.43
CA ASN D 998 31.08 33.44 4.36
C ASN D 998 31.59 33.22 5.78
N GLY D 999 31.44 34.23 6.63
CA GLY D 999 32.00 34.22 7.97
C GLY D 999 33.00 35.35 8.19
N ASP D 1000 33.16 36.20 7.19
CA ASP D 1000 34.07 37.35 7.23
C ASP D 1000 33.43 38.60 7.82
N PHE D 1001 34.25 39.60 8.11
CA PHE D 1001 33.75 40.92 8.45
C PHE D 1001 34.73 42.01 8.01
N TRP D 1002 34.19 43.14 7.55
CA TRP D 1002 35.02 44.26 7.08
C TRP D 1002 34.84 45.50 7.95
N VAL D 1003 35.94 46.05 8.44
CA VAL D 1003 35.90 47.34 9.10
C VAL D 1003 35.89 48.41 7.99
N ASP D 1004 34.71 49.01 7.78
CA ASP D 1004 34.50 50.11 6.84
C ASP D 1004 34.84 51.44 7.52
N GLN D 1005 35.96 52.04 7.11
CA GLN D 1005 36.44 53.27 7.75
C GLN D 1005 36.03 54.53 6.98
N GLU D 1006 35.50 54.37 5.77
CA GLU D 1006 35.06 55.51 4.98
C GLU D 1006 33.66 55.95 5.40
N THR D 1007 32.91 55.02 5.98
CA THR D 1007 31.50 55.24 6.31
C THR D 1007 31.16 54.83 7.74
N ASP D 1008 32.20 54.64 8.56
CA ASP D 1008 32.06 54.22 9.96
C ASP D 1008 31.05 53.08 10.08
N SER D 1009 31.42 51.93 9.52
CA SER D 1009 30.54 50.77 9.56
C SER D 1009 31.33 49.48 9.80
N LEU D 1010 30.61 48.44 10.19
CA LEU D 1010 31.20 47.12 10.31
C LEU D 1010 30.32 46.11 9.57
N TRP D 1011 30.86 45.53 8.51
CA TRP D 1011 30.08 44.63 7.66
C TRP D 1011 30.36 43.18 8.04
N LEU D 1012 29.29 42.40 8.20
CA LEU D 1012 29.40 40.99 8.54
C LEU D 1012 28.88 40.12 7.37
N LYS D 1013 29.74 39.29 6.79
CA LYS D 1013 29.31 38.41 5.68
C LYS D 1013 28.88 37.02 6.16
N LEU D 1014 27.60 36.73 5.99
CA LEU D 1014 27.01 35.52 6.56
C LEU D 1014 26.41 34.61 5.49
N PRO D 1015 26.48 33.27 5.70
CA PRO D 1015 25.89 32.33 4.76
C PRO D 1015 24.38 32.30 4.83
N ASN D 1016 23.74 31.92 3.74
CA ASN D 1016 22.29 31.94 3.63
C ASN D 1016 21.61 31.04 4.65
N VAL D 1017 22.26 29.95 5.00
CA VAL D 1017 21.70 28.91 5.90
C VAL D 1017 21.46 29.37 7.34
N VAL D 1018 22.03 30.52 7.71
CA VAL D 1018 21.85 31.09 9.04
C VAL D 1018 20.73 32.14 9.14
N LEU D 1019 20.18 32.53 7.98
CA LEU D 1019 19.20 33.60 7.93
C LEU D 1019 18.00 33.38 8.86
N PRO D 1020 17.45 32.14 8.92
CA PRO D 1020 16.26 31.92 9.75
C PRO D 1020 16.47 31.96 11.25
N ASP D 1021 17.69 31.76 11.74
CA ASP D 1021 17.89 31.63 13.19
C ASP D 1021 19.17 32.24 13.80
N ALA D 1022 19.89 33.06 13.05
CA ALA D 1022 21.22 33.52 13.48
C ALA D 1022 21.21 34.40 14.72
N VAL D 1023 21.94 33.98 15.75
CA VAL D 1023 22.21 34.84 16.91
C VAL D 1023 23.67 35.30 16.80
N ILE D 1024 23.86 36.61 16.77
CA ILE D 1024 25.15 37.20 16.50
C ILE D 1024 25.53 38.03 17.71
N THR D 1025 26.69 37.75 18.28
CA THR D 1025 27.15 38.49 19.46
C THR D 1025 28.47 39.21 19.19
N ILE D 1026 28.41 40.53 19.19
CA ILE D 1026 29.57 41.38 18.97
C ILE D 1026 30.17 41.85 20.29
N THR D 1027 31.37 41.38 20.58
CA THR D 1027 32.08 41.86 21.74
C THR D 1027 33.29 42.75 21.34
C1 NOJ E . -15.42 -13.11 -45.79
C2 NOJ E . -15.36 -12.60 -44.36
O2 NOJ E . -15.31 -11.18 -44.33
C3 NOJ E . -14.17 -13.22 -43.63
O3 NOJ E . -14.23 -12.75 -42.29
C4 NOJ E . -14.25 -14.75 -43.67
O4 NOJ E . -13.04 -15.30 -43.13
C5 NOJ E . -14.41 -15.27 -45.10
N5 NOJ E . -15.49 -14.55 -45.75
C6 NOJ E . -14.62 -16.78 -45.18
O6 NOJ E . -15.94 -17.15 -44.78
C1 GOL F . -21.53 16.37 -22.72
O1 GOL F . -21.87 15.08 -23.18
C2 GOL F . -20.20 16.43 -21.93
O2 GOL F . -19.79 17.78 -21.80
C3 GOL F . -20.38 15.91 -20.51
O3 GOL F . -19.43 14.92 -20.24
C1 GOL G . -36.86 -4.98 -7.52
O1 GOL G . -35.49 -5.32 -7.44
C2 GOL G . -37.07 -3.61 -8.18
O2 GOL G . -38.46 -3.37 -8.30
C3 GOL G . -36.42 -2.53 -7.32
O3 GOL G . -36.25 -1.34 -8.09
C1 GOL H . -21.47 -11.89 -15.61
O1 GOL H . -21.64 -10.49 -15.81
C2 GOL H . -20.06 -12.27 -15.17
O2 GOL H . -19.43 -12.72 -16.33
C3 GOL H . -20.08 -13.38 -14.13
O3 GOL H . -19.39 -12.95 -12.96
C1 GOL I . 1.70 0.04 -43.47
O1 GOL I . 1.09 0.82 -42.47
C2 GOL I . 1.79 -1.42 -43.02
O2 GOL I . 0.99 -2.17 -43.92
C3 GOL I . 3.23 -1.94 -43.10
O3 GOL I . 3.49 -2.82 -42.03
C1 GOL J . 3.57 9.64 -41.29
O1 GOL J . 2.20 9.97 -41.45
C2 GOL J . 3.84 9.23 -39.84
O2 GOL J . 3.22 10.13 -38.93
C3 GOL J . 5.35 9.22 -39.58
O3 GOL J . 5.69 8.21 -38.64
CL CL K . -21.74 -8.75 -46.51
C1 NOJ L . 16.36 -45.43 -13.30
C2 NOJ L . 14.87 -45.49 -12.96
O2 NOJ L . 14.53 -46.78 -12.45
C3 NOJ L . 14.05 -45.15 -14.19
O3 NOJ L . 12.68 -45.21 -13.88
C4 NOJ L . 14.37 -43.74 -14.66
O4 NOJ L . 13.58 -43.48 -15.81
C5 NOJ L . 15.86 -43.63 -15.01
N5 NOJ L . 16.67 -44.14 -13.90
C6 NOJ L . 16.26 -42.20 -15.36
O6 NOJ L . 16.32 -41.38 -14.19
C1 GOL M . -12.52 -64.32 4.14
O1 GOL M . -13.25 -63.29 4.77
C2 GOL M . -11.48 -64.73 5.15
O2 GOL M . -10.26 -64.05 4.95
C3 GOL M . -11.22 -66.22 5.05
O3 GOL M . -9.89 -66.32 5.49
CL CL N . 17.80 -48.41 -6.29
C1 NOJ O . 18.13 16.46 37.99
C2 NOJ O . 17.38 15.20 38.40
O2 NOJ O . 17.73 14.12 37.54
C3 NOJ O . 15.89 15.47 38.34
O3 NOJ O . 15.22 14.28 38.72
C4 NOJ O . 15.51 16.58 39.31
O4 NOJ O . 14.13 16.88 39.14
C5 NOJ O . 16.33 17.85 39.05
N5 NOJ O . 17.74 17.52 38.90
C6 NOJ O . 16.15 18.90 40.15
O6 NOJ O . 16.77 18.50 41.38
C1 GOL P . 43.79 7.95 23.92
O1 GOL P . 43.90 9.37 23.90
C2 GOL P . 43.22 7.47 22.58
O2 GOL P . 42.03 8.16 22.25
C3 GOL P . 42.88 6.02 22.68
O3 GOL P . 43.87 5.31 21.98
C1 GOL Q . 4.39 -4.64 58.76
O1 GOL Q . 3.93 -5.83 59.35
C2 GOL Q . 5.70 -4.99 58.08
O2 GOL Q . 5.37 -5.70 56.92
C3 GOL Q . 6.46 -3.71 57.76
O3 GOL Q . 7.57 -4.07 56.95
C1 GOL R . 3.08 0.27 16.35
O1 GOL R . 1.86 0.06 17.07
C2 GOL R . 4.24 -0.42 17.04
O2 GOL R . 4.02 -1.83 17.10
C3 GOL R . 5.56 -0.20 16.30
O3 GOL R . 5.86 1.17 16.11
C1 GOL S . 14.81 -21.14 35.95
O1 GOL S . 14.15 -21.82 37.00
C2 GOL S . 16.30 -21.49 35.92
O2 GOL S . 16.58 -22.03 34.66
C3 GOL S . 17.16 -20.22 36.10
O3 GOL S . 18.52 -20.50 36.32
CL CL T . 24.43 12.03 37.77
C1 NOJ U . -5.14 59.25 -20.68
C2 NOJ U . -4.17 58.89 -19.56
O2 NOJ U . -4.52 59.63 -18.39
C3 NOJ U . -2.71 59.16 -19.96
O3 NOJ U . -1.86 58.66 -18.94
C4 NOJ U . -2.36 58.49 -21.29
O4 NOJ U . -1.04 58.85 -21.72
C5 NOJ U . -3.31 58.97 -22.37
N5 NOJ U . -4.66 58.68 -21.92
C6 NOJ U . -3.06 58.28 -23.69
O6 NOJ U . -3.70 57.01 -23.66
C1 GOL V . 5.39 56.57 18.10
O1 GOL V . 5.10 57.72 18.89
C2 GOL V . 4.19 56.12 17.23
O2 GOL V . 3.29 57.17 16.94
C3 GOL V . 4.64 55.46 15.92
O3 GOL V . 6.01 55.69 15.69
CL CL W . -10.51 57.16 -15.38
#